data_4D1J
#
_entry.id   4D1J
#
_cell.length_a   99.257
_cell.length_b   116.095
_cell.length_c   116.113
_cell.angle_alpha   90.00
_cell.angle_beta   90.05
_cell.angle_gamma   90.04
#
_symmetry.space_group_name_H-M   'P 1'
#
loop_
_entity.id
_entity.type
_entity.pdbx_description
1 polymer 'BETA-GALACTOSIDASE, PUTATIVE, BGL35A'
2 non-polymer (2R,3S,4R,5S)-2-(hydroxymethyl)piperidine-3,4,5-triol
3 non-polymer 'SODIUM ION'
4 non-polymer 'ACETATE ION'
5 water water
#
_entity_poly.entity_id   1
_entity_poly.type   'polypeptide(L)'
_entity_poly.pdbx_seq_one_letter_code
;AAPLPELLSNNGKHALMVDGAPYIILGSQTNNSSNYPDALKDVWPSMEKMGANTLSIPVAWEQIEPVEGQFDFSFVDVLL
KEARQRKVRLVLLWFATWKNNAPHYAPAWVKLDNARFPRVVKEDGDTLNSLSPLGQNTLAADKKAFVELMKYLAKRDKDH
TVIMVQVQNEVGTYGAVRDYSPMAQAVFNAAVPDDLIQKLQLKPGTWSQVFGRDADEFFHAYQIARYCDEVTVAGKAIKN
LPMYVNVALRNPFNPGLPGQYSSGGGTDNVLHIWKAAAPNIDLIAPDIYFRDYKTVSKVLELYTRPDNALFVAEIGNDQP
FARYLFPTLGKGGIGFSPFGMDDTDYTNYPLGAKVYNDETIEQFAQVYRLVNPMMREWARLSYQGQVWGVAEPLDSTTET
QKIWNAEATPEEKEQHKKDRASALTQQLDLGLWDAEVTYGRPMFWVTPPEGNTPAAGGALIAQLDDNEYLVTAYKARVEF
KPSQELAGKKFMIERVEEGRFEKGKWVMERVWNGDQTDWGLNFTDRPHLLRVKMASYSVQ
;
_entity_poly.pdbx_strand_id   A,B,C,D,E,F,G,H
#
# COMPACT_ATOMS: atom_id res chain seq x y z
N ALA A 2 28.10 -62.78 12.03
CA ALA A 2 28.48 -62.57 13.47
C ALA A 2 27.63 -63.46 14.34
N PRO A 3 28.24 -64.01 15.38
CA PRO A 3 27.42 -64.82 16.29
C PRO A 3 26.37 -63.98 17.05
N LEU A 4 25.26 -64.62 17.42
CA LEU A 4 24.24 -63.98 18.24
C LEU A 4 24.84 -63.52 19.57
N PRO A 5 24.42 -62.34 20.06
CA PRO A 5 24.67 -62.03 21.47
C PRO A 5 24.10 -63.11 22.37
N GLU A 6 24.73 -63.34 23.51
CA GLU A 6 24.21 -64.31 24.47
C GLU A 6 24.75 -64.02 25.86
N LEU A 7 23.98 -64.40 26.86
CA LEU A 7 24.40 -64.25 28.25
C LEU A 7 24.96 -65.59 28.71
N LEU A 8 26.25 -65.61 29.05
CA LEU A 8 26.89 -66.78 29.59
C LEU A 8 26.96 -66.69 31.07
N SER A 9 26.77 -67.83 31.72
CA SER A 9 26.89 -67.93 33.17
C SER A 9 27.78 -69.17 33.44
N ASN A 10 28.84 -68.97 34.21
CA ASN A 10 29.72 -70.08 34.59
C ASN A 10 30.53 -69.75 35.83
N ASN A 11 30.67 -70.72 36.71
CA ASN A 11 31.42 -70.54 37.97
C ASN A 11 30.87 -69.37 38.81
N GLY A 12 29.54 -69.20 38.81
CA GLY A 12 28.89 -68.08 39.52
C GLY A 12 29.17 -66.69 38.94
N LYS A 13 29.78 -66.65 37.75
CA LYS A 13 30.06 -65.38 37.08
C LYS A 13 29.31 -65.30 35.76
N HIS A 14 29.30 -64.14 35.13
CA HIS A 14 28.49 -63.92 33.94
C HIS A 14 29.17 -63.02 32.96
N ALA A 15 28.82 -63.18 31.69
CA ALA A 15 29.26 -62.30 30.64
C ALA A 15 28.18 -62.10 29.64
N LEU A 16 28.04 -60.87 29.15
CA LEU A 16 27.22 -60.61 27.99
C LEU A 16 28.15 -60.71 26.79
N MET A 17 27.97 -61.74 25.98
CA MET A 17 28.77 -61.92 24.76
C MET A 17 28.16 -61.11 23.65
N VAL A 18 28.98 -60.27 23.02
CA VAL A 18 28.60 -59.54 21.85
C VAL A 18 29.67 -59.70 20.80
N ASP A 19 29.26 -60.14 19.61
CA ASP A 19 30.19 -60.47 18.51
C ASP A 19 31.27 -61.43 18.96
N GLY A 20 30.89 -62.38 19.80
CA GLY A 20 31.75 -63.48 20.21
C GLY A 20 32.73 -63.23 21.32
N ALA A 21 32.57 -62.14 22.07
CA ALA A 21 33.42 -61.88 23.21
C ALA A 21 32.67 -61.06 24.27
N PRO A 22 33.12 -61.14 25.55
CA PRO A 22 32.42 -60.35 26.56
C PRO A 22 32.37 -58.87 26.22
N TYR A 23 31.29 -58.24 26.64
CA TYR A 23 31.01 -56.82 26.34
C TYR A 23 30.44 -56.16 27.61
N ILE A 24 30.74 -54.87 27.78
CA ILE A 24 30.12 -54.05 28.86
C ILE A 24 29.24 -53.00 28.24
N ILE A 25 27.96 -52.96 28.66
CA ILE A 25 27.08 -51.89 28.27
C ILE A 25 27.41 -50.64 29.08
N LEU A 26 28.06 -49.68 28.44
CA LEU A 26 28.24 -48.35 28.97
C LEU A 26 27.11 -47.55 28.33
N GLY A 27 25.98 -47.52 29.02
CA GLY A 27 24.71 -47.26 28.37
C GLY A 27 24.17 -45.87 28.58
N SER A 28 23.10 -45.60 27.87
CA SER A 28 22.26 -44.44 28.16
C SER A 28 20.87 -44.84 27.77
N GLN A 29 19.88 -44.34 28.51
CA GLN A 29 18.49 -44.60 28.17
C GLN A 29 17.78 -43.27 27.89
N THR A 30 16.97 -43.25 26.85
CA THR A 30 16.18 -42.07 26.53
C THR A 30 15.11 -41.83 27.57
N ASN A 31 14.57 -40.62 27.56
CA ASN A 31 13.29 -40.37 28.18
C ASN A 31 12.18 -41.18 27.48
N ASN A 32 11.03 -41.28 28.16
CA ASN A 32 9.96 -42.20 27.81
C ASN A 32 9.21 -41.86 26.49
N SER A 33 9.33 -40.62 26.01
CA SER A 33 8.61 -40.19 24.79
C SER A 33 9.57 -39.83 23.64
N SER A 34 10.73 -40.50 23.61
CA SER A 34 11.75 -40.26 22.59
C SER A 34 11.79 -41.36 21.55
N ASN A 35 10.82 -42.26 21.59
CA ASN A 35 10.79 -43.42 20.67
C ASN A 35 10.10 -43.10 19.31
N TYR A 36 10.51 -42.00 18.69
CA TYR A 36 9.97 -41.56 17.41
C TYR A 36 11.09 -40.97 16.57
N PRO A 37 11.02 -41.13 15.22
CA PRO A 37 12.12 -40.67 14.37
C PRO A 37 12.54 -39.22 14.66
N ASP A 38 11.56 -38.35 14.82
CA ASP A 38 11.83 -36.92 15.01
C ASP A 38 12.57 -36.58 16.33
N ALA A 39 12.43 -37.45 17.33
CA ALA A 39 13.11 -37.22 18.61
C ALA A 39 14.55 -37.62 18.60
N LEU A 40 14.96 -38.44 17.65
CA LEU A 40 16.32 -39.02 17.71
C LEU A 40 17.42 -37.97 17.62
N LYS A 41 17.16 -36.87 16.92
CA LYS A 41 18.17 -35.83 16.80
C LYS A 41 18.47 -35.22 18.18
N ASP A 42 17.56 -35.40 19.14
CA ASP A 42 17.78 -34.94 20.52
C ASP A 42 18.33 -35.99 21.44
N VAL A 43 18.62 -37.16 20.88
CA VAL A 43 19.20 -38.28 21.60
C VAL A 43 20.66 -38.50 21.27
N TRP A 44 21.01 -38.54 19.98
CA TRP A 44 22.37 -38.91 19.61
C TRP A 44 23.43 -37.97 20.17
N PRO A 45 23.20 -36.64 20.19
CA PRO A 45 24.29 -35.80 20.70
C PRO A 45 24.68 -36.07 22.18
N SER A 46 23.70 -36.38 23.02
CA SER A 46 23.98 -36.78 24.38
C SER A 46 24.78 -38.05 24.45
N MET A 47 24.42 -39.01 23.62
CA MET A 47 25.09 -40.27 23.61
C MET A 47 26.55 -40.06 23.24
N GLU A 48 26.79 -39.21 22.25
CA GLU A 48 28.13 -38.92 21.80
C GLU A 48 28.94 -38.23 22.91
N LYS A 49 28.35 -37.22 23.53
CA LYS A 49 29.02 -36.52 24.63
C LYS A 49 29.31 -37.43 25.81
N MET A 50 28.42 -38.39 26.06
CA MET A 50 28.58 -39.32 27.13
C MET A 50 29.64 -40.38 26.85
N GLY A 51 29.86 -40.70 25.57
CA GLY A 51 30.73 -41.80 25.20
C GLY A 51 30.10 -43.15 25.40
N ALA A 52 28.78 -43.18 25.39
CA ALA A 52 28.06 -44.45 25.57
C ALA A 52 28.23 -45.33 24.36
N ASN A 53 28.27 -46.64 24.58
CA ASN A 53 28.36 -47.62 23.49
C ASN A 53 27.01 -48.30 23.14
N THR A 54 26.01 -48.12 23.97
CA THR A 54 24.72 -48.79 23.82
C THR A 54 23.59 -47.85 24.22
N LEU A 55 22.56 -47.74 23.38
CA LEU A 55 21.39 -46.97 23.70
C LEU A 55 20.23 -47.90 24.07
N SER A 56 19.60 -47.63 25.23
CA SER A 56 18.32 -48.24 25.60
C SER A 56 17.16 -47.31 25.24
N ILE A 57 16.18 -47.80 24.48
CA ILE A 57 15.12 -46.94 23.97
C ILE A 57 13.85 -47.78 23.84
N PRO A 58 12.67 -47.16 24.12
CA PRO A 58 11.45 -47.95 23.96
C PRO A 58 11.06 -48.29 22.54
N VAL A 59 10.41 -49.44 22.40
CA VAL A 59 9.60 -49.73 21.24
C VAL A 59 8.24 -50.12 21.79
N ALA A 60 7.23 -49.34 21.47
CA ALA A 60 5.93 -49.43 22.12
C ALA A 60 4.97 -50.27 21.28
N TRP A 61 4.20 -51.07 21.97
CA TRP A 61 3.16 -51.86 21.31
C TRP A 61 2.21 -50.93 20.54
N GLU A 62 1.83 -49.82 21.15
CA GLU A 62 0.93 -48.87 20.48
C GLU A 62 1.46 -48.37 19.14
N GLN A 63 2.78 -48.27 18.99
CA GLN A 63 3.33 -47.72 17.76
C GLN A 63 3.55 -48.78 16.70
N ILE A 64 3.83 -50.01 17.13
CA ILE A 64 4.02 -51.08 16.14
C ILE A 64 2.72 -51.76 15.70
N GLU A 65 1.68 -51.70 16.52
CA GLU A 65 0.38 -52.29 16.17
C GLU A 65 -0.75 -51.34 16.53
N PRO A 66 -0.79 -50.18 15.88
CA PRO A 66 -1.74 -49.15 16.24
C PRO A 66 -3.19 -49.57 15.97
N VAL A 67 -3.37 -50.44 14.99
CA VAL A 67 -4.65 -51.05 14.69
C VAL A 67 -4.36 -52.54 14.67
N GLU A 68 -5.23 -53.36 15.24
CA GLU A 68 -4.92 -54.80 15.34
C GLU A 68 -4.73 -55.52 13.93
N GLY A 69 -3.84 -56.44 13.52
CA GLY A 69 -2.44 -56.43 13.30
C GLY A 69 -2.18 -55.80 11.91
N GLN A 70 -2.22 -54.50 12.02
CA GLN A 70 -1.65 -53.64 11.02
C GLN A 70 -0.34 -53.12 11.59
N PHE A 71 0.74 -53.81 11.29
CA PHE A 71 2.03 -53.55 11.92
C PHE A 71 2.81 -52.46 11.22
N ASP A 72 3.57 -51.70 12.02
CA ASP A 72 4.31 -50.55 11.54
C ASP A 72 5.67 -50.56 12.23
N PHE A 73 6.71 -50.88 11.49
CA PHE A 73 8.09 -50.87 12.01
C PHE A 73 8.91 -49.69 11.50
N SER A 74 8.25 -48.64 11.04
CA SER A 74 8.98 -47.51 10.46
C SER A 74 9.96 -46.87 11.48
N PHE A 75 9.59 -46.84 12.77
CA PHE A 75 10.47 -46.30 13.81
C PHE A 75 11.70 -47.20 13.97
N VAL A 76 11.47 -48.51 14.05
CA VAL A 76 12.55 -49.45 14.25
C VAL A 76 13.54 -49.36 13.09
N ASP A 77 13.01 -49.22 11.88
CA ASP A 77 13.86 -49.07 10.70
C ASP A 77 14.83 -47.87 10.83
N VAL A 78 14.26 -46.69 11.10
CA VAL A 78 15.07 -45.46 11.24
C VAL A 78 16.10 -45.62 12.36
N LEU A 79 15.63 -46.16 13.47
CA LEU A 79 16.47 -46.35 14.63
C LEU A 79 17.67 -47.22 14.35
N LEU A 80 17.43 -48.39 13.74
CA LEU A 80 18.52 -49.28 13.38
C LEU A 80 19.55 -48.58 12.49
N LYS A 81 19.06 -47.87 11.48
CA LYS A 81 19.96 -47.21 10.53
C LYS A 81 20.79 -46.11 11.18
N GLU A 82 20.16 -45.31 12.02
CA GLU A 82 20.87 -44.23 12.71
C GLU A 82 21.85 -44.76 13.74
N ALA A 83 21.50 -45.81 14.47
CA ALA A 83 22.41 -46.44 15.42
C ALA A 83 23.67 -46.97 14.73
N ARG A 84 23.47 -47.63 13.59
CA ARG A 84 24.58 -48.16 12.82
C ARG A 84 25.48 -47.05 12.31
N GLN A 85 24.90 -45.95 11.87
CA GLN A 85 25.69 -44.86 11.35
C GLN A 85 26.57 -44.28 12.45
N ARG A 86 26.09 -44.34 13.67
CA ARG A 86 26.81 -43.81 14.82
CA ARG A 86 26.81 -43.81 14.82
C ARG A 86 27.65 -44.88 15.51
N LYS A 87 27.62 -46.09 14.96
CA LYS A 87 28.43 -47.19 15.44
C LYS A 87 28.18 -47.46 16.95
N VAL A 88 26.91 -47.49 17.32
CA VAL A 88 26.50 -47.92 18.67
C VAL A 88 25.54 -49.09 18.56
N ARG A 89 25.33 -49.77 19.68
CA ARG A 89 24.38 -50.87 19.78
C ARG A 89 23.13 -50.43 20.52
N LEU A 90 22.13 -51.30 20.50
CA LEU A 90 20.80 -50.98 21.00
C LEU A 90 20.29 -52.06 21.97
N VAL A 91 19.57 -51.60 22.97
CA VAL A 91 18.73 -52.45 23.78
C VAL A 91 17.31 -51.89 23.60
N LEU A 92 16.41 -52.71 23.07
CA LEU A 92 15.03 -52.27 22.82
C LEU A 92 14.19 -52.62 24.05
N LEU A 93 13.34 -51.67 24.46
CA LEU A 93 12.49 -51.84 25.62
C LEU A 93 11.04 -52.02 25.15
N TRP A 94 10.53 -53.24 25.29
CA TRP A 94 9.19 -53.59 24.83
C TRP A 94 8.18 -53.08 25.84
N PHE A 95 7.57 -51.93 25.55
CA PHE A 95 6.58 -51.32 26.40
C PHE A 95 5.21 -51.81 25.90
N ALA A 96 4.55 -52.63 26.71
CA ALA A 96 3.42 -53.38 26.22
C ALA A 96 2.36 -53.59 27.32
N THR A 97 2.16 -54.83 27.77
CA THR A 97 1.18 -55.08 28.79
C THR A 97 1.40 -54.28 30.09
N TRP A 98 2.65 -54.18 30.55
CA TRP A 98 3.02 -53.29 31.64
C TRP A 98 4.11 -52.32 31.23
N LYS A 99 3.88 -51.07 31.56
CA LYS A 99 4.92 -50.05 31.67
C LYS A 99 4.61 -49.33 32.97
N ASN A 100 5.50 -49.47 33.96
CA ASN A 100 5.26 -48.92 35.31
C ASN A 100 3.89 -49.34 35.83
N ASN A 101 3.60 -50.64 35.71
CA ASN A 101 2.36 -51.27 36.24
C ASN A 101 1.15 -51.17 35.36
N ALA A 102 1.20 -50.29 34.35
CA ALA A 102 0.00 -49.85 33.63
C ALA A 102 0.10 -50.10 32.14
N PRO A 103 -1.05 -50.06 31.45
CA PRO A 103 -1.11 -50.37 30.02
C PRO A 103 -1.10 -49.15 29.09
N HIS A 104 -0.50 -48.04 29.52
CA HIS A 104 -0.58 -46.80 28.70
C HIS A 104 0.06 -46.92 27.33
N TYR A 105 1.05 -47.82 27.19
CA TYR A 105 1.69 -48.02 25.91
C TYR A 105 1.12 -49.16 25.09
N ALA A 106 0.09 -49.86 25.61
CA ALA A 106 -0.62 -50.78 24.78
C ALA A 106 -1.51 -49.97 23.80
N PRO A 107 -1.83 -50.55 22.64
CA PRO A 107 -2.69 -49.84 21.68
C PRO A 107 -4.05 -49.49 22.28
N ALA A 108 -4.73 -48.49 21.71
CA ALA A 108 -6.06 -48.10 22.17
C ALA A 108 -7.06 -49.26 22.18
N TRP A 109 -6.96 -50.10 21.16
CA TRP A 109 -7.82 -51.29 21.03
C TRP A 109 -7.55 -52.34 22.13
N VAL A 110 -6.41 -52.23 22.82
CA VAL A 110 -6.15 -53.05 23.99
C VAL A 110 -6.55 -52.33 25.28
N LYS A 111 -5.95 -51.17 25.53
CA LYS A 111 -6.11 -50.53 26.84
C LYS A 111 -7.53 -49.98 27.11
N LEU A 112 -8.31 -49.82 26.06
CA LEU A 112 -9.67 -49.32 26.24
C LEU A 112 -10.73 -50.44 26.12
N ASP A 113 -10.30 -51.70 26.10
CA ASP A 113 -11.23 -52.84 26.04
C ASP A 113 -11.02 -53.78 27.22
N ASN A 114 -11.56 -53.39 28.36
CA ASN A 114 -11.36 -54.13 29.59
C ASN A 114 -12.02 -55.50 29.56
N ALA A 115 -13.12 -55.62 28.82
CA ALA A 115 -13.81 -56.92 28.72
C ALA A 115 -12.89 -57.96 28.13
N ARG A 116 -12.22 -57.61 27.04
CA ARG A 116 -11.32 -58.52 26.35
C ARG A 116 -9.96 -58.65 27.07
N PHE A 117 -9.49 -57.53 27.65
CA PHE A 117 -8.17 -57.42 28.27
C PHE A 117 -8.30 -56.88 29.69
N PRO A 118 -8.57 -57.77 30.65
CA PRO A 118 -9.04 -57.34 31.98
C PRO A 118 -8.00 -56.81 32.92
N ARG A 119 -8.41 -55.84 33.71
CA ARG A 119 -7.63 -55.26 34.75
C ARG A 119 -7.75 -56.00 36.07
N VAL A 120 -6.71 -55.81 36.88
CA VAL A 120 -6.67 -56.19 38.27
C VAL A 120 -7.86 -55.59 39.01
N VAL A 121 -8.54 -56.44 39.80
CA VAL A 121 -9.66 -56.01 40.65
C VAL A 121 -9.22 -56.11 42.09
N LYS A 122 -9.45 -55.06 42.86
CA LYS A 122 -9.10 -55.03 44.27
C LYS A 122 -10.02 -55.95 45.06
N GLU A 123 -9.61 -56.28 46.27
CA GLU A 123 -10.43 -57.09 47.19
C GLU A 123 -11.78 -56.41 47.47
N ASP A 124 -11.81 -55.08 47.51
CA ASP A 124 -13.08 -54.35 47.65
C ASP A 124 -13.92 -54.19 46.38
N GLY A 125 -13.54 -54.84 45.28
CA GLY A 125 -14.28 -54.74 44.03
C GLY A 125 -13.93 -53.58 43.09
N ASP A 126 -13.17 -52.59 43.54
CA ASP A 126 -12.73 -51.51 42.63
C ASP A 126 -11.67 -52.02 41.67
N THR A 127 -11.57 -51.37 40.52
CA THR A 127 -10.65 -51.79 39.47
C THR A 127 -9.45 -50.83 39.43
N LEU A 128 -8.25 -51.38 39.25
CA LEU A 128 -7.03 -50.60 39.08
C LEU A 128 -6.59 -50.60 37.60
N ASN A 129 -5.87 -49.56 37.17
CA ASN A 129 -5.40 -49.52 35.81
C ASN A 129 -4.06 -50.30 35.64
N SER A 130 -4.17 -51.62 35.77
CA SER A 130 -3.04 -52.55 35.73
C SER A 130 -3.63 -53.85 35.19
N LEU A 131 -3.14 -54.32 34.05
CA LEU A 131 -3.73 -55.50 33.40
C LEU A 131 -3.39 -56.78 34.13
N SER A 132 -4.39 -57.64 34.29
CA SER A 132 -4.20 -58.86 35.04
C SER A 132 -3.35 -59.84 34.24
N PRO A 133 -2.35 -60.49 34.90
CA PRO A 133 -1.53 -61.49 34.23
C PRO A 133 -2.30 -62.78 33.95
N LEU A 134 -3.52 -62.89 34.47
CA LEU A 134 -4.37 -64.04 34.13
C LEU A 134 -5.21 -63.82 32.88
N GLY A 135 -5.13 -62.63 32.28
CA GLY A 135 -5.86 -62.36 31.05
C GLY A 135 -5.26 -63.09 29.88
N GLN A 136 -5.91 -64.16 29.42
CA GLN A 136 -5.36 -64.98 28.36
C GLN A 136 -5.38 -64.30 27.01
N ASN A 137 -6.37 -63.45 26.76
CA ASN A 137 -6.38 -62.71 25.49
C ASN A 137 -5.22 -61.69 25.45
N THR A 138 -4.96 -61.07 26.60
CA THR A 138 -3.90 -60.05 26.72
C THR A 138 -2.54 -60.73 26.41
N LEU A 139 -2.27 -61.87 27.05
CA LEU A 139 -1.06 -62.63 26.80
C LEU A 139 -0.88 -63.01 25.34
N ALA A 140 -1.95 -63.54 24.72
CA ALA A 140 -1.88 -63.91 23.30
C ALA A 140 -1.59 -62.72 22.38
N ALA A 141 -2.20 -61.58 22.69
CA ALA A 141 -2.05 -60.42 21.87
C ALA A 141 -0.62 -59.83 22.03
N ASP A 142 -0.15 -59.75 23.25
CA ASP A 142 1.18 -59.17 23.53
C ASP A 142 2.20 -60.04 22.83
N LYS A 143 2.11 -61.33 23.08
CA LYS A 143 2.97 -62.33 22.45
C LYS A 143 3.01 -62.21 20.93
N LYS A 144 1.84 -62.05 20.32
CA LYS A 144 1.79 -61.95 18.87
C LYS A 144 2.54 -60.73 18.32
N ALA A 145 2.34 -59.59 18.96
CA ALA A 145 3.04 -58.38 18.54
C ALA A 145 4.55 -58.47 18.81
N PHE A 146 4.94 -59.05 19.95
CA PHE A 146 6.35 -59.20 20.29
C PHE A 146 7.04 -60.12 19.27
N VAL A 147 6.36 -61.19 18.89
CA VAL A 147 6.86 -62.07 17.85
C VAL A 147 7.07 -61.33 16.53
N GLU A 148 6.15 -60.45 16.15
CA GLU A 148 6.35 -59.66 14.94
C GLU A 148 7.58 -58.73 15.04
N LEU A 149 7.80 -58.16 16.22
CA LEU A 149 8.99 -57.32 16.40
C LEU A 149 10.24 -58.15 16.22
N MET A 150 10.27 -59.32 16.84
CA MET A 150 11.43 -60.19 16.73
C MET A 150 11.63 -60.70 15.29
N LYS A 151 10.54 -60.88 14.55
CA LYS A 151 10.66 -61.22 13.11
C LYS A 151 11.28 -60.10 12.33
N TYR A 152 10.93 -58.86 12.67
CA TYR A 152 11.53 -57.70 12.02
C TYR A 152 13.04 -57.72 12.24
N LEU A 153 13.47 -57.99 13.47
CA LEU A 153 14.90 -58.02 13.78
C LEU A 153 15.58 -59.21 13.12
N ALA A 154 14.89 -60.34 13.09
CA ALA A 154 15.45 -61.56 12.46
C ALA A 154 15.76 -61.25 10.99
N LYS A 155 14.85 -60.56 10.33
CA LYS A 155 15.01 -60.28 8.92
C LYS A 155 15.85 -59.07 8.60
N ARG A 156 15.89 -58.06 9.51
CA ARG A 156 16.47 -56.76 9.19
C ARG A 156 17.64 -56.34 10.08
N ASP A 157 18.08 -57.21 10.98
CA ASP A 157 19.21 -56.89 11.87
C ASP A 157 20.12 -58.09 12.03
N LYS A 158 20.63 -58.55 10.89
CA LYS A 158 21.51 -59.72 10.79
C LYS A 158 22.84 -59.57 11.50
N ASP A 159 23.33 -58.34 11.65
CA ASP A 159 24.58 -58.11 12.40
C ASP A 159 24.33 -57.77 13.89
N HIS A 160 23.07 -57.85 14.32
CA HIS A 160 22.70 -57.74 15.73
C HIS A 160 23.05 -56.34 16.32
N THR A 161 22.63 -55.30 15.63
CA THR A 161 22.72 -53.94 16.18
C THR A 161 22.01 -53.95 17.54
N VAL A 162 20.82 -54.57 17.58
CA VAL A 162 20.11 -54.84 18.80
C VAL A 162 20.73 -56.02 19.48
N ILE A 163 21.24 -55.82 20.70
CA ILE A 163 21.94 -56.87 21.43
C ILE A 163 21.15 -57.52 22.58
N MET A 164 20.08 -56.88 23.02
CA MET A 164 19.28 -57.38 24.10
C MET A 164 17.91 -56.74 24.00
N VAL A 165 16.89 -57.41 24.53
CA VAL A 165 15.54 -56.87 24.58
C VAL A 165 14.98 -56.96 26.00
N GLN A 166 14.41 -55.86 26.48
CA GLN A 166 13.71 -55.83 27.76
C GLN A 166 12.26 -56.14 27.50
N VAL A 167 11.74 -57.11 28.22
CA VAL A 167 10.35 -57.58 28.02
C VAL A 167 9.50 -56.91 29.07
N GLN A 168 8.60 -56.02 28.62
CA GLN A 168 7.80 -55.14 29.48
C GLN A 168 8.68 -54.10 30.16
N ASN A 169 8.07 -53.23 30.95
CA ASN A 169 8.83 -52.27 31.75
C ASN A 169 8.21 -52.09 33.13
N GLU A 170 8.94 -52.49 34.17
CA GLU A 170 8.51 -52.39 35.56
C GLU A 170 7.08 -52.95 35.70
N VAL A 171 6.99 -54.26 35.53
CA VAL A 171 5.73 -54.98 35.73
C VAL A 171 5.30 -54.87 37.19
N GLY A 172 4.03 -55.19 37.41
CA GLY A 172 3.47 -55.29 38.75
C GLY A 172 2.23 -54.44 38.89
N THR A 173 1.82 -54.22 40.14
CA THR A 173 0.64 -53.44 40.47
C THR A 173 0.85 -52.57 41.69
N TYR A 174 0.50 -51.29 41.56
CA TYR A 174 0.37 -50.37 42.69
C TYR A 174 -1.08 -50.34 43.14
N GLY A 175 -1.27 -50.29 44.48
CA GLY A 175 -2.62 -50.11 45.05
C GLY A 175 -3.33 -51.40 45.46
N ALA A 176 -2.72 -52.55 45.15
CA ALA A 176 -3.24 -53.86 45.52
C ALA A 176 -2.09 -54.86 45.41
N VAL A 177 -2.20 -55.98 46.12
CA VAL A 177 -1.15 -56.98 46.13
C VAL A 177 -1.25 -57.92 44.92
N ARG A 178 -2.47 -58.19 44.46
CA ARG A 178 -2.72 -59.10 43.35
C ARG A 178 -4.07 -58.80 42.75
N ASP A 179 -4.41 -59.54 41.69
CA ASP A 179 -5.75 -59.54 41.15
C ASP A 179 -6.62 -60.36 42.11
N TYR A 180 -7.74 -59.78 42.51
CA TYR A 180 -8.75 -60.49 43.33
C TYR A 180 -10.04 -60.72 42.56
N SER A 181 -9.98 -60.63 41.24
CA SER A 181 -11.14 -60.90 40.42
C SER A 181 -11.55 -62.35 40.62
N PRO A 182 -12.80 -62.70 40.25
CA PRO A 182 -13.22 -64.11 40.29
C PRO A 182 -12.30 -65.06 39.49
N MET A 183 -11.92 -64.64 38.29
CA MET A 183 -10.96 -65.35 37.47
C MET A 183 -9.67 -65.66 38.24
N ALA A 184 -9.13 -64.66 38.90
CA ALA A 184 -7.86 -64.84 39.62
C ALA A 184 -8.08 -65.65 40.89
N GLN A 185 -9.15 -65.34 41.59
CA GLN A 185 -9.50 -66.02 42.85
C GLN A 185 -9.63 -67.54 42.66
N ALA A 186 -10.18 -67.96 41.52
CA ALA A 186 -10.27 -69.38 41.16
C ALA A 186 -8.89 -70.05 41.07
N VAL A 187 -7.91 -69.34 40.53
CA VAL A 187 -6.57 -69.89 40.39
C VAL A 187 -5.87 -69.86 41.74
N PHE A 188 -6.07 -68.79 42.51
CA PHE A 188 -5.49 -68.66 43.83
C PHE A 188 -5.98 -69.77 44.76
N ASN A 189 -7.27 -70.07 44.68
CA ASN A 189 -7.86 -71.11 45.53
C ASN A 189 -7.40 -72.50 45.17
N ALA A 190 -6.94 -72.69 43.92
CA ALA A 190 -6.51 -74.00 43.43
C ALA A 190 -5.08 -74.32 43.91
N ALA A 191 -4.62 -75.52 43.55
CA ALA A 191 -3.30 -76.00 43.94
C ALA A 191 -2.20 -75.14 43.29
N VAL A 192 -1.16 -74.87 44.05
CA VAL A 192 0.05 -74.26 43.54
C VAL A 192 0.63 -75.23 42.50
N PRO A 193 0.99 -74.73 41.29
CA PRO A 193 1.50 -75.62 40.26
C PRO A 193 2.66 -76.49 40.73
N ASP A 194 2.69 -77.72 40.24
CA ASP A 194 3.69 -78.71 40.65
C ASP A 194 5.12 -78.26 40.46
N ASP A 195 5.38 -77.68 39.29
CA ASP A 195 6.72 -77.26 38.94
C ASP A 195 7.28 -76.29 39.96
N LEU A 196 6.45 -75.36 40.42
CA LEU A 196 6.89 -74.42 41.42
C LEU A 196 7.16 -75.12 42.75
N ILE A 197 6.25 -76.02 43.13
CA ILE A 197 6.43 -76.79 44.37
C ILE A 197 7.74 -77.57 44.34
N GLN A 198 8.00 -78.27 43.23
CA GLN A 198 9.26 -79.04 43.09
C GLN A 198 10.49 -78.12 43.14
N LYS A 199 10.45 -77.01 42.40
CA LYS A 199 11.59 -76.08 42.35
C LYS A 199 11.92 -75.44 43.67
N LEU A 200 10.92 -75.13 44.48
CA LEU A 200 11.18 -74.55 45.81
C LEU A 200 11.25 -75.59 46.95
N GLN A 201 11.12 -76.88 46.61
CA GLN A 201 11.18 -77.96 47.60
C GLN A 201 10.16 -77.72 48.72
N LEU A 202 8.90 -77.55 48.33
CA LEU A 202 7.82 -77.20 49.26
C LEU A 202 6.82 -78.37 49.33
N LYS A 203 5.96 -78.37 50.36
CA LYS A 203 4.88 -79.35 50.49
C LYS A 203 3.70 -78.85 49.63
N PRO A 204 3.10 -79.73 48.81
CA PRO A 204 1.99 -79.33 47.93
C PRO A 204 0.81 -78.72 48.68
N GLY A 205 -0.05 -78.00 47.96
CA GLY A 205 -1.15 -77.28 48.59
C GLY A 205 -1.68 -76.15 47.74
N THR A 206 -2.69 -75.46 48.27
CA THR A 206 -3.22 -74.25 47.63
C THR A 206 -2.28 -73.10 47.99
N TRP A 207 -2.45 -71.98 47.27
CA TRP A 207 -1.58 -70.84 47.49
C TRP A 207 -1.54 -70.45 48.97
N SER A 208 -2.70 -70.31 49.60
CA SER A 208 -2.75 -69.86 51.00
C SER A 208 -2.14 -70.88 51.95
N GLN A 209 -2.33 -72.15 51.64
CA GLN A 209 -1.77 -73.24 52.46
C GLN A 209 -0.26 -73.24 52.41
N VAL A 210 0.30 -73.19 51.20
CA VAL A 210 1.75 -73.32 51.09
C VAL A 210 2.50 -72.02 51.41
N PHE A 211 1.92 -70.84 51.12
CA PHE A 211 2.65 -69.60 51.32
C PHE A 211 2.18 -68.69 52.45
N GLY A 212 1.00 -68.93 52.99
CA GLY A 212 0.52 -68.17 54.15
C GLY A 212 0.45 -66.67 53.94
N ARG A 213 1.13 -65.91 54.80
CA ARG A 213 1.12 -64.45 54.74
C ARG A 213 1.69 -63.90 53.41
N ASP A 214 2.48 -64.70 52.69
CA ASP A 214 3.10 -64.30 51.40
C ASP A 214 2.31 -64.74 50.17
N ALA A 215 1.16 -65.40 50.39
CA ALA A 215 0.46 -66.02 49.28
C ALA A 215 0.02 -65.01 48.20
N ASP A 216 -0.58 -63.89 48.63
CA ASP A 216 -1.12 -62.90 47.68
C ASP A 216 0.00 -62.35 46.78
N GLU A 217 1.09 -61.91 47.42
CA GLU A 217 2.25 -61.34 46.69
C GLU A 217 2.98 -62.36 45.83
N PHE A 218 3.23 -63.56 46.38
CA PHE A 218 3.91 -64.59 45.60
C PHE A 218 3.10 -65.05 44.42
N PHE A 219 1.77 -65.08 44.59
CA PHE A 219 0.85 -65.40 43.51
C PHE A 219 0.93 -64.39 42.34
N HIS A 220 0.88 -63.11 42.67
CA HIS A 220 0.97 -62.06 41.62
C HIS A 220 2.33 -62.18 40.93
N ALA A 221 3.39 -62.31 41.73
CA ALA A 221 4.75 -62.47 41.15
C ALA A 221 4.85 -63.68 40.23
N TYR A 222 4.31 -64.82 40.69
CA TYR A 222 4.29 -66.01 39.88
C TYR A 222 3.54 -65.84 38.56
N GLN A 223 2.33 -65.27 38.61
CA GLN A 223 1.54 -65.14 37.40
C GLN A 223 2.13 -64.15 36.40
N ILE A 224 2.66 -63.05 36.90
CA ILE A 224 3.39 -62.09 36.02
C ILE A 224 4.66 -62.73 35.41
N ALA A 225 5.43 -63.44 36.25
CA ALA A 225 6.63 -64.13 35.77
C ALA A 225 6.31 -65.13 34.67
N ARG A 226 5.23 -65.91 34.84
CA ARG A 226 4.80 -66.83 33.78
C ARG A 226 4.42 -66.13 32.49
N TYR A 227 3.66 -65.05 32.61
CA TYR A 227 3.26 -64.26 31.45
C TYR A 227 4.51 -63.76 30.71
N CYS A 228 5.43 -63.12 31.46
CA CYS A 228 6.66 -62.58 30.83
C CYS A 228 7.51 -63.70 30.24
N ASP A 229 7.53 -64.85 30.91
CA ASP A 229 8.29 -66.00 30.39
C ASP A 229 7.71 -66.50 29.08
N GLU A 230 6.39 -66.55 28.96
CA GLU A 230 5.78 -66.98 27.71
C GLU A 230 6.04 -66.02 26.56
N VAL A 231 5.94 -64.72 26.83
CA VAL A 231 6.26 -63.72 25.80
C VAL A 231 7.73 -63.87 25.35
N THR A 232 8.60 -64.01 26.34
CA THR A 232 10.05 -64.17 26.11
C THR A 232 10.35 -65.42 25.22
N VAL A 233 9.80 -66.57 25.59
CA VAL A 233 9.98 -67.80 24.80
C VAL A 233 9.55 -67.67 23.35
N ALA A 234 8.40 -67.04 23.13
CA ALA A 234 7.83 -66.89 21.80
C ALA A 234 8.72 -66.00 20.95
N GLY A 235 9.23 -64.92 21.56
CA GLY A 235 10.16 -64.05 20.86
C GLY A 235 11.49 -64.73 20.56
N LYS A 236 12.04 -65.43 21.53
CA LYS A 236 13.33 -66.11 21.36
C LYS A 236 13.28 -67.22 20.30
N ALA A 237 12.11 -67.83 20.14
CA ALA A 237 11.92 -68.84 19.10
C ALA A 237 12.13 -68.23 17.73
N ILE A 238 11.88 -66.92 17.59
CA ILE A 238 12.14 -66.22 16.35
C ILE A 238 13.60 -65.81 16.24
N LYS A 239 14.12 -65.12 17.26
CA LYS A 239 15.54 -64.76 17.30
C LYS A 239 15.97 -64.79 18.75
N ASN A 240 16.96 -65.61 19.04
CA ASN A 240 17.31 -65.94 20.40
C ASN A 240 18.26 -64.90 21.03
N LEU A 241 17.81 -63.65 21.08
CA LEU A 241 18.57 -62.60 21.80
C LEU A 241 18.44 -62.75 23.30
N PRO A 242 19.45 -62.30 24.05
CA PRO A 242 19.21 -62.16 25.49
C PRO A 242 18.02 -61.24 25.79
N MET A 243 17.23 -61.62 26.79
CA MET A 243 16.07 -60.82 27.20
C MET A 243 15.98 -60.77 28.70
N TYR A 244 15.47 -59.66 29.20
CA TYR A 244 15.48 -59.42 30.64
C TYR A 244 14.29 -58.60 31.06
N VAL A 245 14.04 -58.54 32.37
CA VAL A 245 13.04 -57.68 32.93
C VAL A 245 13.67 -56.71 33.92
N ASN A 246 13.11 -55.52 34.04
CA ASN A 246 13.62 -54.52 34.94
C ASN A 246 12.65 -54.23 36.11
N VAL A 247 13.21 -53.96 37.26
CA VAL A 247 12.44 -53.95 38.50
C VAL A 247 12.23 -52.59 39.09
N ALA A 248 10.96 -52.25 39.34
CA ALA A 248 10.64 -51.12 40.24
C ALA A 248 10.93 -51.60 41.66
N LEU A 249 12.06 -51.16 42.20
CA LEU A 249 12.58 -51.73 43.45
C LEU A 249 11.77 -51.35 44.66
N ARG A 250 11.68 -52.26 45.63
CA ARG A 250 11.30 -51.85 46.98
C ARG A 250 12.57 -51.51 47.74
N ASN A 251 12.43 -50.65 48.73
CA ASN A 251 13.55 -50.35 49.57
C ASN A 251 13.96 -51.64 50.29
N PRO A 252 15.22 -52.05 50.14
CA PRO A 252 15.62 -53.34 50.69
C PRO A 252 15.73 -53.37 52.21
N PHE A 253 15.87 -52.21 52.84
CA PHE A 253 15.99 -52.13 54.30
C PHE A 253 14.66 -51.88 55.02
N ASN A 254 13.71 -51.27 54.33
CA ASN A 254 12.48 -50.75 54.91
C ASN A 254 11.43 -50.66 53.79
N PRO A 255 10.99 -51.81 53.29
CA PRO A 255 10.23 -51.85 52.04
C PRO A 255 8.81 -51.29 52.10
N GLY A 256 8.17 -51.29 53.27
CA GLY A 256 6.74 -51.08 53.29
C GLY A 256 6.04 -52.26 52.64
N LEU A 257 4.78 -52.08 52.27
CA LEU A 257 3.93 -53.21 51.88
C LEU A 257 3.79 -53.32 50.36
N PRO A 258 3.58 -54.53 49.86
CA PRO A 258 3.35 -54.69 48.43
C PRO A 258 2.08 -53.96 48.06
N GLY A 259 2.09 -53.28 46.93
CA GLY A 259 1.03 -52.37 46.57
C GLY A 259 1.42 -50.94 46.82
N GLN A 260 2.18 -50.68 47.89
CA GLN A 260 2.83 -49.37 48.05
C GLN A 260 4.04 -49.32 47.10
N TYR A 261 4.88 -50.35 47.19
CA TYR A 261 5.77 -50.67 46.11
C TYR A 261 5.02 -51.50 45.07
N SER A 262 5.65 -51.71 43.91
CA SER A 262 5.00 -52.41 42.81
C SER A 262 4.98 -53.91 43.06
N SER A 263 3.81 -54.43 43.44
CA SER A 263 3.69 -55.82 43.81
C SER A 263 3.76 -56.69 42.57
N GLY A 264 4.57 -57.76 42.65
CA GLY A 264 4.58 -58.77 41.60
C GLY A 264 5.80 -58.66 40.71
N GLY A 265 6.46 -57.50 40.75
CA GLY A 265 7.73 -57.36 40.02
C GLY A 265 8.82 -58.13 40.75
N GLY A 266 10.00 -58.20 40.15
CA GLY A 266 11.15 -58.94 40.70
C GLY A 266 11.83 -58.30 41.88
N THR A 267 11.04 -57.92 42.88
CA THR A 267 11.57 -57.35 44.12
C THR A 267 12.37 -58.43 44.87
N ASP A 268 13.17 -58.01 45.84
CA ASP A 268 14.22 -58.89 46.36
C ASP A 268 13.62 -60.10 47.07
N ASN A 269 12.42 -59.91 47.59
CA ASN A 269 11.73 -61.00 48.33
C ASN A 269 11.02 -61.99 47.44
N VAL A 270 10.92 -61.73 46.14
CA VAL A 270 10.34 -62.68 45.22
C VAL A 270 11.24 -63.14 44.09
N LEU A 271 12.55 -62.90 44.22
CA LEU A 271 13.46 -63.36 43.17
C LEU A 271 13.42 -64.89 43.00
N HIS A 272 13.24 -65.62 44.10
CA HIS A 272 13.17 -67.07 44.04
C HIS A 272 11.95 -67.53 43.26
N ILE A 273 10.85 -66.81 43.39
CA ILE A 273 9.62 -67.10 42.60
C ILE A 273 9.85 -66.84 41.13
N TRP A 274 10.41 -65.64 40.83
CA TRP A 274 10.72 -65.28 39.43
C TRP A 274 11.70 -66.23 38.73
N LYS A 275 12.75 -66.65 39.44
CA LYS A 275 13.71 -67.58 38.86
C LYS A 275 13.08 -68.97 38.62
N ALA A 276 12.23 -69.41 39.53
CA ALA A 276 11.52 -70.69 39.34
C ALA A 276 10.51 -70.62 38.21
N ALA A 277 9.77 -69.51 38.15
CA ALA A 277 8.66 -69.37 37.20
C ALA A 277 9.08 -69.03 35.79
N ALA A 278 10.21 -68.33 35.64
CA ALA A 278 10.57 -67.77 34.33
C ALA A 278 12.00 -68.15 33.95
N PRO A 279 12.22 -69.45 33.69
CA PRO A 279 13.57 -69.90 33.40
C PRO A 279 14.09 -69.40 32.06
N ASN A 280 13.22 -68.87 31.19
CA ASN A 280 13.68 -68.38 29.89
C ASN A 280 14.12 -66.89 29.88
N ILE A 281 13.83 -66.19 30.97
CA ILE A 281 14.28 -64.80 31.13
C ILE A 281 15.73 -64.82 31.64
N ASP A 282 16.63 -64.16 30.92
CA ASP A 282 18.07 -64.26 31.20
C ASP A 282 18.51 -63.64 32.52
N LEU A 283 17.95 -62.48 32.85
CA LEU A 283 18.30 -61.84 34.11
C LEU A 283 17.19 -60.90 34.54
N ILE A 284 17.25 -60.55 35.83
CA ILE A 284 16.34 -59.61 36.46
C ILE A 284 17.19 -58.39 36.89
N ALA A 285 16.86 -57.23 36.35
CA ALA A 285 17.70 -56.04 36.45
C ALA A 285 17.09 -54.98 37.36
N PRO A 286 17.87 -54.44 38.29
CA PRO A 286 17.37 -53.39 39.16
C PRO A 286 17.37 -52.01 38.47
N ASP A 287 16.33 -51.24 38.74
CA ASP A 287 16.25 -49.84 38.35
C ASP A 287 16.56 -49.00 39.56
N ILE A 288 17.71 -48.33 39.57
CA ILE A 288 18.20 -47.75 40.80
C ILE A 288 18.03 -46.25 40.88
N TYR A 289 17.16 -45.79 41.79
CA TYR A 289 16.95 -44.36 42.01
C TYR A 289 17.16 -43.94 43.46
N PHE A 290 17.58 -44.87 44.34
CA PHE A 290 18.00 -44.52 45.71
C PHE A 290 19.34 -43.82 45.58
N ARG A 291 19.51 -42.68 46.24
CA ARG A 291 20.72 -41.85 46.02
C ARG A 291 21.89 -42.27 46.93
N ASP A 292 21.51 -42.80 48.09
CA ASP A 292 22.44 -43.04 49.18
C ASP A 292 23.20 -44.35 49.07
N TYR A 293 24.48 -44.24 49.36
CA TYR A 293 25.44 -45.29 49.14
C TYR A 293 25.04 -46.62 49.75
N LYS A 294 24.59 -46.60 51.01
CA LYS A 294 24.28 -47.88 51.67
C LYS A 294 23.19 -48.64 50.96
N THR A 295 22.16 -47.92 50.55
CA THR A 295 21.00 -48.57 49.95
C THR A 295 21.35 -49.06 48.56
N VAL A 296 22.05 -48.22 47.81
CA VAL A 296 22.48 -48.63 46.48
C VAL A 296 23.38 -49.88 46.59
N SER A 297 24.33 -49.86 47.52
CA SER A 297 25.24 -51.00 47.70
C SER A 297 24.46 -52.28 48.00
N LYS A 298 23.45 -52.15 48.85
CA LYS A 298 22.61 -53.31 49.20
C LYS A 298 21.88 -53.86 47.98
N VAL A 299 21.33 -52.97 47.16
CA VAL A 299 20.64 -53.41 45.94
C VAL A 299 21.60 -54.14 45.00
N LEU A 300 22.81 -53.62 44.83
CA LEU A 300 23.79 -54.31 44.01
C LEU A 300 24.10 -55.70 44.55
N GLU A 301 24.21 -55.81 45.88
CA GLU A 301 24.49 -57.10 46.54
C GLU A 301 23.32 -58.07 46.27
N LEU A 302 22.09 -57.59 46.44
CA LEU A 302 20.93 -58.47 46.24
C LEU A 302 20.71 -58.98 44.83
N TYR A 303 21.02 -58.16 43.84
CA TYR A 303 20.76 -58.52 42.44
C TYR A 303 21.94 -59.20 41.76
N THR A 304 23.11 -59.21 42.42
CA THR A 304 24.24 -59.97 41.91
C THR A 304 24.21 -61.35 42.56
N ARG A 305 23.91 -62.37 41.75
CA ARG A 305 23.78 -63.73 42.26
C ARG A 305 24.40 -64.71 41.31
N PRO A 306 24.75 -65.90 41.80
CA PRO A 306 25.22 -66.92 40.87
C PRO A 306 24.22 -67.18 39.76
N ASP A 307 22.91 -67.04 40.05
CA ASP A 307 21.88 -67.26 39.03
C ASP A 307 21.39 -65.97 38.33
N ASN A 308 22.07 -64.85 38.56
CA ASN A 308 21.58 -63.54 38.09
C ASN A 308 22.73 -62.57 37.82
N ALA A 309 23.02 -62.37 36.54
CA ALA A 309 23.94 -61.37 36.09
C ALA A 309 23.46 -60.02 36.52
N LEU A 310 24.37 -59.15 36.91
CA LEU A 310 24.04 -57.76 37.32
C LEU A 310 24.02 -56.84 36.12
N PHE A 311 22.85 -56.25 35.85
CA PHE A 311 22.70 -55.23 34.82
C PHE A 311 21.92 -54.11 35.46
N VAL A 312 22.56 -52.95 35.60
CA VAL A 312 21.87 -51.77 36.13
C VAL A 312 21.16 -51.13 34.94
N ALA A 313 19.92 -51.57 34.73
CA ALA A 313 19.19 -51.28 33.53
C ALA A 313 18.74 -49.85 33.48
N GLU A 314 18.54 -49.26 34.66
CA GLU A 314 18.30 -47.83 34.81
C GLU A 314 18.98 -47.35 36.07
N ILE A 315 19.48 -46.13 36.05
CA ILE A 315 19.93 -45.45 37.24
C ILE A 315 19.65 -43.97 37.07
N GLY A 316 19.46 -43.25 38.15
CA GLY A 316 19.22 -41.82 38.06
C GLY A 316 20.37 -41.08 37.38
N ASN A 317 20.08 -39.96 36.76
CA ASN A 317 21.09 -39.22 36.03
C ASN A 317 21.66 -38.01 36.75
N ASP A 318 21.34 -37.84 38.02
CA ASP A 318 21.96 -36.78 38.81
C ASP A 318 23.37 -37.19 39.16
N GLN A 319 24.16 -36.19 39.48
CA GLN A 319 25.61 -36.39 39.72
C GLN A 319 26.01 -37.54 40.68
N PRO A 320 25.31 -37.70 41.81
CA PRO A 320 25.75 -38.72 42.73
C PRO A 320 25.72 -40.14 42.20
N PHE A 321 24.96 -40.38 41.13
CA PHE A 321 24.81 -41.74 40.65
C PHE A 321 25.97 -42.22 39.80
N ALA A 322 26.77 -41.29 39.27
CA ALA A 322 27.81 -41.68 38.31
C ALA A 322 28.81 -42.65 38.92
N ARG A 323 29.16 -42.44 40.18
CA ARG A 323 30.19 -43.26 40.83
C ARG A 323 29.79 -44.71 41.04
N TYR A 324 28.50 -45.01 40.97
CA TYR A 324 28.03 -46.39 41.15
C TYR A 324 28.37 -47.28 39.94
N LEU A 325 28.87 -46.68 38.88
CA LEU A 325 29.49 -47.50 37.81
C LEU A 325 30.60 -48.42 38.39
N PHE A 326 31.41 -47.89 39.30
CA PHE A 326 32.57 -48.65 39.78
C PHE A 326 32.19 -49.93 40.51
N PRO A 327 31.35 -49.85 41.56
CA PRO A 327 30.93 -51.11 42.21
C PRO A 327 30.09 -52.02 41.29
N THR A 328 29.33 -51.44 40.37
CA THR A 328 28.56 -52.24 39.40
C THR A 328 29.53 -53.14 38.62
N LEU A 329 30.58 -52.54 38.04
CA LEU A 329 31.57 -53.31 37.29
C LEU A 329 32.36 -54.21 38.20
N GLY A 330 32.67 -53.75 39.40
CA GLY A 330 33.40 -54.54 40.38
C GLY A 330 32.71 -55.81 40.80
N LYS A 331 31.37 -55.82 40.76
CA LYS A 331 30.62 -57.03 41.01
C LYS A 331 30.51 -57.95 39.82
N GLY A 332 31.16 -57.60 38.73
CA GLY A 332 31.06 -58.39 37.50
C GLY A 332 29.85 -58.01 36.68
N GLY A 333 29.31 -56.82 36.91
CA GLY A 333 28.18 -56.36 36.15
C GLY A 333 28.44 -56.33 34.67
N ILE A 334 27.38 -56.53 33.90
CA ILE A 334 27.49 -56.50 32.45
C ILE A 334 27.15 -55.15 31.86
N GLY A 335 26.65 -54.23 32.68
CA GLY A 335 26.29 -52.94 32.17
C GLY A 335 25.65 -52.00 33.17
N PHE A 336 25.42 -50.78 32.69
CA PHE A 336 25.02 -49.65 33.51
C PHE A 336 24.41 -48.65 32.58
N SER A 337 23.20 -48.18 32.89
CA SER A 337 22.50 -47.31 31.96
C SER A 337 21.70 -46.16 32.62
N PRO A 338 22.31 -44.96 32.75
CA PRO A 338 21.61 -43.78 33.26
C PRO A 338 20.38 -43.38 32.44
N PHE A 339 19.31 -43.03 33.15
CA PHE A 339 18.02 -42.78 32.57
C PHE A 339 17.82 -41.29 32.27
N GLY A 340 17.25 -41.02 31.10
CA GLY A 340 16.83 -39.68 30.72
C GLY A 340 17.93 -38.89 30.09
N MET A 341 18.82 -39.57 29.36
CA MET A 341 19.94 -38.91 28.67
C MET A 341 19.59 -38.42 27.29
N ASP A 342 18.68 -37.47 27.24
CA ASP A 342 18.37 -36.80 25.99
C ASP A 342 17.88 -35.41 26.25
N ASP A 343 17.86 -34.62 25.18
CA ASP A 343 17.47 -33.19 25.30
C ASP A 343 16.06 -32.94 24.82
N THR A 344 15.13 -33.82 25.17
CA THR A 344 13.73 -33.65 24.75
C THR A 344 12.91 -32.86 25.72
N ASP A 345 13.56 -32.01 26.52
CA ASP A 345 12.86 -31.08 27.44
C ASP A 345 12.13 -31.77 28.56
N TYR A 346 12.84 -32.64 29.28
CA TYR A 346 12.23 -33.31 30.39
C TYR A 346 13.28 -33.65 31.38
N THR A 347 12.93 -33.50 32.66
CA THR A 347 13.78 -33.99 33.75
C THR A 347 12.88 -34.70 34.77
N ASN A 348 13.32 -35.87 35.24
CA ASN A 348 12.54 -36.61 36.26
C ASN A 348 12.97 -36.26 37.68
N TYR A 349 13.69 -35.14 37.84
CA TYR A 349 13.89 -34.53 39.15
C TYR A 349 12.55 -34.54 39.89
N PRO A 350 12.52 -34.97 41.15
CA PRO A 350 13.62 -35.23 42.07
C PRO A 350 14.40 -36.56 41.95
N LEU A 351 14.00 -37.47 41.06
CA LEU A 351 14.77 -38.71 40.88
C LEU A 351 16.13 -38.46 40.24
N GLY A 352 16.14 -37.64 39.20
CA GLY A 352 17.34 -37.31 38.44
C GLY A 352 17.79 -35.88 38.61
N ALA A 353 18.55 -35.40 37.63
CA ALA A 353 19.17 -34.08 37.67
C ALA A 353 18.12 -32.99 37.55
N LYS A 354 18.27 -31.93 38.34
CA LYS A 354 17.33 -30.77 38.28
C LYS A 354 17.36 -30.12 36.91
N VAL A 355 18.53 -30.04 36.29
CA VAL A 355 18.66 -29.46 34.94
C VAL A 355 19.47 -30.42 34.06
N TYR A 356 19.02 -30.59 32.82
CA TYR A 356 19.73 -31.38 31.85
C TYR A 356 20.58 -30.48 30.98
N ASN A 357 21.88 -30.58 31.15
CA ASN A 357 22.81 -29.81 30.37
C ASN A 357 24.13 -30.56 30.20
N ASP A 358 25.11 -29.93 29.59
CA ASP A 358 26.38 -30.59 29.34
C ASP A 358 27.03 -31.10 30.61
N GLU A 359 26.88 -30.34 31.69
CA GLU A 359 27.49 -30.71 32.97
C GLU A 359 26.87 -31.98 33.51
N THR A 360 25.55 -32.12 33.39
CA THR A 360 24.88 -33.37 33.72
C THR A 360 25.51 -34.57 32.99
N ILE A 361 25.71 -34.42 31.69
CA ILE A 361 26.25 -35.50 30.87
C ILE A 361 27.67 -35.78 31.25
N GLU A 362 28.42 -34.72 31.51
CA GLU A 362 29.86 -34.84 31.75
C GLU A 362 30.16 -35.68 32.99
N GLN A 363 29.27 -35.72 33.98
CA GLN A 363 29.53 -36.52 35.17
C GLN A 363 29.68 -38.00 34.79
N PHE A 364 28.82 -38.45 33.86
CA PHE A 364 28.93 -39.81 33.34
C PHE A 364 30.05 -39.97 32.31
N ALA A 365 30.24 -38.99 31.45
CA ALA A 365 31.32 -39.06 30.42
C ALA A 365 32.67 -39.31 31.09
N GLN A 366 32.88 -38.63 32.22
CA GLN A 366 34.16 -38.76 32.89
C GLN A 366 34.46 -40.14 33.42
N VAL A 367 33.45 -40.86 33.88
CA VAL A 367 33.66 -42.21 34.36
C VAL A 367 33.67 -43.22 33.20
N TYR A 368 32.86 -43.00 32.17
CA TYR A 368 32.89 -43.85 30.97
C TYR A 368 34.26 -43.81 30.27
N ARG A 369 34.95 -42.66 30.34
CA ARG A 369 36.30 -42.50 29.77
C ARG A 369 37.35 -43.38 30.41
N LEU A 370 37.09 -43.85 31.63
CA LEU A 370 37.99 -44.79 32.28
C LEU A 370 37.86 -46.20 31.73
N VAL A 371 36.66 -46.56 31.26
CA VAL A 371 36.37 -47.92 30.89
C VAL A 371 36.43 -48.16 29.37
N ASN A 372 35.95 -47.21 28.59
CA ASN A 372 35.96 -47.29 27.14
C ASN A 372 37.28 -47.76 26.54
N PRO A 373 38.42 -47.20 27.00
CA PRO A 373 39.71 -47.62 26.43
C PRO A 373 40.12 -49.05 26.70
N MET A 374 39.53 -49.70 27.70
CA MET A 374 39.78 -51.08 28.01
C MET A 374 38.51 -51.95 28.02
N MET A 375 37.46 -51.55 27.30
CA MET A 375 36.16 -52.18 27.53
C MET A 375 36.22 -53.70 27.33
N ARG A 376 36.77 -54.15 26.20
CA ARG A 376 36.79 -55.61 25.92
C ARG A 376 37.67 -56.37 26.86
N GLU A 377 38.81 -55.76 27.20
CA GLU A 377 39.75 -56.40 28.11
C GLU A 377 39.16 -56.52 29.49
N TRP A 378 38.53 -55.43 29.95
CA TRP A 378 37.83 -55.45 31.25
C TRP A 378 36.72 -56.51 31.23
N ALA A 379 35.97 -56.54 30.14
CA ALA A 379 34.82 -57.47 30.09
C ALA A 379 35.28 -58.90 30.24
N ARG A 380 36.37 -59.23 29.58
CA ARG A 380 36.93 -60.59 29.69
C ARG A 380 37.42 -60.89 31.10
N LEU A 381 38.16 -59.97 31.71
CA LEU A 381 38.61 -60.17 33.08
C LEU A 381 37.47 -60.32 34.08
N SER A 382 36.43 -59.56 33.86
CA SER A 382 35.26 -59.56 34.72
CA SER A 382 35.24 -59.57 34.71
C SER A 382 34.44 -60.86 34.60
N TYR A 383 34.68 -61.65 33.56
CA TYR A 383 34.03 -62.94 33.41
C TYR A 383 34.93 -64.05 33.87
N GLN A 384 36.15 -64.03 33.33
CA GLN A 384 37.12 -65.12 33.47
C GLN A 384 38.03 -64.99 34.66
N GLY A 385 38.14 -63.79 35.20
CA GLY A 385 39.16 -63.50 36.23
C GLY A 385 38.59 -62.85 37.47
N GLN A 386 39.42 -62.03 38.11
CA GLN A 386 39.05 -61.41 39.36
C GLN A 386 39.09 -59.91 39.18
N VAL A 387 37.97 -59.29 39.50
CA VAL A 387 37.83 -57.84 39.43
C VAL A 387 37.25 -57.34 40.75
N TRP A 388 37.50 -56.05 41.00
CA TRP A 388 37.00 -55.34 42.16
C TRP A 388 36.65 -53.93 41.74
N GLY A 389 35.70 -53.34 42.44
CA GLY A 389 35.26 -51.98 42.14
C GLY A 389 34.59 -51.37 43.33
N VAL A 390 34.96 -50.13 43.65
CA VAL A 390 34.42 -49.41 44.80
C VAL A 390 34.10 -47.98 44.47
N ALA A 391 33.13 -47.43 45.20
CA ALA A 391 32.74 -46.04 45.13
C ALA A 391 32.90 -45.36 46.48
N GLU A 392 33.04 -44.04 46.40
CA GLU A 392 33.16 -43.19 47.57
C GLU A 392 31.95 -43.42 48.49
N PRO A 393 32.19 -43.89 49.71
CA PRO A 393 31.12 -44.41 50.53
C PRO A 393 30.37 -43.43 51.40
N LEU A 394 30.78 -42.17 51.48
CA LEU A 394 30.00 -41.17 52.18
C LEU A 394 29.35 -40.32 51.13
N ASP A 395 28.05 -40.11 51.28
CA ASP A 395 27.32 -39.23 50.42
C ASP A 395 27.74 -37.79 50.72
N SER A 396 27.40 -36.87 49.84
CA SER A 396 27.82 -35.48 50.02
C SER A 396 27.21 -34.95 51.32
N THR A 397 27.97 -34.12 52.01
CA THR A 397 27.56 -33.60 53.33
C THR A 397 26.27 -32.80 53.22
N THR A 398 25.32 -33.07 54.11
CA THR A 398 24.01 -32.36 54.14
C THR A 398 24.16 -30.96 54.74
N GLU A 399 23.18 -30.09 54.48
CA GLU A 399 23.08 -28.79 55.19
C GLU A 399 22.95 -29.00 56.70
N THR A 400 22.08 -29.94 57.11
CA THR A 400 21.94 -30.37 58.51
C THR A 400 23.30 -30.76 59.14
N GLN A 401 24.11 -31.51 58.40
CA GLN A 401 25.44 -31.94 58.89
C GLN A 401 26.44 -30.78 58.85
N LYS A 402 26.32 -29.89 57.87
CA LYS A 402 27.14 -28.68 57.80
C LYS A 402 26.86 -27.71 58.99
N ILE A 403 25.62 -27.72 59.50
CA ILE A 403 25.27 -26.98 60.72
C ILE A 403 25.80 -27.66 61.99
N TRP A 404 25.51 -28.97 62.15
CA TRP A 404 26.04 -29.77 63.25
C TRP A 404 27.58 -29.72 63.36
N ASN A 405 28.24 -29.65 62.20
CA ASN A 405 29.69 -29.48 62.15
C ASN A 405 30.11 -28.10 62.66
N ALA A 406 29.41 -27.05 62.22
CA ALA A 406 29.70 -25.66 62.63
C ALA A 406 29.54 -25.35 64.14
N GLU A 407 28.71 -26.13 64.86
CA GLU A 407 28.46 -25.91 66.29
C GLU A 407 28.92 -27.13 67.07
N ALA A 408 30.23 -27.33 67.19
CA ALA A 408 30.77 -28.65 67.56
C ALA A 408 31.61 -28.82 68.83
N THR A 409 32.55 -27.91 69.07
CA THR A 409 33.62 -28.09 70.10
C THR A 409 34.82 -28.63 69.36
N PRO A 410 35.97 -27.92 69.42
CA PRO A 410 37.18 -28.36 68.68
C PRO A 410 37.56 -29.84 68.87
N GLU A 411 37.25 -30.43 70.03
CA GLU A 411 37.47 -31.87 70.27
C GLU A 411 36.48 -32.73 69.47
N GLU A 412 35.24 -32.27 69.34
CA GLU A 412 34.22 -32.95 68.54
C GLU A 412 34.48 -32.87 67.01
N LYS A 413 34.97 -31.72 66.54
CA LYS A 413 35.41 -31.55 65.14
C LYS A 413 36.55 -32.51 64.80
N GLU A 414 37.62 -32.52 65.60
CA GLU A 414 38.76 -33.46 65.39
C GLU A 414 38.28 -34.92 65.37
N GLN A 415 37.33 -35.25 66.24
CA GLN A 415 36.83 -36.62 66.29
C GLN A 415 35.96 -36.98 65.07
N HIS A 416 35.12 -36.04 64.66
CA HIS A 416 34.30 -36.23 63.48
C HIS A 416 35.17 -36.40 62.21
N LYS A 417 36.22 -35.58 62.11
CA LYS A 417 37.18 -35.71 61.00
C LYS A 417 37.86 -37.08 60.96
N LYS A 418 38.23 -37.62 62.13
CA LYS A 418 38.81 -38.97 62.21
C LYS A 418 37.81 -40.02 61.76
N ASP A 419 36.55 -39.85 62.15
CA ASP A 419 35.51 -40.82 61.82
C ASP A 419 35.25 -40.82 60.30
N ARG A 420 35.18 -39.62 59.72
CA ARG A 420 35.02 -39.48 58.28
C ARG A 420 36.20 -40.10 57.54
N ALA A 421 37.42 -39.83 58.00
CA ALA A 421 38.61 -40.38 57.35
C ALA A 421 38.56 -41.90 57.33
N SER A 422 38.18 -42.48 58.45
CA SER A 422 38.06 -43.92 58.56
C SER A 422 36.95 -44.48 57.64
N ALA A 423 35.81 -43.80 57.58
CA ALA A 423 34.71 -44.25 56.70
C ALA A 423 35.12 -44.13 55.21
N LEU A 424 35.96 -43.15 54.91
CA LEU A 424 36.43 -42.89 53.56
C LEU A 424 37.66 -43.71 53.16
N THR A 425 37.91 -44.80 53.87
CA THR A 425 39.06 -45.67 53.64
C THR A 425 38.52 -47.07 53.43
N GLN A 426 38.73 -47.64 52.26
CA GLN A 426 38.22 -49.00 51.94
C GLN A 426 39.37 -49.95 51.74
N GLN A 427 39.23 -51.18 52.23
CA GLN A 427 40.26 -52.21 52.07
C GLN A 427 39.74 -53.30 51.16
N LEU A 428 40.60 -53.75 50.25
CA LEU A 428 40.27 -54.82 49.33
C LEU A 428 41.35 -55.89 49.39
N ASP A 429 40.91 -57.13 49.50
CA ASP A 429 41.79 -58.30 49.51
C ASP A 429 42.04 -58.80 48.10
N LEU A 430 43.23 -58.57 47.56
CA LEU A 430 43.53 -58.93 46.17
C LEU A 430 44.40 -60.19 46.08
N GLY A 431 44.38 -61.03 47.13
CA GLY A 431 45.18 -62.27 47.13
C GLY A 431 46.43 -62.09 47.97
N LEU A 432 47.59 -62.05 47.29
CA LEU A 432 48.88 -61.79 47.98
C LEU A 432 49.01 -60.33 48.43
N TRP A 433 48.23 -59.45 47.81
CA TRP A 433 48.31 -58.02 48.03
C TRP A 433 46.93 -57.49 48.37
N ASP A 434 46.91 -56.44 49.16
CA ASP A 434 45.69 -55.71 49.45
C ASP A 434 45.81 -54.32 48.85
N ALA A 435 44.68 -53.71 48.55
CA ALA A 435 44.63 -52.28 48.22
C ALA A 435 43.84 -51.53 49.24
N GLU A 436 44.22 -50.28 49.46
CA GLU A 436 43.46 -49.39 50.29
C GLU A 436 43.08 -48.19 49.41
N VAL A 437 41.79 -47.90 49.35
CA VAL A 437 41.30 -46.80 48.55
C VAL A 437 40.77 -45.71 49.46
N THR A 438 41.22 -44.49 49.21
CA THR A 438 40.80 -43.35 50.01
C THR A 438 40.37 -42.21 49.11
N TYR A 439 39.55 -41.31 49.64
CA TYR A 439 38.89 -40.29 48.83
C TYR A 439 39.04 -38.86 49.37
N GLY A 440 39.47 -37.93 48.50
CA GLY A 440 39.47 -36.51 48.81
C GLY A 440 40.67 -36.09 49.63
N ARG A 441 41.83 -36.18 49.01
CA ARG A 441 43.08 -35.80 49.66
C ARG A 441 44.03 -35.31 48.59
N PRO A 442 45.04 -34.56 48.99
CA PRO A 442 46.06 -34.19 48.00
C PRO A 442 46.75 -35.38 47.32
N MET A 443 47.49 -35.09 46.27
CA MET A 443 48.22 -36.12 45.50
C MET A 443 49.61 -36.37 46.09
N PHE A 444 49.90 -35.63 47.15
CA PHE A 444 51.21 -35.63 47.77
C PHE A 444 51.02 -35.67 49.28
N TRP A 445 51.91 -36.38 49.97
CA TRP A 445 51.92 -36.49 51.43
C TRP A 445 50.72 -37.29 51.91
N VAL A 446 50.44 -37.19 53.20
CA VAL A 446 49.63 -38.20 53.83
C VAL A 446 48.50 -37.59 54.68
N THR A 447 48.09 -36.35 54.40
CA THR A 447 47.00 -35.79 55.19
C THR A 447 45.75 -36.68 54.95
N PRO A 448 45.00 -36.95 56.01
CA PRO A 448 43.91 -37.90 55.89
C PRO A 448 42.79 -37.48 54.91
N PRO A 449 42.08 -38.46 54.36
CA PRO A 449 40.98 -38.19 53.44
C PRO A 449 39.82 -37.42 54.09
N GLU A 450 39.29 -36.45 53.36
CA GLU A 450 38.13 -35.66 53.79
C GLU A 450 36.95 -35.80 52.84
N GLY A 451 37.09 -36.58 51.78
CA GLY A 451 36.00 -36.75 50.83
C GLY A 451 35.99 -35.69 49.76
N ASN A 452 35.43 -36.05 48.60
CA ASN A 452 35.27 -35.10 47.51
C ASN A 452 33.99 -34.33 47.75
N THR A 453 33.94 -33.15 47.20
CA THR A 453 32.74 -32.33 47.25
C THR A 453 32.27 -31.97 45.85
N PRO A 454 31.17 -32.59 45.37
CA PRO A 454 30.36 -33.62 45.99
C PRO A 454 31.06 -34.98 45.95
N ALA A 455 30.47 -35.96 46.63
CA ALA A 455 30.97 -37.32 46.62
C ALA A 455 30.94 -37.82 45.18
N ALA A 456 32.04 -38.42 44.73
CA ALA A 456 32.23 -38.73 43.27
C ALA A 456 33.28 -39.79 42.92
N GLY A 457 34.11 -40.21 43.90
CA GLY A 457 35.23 -41.04 43.58
C GLY A 457 34.92 -42.51 43.45
N GLY A 458 35.89 -43.22 42.90
CA GLY A 458 35.84 -44.68 42.86
C GLY A 458 37.07 -45.27 42.18
N ALA A 459 37.09 -46.59 42.11
CA ALA A 459 38.25 -47.34 41.64
C ALA A 459 37.83 -48.67 41.08
N LEU A 460 38.55 -49.08 40.05
CA LEU A 460 38.46 -50.42 39.44
C LEU A 460 39.82 -51.08 39.50
N ILE A 461 39.82 -52.37 39.86
CA ILE A 461 41.03 -53.17 39.86
C ILE A 461 40.72 -54.53 39.25
N ALA A 462 41.60 -55.00 38.35
CA ALA A 462 41.52 -56.36 37.80
C ALA A 462 42.83 -57.06 38.08
N GLN A 463 42.78 -58.33 38.45
CA GLN A 463 44.04 -59.08 38.65
C GLN A 463 44.53 -59.68 37.33
N LEU A 464 45.79 -59.40 36.99
CA LEU A 464 46.41 -59.95 35.79
C LEU A 464 47.28 -61.16 36.09
N ASP A 465 47.85 -61.19 37.28
CA ASP A 465 48.69 -62.31 37.73
C ASP A 465 48.81 -62.21 39.21
N ASP A 466 49.57 -63.11 39.83
CA ASP A 466 49.69 -63.13 41.30
C ASP A 466 50.10 -61.81 41.91
N ASN A 467 50.97 -61.08 41.23
CA ASN A 467 51.52 -59.84 41.75
C ASN A 467 51.26 -58.66 40.84
N GLU A 468 50.33 -58.78 39.90
CA GLU A 468 50.12 -57.75 38.91
C GLU A 468 48.64 -57.43 38.71
N TYR A 469 48.34 -56.13 38.70
CA TYR A 469 46.96 -55.64 38.65
C TYR A 469 46.79 -54.53 37.66
N LEU A 470 45.63 -54.50 37.05
CA LEU A 470 45.20 -53.41 36.20
C LEU A 470 44.36 -52.48 37.06
N VAL A 471 44.67 -51.19 37.02
CA VAL A 471 44.05 -50.23 37.96
C VAL A 471 43.67 -48.97 37.21
N THR A 472 42.44 -48.51 37.42
CA THR A 472 42.10 -47.13 37.07
C THR A 472 41.13 -46.60 38.13
N ALA A 473 41.21 -45.31 38.41
CA ALA A 473 40.39 -44.74 39.47
C ALA A 473 40.10 -43.28 39.19
N TYR A 474 39.36 -42.67 40.07
CA TYR A 474 38.75 -41.35 39.82
C TYR A 474 38.57 -40.66 41.13
N LYS A 475 39.22 -39.50 41.27
CA LYS A 475 39.15 -38.67 42.47
C LYS A 475 39.38 -39.50 43.73
N ALA A 476 40.48 -40.22 43.71
CA ALA A 476 40.79 -41.17 44.76
C ALA A 476 42.29 -41.49 44.76
N ARG A 477 42.73 -42.07 45.87
CA ARG A 477 44.06 -42.65 46.01
C ARG A 477 43.94 -44.14 46.25
N VAL A 478 44.82 -44.91 45.57
CA VAL A 478 44.83 -46.36 45.69
C VAL A 478 46.26 -46.73 46.15
N GLU A 479 46.36 -47.44 47.27
CA GLU A 479 47.64 -47.89 47.83
C GLU A 479 47.69 -49.39 47.96
N PHE A 480 48.82 -49.99 47.65
CA PHE A 480 48.98 -51.44 47.74
C PHE A 480 49.89 -51.83 48.90
N LYS A 481 49.60 -52.98 49.51
CA LYS A 481 50.42 -53.50 50.59
C LYS A 481 50.27 -55.02 50.61
N PRO A 482 51.19 -55.72 51.28
CA PRO A 482 51.03 -57.17 51.41
C PRO A 482 49.76 -57.56 52.13
N SER A 483 49.12 -58.63 51.67
CA SER A 483 47.89 -59.08 52.28
C SER A 483 48.16 -59.86 53.57
N GLN A 484 49.35 -60.44 53.66
CA GLN A 484 49.75 -61.23 54.83
C GLN A 484 51.12 -60.78 55.31
N GLU A 485 51.42 -61.00 56.59
CA GLU A 485 52.73 -60.69 57.16
C GLU A 485 53.83 -61.32 56.30
N LEU A 486 54.87 -60.56 56.02
CA LEU A 486 55.98 -61.07 55.22
C LEU A 486 57.02 -61.62 56.21
N ALA A 487 57.55 -62.80 55.93
CA ALA A 487 58.42 -63.47 56.91
C ALA A 487 59.82 -62.88 56.80
N GLY A 488 60.03 -61.72 57.43
CA GLY A 488 61.32 -61.00 57.34
C GLY A 488 61.67 -60.37 55.97
N LYS A 489 60.72 -60.32 55.04
CA LYS A 489 60.96 -59.69 53.74
C LYS A 489 60.44 -58.26 53.79
N LYS A 490 60.82 -57.46 52.81
CA LYS A 490 60.22 -56.15 52.62
C LYS A 490 59.38 -56.19 51.34
N PHE A 491 58.67 -55.10 51.06
CA PHE A 491 57.97 -55.01 49.81
C PHE A 491 58.07 -53.62 49.20
N MET A 492 57.85 -53.58 47.90
CA MET A 492 57.72 -52.33 47.19
CA MET A 492 57.72 -52.33 47.19
C MET A 492 56.88 -52.53 45.93
N ILE A 493 56.50 -51.41 45.33
CA ILE A 493 56.04 -51.39 43.96
C ILE A 493 57.24 -51.80 43.12
N GLU A 494 57.11 -52.80 42.28
CA GLU A 494 58.15 -53.09 41.32
C GLU A 494 58.09 -52.11 40.15
N ARG A 495 56.90 -51.95 39.58
CA ARG A 495 56.72 -51.10 38.44
C ARG A 495 55.26 -50.74 38.24
N VAL A 496 55.02 -49.47 37.91
CA VAL A 496 53.71 -48.97 37.48
C VAL A 496 53.85 -48.40 36.07
N GLU A 497 53.10 -48.93 35.11
CA GLU A 497 53.07 -48.41 33.78
C GLU A 497 51.73 -47.83 33.49
N GLU A 498 51.70 -46.62 32.94
CA GLU A 498 50.49 -46.10 32.37
C GLU A 498 50.47 -46.48 30.88
N GLY A 499 49.33 -46.89 30.36
CA GLY A 499 49.25 -47.24 28.96
C GLY A 499 47.85 -47.54 28.47
N ARG A 500 47.79 -48.30 27.40
CA ARG A 500 46.53 -48.59 26.75
C ARG A 500 46.65 -49.90 26.01
N PHE A 501 45.49 -50.39 25.55
CA PHE A 501 45.43 -51.60 24.76
C PHE A 501 45.22 -51.21 23.30
N GLU A 502 46.05 -51.79 22.44
CA GLU A 502 45.89 -51.64 21.00
C GLU A 502 45.87 -53.02 20.37
N LYS A 503 44.77 -53.36 19.69
CA LYS A 503 44.58 -54.71 19.16
C LYS A 503 44.78 -55.75 20.27
N GLY A 504 44.25 -55.49 21.45
CA GLY A 504 44.42 -56.39 22.60
C GLY A 504 45.81 -56.50 23.20
N LYS A 505 46.80 -55.77 22.63
CA LYS A 505 48.16 -55.74 23.21
C LYS A 505 48.35 -54.46 24.06
N TRP A 506 48.98 -54.64 25.20
CA TRP A 506 49.35 -53.51 26.06
C TRP A 506 50.46 -52.67 25.41
N VAL A 507 50.23 -51.36 25.32
CA VAL A 507 51.24 -50.43 24.88
C VAL A 507 51.57 -49.49 26.03
N MET A 508 52.84 -49.48 26.46
CA MET A 508 53.23 -48.57 27.56
C MET A 508 53.39 -47.15 27.05
N GLU A 509 52.84 -46.18 27.78
CA GLU A 509 53.07 -44.76 27.48
C GLU A 509 54.16 -44.15 28.39
N ARG A 510 54.11 -44.48 29.67
CA ARG A 510 55.10 -44.01 30.62
C ARG A 510 55.11 -44.85 31.87
N VAL A 511 56.20 -44.77 32.61
CA VAL A 511 56.29 -45.37 33.92
C VAL A 511 55.97 -44.30 34.98
N TRP A 512 55.03 -44.62 35.89
CA TRP A 512 54.81 -43.80 37.10
C TRP A 512 55.85 -44.20 38.13
N ASN A 513 56.51 -43.19 38.70
CA ASN A 513 57.49 -43.44 39.70
C ASN A 513 57.68 -42.16 40.50
N GLY A 514 58.56 -42.21 41.48
CA GLY A 514 58.84 -41.02 42.25
C GLY A 514 57.59 -40.50 42.94
N ASP A 515 57.34 -39.19 42.85
CA ASP A 515 56.17 -38.55 43.47
C ASP A 515 54.89 -39.27 43.12
N GLN A 516 54.82 -39.82 41.91
CA GLN A 516 53.58 -40.43 41.43
C GLN A 516 53.28 -41.78 42.07
N THR A 517 54.27 -42.41 42.68
CA THR A 517 54.04 -43.65 43.41
C THR A 517 54.45 -43.61 44.88
N ASP A 518 55.00 -42.48 45.37
CA ASP A 518 55.41 -42.39 46.79
C ASP A 518 54.22 -42.34 47.75
N TRP A 519 53.09 -41.80 47.31
CA TRP A 519 51.97 -41.50 48.18
C TRP A 519 50.74 -42.19 47.62
N GLY A 520 50.91 -43.45 47.29
CA GLY A 520 49.90 -44.20 46.58
C GLY A 520 49.76 -43.76 45.13
N LEU A 521 48.68 -44.18 44.51
CA LEU A 521 48.39 -43.86 43.12
C LEU A 521 47.23 -42.92 43.13
N ASN A 522 47.49 -41.67 42.78
CA ASN A 522 46.51 -40.59 42.89
C ASN A 522 45.88 -40.23 41.58
N PHE A 523 44.55 -40.26 41.57
CA PHE A 523 43.76 -39.99 40.38
C PHE A 523 42.87 -38.80 40.60
N THR A 524 42.75 -37.98 39.57
CA THR A 524 41.87 -36.82 39.58
C THR A 524 40.64 -37.15 38.75
N ASP A 525 40.18 -36.20 37.93
CA ASP A 525 39.12 -36.48 37.02
C ASP A 525 39.58 -37.02 35.66
N ARG A 526 40.89 -37.04 35.42
CA ARG A 526 41.41 -37.47 34.13
C ARG A 526 41.69 -38.97 34.09
N PRO A 527 41.56 -39.59 32.92
CA PRO A 527 41.73 -41.01 32.77
C PRO A 527 43.18 -41.44 32.72
N HIS A 528 43.52 -42.43 33.52
CA HIS A 528 44.80 -43.14 33.41
C HIS A 528 44.57 -44.58 33.70
N LEU A 529 45.11 -45.46 32.85
CA LEU A 529 45.00 -46.90 33.03
C LEU A 529 46.39 -47.42 33.34
N LEU A 530 46.53 -48.09 34.48
CA LEU A 530 47.81 -48.53 34.98
C LEU A 530 47.90 -50.02 35.08
N ARG A 531 49.11 -50.53 34.86
CA ARG A 531 49.46 -51.87 35.26
C ARG A 531 50.44 -51.76 36.40
N VAL A 532 50.08 -52.38 37.53
CA VAL A 532 50.81 -52.28 38.76
C VAL A 532 51.38 -53.63 39.08
N LYS A 533 52.71 -53.70 39.16
CA LYS A 533 53.40 -54.93 39.58
C LYS A 533 54.04 -54.72 40.96
N MET A 534 53.69 -55.59 41.91
CA MET A 534 54.18 -55.52 43.28
C MET A 534 55.25 -56.60 43.49
N ALA A 535 56.15 -56.38 44.43
CA ALA A 535 57.19 -57.38 44.77
C ALA A 535 57.54 -57.38 46.25
N SER A 536 57.62 -58.58 46.84
CA SER A 536 58.28 -58.76 48.12
C SER A 536 59.72 -59.16 47.80
N TYR A 537 60.64 -58.73 48.65
CA TYR A 537 62.04 -59.00 48.39
C TYR A 537 62.76 -59.26 49.71
N SER A 538 63.77 -60.11 49.62
CA SER A 538 64.57 -60.45 50.78
C SER A 538 65.59 -59.38 51.12
N VAL A 539 65.76 -59.17 52.41
CA VAL A 539 66.86 -58.37 52.93
C VAL A 539 67.77 -59.13 53.94
N GLN A 540 67.56 -60.44 54.14
CA GLN A 540 68.16 -61.18 55.29
C GLN A 540 68.64 -62.56 54.89
N ALA B 2 81.36 -25.86 19.02
CA ALA B 2 81.06 -25.01 20.23
C ALA B 2 81.83 -25.53 21.42
N PRO B 3 82.33 -24.61 22.25
CA PRO B 3 83.04 -25.07 23.43
C PRO B 3 82.10 -25.77 24.42
N LEU B 4 82.66 -26.69 25.22
CA LEU B 4 81.89 -27.37 26.27
C LEU B 4 81.38 -26.35 27.27
N PRO B 5 80.18 -26.60 27.81
CA PRO B 5 79.77 -25.84 28.99
C PRO B 5 80.73 -26.09 30.12
N GLU B 6 80.89 -25.10 31.00
CA GLU B 6 81.73 -25.29 32.14
C GLU B 6 81.37 -24.31 33.24
N LEU B 7 81.65 -24.69 34.47
CA LEU B 7 81.42 -23.83 35.61
C LEU B 7 82.73 -23.17 35.97
N LEU B 8 82.79 -21.85 35.85
CA LEU B 8 83.95 -21.07 36.24
C LEU B 8 83.76 -20.50 37.62
N SER B 9 84.83 -20.47 38.38
CA SER B 9 84.84 -19.85 39.68
C SER B 9 86.07 -18.93 39.75
N ASN B 10 85.87 -17.67 40.11
CA ASN B 10 87.01 -16.72 40.27
C ASN B 10 86.61 -15.54 41.13
N ASN B 11 87.51 -15.14 42.01
CA ASN B 11 87.28 -14.00 42.92
C ASN B 11 86.03 -14.21 43.78
N GLY B 12 85.80 -15.45 44.23
CA GLY B 12 84.59 -15.79 45.00
C GLY B 12 83.27 -15.69 44.22
N LYS B 13 83.33 -15.54 42.90
CA LYS B 13 82.12 -15.47 42.05
C LYS B 13 82.12 -16.63 41.05
N HIS B 14 81.01 -16.85 40.37
CA HIS B 14 80.84 -18.01 39.50
C HIS B 14 80.06 -17.70 38.29
N ALA B 15 80.28 -18.48 37.25
CA ALA B 15 79.51 -18.38 36.00
C ALA B 15 79.35 -19.75 35.40
N LEU B 16 78.15 -20.04 34.94
CA LEU B 16 77.95 -21.18 34.10
C LEU B 16 78.18 -20.71 32.67
N MET B 17 79.26 -21.21 32.07
CA MET B 17 79.57 -20.86 30.67
C MET B 17 78.82 -21.79 29.77
N VAL B 18 78.07 -21.23 28.84
CA VAL B 18 77.42 -22.00 27.81
C VAL B 18 77.71 -21.33 26.45
N ASP B 19 78.22 -22.13 25.51
CA ASP B 19 78.67 -21.63 24.21
C ASP B 19 79.65 -20.46 24.37
N GLY B 20 80.52 -20.59 25.35
CA GLY B 20 81.64 -19.69 25.53
C GLY B 20 81.35 -18.38 26.23
N ALA B 21 80.19 -18.25 26.86
CA ALA B 21 79.89 -17.04 27.63
C ALA B 21 78.96 -17.37 28.81
N PRO B 22 78.95 -16.51 29.83
CA PRO B 22 78.05 -16.76 30.96
C PRO B 22 76.57 -16.88 30.56
N TYR B 23 75.86 -17.71 31.29
CA TYR B 23 74.48 -18.10 30.94
C TYR B 23 73.69 -18.23 32.23
N ILE B 24 72.42 -17.85 32.18
CA ILE B 24 71.51 -18.06 33.33
C ILE B 24 70.44 -19.08 32.94
N ILE B 25 70.30 -20.12 33.78
CA ILE B 25 69.24 -21.08 33.61
C ILE B 25 67.94 -20.46 34.14
N LEU B 26 67.07 -20.06 33.22
CA LEU B 26 65.70 -19.69 33.54
C LEU B 26 64.90 -20.94 33.26
N GLY B 27 64.79 -21.77 34.28
CA GLY B 27 64.49 -23.15 34.10
C GLY B 27 63.07 -23.56 34.35
N SER B 28 62.79 -24.81 34.05
CA SER B 28 61.58 -25.48 34.49
C SER B 28 61.94 -26.94 34.63
N GLN B 29 61.34 -27.62 35.60
CA GLN B 29 61.55 -29.04 35.77
C GLN B 29 60.21 -29.77 35.64
N THR B 30 60.25 -30.91 34.97
CA THR B 30 59.06 -31.74 34.83
C THR B 30 58.67 -32.38 36.16
N ASN B 31 57.43 -32.87 36.23
CA ASN B 31 57.08 -33.85 37.20
C ASN B 31 57.90 -35.15 37.00
N ASN B 32 57.92 -35.97 38.03
CA ASN B 32 58.82 -37.14 38.12
C ASN B 32 58.54 -38.30 37.14
N SER B 33 57.37 -38.32 36.53
CA SER B 33 56.99 -39.39 35.63
C SER B 33 56.76 -38.89 34.21
N SER B 34 57.45 -37.81 33.85
CA SER B 34 57.33 -37.22 32.52
C SER B 34 58.53 -37.56 31.61
N ASN B 35 59.38 -38.46 32.05
CA ASN B 35 60.59 -38.87 31.31
C ASN B 35 60.35 -39.97 30.25
N TYR B 36 59.33 -39.78 29.43
CA TYR B 36 58.97 -40.72 28.36
C TYR B 36 58.50 -39.94 27.15
N PRO B 37 58.75 -40.49 25.94
CA PRO B 37 58.41 -39.73 24.72
C PRO B 37 56.97 -39.22 24.70
N ASP B 38 56.04 -40.07 25.13
CA ASP B 38 54.61 -39.74 25.10
C ASP B 38 54.22 -38.59 26.04
N ALA B 39 55.02 -38.38 27.09
CA ALA B 39 54.73 -37.30 28.05
C ALA B 39 55.22 -35.95 27.59
N LEU B 40 56.13 -35.89 26.62
CA LEU B 40 56.74 -34.63 26.26
C LEU B 40 55.76 -33.60 25.68
N LYS B 41 54.71 -34.06 25.03
CA LYS B 41 53.70 -33.13 24.51
C LYS B 41 53.02 -32.34 25.62
N ASP B 42 53.08 -32.85 26.85
CA ASP B 42 52.50 -32.18 28.02
C ASP B 42 53.52 -31.36 28.78
N VAL B 43 54.74 -31.33 28.27
CA VAL B 43 55.82 -30.56 28.85
C VAL B 43 56.10 -29.29 28.06
N TRP B 44 56.25 -29.43 26.73
CA TRP B 44 56.73 -28.29 25.93
C TRP B 44 55.81 -27.07 26.00
N PRO B 45 54.49 -27.24 25.95
CA PRO B 45 53.65 -26.03 26.01
C PRO B 45 53.83 -25.19 27.29
N SER B 46 54.03 -25.83 28.43
CA SER B 46 54.34 -25.09 29.68
C SER B 46 55.64 -24.32 29.55
N MET B 47 56.64 -24.97 29.00
CA MET B 47 57.94 -24.35 28.87
C MET B 47 57.86 -23.11 27.99
N GLU B 48 57.11 -23.23 26.90
CA GLU B 48 56.88 -22.10 26.01
C GLU B 48 56.15 -20.94 26.68
N LYS B 49 55.06 -21.25 27.40
CA LYS B 49 54.33 -20.23 28.14
C LYS B 49 55.15 -19.58 29.23
N MET B 50 56.04 -20.34 29.84
CA MET B 50 56.87 -19.84 30.90
C MET B 50 57.98 -18.93 30.37
N GLY B 51 58.42 -19.18 29.14
CA GLY B 51 59.58 -18.49 28.59
C GLY B 51 60.88 -19.05 29.14
N ALA B 52 60.85 -20.30 29.60
CA ALA B 52 62.05 -20.95 30.12
C ALA B 52 63.05 -21.24 28.99
N ASN B 53 64.34 -21.16 29.31
CA ASN B 53 65.39 -21.47 28.33
C ASN B 53 66.03 -22.84 28.52
N THR B 54 65.73 -23.50 29.65
CA THR B 54 66.38 -24.77 30.00
C THR B 54 65.37 -25.68 30.69
N LEU B 55 65.28 -26.93 30.24
CA LEU B 55 64.41 -27.93 30.85
C LEU B 55 65.22 -28.91 31.66
N SER B 56 64.82 -29.11 32.92
CA SER B 56 65.37 -30.17 33.75
C SER B 56 64.41 -31.37 33.70
N ILE B 57 64.92 -32.55 33.39
CA ILE B 57 64.07 -33.71 33.19
C ILE B 57 64.83 -34.98 33.58
N PRO B 58 64.16 -35.97 34.19
CA PRO B 58 64.91 -37.15 34.57
C PRO B 58 65.34 -38.03 33.40
N VAL B 59 66.47 -38.69 33.60
CA VAL B 59 66.81 -39.87 32.82
C VAL B 59 67.05 -40.96 33.86
N ALA B 60 66.26 -42.01 33.81
CA ALA B 60 66.27 -43.02 34.84
C ALA B 60 67.11 -44.23 34.48
N TRP B 61 67.83 -44.74 35.46
CA TRP B 61 68.64 -45.95 35.26
C TRP B 61 67.75 -47.09 34.80
N GLU B 62 66.56 -47.25 35.40
CA GLU B 62 65.62 -48.28 34.96
C GLU B 62 65.22 -48.22 33.49
N GLN B 63 65.17 -47.03 32.89
CA GLN B 63 64.76 -46.94 31.48
C GLN B 63 65.93 -47.13 30.54
N ILE B 64 67.14 -46.74 30.95
CA ILE B 64 68.29 -46.90 30.05
C ILE B 64 68.95 -48.28 30.14
N GLU B 65 68.78 -48.97 31.26
CA GLU B 65 69.35 -50.32 31.42
C GLU B 65 68.32 -51.26 32.05
N PRO B 66 67.21 -51.50 31.34
CA PRO B 66 66.10 -52.28 31.92
C PRO B 66 66.49 -53.73 32.21
N VAL B 67 67.43 -54.24 31.42
CA VAL B 67 68.03 -55.56 31.63
C VAL B 67 69.54 -55.29 31.66
N GLU B 68 70.26 -55.93 32.58
CA GLU B 68 71.68 -55.66 32.75
C GLU B 68 72.45 -55.85 31.45
N GLY B 69 73.23 -54.84 31.09
CA GLY B 69 73.95 -54.82 29.83
C GLY B 69 73.18 -54.49 28.56
N GLN B 70 71.86 -54.27 28.63
CA GLN B 70 71.05 -54.01 27.44
C GLN B 70 70.54 -52.59 27.49
N PHE B 71 71.27 -51.68 26.87
CA PHE B 71 70.99 -50.26 26.99
C PHE B 71 69.99 -49.76 26.00
N ASP B 72 69.21 -48.75 26.42
CA ASP B 72 68.13 -48.20 25.61
C ASP B 72 68.13 -46.69 25.78
N PHE B 73 68.54 -45.97 24.73
CA PHE B 73 68.58 -44.51 24.76
C PHE B 73 67.50 -43.89 23.90
N SER B 74 66.45 -44.65 23.61
CA SER B 74 65.41 -44.15 22.74
C SER B 74 64.76 -42.88 23.30
N PHE B 75 64.61 -42.79 24.61
CA PHE B 75 64.03 -41.57 25.20
C PHE B 75 64.97 -40.39 25.00
N VAL B 76 66.25 -40.59 25.29
CA VAL B 76 67.22 -39.50 25.21
C VAL B 76 67.26 -38.98 23.79
N ASP B 77 67.19 -39.88 22.82
CA ASP B 77 67.15 -39.50 21.42
C ASP B 77 66.00 -38.53 21.10
N VAL B 78 64.77 -38.93 21.46
CA VAL B 78 63.59 -38.12 21.20
C VAL B 78 63.70 -36.78 21.92
N LEU B 79 64.13 -36.84 23.18
CA LEU B 79 64.25 -35.66 24.02
C LEU B 79 65.22 -34.64 23.42
N LEU B 80 66.41 -35.07 23.05
CA LEU B 80 67.39 -34.19 22.38
C LEU B 80 66.78 -33.52 21.14
N LYS B 81 66.15 -34.32 20.31
CA LYS B 81 65.62 -33.79 19.06
C LYS B 81 64.51 -32.77 19.28
N GLU B 82 63.61 -33.07 20.21
CA GLU B 82 62.51 -32.16 20.51
C GLU B 82 62.98 -30.89 21.20
N ALA B 83 63.95 -30.99 22.10
CA ALA B 83 64.55 -29.81 22.72
C ALA B 83 65.18 -28.85 21.69
N ARG B 84 65.94 -29.43 20.76
CA ARG B 84 66.58 -28.64 19.71
C ARG B 84 65.57 -27.97 18.84
N GLN B 85 64.50 -28.67 18.51
CA GLN B 85 63.47 -28.08 17.66
C GLN B 85 62.84 -26.86 18.35
N ARG B 86 62.77 -26.91 19.67
CA ARG B 86 62.18 -25.81 20.42
C ARG B 86 63.22 -24.79 20.87
N LYS B 87 64.48 -25.03 20.51
CA LYS B 87 65.59 -24.13 20.79
C LYS B 87 65.75 -23.89 22.29
N VAL B 88 65.68 -24.95 23.08
CA VAL B 88 65.96 -24.89 24.49
C VAL B 88 67.09 -25.86 24.83
N ARG B 89 67.66 -25.66 26.01
CA ARG B 89 68.72 -26.53 26.50
C ARG B 89 68.17 -27.47 27.58
N LEU B 90 69.01 -28.42 27.99
CA LEU B 90 68.60 -29.46 28.89
C LEU B 90 69.56 -29.61 30.05
N VAL B 91 68.98 -29.92 31.21
CA VAL B 91 69.72 -30.47 32.32
C VAL B 91 69.13 -31.86 32.57
N LEU B 92 69.96 -32.90 32.46
CA LEU B 92 69.48 -34.25 32.69
C LEU B 92 69.67 -34.62 34.12
N LEU B 93 68.67 -35.28 34.69
CA LEU B 93 68.71 -35.67 36.09
C LEU B 93 68.86 -37.17 36.13
N TRP B 94 70.05 -37.62 36.52
CA TRP B 94 70.35 -39.05 36.61
C TRP B 94 69.70 -39.63 37.91
N PHE B 95 68.55 -40.29 37.72
CA PHE B 95 67.82 -40.96 38.81
C PHE B 95 68.29 -42.42 38.86
N ALA B 96 69.03 -42.77 39.91
CA ALA B 96 69.78 -44.01 39.90
C ALA B 96 69.86 -44.62 41.29
N THR B 97 71.04 -44.64 41.92
CA THR B 97 71.17 -45.24 43.24
C THR B 97 70.27 -44.57 44.28
N TRP B 98 70.21 -43.23 44.28
CA TRP B 98 69.26 -42.48 45.09
C TRP B 98 68.38 -41.59 44.24
N LYS B 99 67.08 -41.70 44.49
CA LYS B 99 66.10 -40.68 44.17
C LYS B 99 65.26 -40.50 45.42
N ASN B 100 65.37 -39.34 46.06
CA ASN B 100 64.74 -39.07 47.35
C ASN B 100 65.05 -40.20 48.33
N ASN B 101 66.33 -40.51 48.44
CA ASN B 101 66.86 -41.51 49.42
C ASN B 101 66.75 -42.97 49.03
N ALA B 102 65.97 -43.25 47.98
CA ALA B 102 65.54 -44.61 47.66
C ALA B 102 65.88 -45.04 46.24
N PRO B 103 65.85 -46.36 45.99
CA PRO B 103 66.27 -46.91 44.70
C PRO B 103 65.13 -47.22 43.75
N HIS B 104 64.02 -46.49 43.82
CA HIS B 104 62.87 -46.81 42.98
C HIS B 104 63.09 -46.66 41.49
N TYR B 105 64.01 -45.78 41.11
CA TYR B 105 64.36 -45.62 39.71
C TYR B 105 65.54 -46.51 39.23
N ALA B 106 66.10 -47.32 40.10
CA ALA B 106 67.09 -48.27 39.66
C ALA B 106 66.36 -49.44 39.00
N PRO B 107 67.01 -50.16 38.09
CA PRO B 107 66.34 -51.25 37.42
C PRO B 107 65.86 -52.28 38.43
N ALA B 108 64.87 -53.10 38.03
CA ALA B 108 64.40 -54.19 38.88
C ALA B 108 65.52 -55.12 39.34
N TRP B 109 66.45 -55.42 38.42
CA TRP B 109 67.59 -56.33 38.71
C TRP B 109 68.55 -55.72 39.73
N VAL B 110 68.44 -54.41 39.96
CA VAL B 110 69.19 -53.75 41.03
C VAL B 110 68.35 -53.71 42.31
N LYS B 111 67.20 -53.05 42.24
CA LYS B 111 66.46 -52.72 43.46
C LYS B 111 65.81 -53.94 44.15
N LEU B 112 65.66 -55.03 43.42
CA LEU B 112 65.09 -56.24 44.02
C LEU B 112 66.18 -57.27 44.39
N ASP B 113 67.47 -56.88 44.31
CA ASP B 113 68.58 -57.81 44.66
C ASP B 113 69.42 -57.22 45.77
N ASN B 114 68.94 -57.34 46.99
CA ASN B 114 69.59 -56.75 48.13
C ASN B 114 70.96 -57.41 48.43
N ALA B 115 71.08 -58.69 48.14
CA ALA B 115 72.33 -59.41 48.40
C ALA B 115 73.46 -58.79 47.60
N ARG B 116 73.21 -58.52 46.33
CA ARG B 116 74.20 -57.90 45.47
C ARG B 116 74.34 -56.38 45.71
N PHE B 117 73.20 -55.72 45.99
CA PHE B 117 73.12 -54.27 46.10
C PHE B 117 72.48 -53.91 47.43
N PRO B 118 73.29 -53.84 48.51
CA PRO B 118 72.74 -53.81 49.87
C PRO B 118 72.19 -52.49 50.36
N ARG B 119 71.12 -52.61 51.15
CA ARG B 119 70.50 -51.47 51.81
C ARG B 119 71.13 -51.14 53.12
N VAL B 120 70.93 -49.88 53.52
CA VAL B 120 71.21 -49.37 54.84
C VAL B 120 70.48 -50.22 55.89
N VAL B 121 71.22 -50.60 56.93
CA VAL B 121 70.70 -51.32 58.07
C VAL B 121 70.73 -50.43 59.26
N LYS B 122 69.62 -50.37 59.97
CA LYS B 122 69.49 -49.54 61.17
C LYS B 122 70.30 -50.16 62.32
N GLU B 123 70.54 -49.38 63.35
CA GLU B 123 71.24 -49.84 64.54
C GLU B 123 70.51 -51.01 65.18
N ASP B 124 69.18 -51.01 65.09
CA ASP B 124 68.37 -52.11 65.63
C ASP B 124 68.27 -53.34 64.72
N GLY B 125 68.99 -53.36 63.61
CA GLY B 125 68.97 -54.49 62.69
C GLY B 125 67.91 -54.47 61.58
N ASP B 126 66.91 -53.59 61.66
CA ASP B 126 65.93 -53.47 60.57
C ASP B 126 66.56 -52.81 59.36
N THR B 127 66.00 -53.09 58.19
CA THR B 127 66.55 -52.60 56.94
C THR B 127 65.65 -51.48 56.39
N LEU B 128 66.27 -50.44 55.83
CA LEU B 128 65.56 -49.33 55.20
C LEU B 128 65.71 -49.42 53.69
N ASN B 129 64.74 -48.88 52.94
CA ASN B 129 64.82 -48.91 51.49
C ASN B 129 65.67 -47.75 50.95
N SER B 130 66.98 -47.81 51.22
CA SER B 130 67.94 -46.77 50.88
C SER B 130 69.25 -47.52 50.71
N LEU B 131 69.83 -47.47 49.52
CA LEU B 131 71.02 -48.27 49.20
C LEU B 131 72.27 -47.74 49.87
N SER B 132 73.07 -48.64 50.45
CA SER B 132 74.24 -48.20 51.21
C SER B 132 75.30 -47.69 50.28
N PRO B 133 75.89 -46.52 50.59
CA PRO B 133 77.01 -46.01 49.79
C PRO B 133 78.28 -46.86 49.88
N LEU B 134 78.31 -47.83 50.78
CA LEU B 134 79.43 -48.76 50.87
C LEU B 134 79.25 -49.98 50.02
N GLY B 135 78.11 -50.11 49.31
CA GLY B 135 77.93 -51.19 48.36
C GLY B 135 78.76 -51.05 47.12
N GLN B 136 79.83 -51.85 47.02
CA GLN B 136 80.75 -51.69 45.90
C GLN B 136 80.15 -52.15 44.59
N ASN B 137 79.28 -53.16 44.62
CA ASN B 137 78.66 -53.61 43.36
C ASN B 137 77.73 -52.50 42.84
N THR B 138 77.06 -51.85 43.76
CA THR B 138 76.07 -50.79 43.43
C THR B 138 76.79 -49.63 42.75
N LEU B 139 77.88 -49.18 43.36
CA LEU B 139 78.74 -48.15 42.76
C LEU B 139 79.23 -48.52 41.36
N ALA B 140 79.74 -49.74 41.19
CA ALA B 140 80.23 -50.18 39.88
C ALA B 140 79.15 -50.20 38.82
N ALA B 141 77.95 -50.62 39.22
CA ALA B 141 76.84 -50.75 38.30
C ALA B 141 76.28 -49.36 37.91
N ASP B 142 76.15 -48.47 38.89
CA ASP B 142 75.63 -47.11 38.65
C ASP B 142 76.61 -46.40 37.69
N LYS B 143 77.88 -46.44 38.09
CA LYS B 143 78.97 -45.87 37.29
C LYS B 143 78.96 -46.36 35.86
N LYS B 144 78.82 -47.66 35.68
CA LYS B 144 78.82 -48.23 34.33
C LYS B 144 77.69 -47.68 33.47
N ALA B 145 76.48 -47.61 34.04
CA ALA B 145 75.34 -47.09 33.30
C ALA B 145 75.46 -45.58 33.02
N PHE B 146 75.97 -44.84 33.99
CA PHE B 146 76.16 -43.41 33.84
C PHE B 146 77.16 -43.11 32.74
N VAL B 147 78.21 -43.92 32.68
CA VAL B 147 79.21 -43.81 31.65
C VAL B 147 78.59 -44.05 30.28
N GLU B 148 77.70 -45.04 30.16
CA GLU B 148 77.01 -45.26 28.88
C GLU B 148 76.16 -44.06 28.48
N LEU B 149 75.48 -43.45 29.45
CA LEU B 149 74.67 -42.26 29.16
C LEU B 149 75.57 -41.11 28.64
N MET B 150 76.70 -40.90 29.32
CA MET B 150 77.64 -39.88 28.88
C MET B 150 78.24 -40.20 27.48
N LYS B 151 78.44 -41.47 27.18
CA LYS B 151 78.92 -41.86 25.84
C LYS B 151 77.89 -41.52 24.81
N TYR B 152 76.60 -41.72 25.14
CA TYR B 152 75.55 -41.38 24.21
C TYR B 152 75.61 -39.89 23.92
N LEU B 153 75.77 -39.09 24.96
CA LEU B 153 75.87 -37.64 24.75
C LEU B 153 77.14 -37.25 23.97
N ALA B 154 78.24 -37.92 24.28
CA ALA B 154 79.52 -37.62 23.61
C ALA B 154 79.35 -37.85 22.10
N LYS B 155 78.66 -38.92 21.73
CA LYS B 155 78.44 -39.27 20.34
C LYS B 155 77.30 -38.55 19.65
N ARG B 156 76.27 -38.16 20.41
CA ARG B 156 75.04 -37.66 19.81
C ARG B 156 74.61 -36.25 20.20
N ASP B 157 75.43 -35.56 20.99
CA ASP B 157 75.10 -34.21 21.40
C ASP B 157 76.31 -33.28 21.33
N LYS B 158 76.88 -33.23 20.12
CA LYS B 158 78.09 -32.45 19.82
C LYS B 158 77.96 -30.95 20.03
N ASP B 159 76.75 -30.40 19.90
CA ASP B 159 76.50 -28.98 20.16
C ASP B 159 76.02 -28.71 21.62
N HIS B 160 76.00 -29.73 22.45
CA HIS B 160 75.78 -29.58 23.90
C HIS B 160 74.39 -29.03 24.21
N THR B 161 73.38 -29.63 23.61
CA THR B 161 71.99 -29.34 23.99
C THR B 161 71.87 -29.55 25.50
N VAL B 162 72.45 -30.63 25.99
CA VAL B 162 72.57 -30.88 27.40
C VAL B 162 73.75 -30.12 27.94
N ILE B 163 73.47 -29.21 28.88
CA ILE B 163 74.49 -28.33 29.41
C ILE B 163 75.01 -28.71 30.78
N MET B 164 74.28 -29.58 31.50
CA MET B 164 74.65 -29.94 32.84
C MET B 164 73.93 -31.25 33.17
N VAL B 165 74.53 -32.03 34.05
CA VAL B 165 73.92 -33.28 34.51
C VAL B 165 73.88 -33.29 36.04
N GLN B 166 72.71 -33.65 36.58
CA GLN B 166 72.56 -33.85 38.02
C GLN B 166 72.82 -35.31 38.30
N VAL B 167 73.72 -35.57 39.24
CA VAL B 167 74.14 -36.95 39.58
C VAL B 167 73.37 -37.39 40.81
N GLN B 168 72.47 -38.35 40.62
CA GLN B 168 71.47 -38.77 41.61
C GLN B 168 70.42 -37.67 41.83
N ASN B 169 69.46 -37.94 42.71
CA ASN B 169 68.48 -36.97 43.11
C ASN B 169 68.17 -37.08 44.59
N GLU B 170 68.51 -36.03 45.33
CA GLU B 170 68.30 -35.98 46.77
C GLU B 170 68.77 -37.27 47.45
N VAL B 171 70.08 -37.42 47.47
CA VAL B 171 70.72 -38.55 48.16
C VAL B 171 70.53 -38.44 49.67
N GLY B 172 70.74 -39.56 50.33
CA GLY B 172 70.70 -39.62 51.77
C GLY B 172 69.78 -40.71 52.24
N THR B 173 69.47 -40.66 53.52
CA THR B 173 68.63 -41.67 54.16
C THR B 173 67.67 -41.05 55.18
N TYR B 174 66.39 -41.40 55.06
CA TYR B 174 65.41 -41.12 56.06
C TYR B 174 65.29 -42.33 56.97
N GLY B 175 65.14 -42.07 58.27
CA GLY B 175 64.82 -43.13 59.26
C GLY B 175 66.05 -43.70 59.97
N ALA B 176 67.25 -43.29 59.55
CA ALA B 176 68.50 -43.62 60.23
C ALA B 176 69.54 -42.58 59.82
N VAL B 177 70.60 -42.48 60.60
CA VAL B 177 71.65 -41.48 60.36
C VAL B 177 72.70 -41.99 59.38
N ARG B 178 72.94 -43.30 59.39
CA ARG B 178 73.90 -43.93 58.50
C ARG B 178 73.57 -45.40 58.36
N ASP B 179 74.35 -46.10 57.57
CA ASP B 179 74.35 -47.56 57.52
C ASP B 179 75.06 -48.07 58.78
N TYR B 180 74.40 -48.97 59.49
CA TYR B 180 74.98 -49.64 60.65
C TYR B 180 75.22 -51.12 60.39
N SER B 181 75.23 -51.52 59.13
CA SER B 181 75.52 -52.90 58.79
C SER B 181 76.95 -53.24 59.23
N PRO B 182 77.27 -54.54 59.33
CA PRO B 182 78.64 -54.94 59.65
C PRO B 182 79.66 -54.35 58.68
N MET B 183 79.35 -54.40 57.39
CA MET B 183 80.18 -53.78 56.33
C MET B 183 80.49 -52.33 56.61
N ALA B 184 79.45 -51.58 56.96
CA ALA B 184 79.64 -50.15 57.26
C ALA B 184 80.34 -49.93 58.59
N GLN B 185 79.94 -50.68 59.59
CA GLN B 185 80.50 -50.59 60.93
C GLN B 185 82.04 -50.77 60.91
N ALA B 186 82.53 -51.68 60.07
CA ALA B 186 83.94 -51.93 59.92
C ALA B 186 84.69 -50.70 59.43
N VAL B 187 84.07 -49.97 58.50
CA VAL B 187 84.69 -48.75 57.97
C VAL B 187 84.59 -47.61 59.01
N PHE B 188 83.46 -47.53 59.69
CA PHE B 188 83.25 -46.54 60.74
C PHE B 188 84.27 -46.70 61.87
N ASN B 189 84.52 -47.94 62.26
CA ASN B 189 85.44 -48.23 63.35
C ASN B 189 86.90 -47.96 62.98
N ALA B 190 87.20 -47.95 61.70
CA ALA B 190 88.54 -47.70 61.20
C ALA B 190 88.90 -46.21 61.21
N ALA B 191 90.14 -45.92 60.81
CA ALA B 191 90.63 -44.56 60.74
C ALA B 191 89.88 -43.74 59.71
N VAL B 192 89.63 -42.49 60.04
CA VAL B 192 89.11 -41.51 59.08
C VAL B 192 90.19 -41.36 57.99
N PRO B 193 89.79 -41.42 56.70
CA PRO B 193 90.77 -41.30 55.63
C PRO B 193 91.66 -40.05 55.74
N ASP B 194 92.94 -40.22 55.38
CA ASP B 194 93.95 -39.16 55.55
C ASP B 194 93.58 -37.90 54.81
N ASP B 195 93.08 -38.04 53.58
CA ASP B 195 92.75 -36.89 52.75
C ASP B 195 91.71 -35.99 53.42
N LEU B 196 90.72 -36.60 54.06
CA LEU B 196 89.72 -35.83 54.77
C LEU B 196 90.35 -35.13 55.98
N ILE B 197 91.16 -35.86 56.73
CA ILE B 197 91.83 -35.29 57.90
C ILE B 197 92.70 -34.07 57.48
N GLN B 198 93.45 -34.22 56.39
CA GLN B 198 94.26 -33.12 55.82
C GLN B 198 93.38 -31.93 55.50
N LYS B 199 92.36 -32.19 54.68
CA LYS B 199 91.50 -31.12 54.14
C LYS B 199 90.77 -30.34 55.21
N LEU B 200 90.38 -31.00 56.29
CA LEU B 200 89.73 -30.28 57.40
C LEU B 200 90.72 -29.85 58.51
N GLN B 201 92.01 -30.12 58.34
CA GLN B 201 93.05 -29.75 59.32
C GLN B 201 92.68 -30.27 60.70
N LEU B 202 92.50 -31.59 60.80
CA LEU B 202 92.09 -32.23 62.06
C LEU B 202 93.17 -33.18 62.55
N LYS B 203 93.02 -33.65 63.80
CA LYS B 203 93.89 -34.67 64.38
C LYS B 203 93.40 -36.07 63.92
N PRO B 204 94.31 -36.94 63.45
CA PRO B 204 93.90 -38.27 62.97
C PRO B 204 93.18 -39.09 64.02
N GLY B 205 92.47 -40.12 63.57
CA GLY B 205 91.67 -40.94 64.49
C GLY B 205 90.57 -41.73 63.76
N THR B 206 89.80 -42.48 64.55
CA THR B 206 88.62 -43.17 64.03
C THR B 206 87.49 -42.16 63.95
N TRP B 207 86.42 -42.54 63.25
CA TRP B 207 85.29 -41.62 63.04
C TRP B 207 84.79 -41.08 64.35
N SER B 208 84.56 -41.95 65.33
CA SER B 208 84.02 -41.50 66.61
C SER B 208 84.98 -40.60 67.35
N GLN B 209 86.25 -40.90 67.24
CA GLN B 209 87.28 -40.13 67.93
C GLN B 209 87.34 -38.72 67.37
N VAL B 210 87.41 -38.60 66.06
CA VAL B 210 87.64 -37.28 65.48
C VAL B 210 86.36 -36.45 65.42
N PHE B 211 85.20 -37.08 65.24
CA PHE B 211 83.96 -36.31 65.06
C PHE B 211 82.95 -36.35 66.20
N GLY B 212 83.11 -37.26 67.15
CA GLY B 212 82.25 -37.31 68.31
C GLY B 212 80.77 -37.44 68.01
N ARG B 213 79.98 -36.50 68.51
CA ARG B 213 78.52 -36.51 68.36
C ARG B 213 78.09 -36.42 66.87
N ASP B 214 78.99 -35.96 65.97
CA ASP B 214 78.70 -35.83 64.53
C ASP B 214 79.19 -37.00 63.68
N ALA B 215 79.77 -38.02 64.31
CA ALA B 215 80.45 -39.05 63.58
C ALA B 215 79.54 -39.84 62.65
N ASP B 216 78.37 -40.21 63.16
CA ASP B 216 77.42 -41.00 62.36
C ASP B 216 77.00 -40.25 61.07
N GLU B 217 76.58 -39.02 61.25
CA GLU B 217 76.09 -38.18 60.12
C GLU B 217 77.21 -37.80 59.18
N PHE B 218 78.37 -37.41 59.70
CA PHE B 218 79.49 -37.04 58.82
C PHE B 218 80.00 -38.21 58.06
N PHE B 219 79.95 -39.39 58.67
CA PHE B 219 80.34 -40.62 57.99
C PHE B 219 79.43 -40.90 56.79
N HIS B 220 78.11 -40.81 57.00
CA HIS B 220 77.16 -41.09 55.89
C HIS B 220 77.37 -40.07 54.79
N ALA B 221 77.48 -38.79 55.17
CA ALA B 221 77.75 -37.71 54.19
C ALA B 221 79.03 -37.97 53.42
N TYR B 222 80.08 -38.36 54.14
CA TYR B 222 81.35 -38.66 53.47
C TYR B 222 81.24 -39.80 52.50
N GLN B 223 80.63 -40.91 52.92
CA GLN B 223 80.55 -42.07 52.04
C GLN B 223 79.69 -41.83 50.79
N ILE B 224 78.57 -41.14 50.97
CA ILE B 224 77.72 -40.78 49.85
C ILE B 224 78.46 -39.84 48.92
N ALA B 225 79.11 -38.82 49.49
CA ALA B 225 79.88 -37.88 48.69
C ALA B 225 80.94 -38.60 47.83
N ARG B 226 81.68 -39.54 48.42
CA ARG B 226 82.67 -40.30 47.68
C ARG B 226 82.03 -41.07 46.54
N TYR B 227 80.90 -41.73 46.83
CA TYR B 227 80.17 -42.51 45.81
C TYR B 227 79.79 -41.59 44.65
N CYS B 228 79.15 -40.46 44.97
CA CYS B 228 78.74 -39.54 43.89
C CYS B 228 79.93 -38.96 43.16
N ASP B 229 81.02 -38.70 43.88
CA ASP B 229 82.23 -38.18 43.24
C ASP B 229 82.79 -39.21 42.25
N GLU B 230 82.80 -40.47 42.62
CA GLU B 230 83.30 -41.50 41.70
C GLU B 230 82.44 -41.66 40.44
N VAL B 231 81.11 -41.62 40.60
CA VAL B 231 80.22 -41.65 39.45
C VAL B 231 80.48 -40.45 38.54
N THR B 232 80.62 -39.29 39.17
CA THR B 232 80.85 -38.00 38.47
C THR B 232 82.14 -38.05 37.65
N VAL B 233 83.22 -38.46 38.29
CA VAL B 233 84.54 -38.58 37.60
C VAL B 233 84.49 -39.47 36.40
N ALA B 234 83.83 -40.63 36.54
CA ALA B 234 83.75 -41.60 35.44
C ALA B 234 82.98 -41.03 34.25
N GLY B 235 81.90 -40.32 34.54
CA GLY B 235 81.12 -39.70 33.50
C GLY B 235 81.87 -38.58 32.83
N LYS B 236 82.51 -37.73 33.63
CA LYS B 236 83.26 -36.60 33.08
C LYS B 236 84.46 -37.03 32.21
N ALA B 237 85.03 -38.20 32.52
CA ALA B 237 86.10 -38.74 31.71
C ALA B 237 85.60 -39.00 30.29
N ILE B 238 84.30 -39.24 30.12
CA ILE B 238 83.71 -39.44 28.81
C ILE B 238 83.37 -38.10 28.15
N LYS B 239 82.64 -37.26 28.87
CA LYS B 239 82.36 -35.91 28.37
C LYS B 239 82.28 -35.00 29.59
N ASN B 240 83.12 -33.98 29.61
CA ASN B 240 83.35 -33.18 30.81
C ASN B 240 82.32 -32.06 30.96
N LEU B 241 81.04 -32.44 31.07
CA LEU B 241 79.99 -31.46 31.39
C LEU B 241 80.01 -31.08 32.87
N PRO B 242 79.53 -29.88 33.21
CA PRO B 242 79.27 -29.58 34.60
C PRO B 242 78.27 -30.55 35.21
N MET B 243 78.53 -30.94 36.45
CA MET B 243 77.67 -31.90 37.16
C MET B 243 77.51 -31.45 38.59
N TYR B 244 76.31 -31.72 39.14
CA TYR B 244 75.98 -31.23 40.46
C TYR B 244 75.08 -32.22 41.18
N VAL B 245 74.94 -32.01 42.48
CA VAL B 245 73.97 -32.74 43.28
C VAL B 245 72.97 -31.75 43.88
N ASN B 246 71.73 -32.22 44.08
CA ASN B 246 70.68 -31.43 44.67
C ASN B 246 70.27 -31.93 46.08
N VAL B 247 69.97 -31.00 46.95
CA VAL B 247 69.82 -31.30 48.36
C VAL B 247 68.36 -31.26 48.83
N ALA B 248 67.93 -32.34 49.49
CA ALA B 248 66.75 -32.32 50.34
C ALA B 248 67.14 -31.57 51.63
N LEU B 249 66.71 -30.33 51.72
CA LEU B 249 67.19 -29.41 52.75
C LEU B 249 66.68 -29.73 54.12
N ARG B 250 67.51 -29.47 55.13
CA ARG B 250 67.01 -29.39 56.48
C ARG B 250 66.67 -27.92 56.75
N ASN B 251 65.74 -27.69 57.65
CA ASN B 251 65.42 -26.35 58.04
C ASN B 251 66.65 -25.75 58.68
N PRO B 252 67.13 -24.61 58.14
CA PRO B 252 68.39 -24.08 58.60
C PRO B 252 68.32 -23.48 60.00
N PHE B 253 67.13 -23.10 60.45
CA PHE B 253 66.95 -22.47 61.77
C PHE B 253 66.62 -23.47 62.87
N ASN B 254 66.04 -24.60 62.48
CA ASN B 254 65.41 -25.54 63.41
C ASN B 254 65.33 -26.90 62.68
N PRO B 255 66.48 -27.55 62.49
CA PRO B 255 66.58 -28.68 61.56
C PRO B 255 65.94 -29.98 62.04
N GLY B 256 65.84 -30.18 63.33
CA GLY B 256 65.54 -31.51 63.82
C GLY B 256 66.74 -32.40 63.58
N LEU B 257 66.53 -33.71 63.65
CA LEU B 257 67.67 -34.67 63.69
C LEU B 257 67.89 -35.31 62.35
N PRO B 258 69.15 -35.65 62.04
CA PRO B 258 69.38 -36.39 60.84
C PRO B 258 68.60 -37.71 60.85
N GLY B 259 68.02 -38.09 59.71
CA GLY B 259 67.10 -39.23 59.66
C GLY B 259 65.68 -38.76 59.64
N GLN B 260 65.38 -37.65 60.33
CA GLN B 260 64.09 -36.95 60.14
C GLN B 260 64.19 -36.17 58.86
N TYR B 261 65.24 -35.36 58.75
CA TYR B 261 65.68 -34.88 57.46
C TYR B 261 66.53 -35.95 56.81
N SER B 262 66.83 -35.79 55.51
CA SER B 262 67.57 -36.79 54.76
C SER B 262 69.07 -36.76 55.13
N SER B 263 69.51 -37.73 55.93
CA SER B 263 70.88 -37.74 56.45
C SER B 263 71.85 -38.11 55.37
N GLY B 264 72.93 -37.36 55.25
CA GLY B 264 74.01 -37.69 54.34
C GLY B 264 74.02 -36.85 53.09
N GLY B 265 72.91 -36.20 52.79
CA GLY B 265 72.87 -35.24 51.70
C GLY B 265 73.63 -33.99 52.07
N GLY B 266 73.76 -33.07 51.11
CA GLY B 266 74.53 -31.82 51.27
C GLY B 266 73.85 -30.76 52.09
N THR B 267 73.36 -31.16 53.27
CA THR B 267 72.74 -30.23 54.21
C THR B 267 73.77 -29.22 54.71
N ASP B 268 73.31 -28.13 55.31
CA ASP B 268 74.20 -27.00 55.53
C ASP B 268 75.32 -27.34 56.52
N ASN B 269 75.03 -28.26 57.43
CA ASN B 269 76.03 -28.67 58.44
C ASN B 269 77.07 -29.65 57.93
N VAL B 270 76.90 -30.19 56.70
CA VAL B 270 77.90 -31.09 56.13
C VAL B 270 78.46 -30.65 54.77
N LEU B 271 78.29 -29.38 54.42
CA LEU B 271 78.88 -28.85 53.19
C LEU B 271 80.40 -28.92 53.18
N HIS B 272 81.01 -28.73 54.35
CA HIS B 272 82.48 -28.91 54.45
C HIS B 272 82.95 -30.35 54.16
N ILE B 273 82.17 -31.34 54.60
CA ILE B 273 82.48 -32.74 54.30
C ILE B 273 82.32 -33.02 52.82
N TRP B 274 81.18 -32.61 52.24
CA TRP B 274 80.94 -32.78 50.81
C TRP B 274 82.01 -32.11 49.92
N LYS B 275 82.44 -30.90 50.27
CA LYS B 275 83.45 -30.18 49.47
C LYS B 275 84.82 -30.86 49.56
N ALA B 276 85.15 -31.37 50.73
CA ALA B 276 86.41 -32.15 50.91
C ALA B 276 86.35 -33.50 50.21
N ALA B 277 85.21 -34.19 50.29
CA ALA B 277 85.10 -35.54 49.76
C ALA B 277 84.90 -35.62 48.26
N ALA B 278 84.26 -34.60 47.67
CA ALA B 278 83.82 -34.71 46.29
C ALA B 278 84.27 -33.51 45.47
N PRO B 279 85.58 -33.40 45.25
CA PRO B 279 86.11 -32.22 44.57
C PRO B 279 85.75 -32.20 43.09
N ASN B 280 85.28 -33.31 42.54
CA ASN B 280 84.88 -33.33 41.13
C ASN B 280 83.44 -32.88 40.84
N ILE B 281 82.64 -32.81 41.89
CA ILE B 281 81.28 -32.31 41.77
C ILE B 281 81.34 -30.78 41.77
N ASP B 282 80.76 -30.18 40.75
CA ASP B 282 80.91 -28.74 40.55
C ASP B 282 80.22 -27.86 41.60
N LEU B 283 79.00 -28.21 41.99
CA LEU B 283 78.28 -27.45 42.97
C LEU B 283 77.25 -28.32 43.67
N ILE B 284 76.78 -27.82 44.80
CA ILE B 284 75.77 -28.45 45.61
C ILE B 284 74.58 -27.48 45.61
N ALA B 285 73.43 -27.97 45.13
CA ALA B 285 72.28 -27.13 44.82
C ALA B 285 71.12 -27.35 45.78
N PRO B 286 70.57 -26.28 46.38
CA PRO B 286 69.42 -26.43 47.24
C PRO B 286 68.11 -26.65 46.46
N ASP B 287 67.25 -27.51 47.00
CA ASP B 287 65.87 -27.69 46.54
C ASP B 287 64.97 -26.97 47.53
N ILE B 288 64.35 -25.87 47.10
CA ILE B 288 63.70 -24.96 47.99
C ILE B 288 62.20 -25.09 47.98
N TYR B 289 61.64 -25.60 49.07
CA TYR B 289 60.20 -25.67 49.25
C TYR B 289 59.68 -24.97 50.51
N PHE B 290 60.56 -24.31 51.27
CA PHE B 290 60.11 -23.44 52.35
C PHE B 290 59.47 -22.21 51.70
N ARG B 291 58.31 -21.76 52.16
CA ARG B 291 57.57 -20.68 51.48
C ARG B 291 57.95 -19.29 51.97
N ASP B 292 58.40 -19.25 53.22
CA ASP B 292 58.57 -17.99 53.92
C ASP B 292 59.93 -17.34 53.65
N TYR B 293 59.86 -16.03 53.50
CA TYR B 293 60.97 -15.21 53.08
C TYR B 293 62.24 -15.39 53.91
N LYS B 294 62.10 -15.37 55.24
CA LYS B 294 63.29 -15.47 56.09
C LYS B 294 64.04 -16.77 55.88
N THR B 295 63.31 -17.89 55.77
CA THR B 295 63.94 -19.18 55.66
C THR B 295 64.55 -19.38 54.27
N VAL B 296 63.82 -18.95 53.24
CA VAL B 296 64.36 -18.98 51.90
C VAL B 296 65.62 -18.13 51.81
N SER B 297 65.59 -16.92 52.37
CA SER B 297 66.76 -16.04 52.34
C SER B 297 67.97 -16.68 53.01
N LYS B 298 67.73 -17.35 54.13
CA LYS B 298 68.79 -18.04 54.86
C LYS B 298 69.41 -19.17 54.03
N VAL B 299 68.56 -19.94 53.34
CA VAL B 299 69.04 -21.00 52.47
C VAL B 299 69.89 -20.46 51.36
N LEU B 300 69.45 -19.38 50.72
CA LEU B 300 70.25 -18.77 49.66
C LEU B 300 71.60 -18.30 50.20
N GLU B 301 71.61 -17.74 51.40
CA GLU B 301 72.86 -17.28 52.04
C GLU B 301 73.81 -18.47 52.31
N LEU B 302 73.28 -19.58 52.83
CA LEU B 302 74.09 -20.76 53.14
C LEU B 302 74.68 -21.45 51.93
N TYR B 303 73.95 -21.50 50.83
CA TYR B 303 74.43 -22.22 49.66
C TYR B 303 75.24 -21.34 48.67
N THR B 304 75.26 -20.04 48.86
CA THR B 304 76.09 -19.14 48.05
C THR B 304 77.40 -18.96 48.78
N ARG B 305 78.46 -19.54 48.23
CA ARG B 305 79.78 -19.53 48.89
C ARG B 305 80.87 -19.28 47.88
N PRO B 306 82.04 -18.78 48.34
CA PRO B 306 83.14 -18.70 47.40
C PRO B 306 83.44 -20.04 46.72
N ASP B 307 83.22 -21.15 47.41
CA ASP B 307 83.44 -22.49 46.82
C ASP B 307 82.17 -23.15 46.28
N ASN B 308 81.06 -22.44 46.19
CA ASN B 308 79.79 -23.03 45.74
C ASN B 308 78.90 -22.03 45.00
N ALA B 309 78.84 -22.19 43.69
CA ALA B 309 77.91 -21.46 42.84
C ALA B 309 76.49 -21.76 43.31
N LEU B 310 75.65 -20.73 43.30
CA LEU B 310 74.25 -20.90 43.65
C LEU B 310 73.43 -21.33 42.43
N PHE B 311 72.82 -22.50 42.53
CA PHE B 311 71.86 -22.95 41.54
C PHE B 311 70.64 -23.44 42.30
N VAL B 312 69.50 -22.78 42.11
CA VAL B 312 68.24 -23.23 42.73
C VAL B 312 67.66 -24.31 41.81
N ALA B 313 68.09 -25.55 42.07
CA ALA B 313 67.86 -26.67 41.18
C ALA B 313 66.40 -27.08 41.17
N GLU B 314 65.71 -26.83 42.28
CA GLU B 314 64.26 -26.97 42.39
C GLU B 314 63.71 -25.89 43.27
N ILE B 315 62.53 -25.39 42.93
CA ILE B 315 61.78 -24.53 43.84
C ILE B 315 60.30 -24.81 43.65
N GLY B 316 59.49 -24.63 44.70
CA GLY B 316 58.05 -24.85 44.56
C GLY B 316 57.43 -24.02 43.46
N ASN B 317 56.32 -24.50 42.88
CA ASN B 317 55.70 -23.79 41.77
C ASN B 317 54.46 -22.97 42.13
N ASP B 318 54.18 -22.81 43.42
CA ASP B 318 53.10 -21.96 43.85
C ASP B 318 53.56 -20.51 43.74
N GLN B 319 52.59 -19.62 43.65
CA GLN B 319 52.83 -18.19 43.43
C GLN B 319 53.89 -17.52 44.29
N PRO B 320 53.90 -17.77 45.60
CA PRO B 320 54.89 -17.06 46.43
C PRO B 320 56.37 -17.30 46.09
N PHE B 321 56.66 -18.39 45.39
CA PHE B 321 58.04 -18.75 45.09
C PHE B 321 58.66 -17.93 43.95
N ALA B 322 57.83 -17.34 43.08
CA ALA B 322 58.33 -16.69 41.86
C ALA B 322 59.28 -15.55 42.17
N ARG B 323 59.00 -14.79 43.22
CA ARG B 323 59.80 -13.62 43.55
C ARG B 323 61.20 -13.96 44.04
N TYR B 324 61.44 -15.20 44.40
CA TYR B 324 62.79 -15.61 44.83
C TYR B 324 63.79 -15.71 43.69
N LEU B 325 63.31 -15.60 42.47
CA LEU B 325 64.21 -15.38 41.34
C LEU B 325 65.16 -14.17 41.57
N PHE B 326 64.61 -13.09 42.12
CA PHE B 326 65.38 -11.85 42.23
C PHE B 326 66.58 -11.95 43.17
N PRO B 327 66.37 -12.36 44.45
CA PRO B 327 67.56 -12.60 45.30
C PRO B 327 68.50 -13.73 44.81
N THR B 328 67.96 -14.77 44.17
CA THR B 328 68.79 -15.81 43.57
C THR B 328 69.79 -15.18 42.57
N LEU B 329 69.29 -14.39 41.63
CA LEU B 329 70.16 -13.75 40.66
C LEU B 329 71.04 -12.71 41.34
N GLY B 330 70.50 -12.00 42.33
CA GLY B 330 71.23 -10.96 43.03
C GLY B 330 72.45 -11.50 43.75
N LYS B 331 72.40 -12.77 44.16
CA LYS B 331 73.55 -13.41 44.78
C LYS B 331 74.54 -13.94 43.79
N GLY B 332 74.32 -13.69 42.50
CA GLY B 332 75.17 -14.24 41.49
C GLY B 332 74.82 -15.66 41.11
N GLY B 333 73.58 -16.07 41.41
CA GLY B 333 73.12 -17.38 41.03
C GLY B 333 73.19 -17.65 39.54
N ILE B 334 73.42 -18.91 39.19
CA ILE B 334 73.53 -19.31 37.80
C ILE B 334 72.20 -19.78 37.24
N GLY B 335 71.21 -19.95 38.10
CA GLY B 335 69.95 -20.46 37.62
C GLY B 335 68.91 -20.75 38.69
N PHE B 336 67.71 -21.09 38.21
CA PHE B 336 66.49 -21.13 39.02
C PHE B 336 65.51 -22.01 38.28
N SER B 337 64.94 -23.01 38.93
CA SER B 337 64.15 -24.00 38.23
C SER B 337 62.92 -24.49 39.01
N PRO B 338 61.77 -23.87 38.78
CA PRO B 338 60.51 -24.33 39.44
C PRO B 338 60.13 -25.75 39.05
N PHE B 339 59.66 -26.50 40.06
CA PHE B 339 59.37 -27.91 39.91
C PHE B 339 57.92 -28.17 39.57
N GLY B 340 57.71 -29.12 38.65
CA GLY B 340 56.40 -29.62 38.32
C GLY B 340 55.71 -28.80 37.26
N MET B 341 56.47 -28.24 36.32
CA MET B 341 55.92 -27.39 35.27
C MET B 341 55.52 -28.19 34.03
N ASP B 342 54.54 -29.05 34.21
CA ASP B 342 53.99 -29.76 33.08
C ASP B 342 52.55 -30.12 33.37
N ASP B 343 51.85 -30.53 32.30
CA ASP B 343 50.41 -30.81 32.41
C ASP B 343 50.14 -32.30 32.39
N THR B 344 50.96 -33.07 33.11
CA THR B 344 50.74 -34.51 33.21
C THR B 344 49.82 -34.93 34.37
N ASP B 345 48.94 -34.04 34.82
CA ASP B 345 47.90 -34.36 35.78
C ASP B 345 48.51 -34.68 37.15
N TYR B 346 49.33 -33.77 37.66
CA TYR B 346 49.87 -33.92 38.98
C TYR B 346 50.19 -32.59 39.61
N THR B 347 49.96 -32.49 40.91
CA THR B 347 50.40 -31.33 41.71
CA THR B 347 50.37 -31.32 41.71
C THR B 347 50.98 -31.85 43.01
N ASN B 348 52.12 -31.27 43.42
CA ASN B 348 52.72 -31.66 44.69
C ASN B 348 52.27 -30.76 45.85
N TYR B 349 51.17 -30.02 45.64
CA TYR B 349 50.47 -29.38 46.74
C TYR B 349 50.35 -30.38 47.88
N PRO B 350 50.64 -29.96 49.12
CA PRO B 350 50.90 -28.62 49.62
C PRO B 350 52.26 -27.96 49.36
N LEU B 351 53.22 -28.65 48.74
CA LEU B 351 54.50 -28.01 48.43
C LEU B 351 54.36 -26.96 47.36
N GLY B 352 53.63 -27.29 46.31
CA GLY B 352 53.43 -26.44 45.14
C GLY B 352 52.02 -25.95 45.00
N ALA B 353 51.67 -25.55 43.77
CA ALA B 353 50.39 -24.91 43.50
C ALA B 353 49.27 -25.92 43.67
N LYS B 354 48.15 -25.50 44.25
CA LYS B 354 46.98 -26.40 44.38
C LYS B 354 46.44 -26.81 43.01
N VAL B 355 46.43 -25.91 42.04
CA VAL B 355 45.95 -26.24 40.68
C VAL B 355 47.02 -25.80 39.68
N TYR B 356 47.28 -26.65 38.69
CA TYR B 356 48.19 -26.35 37.61
C TYR B 356 47.44 -25.84 36.40
N ASN B 357 47.59 -24.56 36.11
CA ASN B 357 46.90 -23.94 35.01
C ASN B 357 47.71 -22.76 34.50
N ASP B 358 47.17 -22.02 33.53
CA ASP B 358 47.91 -20.95 32.91
C ASP B 358 48.34 -19.90 33.92
N GLU B 359 47.47 -19.63 34.91
CA GLU B 359 47.78 -18.67 35.95
C GLU B 359 49.00 -19.10 36.79
N THR B 360 49.09 -20.38 37.12
CA THR B 360 50.29 -20.90 37.78
C THR B 360 51.55 -20.59 37.00
N ILE B 361 51.51 -20.86 35.70
CA ILE B 361 52.68 -20.66 34.83
C ILE B 361 52.99 -19.19 34.74
N GLU B 362 51.95 -18.38 34.61
CA GLU B 362 52.11 -16.95 34.37
C GLU B 362 52.87 -16.26 35.50
N GLN B 363 52.80 -16.76 36.74
CA GLN B 363 53.50 -16.10 37.84
C GLN B 363 55.02 -16.15 37.58
N PHE B 364 55.47 -17.25 37.01
CA PHE B 364 56.88 -17.35 36.63
C PHE B 364 57.19 -16.66 35.30
N ALA B 365 56.29 -16.75 34.34
CA ALA B 365 56.51 -16.10 33.05
C ALA B 365 56.76 -14.63 33.23
N GLN B 366 56.02 -14.01 34.15
CA GLN B 366 56.11 -12.58 34.33
C GLN B 366 57.47 -12.14 34.88
N VAL B 367 58.11 -12.96 35.72
CA VAL B 367 59.44 -12.62 36.20
C VAL B 367 60.54 -13.04 35.22
N TYR B 368 60.36 -14.13 34.51
CA TYR B 368 61.30 -14.52 33.44
C TYR B 368 61.37 -13.45 32.33
N ARG B 369 60.24 -12.79 32.04
CA ARG B 369 60.20 -11.75 31.02
CA ARG B 369 60.19 -11.75 31.00
C ARG B 369 61.09 -10.56 31.32
N LEU B 370 61.45 -10.39 32.59
CA LEU B 370 62.36 -9.32 33.00
C LEU B 370 63.82 -9.66 32.70
N VAL B 371 64.14 -10.95 32.69
CA VAL B 371 65.53 -11.40 32.56
C VAL B 371 65.90 -11.87 31.15
N ASN B 372 64.98 -12.57 30.50
CA ASN B 372 65.18 -13.06 29.12
C ASN B 372 65.75 -12.02 28.17
N PRO B 373 65.21 -10.80 28.15
CA PRO B 373 65.73 -9.82 27.19
C PRO B 373 67.18 -9.36 27.43
N MET B 374 67.70 -9.57 28.64
CA MET B 374 69.07 -9.24 28.94
C MET B 374 69.87 -10.45 29.48
N MET B 375 69.48 -11.67 29.13
CA MET B 375 70.03 -12.81 29.84
C MET B 375 71.56 -12.86 29.77
N ARG B 376 72.13 -12.75 28.55
CA ARG B 376 73.61 -12.85 28.41
C ARG B 376 74.34 -11.68 29.05
N GLU B 377 73.75 -10.49 28.95
CA GLU B 377 74.34 -9.30 29.55
C GLU B 377 74.31 -9.37 31.06
N TRP B 378 73.17 -9.76 31.63
CA TRP B 378 73.07 -9.99 33.07
C TRP B 378 74.06 -11.07 33.54
N ALA B 379 74.14 -12.18 32.81
CA ALA B 379 75.01 -13.26 33.20
C ALA B 379 76.47 -12.79 33.31
N ARG B 380 76.92 -11.99 32.35
CA ARG B 380 78.27 -11.44 32.36
C ARG B 380 78.47 -10.52 33.56
N LEU B 381 77.54 -9.61 33.79
CA LEU B 381 77.65 -8.69 34.91
C LEU B 381 77.65 -9.41 36.27
N SER B 382 76.88 -10.48 36.34
CA SER B 382 76.76 -11.29 37.54
C SER B 382 78.02 -12.12 37.83
N TYR B 383 78.89 -12.27 36.85
CA TYR B 383 80.16 -12.96 37.07
C TYR B 383 81.27 -11.97 37.27
N GLN B 384 81.36 -11.02 36.36
CA GLN B 384 82.48 -10.08 36.24
C GLN B 384 82.29 -8.81 37.03
N GLY B 385 81.07 -8.50 37.41
CA GLY B 385 80.74 -7.18 37.97
C GLY B 385 79.97 -7.24 39.27
N GLN B 386 79.17 -6.22 39.49
CA GLN B 386 78.42 -6.14 40.73
C GLN B 386 76.95 -6.14 40.39
N VAL B 387 76.25 -7.05 41.05
CA VAL B 387 74.80 -7.18 40.91
C VAL B 387 74.16 -7.25 42.28
N TRP B 388 72.88 -6.91 42.33
CA TRP B 388 72.07 -6.98 43.52
C TRP B 388 70.69 -7.45 43.10
N GLY B 389 70.00 -8.09 44.03
CA GLY B 389 68.63 -8.57 43.78
C GLY B 389 67.91 -8.74 45.09
N VAL B 390 66.68 -8.27 45.14
CA VAL B 390 65.84 -8.37 46.34
C VAL B 390 64.43 -8.80 45.98
N ALA B 391 63.77 -9.41 46.97
CA ALA B 391 62.37 -9.78 46.91
C ALA B 391 61.59 -9.19 48.07
N GLU B 392 60.29 -9.06 47.86
CA GLU B 392 59.37 -8.49 48.82
C GLU B 392 59.46 -9.30 50.11
N PRO B 393 59.87 -8.65 51.21
CA PRO B 393 60.28 -9.38 52.39
C PRO B 393 59.22 -9.75 53.41
N LEU B 394 57.99 -9.32 53.21
CA LEU B 394 56.90 -9.81 54.02
C LEU B 394 56.10 -10.78 53.17
N ASP B 395 55.81 -11.95 53.74
CA ASP B 395 54.95 -12.91 53.12
C ASP B 395 53.52 -12.40 53.11
N SER B 396 52.66 -13.02 52.31
CA SER B 396 51.27 -12.55 52.22
C SER B 396 50.62 -12.66 53.61
N THR B 397 49.75 -11.70 53.93
CA THR B 397 49.09 -11.66 55.22
C THR B 397 48.21 -12.90 55.43
N THR B 398 48.33 -13.54 56.59
CA THR B 398 47.52 -14.73 56.91
C THR B 398 46.08 -14.36 57.29
N GLU B 399 45.18 -15.34 57.28
CA GLU B 399 43.82 -15.16 57.80
C GLU B 399 43.86 -14.83 59.30
N THR B 400 44.70 -15.56 60.05
CA THR B 400 44.97 -15.26 61.47
C THR B 400 45.38 -13.79 61.71
N GLN B 401 46.27 -13.26 60.85
CA GLN B 401 46.72 -11.87 60.96
C GLN B 401 45.65 -10.89 60.48
N LYS B 402 44.85 -11.29 59.49
CA LYS B 402 43.72 -10.48 59.01
C LYS B 402 42.63 -10.35 60.10
N ILE B 403 42.50 -11.36 60.96
CA ILE B 403 41.61 -11.28 62.14
C ILE B 403 42.21 -10.40 63.25
N TRP B 404 43.46 -10.68 63.64
CA TRP B 404 44.19 -9.86 64.63
C TRP B 404 44.25 -8.37 64.24
N ASN B 405 44.34 -8.10 62.94
CA ASN B 405 44.27 -6.73 62.40
C ASN B 405 42.87 -6.11 62.57
N ALA B 406 41.83 -6.88 62.24
CA ALA B 406 40.45 -6.39 62.36
C ALA B 406 40.06 -5.85 63.74
N GLU B 407 41.07 -5.81 64.61
CA GLU B 407 40.93 -5.30 66.00
C GLU B 407 41.73 -3.98 66.01
N ALA B 408 42.83 -3.79 66.72
CA ALA B 408 43.14 -4.20 68.08
C ALA B 408 43.61 -2.78 68.59
N THR B 409 42.79 -1.78 68.24
CA THR B 409 42.93 -0.39 68.73
C THR B 409 43.53 0.50 67.66
N PRO B 410 42.84 1.60 67.29
CA PRO B 410 43.29 2.49 66.22
C PRO B 410 44.77 2.94 66.32
N GLU B 411 45.30 3.05 67.54
CA GLU B 411 46.70 3.36 67.75
C GLU B 411 47.62 2.17 67.37
N GLU B 412 47.15 0.96 67.65
CA GLU B 412 47.89 -0.27 67.28
C GLU B 412 47.87 -0.52 65.75
N LYS B 413 46.75 -0.22 65.08
CA LYS B 413 46.65 -0.28 63.61
C LYS B 413 47.64 0.68 62.93
N GLU B 414 47.63 1.96 63.33
CA GLU B 414 48.59 2.94 62.78
C GLU B 414 50.03 2.48 63.02
N GLN B 415 50.31 1.87 64.16
CA GLN B 415 51.66 1.45 64.48
C GLN B 415 52.07 0.23 63.66
N HIS B 416 51.13 -0.68 63.48
CA HIS B 416 51.38 -1.87 62.68
C HIS B 416 51.65 -1.49 61.22
N LYS B 417 50.88 -0.54 60.70
CA LYS B 417 51.11 -0.02 59.35
C LYS B 417 52.51 0.59 59.20
N LYS B 418 52.97 1.34 60.21
CA LYS B 418 54.32 1.90 60.20
C LYS B 418 55.38 0.83 60.19
N ASP B 419 55.13 -0.22 60.97
CA ASP B 419 56.09 -1.33 61.09
C ASP B 419 56.19 -2.09 59.77
N ARG B 420 55.04 -2.35 59.15
CA ARG B 420 55.00 -2.98 57.83
C ARG B 420 55.73 -2.12 56.80
N ALA B 421 55.47 -0.82 56.80
CA ALA B 421 56.08 0.09 55.82
C ALA B 421 57.59 0.02 55.93
N SER B 422 58.07 0.02 57.17
CA SER B 422 59.48 -0.07 57.41
C SER B 422 60.08 -1.43 56.99
N ALA B 423 59.36 -2.51 57.26
CA ALA B 423 59.82 -3.85 56.86
C ALA B 423 59.83 -4.01 55.33
N LEU B 424 58.90 -3.32 54.68
CA LEU B 424 58.76 -3.33 53.23
C LEU B 424 59.65 -2.28 52.52
N THR B 425 60.70 -1.83 53.18
CA THR B 425 61.64 -0.85 52.64
C THR B 425 63.04 -1.46 52.75
N GLN B 426 63.72 -1.67 51.63
CA GLN B 426 65.05 -2.29 51.64
C GLN B 426 66.09 -1.32 51.10
N GLN B 427 67.27 -1.30 51.72
CA GLN B 427 68.34 -0.38 51.32
C GLN B 427 69.45 -1.21 50.74
N LEU B 428 69.98 -0.74 49.62
CA LEU B 428 71.12 -1.38 48.95
C LEU B 428 72.24 -0.37 48.74
N ASP B 429 73.46 -0.78 49.07
CA ASP B 429 74.64 0.07 48.92
C ASP B 429 75.27 -0.22 47.58
N LEU B 430 75.15 0.73 46.66
CA LEU B 430 75.64 0.53 45.29
C LEU B 430 76.95 1.28 44.99
N GLY B 431 77.68 1.64 46.05
CA GLY B 431 78.95 2.35 45.89
C GLY B 431 78.77 3.81 46.22
N LEU B 432 78.84 4.66 45.19
CA LEU B 432 78.57 6.10 45.37
C LEU B 432 77.10 6.40 45.58
N TRP B 433 76.24 5.46 45.19
CA TRP B 433 74.79 5.64 45.24
C TRP B 433 74.16 4.49 46.03
N ASP B 434 73.04 4.76 46.68
CA ASP B 434 72.24 3.74 47.29
C ASP B 434 70.89 3.67 46.59
N ALA B 435 70.27 2.50 46.64
CA ALA B 435 68.89 2.36 46.22
C ALA B 435 68.02 1.98 47.39
N GLU B 436 66.79 2.45 47.35
CA GLU B 436 65.81 2.04 48.30
C GLU B 436 64.66 1.40 47.50
N VAL B 437 64.33 0.17 47.87
CA VAL B 437 63.27 -0.55 47.20
C VAL B 437 62.09 -0.66 48.15
N THR B 438 60.91 -0.30 47.67
CA THR B 438 59.69 -0.42 48.46
C THR B 438 58.60 -1.12 47.67
N TYR B 439 57.63 -1.68 48.38
CA TYR B 439 56.65 -2.58 47.75
C TYR B 439 55.20 -2.26 48.07
N GLY B 440 54.36 -2.14 47.02
CA GLY B 440 52.92 -2.02 47.20
C GLY B 440 52.49 -0.61 47.52
N ARG B 441 52.66 0.28 46.54
CA ARG B 441 52.31 1.66 46.68
C ARG B 441 51.96 2.21 45.30
N PRO B 442 51.24 3.34 45.24
CA PRO B 442 50.97 3.95 43.94
C PRO B 442 52.24 4.35 43.18
N MET B 443 52.06 4.66 41.89
CA MET B 443 53.17 5.05 41.02
C MET B 443 53.47 6.54 41.12
N PHE B 444 52.68 7.21 41.94
CA PHE B 444 52.70 8.66 42.03
C PHE B 444 52.61 9.03 43.51
N TRP B 445 53.31 10.08 43.90
CA TRP B 445 53.32 10.60 45.26
C TRP B 445 54.03 9.63 46.21
N VAL B 446 53.81 9.80 47.53
CA VAL B 446 54.71 9.23 48.46
C VAL B 446 54.01 8.47 49.61
N THR B 447 52.78 8.00 49.39
CA THR B 447 52.11 7.27 50.47
C THR B 447 52.91 5.99 50.75
N PRO B 448 53.04 5.64 52.04
CA PRO B 448 53.97 4.58 52.38
C PRO B 448 53.58 3.22 51.82
N PRO B 449 54.57 2.35 51.63
CA PRO B 449 54.31 0.99 51.14
C PRO B 449 53.44 0.14 52.07
N GLU B 450 52.51 -0.61 51.51
CA GLU B 450 51.65 -1.53 52.24
C GLU B 450 51.79 -2.98 51.76
N GLY B 451 52.67 -3.24 50.80
CA GLY B 451 52.85 -4.59 50.31
C GLY B 451 51.87 -4.94 49.20
N ASN B 452 52.28 -5.85 48.32
CA ASN B 452 51.43 -6.41 47.30
C ASN B 452 50.60 -7.55 47.87
N THR B 453 49.43 -7.78 47.30
CA THR B 453 48.55 -8.85 47.70
C THR B 453 48.27 -9.77 46.52
N PRO B 454 48.86 -10.98 46.50
CA PRO B 454 49.82 -11.53 47.44
C PRO B 454 51.22 -10.92 47.28
N ALA B 455 52.10 -11.24 48.22
CA ALA B 455 53.51 -10.79 48.13
C ALA B 455 54.10 -11.31 46.84
N ALA B 456 54.78 -10.45 46.10
CA ALA B 456 55.22 -10.79 44.72
C ALA B 456 56.35 -9.95 44.14
N GLY B 457 56.73 -8.86 44.78
CA GLY B 457 57.61 -7.91 44.16
C GLY B 457 59.07 -8.28 44.27
N GLY B 458 59.87 -7.57 43.49
CA GLY B 458 61.32 -7.65 43.61
C GLY B 458 62.01 -6.77 42.59
N ALA B 459 63.35 -6.79 42.63
CA ALA B 459 64.17 -5.88 41.84
C ALA B 459 65.54 -6.46 41.60
N LEU B 460 66.07 -6.16 40.42
CA LEU B 460 67.43 -6.48 40.02
C LEU B 460 68.15 -5.21 39.66
N ILE B 461 69.42 -5.11 40.10
CA ILE B 461 70.27 -3.98 39.75
C ILE B 461 71.64 -4.51 39.40
N ALA B 462 72.23 -4.00 38.31
CA ALA B 462 73.63 -4.28 37.95
C ALA B 462 74.39 -2.99 37.76
N GLN B 463 75.62 -2.92 38.23
CA GLN B 463 76.38 -1.66 38.09
C GLN B 463 77.11 -1.65 36.75
N LEU B 464 76.90 -0.59 35.98
CA LEU B 464 77.57 -0.46 34.69
C LEU B 464 78.80 0.43 34.77
N ASP B 465 78.76 1.40 35.68
CA ASP B 465 79.87 2.32 35.90
C ASP B 465 79.66 2.95 37.24
N ASP B 466 80.56 3.85 37.63
CA ASP B 466 80.48 4.48 38.95
C ASP B 466 79.11 5.08 39.26
N ASN B 467 78.49 5.68 38.24
CA ASN B 467 77.23 6.41 38.42
C ASN B 467 76.10 5.87 37.56
N GLU B 468 76.27 4.67 37.03
CA GLU B 468 75.31 4.13 36.09
C GLU B 468 74.95 2.68 36.37
N TYR B 469 73.65 2.40 36.33
CA TYR B 469 73.09 1.10 36.76
C TYR B 469 72.05 0.61 35.77
N LEU B 470 71.98 -0.70 35.65
CA LEU B 470 70.94 -1.37 34.91
C LEU B 470 69.93 -1.81 35.94
N VAL B 471 68.65 -1.51 35.68
CA VAL B 471 67.60 -1.75 36.67
C VAL B 471 66.36 -2.34 36.01
N THR B 472 65.83 -3.41 36.60
CA THR B 472 64.49 -3.86 36.26
C THR B 472 63.84 -4.42 37.53
N ALA B 473 62.53 -4.20 37.65
CA ALA B 473 61.85 -4.55 38.85
C ALA B 473 60.40 -4.86 38.57
N TYR B 474 59.69 -5.27 39.62
CA TYR B 474 58.39 -5.92 39.46
C TYR B 474 57.58 -5.62 40.70
N LYS B 475 56.46 -4.92 40.49
CA LYS B 475 55.53 -4.55 41.56
C LYS B 475 56.27 -3.91 42.71
N ALA B 476 57.06 -2.90 42.39
CA ALA B 476 57.94 -2.26 43.34
C ALA B 476 58.35 -0.89 42.85
N ARG B 477 58.83 -0.08 43.79
CA ARG B 477 59.47 1.21 43.51
C ARG B 477 60.92 1.16 43.90
N VAL B 478 61.77 1.73 43.05
CA VAL B 478 63.20 1.78 43.27
C VAL B 478 63.60 3.23 43.22
N GLU B 479 64.22 3.71 44.30
CA GLU B 479 64.68 5.11 44.39
C GLU B 479 66.17 5.16 44.62
N PHE B 480 66.84 6.14 44.02
CA PHE B 480 68.30 6.31 44.16
C PHE B 480 68.62 7.55 44.98
N LYS B 481 69.69 7.46 45.76
CA LYS B 481 70.18 8.58 46.54
C LYS B 481 71.69 8.43 46.71
N PRO B 482 72.38 9.52 47.10
CA PRO B 482 73.81 9.41 47.37
C PRO B 482 74.08 8.46 48.51
N SER B 483 75.13 7.66 48.38
CA SER B 483 75.51 6.71 49.44
C SER B 483 76.20 7.42 50.62
N GLN B 484 76.83 8.56 50.34
CA GLN B 484 77.50 9.35 51.37
C GLN B 484 77.06 10.79 51.29
N GLU B 485 77.13 11.53 52.41
CA GLU B 485 76.83 12.98 52.40
C GLU B 485 77.64 13.67 51.31
N LEU B 486 76.99 14.57 50.56
CA LEU B 486 77.68 15.34 49.52
C LEU B 486 78.19 16.62 50.19
N ALA B 487 79.41 16.99 49.87
CA ALA B 487 80.04 18.13 50.52
C ALA B 487 79.50 19.41 49.87
N GLY B 488 78.31 19.83 50.29
CA GLY B 488 77.65 21.01 49.71
C GLY B 488 77.17 20.88 48.26
N LYS B 489 77.16 19.66 47.70
CA LYS B 489 76.64 19.44 46.35
C LYS B 489 75.18 19.00 46.43
N LYS B 490 74.48 19.05 45.30
CA LYS B 490 73.17 18.45 45.21
C LYS B 490 73.25 17.22 44.32
N PHE B 491 72.15 16.48 44.21
CA PHE B 491 72.12 15.37 43.27
C PHE B 491 70.80 15.28 42.55
N MET B 492 70.84 14.60 41.41
CA MET B 492 69.64 14.24 40.70
CA MET B 492 69.63 14.25 40.69
C MET B 492 69.88 13.02 39.82
N ILE B 493 68.81 12.47 39.29
CA ILE B 493 68.87 11.56 38.16
C ILE B 493 69.35 12.38 36.98
N GLU B 494 70.42 11.94 36.32
CA GLU B 494 70.85 12.60 35.10
C GLU B 494 70.01 12.15 33.93
N ARG B 495 69.83 10.83 33.79
CA ARG B 495 69.03 10.28 32.72
C ARG B 495 68.62 8.85 33.01
N VAL B 496 67.36 8.53 32.71
CA VAL B 496 66.87 7.15 32.73
C VAL B 496 66.41 6.81 31.32
N GLU B 497 66.97 5.75 30.75
CA GLU B 497 66.54 5.26 29.46
C GLU B 497 65.90 3.90 29.63
N GLU B 498 64.74 3.71 29.01
CA GLU B 498 64.23 2.38 28.85
C GLU B 498 64.75 1.82 27.49
N GLY B 499 65.15 0.56 27.46
CA GLY B 499 65.61 -0.01 26.20
C GLY B 499 65.87 -1.50 26.25
N ARG B 500 66.72 -1.94 25.34
CA ARG B 500 67.03 -3.34 25.19
C ARG B 500 68.40 -3.52 24.61
N PHE B 501 68.89 -4.76 24.66
CA PHE B 501 70.14 -5.13 24.04
C PHE B 501 69.87 -5.84 22.71
N GLU B 502 70.54 -5.37 21.66
CA GLU B 502 70.49 -6.03 20.36
C GLU B 502 71.92 -6.30 19.93
N LYS B 503 72.28 -7.57 19.74
CA LYS B 503 73.66 -7.97 19.42
C LYS B 503 74.64 -7.42 20.48
N GLY B 504 74.25 -7.48 21.75
CA GLY B 504 75.04 -6.90 22.84
C GLY B 504 75.14 -5.38 22.92
N LYS B 505 74.51 -4.65 21.98
CA LYS B 505 74.50 -3.18 22.01
C LYS B 505 73.17 -2.65 22.59
N TRP B 506 73.26 -1.66 23.46
CA TRP B 506 72.09 -1.01 24.02
C TRP B 506 71.36 -0.19 22.97
N VAL B 507 70.06 -0.42 22.83
CA VAL B 507 69.19 0.38 21.99
C VAL B 507 68.18 1.10 22.87
N MET B 508 68.18 2.44 22.84
CA MET B 508 67.22 3.20 23.62
C MET B 508 65.85 3.20 22.95
N GLU B 509 64.80 2.96 23.72
CA GLU B 509 63.41 3.06 23.23
C GLU B 509 62.81 4.40 23.63
N ARG B 510 63.02 4.80 24.88
CA ARG B 510 62.53 6.07 25.39
C ARG B 510 63.23 6.50 26.64
N VAL B 511 63.09 7.79 26.96
CA VAL B 511 63.61 8.33 28.18
C VAL B 511 62.47 8.42 29.20
N TRP B 512 62.69 7.88 30.41
CA TRP B 512 61.75 8.10 31.53
C TRP B 512 62.11 9.42 32.16
N ASN B 513 61.12 10.27 32.32
CA ASN B 513 61.32 11.54 32.96
C ASN B 513 60.01 12.04 33.54
N GLY B 514 60.01 13.20 34.15
CA GLY B 514 58.78 13.77 34.67
C GLY B 514 58.16 12.88 35.73
N ASP B 515 56.87 12.62 35.60
CA ASP B 515 56.13 11.75 36.55
C ASP B 515 56.83 10.41 36.73
N GLN B 516 57.46 9.90 35.67
CA GLN B 516 58.05 8.54 35.67
C GLN B 516 59.32 8.46 36.49
N THR B 517 59.95 9.60 36.79
CA THR B 517 61.13 9.60 37.67
C THR B 517 61.00 10.52 38.90
N ASP B 518 59.87 11.22 39.07
CA ASP B 518 59.70 12.11 40.22
C ASP B 518 59.52 11.35 41.52
N TRP B 519 58.94 10.16 41.45
CA TRP B 519 58.53 9.40 42.65
C TRP B 519 59.17 8.04 42.62
N GLY B 520 60.47 8.06 42.38
CA GLY B 520 61.23 6.86 42.14
C GLY B 520 60.92 6.25 40.79
N LEU B 521 61.35 5.01 40.62
CA LEU B 521 61.09 4.24 39.41
C LEU B 521 60.08 3.16 39.76
N ASN B 522 58.88 3.28 39.19
CA ASN B 522 57.78 2.43 39.57
C ASN B 522 57.46 1.40 38.52
N PHE B 523 57.41 0.15 38.98
CA PHE B 523 57.21 -1.01 38.11
C PHE B 523 55.97 -1.76 38.52
N THR B 524 55.23 -2.24 37.53
CA THR B 524 54.03 -3.01 37.75
C THR B 524 54.38 -4.45 37.40
N ASP B 525 53.49 -5.14 36.73
CA ASP B 525 53.78 -6.49 36.27
C ASP B 525 54.43 -6.55 34.87
N ARG B 526 54.50 -5.42 34.19
CA ARG B 526 55.06 -5.39 32.85
C ARG B 526 56.58 -5.16 32.88
N PRO B 527 57.28 -5.69 31.87
CA PRO B 527 58.75 -5.63 31.83
C PRO B 527 59.25 -4.29 31.30
N HIS B 528 60.20 -3.70 32.01
CA HIS B 528 60.94 -2.54 31.52
C HIS B 528 62.36 -2.69 32.01
N LEU B 529 63.31 -2.53 31.10
CA LEU B 529 64.71 -2.56 31.43
C LEU B 529 65.23 -1.16 31.31
N LEU B 530 65.80 -0.65 32.39
CA LEU B 530 66.28 0.74 32.44
C LEU B 530 67.78 0.84 32.62
N ARG B 531 68.36 1.85 32.01
CA ARG B 531 69.69 2.33 32.39
C ARG B 531 69.53 3.64 33.12
N VAL B 532 70.04 3.69 34.35
CA VAL B 532 69.91 4.82 35.22
C VAL B 532 71.27 5.45 35.43
N LYS B 533 71.38 6.72 35.08
CA LYS B 533 72.59 7.50 35.33
C LYS B 533 72.31 8.60 36.36
N MET B 534 73.07 8.59 37.43
CA MET B 534 72.92 9.55 38.52
C MET B 534 74.03 10.60 38.40
N ALA B 535 73.78 11.78 38.97
CA ALA B 535 74.82 12.83 39.05
C ALA B 535 74.72 13.68 40.29
N SER B 536 75.88 13.94 40.90
CA SER B 536 76.00 15.01 41.89
C SER B 536 76.50 16.24 41.16
N TYR B 537 76.06 17.39 41.60
CA TYR B 537 76.41 18.63 40.92
C TYR B 537 76.59 19.77 41.93
N SER B 538 77.50 20.67 41.57
CA SER B 538 77.80 21.80 42.41
C SER B 538 76.77 22.91 42.28
N VAL B 539 76.46 23.53 43.41
CA VAL B 539 75.67 24.75 43.47
C VAL B 539 76.39 25.93 44.18
N GLN B 540 77.67 25.76 44.56
CA GLN B 540 78.38 26.68 45.48
C GLN B 540 79.88 26.84 45.15
N ALA C 2 -6.45 -9.72 -3.09
CA ALA C 2 -6.74 -10.22 -1.71
C ALA C 2 -7.92 -9.46 -1.12
N PRO C 3 -8.78 -10.15 -0.39
CA PRO C 3 -9.88 -9.46 0.23
C PRO C 3 -9.42 -8.47 1.31
N LEU C 4 -10.18 -7.40 1.51
CA LEU C 4 -9.89 -6.45 2.57
C LEU C 4 -9.90 -7.16 3.91
N PRO C 5 -8.99 -6.76 4.81
CA PRO C 5 -9.19 -7.12 6.20
C PRO C 5 -10.54 -6.64 6.72
N GLU C 6 -11.13 -7.39 7.64
CA GLU C 6 -12.39 -6.98 8.27
C GLU C 6 -12.58 -7.63 9.62
N LEU C 7 -13.31 -6.96 10.49
CA LEU C 7 -13.61 -7.50 11.78
C LEU C 7 -15.00 -8.12 11.70
N LEU C 8 -15.08 -9.43 11.94
CA LEU C 8 -16.35 -10.13 11.97
C LEU C 8 -16.79 -10.31 13.40
N SER C 9 -18.09 -10.18 13.62
CA SER C 9 -18.70 -10.45 14.92
C SER C 9 -19.92 -11.35 14.72
N ASN C 10 -19.95 -12.49 15.41
CA ASN C 10 -21.09 -13.40 15.30
C ASN C 10 -21.17 -14.30 16.52
N ASN C 11 -22.39 -14.50 17.01
CA ASN C 11 -22.67 -15.32 18.18
C ASN C 11 -21.84 -14.90 19.38
N GLY C 12 -21.71 -13.59 19.55
CA GLY C 12 -20.93 -13.01 20.64
C GLY C 12 -19.43 -13.23 20.54
N LYS C 13 -18.94 -13.72 19.42
CA LYS C 13 -17.50 -13.95 19.20
C LYS C 13 -17.02 -13.09 18.04
N HIS C 14 -15.69 -13.00 17.86
CA HIS C 14 -15.11 -12.09 16.89
C HIS C 14 -13.89 -12.65 16.25
N ALA C 15 -13.62 -12.19 15.05
CA ALA C 15 -12.40 -12.54 14.33
C ALA C 15 -11.92 -11.35 13.52
N LEU C 16 -10.60 -11.13 13.52
CA LEU C 16 -10.00 -10.22 12.59
C LEU C 16 -9.65 -11.05 11.39
N MET C 17 -10.32 -10.78 10.27
CA MET C 17 -10.03 -11.49 9.02
C MET C 17 -8.91 -10.78 8.30
N VAL C 18 -7.88 -11.53 7.93
CA VAL C 18 -6.78 -11.01 7.13
C VAL C 18 -6.51 -12.01 6.01
N ASP C 19 -6.52 -11.50 4.78
CA ASP C 19 -6.41 -12.30 3.59
C ASP C 19 -7.43 -13.45 3.60
N GLY C 20 -8.63 -13.15 4.08
CA GLY C 20 -9.75 -14.05 4.00
C GLY C 20 -9.88 -15.12 5.07
N ALA C 21 -9.12 -15.03 6.15
CA ALA C 21 -9.21 -16.00 7.24
C ALA C 21 -8.86 -15.33 8.56
N PRO C 22 -9.30 -15.92 9.69
CA PRO C 22 -8.98 -15.28 10.97
C PRO C 22 -7.49 -15.18 11.20
N TYR C 23 -7.11 -14.14 11.93
CA TYR C 23 -5.70 -13.78 12.12
C TYR C 23 -5.54 -13.31 13.55
N ILE C 24 -4.38 -13.62 14.15
CA ILE C 24 -4.03 -13.09 15.47
C ILE C 24 -2.88 -12.13 15.31
N ILE C 25 -3.05 -10.91 15.82
CA ILE C 25 -1.94 -9.98 15.89
C ILE C 25 -1.04 -10.39 17.07
N LEU C 26 0.12 -10.94 16.74
CA LEU C 26 1.19 -11.10 17.68
C LEU C 26 2.09 -9.92 17.45
N GLY C 27 1.83 -8.85 18.21
CA GLY C 27 2.26 -7.53 17.82
C GLY C 27 3.46 -7.00 18.53
N SER C 28 3.93 -5.88 18.03
CA SER C 28 4.86 -5.04 18.78
C SER C 28 4.56 -3.60 18.40
N GLN C 29 4.73 -2.68 19.35
CA GLN C 29 4.55 -1.26 19.05
C GLN C 29 5.84 -0.53 19.34
N THR C 30 6.18 0.37 18.43
CA THR C 30 7.34 1.20 18.60
C THR C 30 7.17 2.20 19.75
N ASN C 31 8.29 2.76 20.20
CA ASN C 31 8.24 4.00 20.95
C ASN C 31 7.65 5.13 20.10
N ASN C 32 7.28 6.21 20.78
CA ASN C 32 6.47 7.29 20.19
C ASN C 32 7.20 8.16 19.15
N SER C 33 8.53 8.11 19.13
CA SER C 33 9.30 8.96 18.23
C SER C 33 10.11 8.13 17.18
N SER C 34 9.59 6.96 16.82
CA SER C 34 10.23 6.04 15.90
C SER C 34 9.56 6.07 14.51
N ASN C 35 8.64 7.00 14.32
CA ASN C 35 7.88 7.10 13.08
C ASN C 35 8.61 7.91 11.97
N TYR C 36 9.87 7.59 11.74
CA TYR C 36 10.70 8.25 10.72
C TYR C 36 11.58 7.19 10.05
N PRO C 37 11.92 7.40 8.75
CA PRO C 37 12.71 6.39 8.03
C PRO C 37 14.00 5.97 8.75
N ASP C 38 14.72 6.95 9.32
CA ASP C 38 16.00 6.72 9.98
C ASP C 38 15.88 5.87 11.26
N ALA C 39 14.72 5.91 11.91
CA ALA C 39 14.50 5.12 13.12
C ALA C 39 14.19 3.66 12.86
N LEU C 40 13.79 3.31 11.62
CA LEU C 40 13.28 1.95 11.39
C LEU C 40 14.34 0.86 11.57
N LYS C 41 15.60 1.21 11.35
CA LYS C 41 16.68 0.26 11.55
C LYS C 41 16.81 -0.15 13.02
N ASP C 42 16.28 0.66 13.93
CA ASP C 42 16.22 0.32 15.35
C ASP C 42 14.93 -0.36 15.78
N VAL C 43 14.03 -0.59 14.82
CA VAL C 43 12.76 -1.23 15.07
C VAL C 43 12.74 -2.67 14.58
N TRP C 44 13.18 -2.90 13.33
CA TRP C 44 13.03 -4.23 12.75
C TRP C 44 13.75 -5.33 13.52
N PRO C 45 14.99 -5.11 13.95
CA PRO C 45 15.65 -6.21 14.69
C PRO C 45 14.86 -6.72 15.91
N SER C 46 14.26 -5.82 16.69
CA SER C 46 13.42 -6.24 17.84
C SER C 46 12.22 -7.08 17.38
N MET C 47 11.58 -6.65 16.31
CA MET C 47 10.45 -7.34 15.78
C MET C 47 10.83 -8.76 15.37
N GLU C 48 11.98 -8.88 14.73
CA GLU C 48 12.49 -10.18 14.31
C GLU C 48 12.80 -11.06 15.52
N LYS C 49 13.46 -10.50 16.52
CA LYS C 49 13.80 -11.28 17.73
C LYS C 49 12.57 -11.69 18.46
N MET C 50 11.56 -10.85 18.43
CA MET C 50 10.31 -11.15 19.11
C MET C 50 9.46 -12.17 18.43
N GLY C 51 9.62 -12.29 17.12
CA GLY C 51 8.75 -13.16 16.34
C GLY C 51 7.39 -12.55 16.12
N ALA C 52 7.31 -11.23 16.18
CA ALA C 52 6.04 -10.55 15.95
C ALA C 52 5.64 -10.60 14.48
N ASN C 53 4.33 -10.68 14.22
CA ASN C 53 3.81 -10.70 12.84
C ASN C 53 3.24 -9.34 12.37
N THR C 54 3.07 -8.42 13.31
CA THR C 54 2.40 -7.14 13.04
C THR C 54 3.07 -6.05 13.84
N LEU C 55 3.39 -4.94 13.17
CA LEU C 55 3.99 -3.79 13.83
C LEU C 55 2.97 -2.66 13.92
N SER C 56 2.82 -2.13 15.13
CA SER C 56 2.05 -0.92 15.37
C SER C 56 2.99 0.25 15.44
N ILE C 57 2.76 1.29 14.62
CA ILE C 57 3.67 2.42 14.55
C ILE C 57 2.86 3.70 14.25
N PRO C 58 3.26 4.84 14.81
CA PRO C 58 2.51 6.05 14.51
C PRO C 58 2.65 6.55 13.07
N VAL C 59 1.59 7.19 12.59
CA VAL C 59 1.70 8.12 11.49
C VAL C 59 1.10 9.42 12.03
N ALA C 60 1.91 10.47 12.09
CA ALA C 60 1.53 11.70 12.72
C ALA C 60 0.96 12.72 11.72
N TRP C 61 -0.07 13.42 12.14
CA TRP C 61 -0.63 14.48 11.30
C TRP C 61 0.45 15.51 10.98
N GLU C 62 1.28 15.86 11.96
CA GLU C 62 2.35 16.84 11.74
C GLU C 62 3.33 16.46 10.63
N GLN C 63 3.56 15.16 10.42
CA GLN C 63 4.51 14.71 9.42
C GLN C 63 3.88 14.56 8.06
N ILE C 64 2.58 14.24 7.99
CA ILE C 64 1.95 14.13 6.69
C ILE C 64 1.39 15.45 6.15
N GLU C 65 1.16 16.44 7.03
CA GLU C 65 0.64 17.75 6.58
C GLU C 65 1.33 18.87 7.32
N PRO C 66 2.62 18.99 7.10
CA PRO C 66 3.42 19.90 7.91
C PRO C 66 3.04 21.37 7.62
N VAL C 67 2.56 21.60 6.41
CA VAL C 67 2.04 22.91 6.02
C VAL C 67 0.67 22.57 5.47
N GLU C 68 -0.32 23.39 5.80
CA GLU C 68 -1.69 23.06 5.40
C GLU C 68 -1.77 22.87 3.88
N GLY C 69 -2.38 21.77 3.49
CA GLY C 69 -2.54 21.42 2.10
C GLY C 69 -1.34 20.84 1.40
N GLN C 70 -0.21 20.73 2.08
CA GLN C 70 1.02 20.19 1.47
CA GLN C 70 1.01 20.22 1.47
C GLN C 70 1.38 18.85 2.09
N PHE C 71 0.91 17.78 1.47
CA PHE C 71 1.01 16.45 2.04
C PHE C 71 2.32 15.77 1.73
N ASP C 72 2.80 14.96 2.68
CA ASP C 72 4.06 14.27 2.58
C ASP C 72 3.88 12.86 3.11
N PHE C 73 3.90 11.88 2.22
CA PHE C 73 3.79 10.46 2.60
C PHE C 73 5.12 9.71 2.46
N SER C 74 6.23 10.43 2.47
CA SER C 74 7.52 9.79 2.27
C SER C 74 7.79 8.73 3.36
N PHE C 75 7.35 8.98 4.59
CA PHE C 75 7.55 7.99 5.66
C PHE C 75 6.70 6.75 5.40
N VAL C 76 5.45 6.94 5.06
CA VAL C 76 4.55 5.82 4.83
C VAL C 76 5.07 4.93 3.68
N ASP C 77 5.61 5.56 2.64
CA ASP C 77 6.20 4.83 1.53
C ASP C 77 7.34 3.89 1.97
N VAL C 78 8.31 4.44 2.69
CA VAL C 78 9.44 3.66 3.20
C VAL C 78 8.94 2.54 4.11
N LEU C 79 8.03 2.89 5.01
CA LEU C 79 7.49 1.94 5.98
C LEU C 79 6.83 0.74 5.29
N LEU C 80 5.95 1.02 4.32
CA LEU C 80 5.30 -0.05 3.56
C LEU C 80 6.31 -0.97 2.88
N LYS C 81 7.31 -0.39 2.23
CA LYS C 81 8.28 -1.14 1.53
C LYS C 81 9.12 -2.01 2.46
N GLU C 82 9.54 -1.44 3.58
CA GLU C 82 10.36 -2.20 4.53
C GLU C 82 9.57 -3.29 5.23
N ALA C 83 8.32 -3.02 5.58
CA ALA C 83 7.47 -4.03 6.18
C ALA C 83 7.32 -5.24 5.23
N ARG C 84 7.11 -4.95 3.94
CA ARG C 84 6.88 -6.01 2.97
C ARG C 84 8.12 -6.84 2.80
N GLN C 85 9.26 -6.19 2.79
CA GLN C 85 10.51 -6.91 2.67
C GLN C 85 10.71 -7.88 3.85
N ARG C 86 10.20 -7.51 5.01
CA ARG C 86 10.33 -8.34 6.19
CA ARG C 86 10.34 -8.35 6.19
C ARG C 86 9.15 -9.28 6.39
N LYS C 87 8.19 -9.20 5.46
CA LYS C 87 6.98 -10.05 5.48
C LYS C 87 6.18 -9.93 6.78
N VAL C 88 5.96 -8.69 7.22
CA VAL C 88 5.10 -8.43 8.36
C VAL C 88 3.99 -7.49 7.91
N ARG C 89 2.98 -7.39 8.77
CA ARG C 89 1.86 -6.47 8.54
C ARG C 89 1.97 -5.26 9.48
N LEU C 90 1.10 -4.29 9.25
CA LEU C 90 1.15 -3.02 9.93
C LEU C 90 -0.20 -2.60 10.48
N VAL C 91 -0.15 -1.97 11.65
CA VAL C 91 -1.27 -1.22 12.19
C VAL C 91 -0.77 0.21 12.33
N LEU C 92 -1.39 1.14 11.60
CA LEU C 92 -0.96 2.53 11.68
C LEU C 92 -1.74 3.24 12.77
N LEU C 93 -1.06 4.09 13.53
CA LEU C 93 -1.66 4.82 14.61
C LEU C 93 -1.75 6.28 14.25
N TRP C 94 -2.96 6.75 13.98
CA TRP C 94 -3.17 8.12 13.52
C TRP C 94 -3.10 9.05 14.74
N PHE C 95 -1.94 9.70 14.92
CA PHE C 95 -1.70 10.65 16.00
C PHE C 95 -2.09 12.03 15.47
N ALA C 96 -3.17 12.61 15.99
CA ALA C 96 -3.76 13.78 15.33
C ALA C 96 -4.38 14.74 16.34
N THR C 97 -5.72 14.85 16.37
CA THR C 97 -6.37 15.73 17.34
C THR C 97 -6.04 15.40 18.79
N TRP C 98 -6.03 14.11 19.13
CA TRP C 98 -5.56 13.66 20.45
C TRP C 98 -4.47 12.61 20.32
N LYS C 99 -3.44 12.84 21.09
CA LYS C 99 -2.47 11.81 21.49
C LYS C 99 -2.28 12.03 22.96
N ASN C 100 -2.73 11.05 23.76
CA ASN C 100 -2.65 11.15 25.24
C ASN C 100 -3.31 12.47 25.69
N ASN C 101 -4.51 12.73 25.17
CA ASN C 101 -5.34 13.91 25.51
C ASN C 101 -4.97 15.21 24.85
N ALA C 102 -3.79 15.27 24.21
CA ALA C 102 -3.20 16.54 23.76
C ALA C 102 -2.94 16.57 22.25
N PRO C 103 -2.74 17.79 21.70
CA PRO C 103 -2.52 17.98 20.26
C PRO C 103 -1.03 18.08 19.85
N HIS C 104 -0.11 17.48 20.58
CA HIS C 104 1.32 17.66 20.26
C HIS C 104 1.75 17.11 18.90
N TYR C 105 1.03 16.13 18.39
CA TYR C 105 1.30 15.61 17.05
C TYR C 105 0.51 16.25 15.91
N ALA C 106 -0.36 17.22 16.24
CA ALA C 106 -0.99 17.97 15.20
C ALA C 106 0.05 18.94 14.64
N PRO C 107 -0.10 19.35 13.37
CA PRO C 107 0.84 20.33 12.82
C PRO C 107 0.89 21.64 13.63
N ALA C 108 1.97 22.39 13.50
CA ALA C 108 2.15 23.68 14.19
C ALA C 108 1.00 24.65 13.85
N TRP C 109 0.58 24.63 12.60
CA TRP C 109 -0.55 25.48 12.13
C TRP C 109 -1.90 25.10 12.75
N VAL C 110 -1.98 23.89 13.33
CA VAL C 110 -3.15 23.49 14.12
C VAL C 110 -2.98 23.79 15.59
N LYS C 111 -1.95 23.20 16.19
CA LYS C 111 -1.80 23.26 17.64
C LYS C 111 -1.47 24.65 18.18
N LEU C 112 -0.98 25.55 17.33
CA LEU C 112 -0.63 26.89 17.81
C LEU C 112 -1.68 27.92 17.43
N ASP C 113 -2.83 27.47 16.90
CA ASP C 113 -3.92 28.37 16.49
C ASP C 113 -5.21 28.05 17.26
N ASN C 114 -5.27 28.50 18.49
CA ASN C 114 -6.39 28.16 19.37
C ASN C 114 -7.69 28.79 18.90
N ALA C 115 -7.60 29.94 18.26
CA ALA C 115 -8.80 30.62 17.79
C ALA C 115 -9.53 29.75 16.78
N ARG C 116 -8.79 29.19 15.83
CA ARG C 116 -9.35 28.33 14.81
C ARG C 116 -9.64 26.91 15.34
N PHE C 117 -8.78 26.43 16.23
CA PHE C 117 -8.82 25.05 16.73
C PHE C 117 -8.81 25.07 18.27
N PRO C 118 -10.00 25.23 18.87
CA PRO C 118 -10.10 25.58 20.28
C PRO C 118 -9.89 24.46 21.29
N ARG C 119 -9.24 24.83 22.39
CA ARG C 119 -9.01 23.95 23.53
C ARG C 119 -10.17 23.93 24.51
N VAL C 120 -10.24 22.82 25.24
CA VAL C 120 -11.09 22.65 26.41
C VAL C 120 -10.82 23.79 27.42
N VAL C 121 -11.92 24.38 27.89
CA VAL C 121 -11.87 25.41 28.93
C VAL C 121 -12.45 24.86 30.22
N LYS C 122 -11.73 25.05 31.31
CA LYS C 122 -12.16 24.56 32.61
C LYS C 122 -13.34 25.41 33.12
N GLU C 123 -14.05 24.87 34.12
CA GLU C 123 -15.18 25.57 34.75
C GLU C 123 -14.69 26.91 35.35
N ASP C 124 -13.44 26.96 35.84
CA ASP C 124 -12.88 28.20 36.34
C ASP C 124 -12.34 29.18 35.26
N GLY C 125 -12.55 28.88 33.98
CA GLY C 125 -12.06 29.74 32.90
C GLY C 125 -10.63 29.52 32.41
N ASP C 126 -9.81 28.74 33.13
CA ASP C 126 -8.46 28.39 32.62
C ASP C 126 -8.57 27.41 31.44
N THR C 127 -7.55 27.42 30.58
CA THR C 127 -7.54 26.59 29.38
C THR C 127 -6.56 25.40 29.57
N LEU C 128 -6.97 24.23 29.09
CA LEU C 128 -6.12 23.02 29.11
C LEU C 128 -5.64 22.69 27.69
N ASN C 129 -4.48 22.04 27.60
CA ASN C 129 -3.94 21.70 26.30
C ASN C 129 -4.54 20.39 25.77
N SER C 130 -5.82 20.44 25.45
CA SER C 130 -6.61 19.31 25.00
C SER C 130 -7.67 19.93 24.09
N LEU C 131 -7.70 19.53 22.83
CA LEU C 131 -8.58 20.16 21.88
C LEU C 131 -10.02 19.76 22.09
N SER C 132 -10.92 20.74 22.01
CA SER C 132 -12.33 20.45 22.25
C SER C 132 -12.92 19.66 21.12
N PRO C 133 -13.71 18.60 21.43
CA PRO C 133 -14.38 17.82 20.39
C PRO C 133 -15.52 18.57 19.72
N LEU C 134 -15.86 19.73 20.25
CA LEU C 134 -16.88 20.59 19.61
C LEU C 134 -16.27 21.56 18.59
N GLY C 135 -14.94 21.57 18.44
CA GLY C 135 -14.30 22.39 17.42
C GLY C 135 -14.57 21.87 16.01
N GLN C 136 -15.46 22.54 15.27
CA GLN C 136 -15.84 22.08 13.92
C GLN C 136 -14.70 22.24 12.89
N ASN C 137 -13.83 23.24 13.07
CA ASN C 137 -12.71 23.39 12.15
C ASN C 137 -11.70 22.26 12.37
N THR C 138 -11.49 21.94 13.65
CA THR C 138 -10.53 20.88 14.04
C THR C 138 -10.97 19.55 13.41
N LEU C 139 -12.24 19.19 13.59
CA LEU C 139 -12.78 18.00 12.98
C LEU C 139 -12.61 17.97 11.48
N ALA C 140 -12.96 19.05 10.79
CA ALA C 140 -12.86 19.07 9.34
C ALA C 140 -11.40 18.87 8.89
N ALA C 141 -10.48 19.48 9.62
CA ALA C 141 -9.07 19.46 9.24
C ALA C 141 -8.47 18.07 9.50
N ASP C 142 -8.80 17.48 10.64
CA ASP C 142 -8.33 16.11 10.98
C ASP C 142 -8.86 15.14 9.94
N LYS C 143 -10.18 15.18 9.74
CA LYS C 143 -10.82 14.38 8.72
C LYS C 143 -10.17 14.49 7.33
N LYS C 144 -9.88 15.70 6.89
CA LYS C 144 -9.29 15.89 5.57
C LYS C 144 -7.93 15.20 5.45
N ALA C 145 -7.09 15.36 6.49
CA ALA C 145 -5.76 14.74 6.47
C ALA C 145 -5.88 13.21 6.54
N PHE C 146 -6.78 12.72 7.36
CA PHE C 146 -6.96 11.28 7.52
C PHE C 146 -7.43 10.66 6.22
N VAL C 147 -8.33 11.37 5.53
CA VAL C 147 -8.76 10.95 4.20
C VAL C 147 -7.61 10.86 3.22
N GLU C 148 -6.71 11.84 3.23
CA GLU C 148 -5.53 11.76 2.36
C GLU C 148 -4.64 10.55 2.69
N LEU C 149 -4.49 10.24 3.99
CA LEU C 149 -3.71 9.05 4.38
C LEU C 149 -4.37 7.81 3.82
N MET C 150 -5.69 7.71 3.94
CA MET C 150 -6.40 6.55 3.45
C MET C 150 -6.32 6.46 1.90
N LYS C 151 -6.30 7.61 1.24
CA LYS C 151 -6.16 7.60 -0.19
C LYS C 151 -4.80 7.05 -0.57
N TYR C 152 -3.78 7.39 0.22
CA TYR C 152 -2.44 6.90 -0.06
C TYR C 152 -2.45 5.36 0.02
N LEU C 153 -3.10 4.82 1.05
CA LEU C 153 -3.19 3.38 1.22
C LEU C 153 -4.04 2.74 0.13
N ALA C 154 -5.14 3.39 -0.23
CA ALA C 154 -5.98 2.92 -1.32
C ALA C 154 -5.18 2.75 -2.60
N LYS C 155 -4.33 3.73 -2.91
CA LYS C 155 -3.58 3.71 -4.16
C LYS C 155 -2.28 2.96 -4.10
N ARG C 156 -1.67 2.83 -2.90
CA ARG C 156 -0.33 2.28 -2.79
C ARG C 156 -0.19 1.02 -1.90
N ASP C 157 -1.30 0.48 -1.39
CA ASP C 157 -1.26 -0.70 -0.54
C ASP C 157 -2.40 -1.67 -0.88
N LYS C 158 -2.42 -2.07 -2.14
CA LYS C 158 -3.44 -2.96 -2.72
C LYS C 158 -3.49 -4.34 -2.09
N ASP C 159 -2.37 -4.82 -1.53
CA ASP C 159 -2.34 -6.12 -0.86
C ASP C 159 -2.54 -6.00 0.67
N HIS C 160 -2.83 -4.80 1.14
CA HIS C 160 -3.22 -4.56 2.54
C HIS C 160 -2.11 -4.95 3.52
N THR C 161 -0.91 -4.46 3.27
CA THR C 161 0.17 -4.55 4.25
C THR C 161 -0.30 -3.93 5.58
N VAL C 162 -0.97 -2.77 5.48
CA VAL C 162 -1.68 -2.19 6.58
C VAL C 162 -3.03 -2.86 6.76
N ILE C 163 -3.22 -3.49 7.91
CA ILE C 163 -4.45 -4.30 8.17
C ILE C 163 -5.49 -3.61 9.05
N MET C 164 -5.09 -2.57 9.75
CA MET C 164 -5.98 -1.88 10.67
C MET C 164 -5.39 -0.52 10.93
N VAL C 165 -6.25 0.43 11.28
CA VAL C 165 -5.82 1.77 11.64
C VAL C 165 -6.44 2.20 12.97
N GLN C 166 -5.60 2.75 13.85
CA GLN C 166 -6.07 3.31 15.10
C GLN C 166 -6.33 4.79 14.88
N VAL C 167 -7.53 5.23 15.25
CA VAL C 167 -7.96 6.62 15.05
C VAL C 167 -7.75 7.40 16.32
N GLN C 168 -6.80 8.35 16.27
CA GLN C 168 -6.30 9.07 17.43
C GLN C 168 -5.51 8.11 18.34
N ASN C 169 -5.05 8.65 19.45
CA ASN C 169 -4.40 7.84 20.46
C ASN C 169 -4.74 8.35 21.85
N GLU C 170 -5.42 7.50 22.62
CA GLU C 170 -5.83 7.84 24.00
C GLU C 170 -6.47 9.25 24.03
N VAL C 171 -7.64 9.32 23.44
CA VAL C 171 -8.45 10.54 23.49
C VAL C 171 -8.90 10.84 24.92
N GLY C 172 -9.33 12.08 25.11
CA GLY C 172 -9.92 12.51 26.39
C GLY C 172 -9.25 13.74 26.91
N THR C 173 -9.49 14.05 28.19
CA THR C 173 -8.91 15.21 28.85
C THR C 173 -8.52 14.91 30.29
N TYR C 174 -7.29 15.30 30.65
CA TYR C 174 -6.85 15.31 32.02
C TYR C 174 -7.06 16.74 32.54
N GLY C 175 -7.47 16.83 33.82
CA GLY C 175 -7.54 18.11 34.52
C GLY C 175 -8.91 18.77 34.48
N ALA C 176 -9.84 18.19 33.73
CA ALA C 176 -11.24 18.61 33.71
C ALA C 176 -12.06 17.48 33.18
N VAL C 177 -13.36 17.50 33.44
CA VAL C 177 -14.26 16.43 33.01
C VAL C 177 -14.74 16.60 31.56
N ARG C 178 -14.88 17.86 31.13
CA ARG C 178 -15.39 18.19 29.80
C ARG C 178 -14.96 19.61 29.47
N ASP C 179 -15.31 20.03 28.26
CA ASP C 179 -15.17 21.43 27.85
C ASP C 179 -16.31 22.21 28.53
N TYR C 180 -15.95 23.29 29.21
CA TYR C 180 -16.94 24.20 29.82
C TYR C 180 -16.94 25.57 29.12
N SER C 181 -16.40 25.62 27.90
CA SER C 181 -16.43 26.85 27.12
C SER C 181 -17.88 27.20 26.82
N PRO C 182 -18.14 28.48 26.46
CA PRO C 182 -19.48 28.88 26.03
C PRO C 182 -20.05 28.02 24.90
N MET C 183 -19.22 27.75 23.91
CA MET C 183 -19.57 26.86 22.81
C MET C 183 -20.07 25.50 23.30
N ALA C 184 -19.33 24.91 24.24
CA ALA C 184 -19.69 23.59 24.75
C ALA C 184 -20.90 23.68 25.68
N GLN C 185 -20.90 24.70 26.55
CA GLN C 185 -21.98 24.93 27.53
C GLN C 185 -23.34 25.03 26.81
N ALA C 186 -23.36 25.67 25.64
CA ALA C 186 -24.57 25.76 24.82
C ALA C 186 -25.11 24.40 24.40
N VAL C 187 -24.22 23.47 24.03
CA VAL C 187 -24.63 22.14 23.59
C VAL C 187 -25.01 21.29 24.81
N PHE C 188 -24.27 21.45 25.91
CA PHE C 188 -24.58 20.78 27.18
C PHE C 188 -25.98 21.18 27.72
N ASN C 189 -26.30 22.47 27.64
CA ASN C 189 -27.58 22.98 28.12
C ASN C 189 -28.74 22.52 27.27
N ALA C 190 -28.46 22.15 26.01
CA ALA C 190 -29.50 21.74 25.08
C ALA C 190 -29.93 20.29 25.30
N ALA C 191 -30.89 19.84 24.50
CA ALA C 191 -31.38 18.49 24.56
C ALA C 191 -30.30 17.48 24.17
N VAL C 192 -30.29 16.35 24.88
CA VAL C 192 -29.48 15.20 24.50
C VAL C 192 -30.01 14.74 23.14
N PRO C 193 -29.10 14.51 22.16
CA PRO C 193 -29.54 14.05 20.84
C PRO C 193 -30.46 12.83 20.88
N ASP C 194 -31.43 12.83 19.98
CA ASP C 194 -32.47 11.80 19.94
C ASP C 194 -31.91 10.40 19.80
N ASP C 195 -30.95 10.24 18.89
CA ASP C 195 -30.37 8.91 18.59
C ASP C 195 -29.76 8.29 19.84
N LEU C 196 -29.11 9.10 20.66
CA LEU C 196 -28.54 8.61 21.90
C LEU C 196 -29.63 8.22 22.91
N ILE C 197 -30.64 9.07 23.06
CA ILE C 197 -31.78 8.80 23.95
C ILE C 197 -32.47 7.49 23.51
N GLN C 198 -32.69 7.30 22.21
CA GLN C 198 -33.28 6.07 21.71
C GLN C 198 -32.41 4.85 21.99
N LYS C 199 -31.12 4.94 21.64
CA LYS C 199 -30.20 3.81 21.80
C LYS C 199 -30.02 3.35 23.21
N LEU C 200 -30.01 4.27 24.16
CA LEU C 200 -29.90 3.90 25.56
C LEU C 200 -31.27 3.74 26.27
N GLN C 201 -32.36 3.89 25.51
CA GLN C 201 -33.71 3.65 26.03
C GLN C 201 -33.93 4.51 27.28
N LEU C 202 -33.77 5.82 27.12
CA LEU C 202 -33.91 6.78 28.21
C LEU C 202 -35.06 7.79 27.95
N LYS C 203 -35.41 8.54 28.98
CA LYS C 203 -36.40 9.62 28.87
C LYS C 203 -35.70 10.90 28.35
N PRO C 204 -36.28 11.56 27.32
CA PRO C 204 -35.64 12.75 26.73
C PRO C 204 -35.37 13.87 27.73
N GLY C 205 -34.49 14.80 27.37
CA GLY C 205 -34.10 15.87 28.29
C GLY C 205 -32.77 16.51 27.94
N THR C 206 -32.35 17.47 28.76
CA THR C 206 -31.06 18.08 28.64
C THR C 206 -30.04 17.14 29.30
N TRP C 207 -28.76 17.38 29.05
CA TRP C 207 -27.71 16.53 29.56
C TRP C 207 -27.84 16.34 31.07
N SER C 208 -27.98 17.45 31.81
CA SER C 208 -28.05 17.39 33.26
C SER C 208 -29.31 16.68 33.75
N GLN C 209 -30.40 16.86 33.02
CA GLN C 209 -31.65 16.19 33.40
C GLN C 209 -31.55 14.72 33.21
N VAL C 210 -31.07 14.26 32.06
CA VAL C 210 -31.12 12.84 31.79
C VAL C 210 -29.99 12.09 32.51
N PHE C 211 -28.83 12.70 32.72
CA PHE C 211 -27.68 11.96 33.25
C PHE C 211 -27.24 12.34 34.64
N GLY C 212 -27.71 13.46 35.16
CA GLY C 212 -27.41 13.86 36.52
C GLY C 212 -25.94 13.98 36.85
N ARG C 213 -25.49 13.22 37.83
CA ARG C 213 -24.10 13.25 38.28
C ARG C 213 -23.08 12.83 37.20
N ASP C 214 -23.55 12.09 36.19
CA ASP C 214 -22.70 11.61 35.09
C ASP C 214 -22.73 12.50 33.85
N ALA C 215 -23.46 13.61 33.90
CA ALA C 215 -23.71 14.40 32.70
C ALA C 215 -22.41 14.94 32.08
N ASP C 216 -21.54 15.51 32.90
CA ASP C 216 -20.34 16.16 32.41
C ASP C 216 -19.46 15.13 31.68
N GLU C 217 -19.22 13.99 32.33
CA GLU C 217 -18.38 12.92 31.76
C GLU C 217 -19.01 12.25 30.55
N PHE C 218 -20.29 11.92 30.63
CA PHE C 218 -20.96 11.29 29.49
C PHE C 218 -21.02 12.23 28.27
N PHE C 219 -21.16 13.52 28.54
CA PHE C 219 -21.17 14.53 27.47
C PHE C 219 -19.80 14.56 26.74
N HIS C 220 -18.71 14.61 27.50
CA HIS C 220 -17.36 14.62 26.89
C HIS C 220 -17.14 13.33 26.10
N ALA C 221 -17.50 12.19 26.69
CA ALA C 221 -17.39 10.91 25.99
C ALA C 221 -18.17 10.93 24.71
N TYR C 222 -19.42 11.40 24.78
CA TYR C 222 -20.27 11.42 23.60
C TYR C 222 -19.69 12.29 22.49
N GLN C 223 -19.25 13.49 22.86
CA GLN C 223 -18.75 14.41 21.83
C GLN C 223 -17.45 13.88 21.17
N ILE C 224 -16.56 13.31 21.99
CA ILE C 224 -15.32 12.73 21.45
C ILE C 224 -15.65 11.53 20.56
N ALA C 225 -16.56 10.68 21.02
CA ALA C 225 -16.97 9.53 20.24
C ALA C 225 -17.53 9.93 18.88
N ARG C 226 -18.39 10.95 18.85
CA ARG C 226 -18.92 11.45 17.57
C ARG C 226 -17.80 11.94 16.65
N TYR C 227 -16.88 12.70 17.20
CA TYR C 227 -15.74 13.23 16.45
C TYR C 227 -14.94 12.08 15.83
N CYS C 228 -14.57 11.11 16.66
CA CYS C 228 -13.80 9.96 16.16
C CYS C 228 -14.60 9.15 15.13
N ASP C 229 -15.91 9.06 15.34
CA ASP C 229 -16.74 8.32 14.42
C ASP C 229 -16.78 9.00 13.07
N GLU C 230 -16.88 10.33 13.07
CA GLU C 230 -16.87 11.05 11.78
C GLU C 230 -15.57 10.92 11.01
N VAL C 231 -14.44 11.00 11.73
CA VAL C 231 -13.13 10.78 11.10
C VAL C 231 -13.06 9.36 10.50
N THR C 232 -13.50 8.39 11.30
CA THR C 232 -13.47 6.98 10.91
C THR C 232 -14.31 6.74 9.66
N VAL C 233 -15.55 7.22 9.66
CA VAL C 233 -16.43 7.09 8.46
C VAL C 233 -15.82 7.66 7.18
N ALA C 234 -15.24 8.85 7.28
CA ALA C 234 -14.65 9.51 6.13
C ALA C 234 -13.48 8.69 5.57
N GLY C 235 -12.65 8.17 6.47
CA GLY C 235 -11.54 7.34 6.05
C GLY C 235 -11.99 6.04 5.45
N LYS C 236 -12.97 5.40 6.08
CA LYS C 236 -13.48 4.12 5.55
C LYS C 236 -14.17 4.23 4.20
N ALA C 237 -14.77 5.40 3.93
CA ALA C 237 -15.34 5.64 2.62
C ALA C 237 -14.27 5.55 1.53
N ILE C 238 -13.01 5.85 1.88
CA ILE C 238 -11.89 5.75 0.94
C ILE C 238 -11.38 4.31 0.86
N LYS C 239 -11.06 3.72 2.03
CA LYS C 239 -10.67 2.31 2.07
C LYS C 239 -11.18 1.74 3.38
N ASN C 240 -12.02 0.72 3.29
CA ASN C 240 -12.79 0.26 4.43
C ASN C 240 -12.00 -0.73 5.30
N LEU C 241 -10.85 -0.28 5.82
CA LEU C 241 -10.10 -1.09 6.79
C LEU C 241 -10.75 -1.08 8.14
N PRO C 242 -10.51 -2.12 8.95
CA PRO C 242 -10.93 -2.03 10.33
C PRO C 242 -10.25 -0.85 11.02
N MET C 243 -10.97 -0.19 11.91
CA MET C 243 -10.43 0.92 12.66
C MET C 243 -10.88 0.85 14.09
N TYR C 244 -10.04 1.32 14.99
CA TYR C 244 -10.35 1.22 16.40
C TYR C 244 -9.82 2.42 17.15
N VAL C 245 -10.21 2.54 18.41
CA VAL C 245 -9.63 3.49 19.33
C VAL C 245 -9.05 2.76 20.56
N ASN C 246 -8.02 3.35 21.14
CA ASN C 246 -7.36 2.78 22.32
C ASN C 246 -7.56 3.63 23.55
N VAL C 247 -7.70 2.99 24.69
CA VAL C 247 -8.15 3.65 25.90
C VAL C 247 -7.10 3.82 26.97
N ALA C 248 -6.93 5.06 27.44
CA ALA C 248 -6.19 5.31 28.67
C ALA C 248 -7.11 4.89 29.82
N LEU C 249 -6.83 3.73 30.39
CA LEU C 249 -7.78 3.08 31.30
C LEU C 249 -7.87 3.76 32.64
N ARG C 250 -9.07 3.73 33.22
CA ARG C 250 -9.19 4.03 34.66
C ARG C 250 -9.09 2.70 35.39
N ASN C 251 -8.64 2.75 36.63
CA ASN C 251 -8.59 1.56 37.44
C ASN C 251 -10.02 1.08 37.64
N PRO C 252 -10.33 -0.17 37.22
CA PRO C 252 -11.69 -0.63 37.24
C PRO C 252 -12.23 -0.87 38.68
N PHE C 253 -11.35 -1.06 39.66
CA PHE C 253 -11.76 -1.29 41.04
C PHE C 253 -11.82 -0.02 41.89
N ASN C 254 -11.08 1.01 41.48
CA ASN C 254 -10.83 2.18 42.31
C ASN C 254 -10.41 3.33 41.37
N PRO C 255 -11.36 3.81 40.56
CA PRO C 255 -11.01 4.68 39.44
C PRO C 255 -10.58 6.08 39.78
N GLY C 256 -11.01 6.61 40.92
CA GLY C 256 -10.87 8.04 41.13
C GLY C 256 -11.81 8.78 40.19
N LEU C 257 -11.56 10.06 40.00
CA LEU C 257 -12.51 10.93 39.31
C LEU C 257 -12.09 11.20 37.89
N PRO C 258 -13.07 11.38 37.01
CA PRO C 258 -12.74 11.78 35.62
C PRO C 258 -12.00 13.10 35.62
N GLY C 259 -10.96 13.20 34.80
CA GLY C 259 -10.04 14.30 34.89
C GLY C 259 -8.77 13.91 35.58
N GLN C 260 -8.86 13.05 36.60
CA GLN C 260 -7.65 12.42 37.15
C GLN C 260 -7.24 11.33 36.19
N TYR C 261 -8.18 10.46 35.86
CA TYR C 261 -8.07 9.65 34.68
C TYR C 261 -8.52 10.46 33.48
N SER C 262 -8.27 9.95 32.29
CA SER C 262 -8.55 10.70 31.07
C SER C 262 -10.02 10.66 30.78
N SER C 263 -10.70 11.78 31.04
CA SER C 263 -12.16 11.82 30.89
C SER C 263 -12.54 11.86 29.42
N GLY C 264 -13.51 11.03 29.04
CA GLY C 264 -14.08 11.08 27.72
C GLY C 264 -13.62 9.94 26.82
N GLY C 265 -12.52 9.32 27.18
CA GLY C 265 -12.09 8.11 26.47
C GLY C 265 -13.02 6.96 26.80
N GLY C 266 -12.81 5.83 26.14
CA GLY C 266 -13.63 4.62 26.29
C GLY C 266 -13.39 3.86 27.58
N THR C 267 -13.40 4.57 28.71
CA THR C 267 -13.31 3.93 30.03
C THR C 267 -14.53 3.05 30.27
N ASP C 268 -14.42 2.15 31.25
CA ASP C 268 -15.40 1.07 31.34
C ASP C 268 -16.82 1.60 31.62
N ASN C 269 -16.90 2.74 32.30
CA ASN C 269 -18.19 3.34 32.67
C ASN C 269 -18.84 4.09 31.54
N VAL C 270 -18.15 4.31 30.42
CA VAL C 270 -18.77 4.97 29.27
C VAL C 270 -18.77 4.16 27.99
N LEU C 271 -18.53 2.86 28.09
CA LEU C 271 -18.54 2.03 26.89
C LEU C 271 -19.88 2.07 26.21
N HIS C 272 -20.96 2.12 26.99
CA HIS C 272 -22.30 2.20 26.40
C HIS C 272 -22.49 3.48 25.59
N ILE C 273 -21.93 4.58 26.06
CA ILE C 273 -21.98 5.87 25.34
C ILE C 273 -21.20 5.76 24.05
N TRP C 274 -19.96 5.25 24.14
CA TRP C 274 -19.12 5.05 22.93
C TRP C 274 -19.73 4.14 21.88
N LYS C 275 -20.36 3.04 22.30
CA LYS C 275 -20.97 2.11 21.36
C LYS C 275 -22.22 2.72 20.68
N ALA C 276 -22.99 3.50 21.44
CA ALA C 276 -24.15 4.20 20.88
C ALA C 276 -23.74 5.35 19.95
N ALA C 277 -22.72 6.11 20.36
CA ALA C 277 -22.29 7.28 19.60
C ALA C 277 -21.45 6.98 18.35
N ALA C 278 -20.69 5.87 18.36
CA ALA C 278 -19.71 5.63 17.31
C ALA C 278 -19.85 4.24 16.73
N PRO C 279 -20.97 4.01 16.04
CA PRO C 279 -21.20 2.70 15.45
C PRO C 279 -20.26 2.30 14.32
N ASN C 280 -19.53 3.25 13.74
CA ASN C 280 -18.56 2.90 12.69
C ASN C 280 -17.16 2.49 13.17
N ILE C 281 -16.88 2.72 14.45
CA ILE C 281 -15.63 2.30 15.07
C ILE C 281 -15.77 0.80 15.41
N ASP C 282 -14.84 -0.02 14.91
CA ASP C 282 -14.97 -1.47 15.03
C ASP C 282 -14.83 -2.01 16.46
N LEU C 283 -13.88 -1.47 17.22
CA LEU C 283 -13.70 -1.93 18.60
C LEU C 283 -13.02 -0.86 19.42
N ILE C 284 -13.14 -1.03 20.72
CA ILE C 284 -12.52 -0.16 21.69
C ILE C 284 -11.50 -1.03 22.44
N ALA C 285 -10.24 -0.62 22.37
CA ALA C 285 -9.09 -1.46 22.82
C ALA C 285 -8.45 -0.91 24.10
N PRO C 286 -8.25 -1.78 25.11
CA PRO C 286 -7.60 -1.32 26.33
C PRO C 286 -6.08 -1.25 26.20
N ASP C 287 -5.51 -0.22 26.78
CA ASP C 287 -4.07 -0.08 26.89
C ASP C 287 -3.71 -0.49 28.32
N ILE C 288 -3.03 -1.61 28.46
CA ILE C 288 -2.86 -2.23 29.79
C ILE C 288 -1.50 -2.02 30.39
N TYR C 289 -1.43 -1.23 31.45
CA TYR C 289 -0.18 -1.01 32.17
C TYR C 289 -0.28 -1.35 33.66
N PHE C 290 -1.43 -1.84 34.11
CA PHE C 290 -1.57 -2.34 35.49
C PHE C 290 -0.78 -3.66 35.51
N ARG C 291 0.04 -3.86 36.52
CA ARG C 291 0.94 -5.04 36.52
C ARG C 291 0.31 -6.29 37.14
N ASP C 292 -0.63 -6.04 38.05
CA ASP C 292 -1.19 -7.08 38.91
C ASP C 292 -2.34 -7.85 38.27
N TYR C 293 -2.30 -9.15 38.48
CA TYR C 293 -3.15 -10.10 37.84
C TYR C 293 -4.63 -9.80 37.99
N LYS C 294 -5.06 -9.45 39.20
CA LYS C 294 -6.50 -9.23 39.39
C LYS C 294 -7.03 -8.07 38.56
N THR C 295 -6.26 -7.00 38.49
CA THR C 295 -6.70 -5.81 37.79
C THR C 295 -6.66 -6.03 36.30
N VAL C 296 -5.57 -6.64 35.82
CA VAL C 296 -5.49 -6.97 34.41
C VAL C 296 -6.65 -7.89 34.04
N SER C 297 -6.91 -8.92 34.82
CA SER C 297 -7.99 -9.86 34.52
C SER C 297 -9.32 -9.12 34.40
N LYS C 298 -9.53 -8.18 35.30
CA LYS C 298 -10.80 -7.43 35.34
C LYS C 298 -10.94 -6.59 34.08
N VAL C 299 -9.85 -5.95 33.67
CA VAL C 299 -9.85 -5.19 32.41
C VAL C 299 -10.19 -6.08 31.23
N LEU C 300 -9.56 -7.25 31.13
CA LEU C 300 -9.84 -8.14 30.03
C LEU C 300 -11.31 -8.53 30.02
N GLU C 301 -11.85 -8.77 31.20
CA GLU C 301 -13.26 -9.12 31.33
C GLU C 301 -14.16 -7.95 30.85
N LEU C 302 -13.85 -6.73 31.27
CA LEU C 302 -14.67 -5.55 30.91
C LEU C 302 -14.66 -5.22 29.42
N TYR C 303 -13.53 -5.44 28.75
CA TYR C 303 -13.41 -5.09 27.36
C TYR C 303 -13.74 -6.21 26.40
N THR C 304 -13.94 -7.42 26.91
CA THR C 304 -14.39 -8.51 26.07
C THR C 304 -15.92 -8.58 26.19
N ARG C 305 -16.61 -8.26 25.10
CA ARG C 305 -18.07 -8.18 25.12
C ARG C 305 -18.64 -8.72 23.84
N PRO C 306 -19.93 -9.13 23.87
CA PRO C 306 -20.52 -9.52 22.60
C PRO C 306 -20.41 -8.42 21.53
N ASP C 307 -20.43 -7.16 21.95
CA ASP C 307 -20.33 -6.03 21.00
C ASP C 307 -18.90 -5.45 20.89
N ASN C 308 -17.90 -6.13 21.46
CA ASN C 308 -16.52 -5.58 21.47
C ASN C 308 -15.50 -6.70 21.44
N ALA C 309 -14.88 -6.89 20.27
CA ALA C 309 -13.70 -7.73 20.14
C ALA C 309 -12.62 -7.24 21.06
N LEU C 310 -11.90 -8.19 21.67
CA LEU C 310 -10.76 -7.86 22.53
C LEU C 310 -9.48 -7.72 21.73
N PHE C 311 -8.88 -6.53 21.82
CA PHE C 311 -7.58 -6.27 21.24
C PHE C 311 -6.78 -5.55 22.28
N VAL C 312 -5.72 -6.19 22.77
CA VAL C 312 -4.83 -5.52 23.69
C VAL C 312 -3.86 -4.69 22.85
N ALA C 313 -4.27 -3.46 22.59
CA ALA C 313 -3.60 -2.58 21.63
C ALA C 313 -2.25 -2.12 22.14
N GLU C 314 -2.12 -2.04 23.47
CA GLU C 314 -0.85 -1.78 24.13
C GLU C 314 -0.81 -2.57 25.43
N ILE C 315 0.37 -3.03 25.79
CA ILE C 315 0.62 -3.59 27.10
C ILE C 315 2.07 -3.26 27.47
N GLY C 316 2.36 -3.13 28.77
CA GLY C 316 3.72 -2.85 29.20
C GLY C 316 4.68 -3.91 28.75
N ASN C 317 5.95 -3.52 28.59
CA ASN C 317 6.94 -4.45 28.08
C ASN C 317 7.85 -5.06 29.13
N ASP C 318 7.55 -4.84 30.40
CA ASP C 318 8.27 -5.52 31.46
C ASP C 318 7.84 -6.98 31.53
N GLN C 319 8.71 -7.79 32.11
CA GLN C 319 8.51 -9.26 32.14
C GLN C 319 7.12 -9.74 32.61
N PRO C 320 6.51 -9.10 33.63
CA PRO C 320 5.26 -9.68 34.14
C PRO C 320 4.11 -9.63 33.15
N PHE C 321 4.22 -8.76 32.14
CA PHE C 321 3.14 -8.59 31.21
C PHE C 321 3.04 -9.68 30.16
N ALA C 322 4.13 -10.41 29.93
CA ALA C 322 4.15 -11.40 28.82
C ALA C 322 3.06 -12.47 28.97
N ARG C 323 2.82 -12.93 30.21
CA ARG C 323 1.90 -14.04 30.44
C ARG C 323 0.46 -13.68 30.16
N TYR C 324 0.14 -12.39 30.06
CA TYR C 324 -1.23 -11.97 29.79
C TYR C 324 -1.64 -12.24 28.35
N LEU C 325 -0.69 -12.62 27.52
CA LEU C 325 -1.03 -13.16 26.21
C LEU C 325 -2.02 -14.33 26.32
N PHE C 326 -1.82 -15.20 27.29
CA PHE C 326 -2.64 -16.42 27.37
C PHE C 326 -4.13 -16.12 27.64
N PRO C 327 -4.45 -15.35 28.68
CA PRO C 327 -5.88 -15.05 28.90
C PRO C 327 -6.46 -14.15 27.83
N THR C 328 -5.64 -13.30 27.23
CA THR C 328 -6.07 -12.48 26.09
C THR C 328 -6.59 -13.37 24.97
N LEU C 329 -5.78 -14.36 24.58
CA LEU C 329 -6.18 -15.28 23.52
C LEU C 329 -7.31 -16.19 23.98
N GLY C 330 -7.29 -16.58 25.25
CA GLY C 330 -8.33 -17.41 25.80
C GLY C 330 -9.72 -16.77 25.78
N LYS C 331 -9.77 -15.44 25.86
CA LYS C 331 -11.04 -14.74 25.74
C LYS C 331 -11.49 -14.53 24.31
N GLY C 332 -10.76 -15.09 23.35
CA GLY C 332 -11.05 -14.89 21.94
C GLY C 332 -10.46 -13.61 21.40
N GLY C 333 -9.46 -13.06 22.10
CA GLY C 333 -8.81 -11.84 21.65
C GLY C 333 -8.23 -11.96 20.28
N ILE C 334 -8.22 -10.85 19.54
CA ILE C 334 -7.70 -10.85 18.17
C ILE C 334 -6.24 -10.42 18.12
N GLY C 335 -5.71 -9.96 19.25
CA GLY C 335 -4.33 -9.55 19.26
C GLY C 335 -3.83 -8.95 20.55
N PHE C 336 -2.52 -8.67 20.54
CA PHE C 336 -1.76 -8.35 21.75
C PHE C 336 -0.52 -7.63 21.26
N SER C 337 -0.22 -6.48 21.84
CA SER C 337 0.86 -5.65 21.32
C SER C 337 1.63 -4.92 22.43
N PRO C 338 2.76 -5.51 22.86
CA PRO C 338 3.65 -4.83 23.82
C PRO C 338 4.21 -3.52 23.28
N PHE C 339 4.22 -2.52 24.17
CA PHE C 339 4.66 -1.19 23.83
C PHE C 339 6.15 -0.97 24.08
N GLY C 340 6.79 -0.28 23.13
CA GLY C 340 8.13 0.22 23.29
C GLY C 340 9.16 -0.80 22.89
N MET C 341 8.82 -1.61 21.88
CA MET C 341 9.72 -2.68 21.42
C MET C 341 10.66 -2.18 20.32
N ASP C 342 11.54 -1.26 20.68
CA ASP C 342 12.57 -0.82 19.76
C ASP C 342 13.78 -0.35 20.53
N ASP C 343 14.89 -0.21 19.82
CA ASP C 343 16.16 0.22 20.42
C ASP C 343 16.50 1.68 20.19
N THR C 344 15.51 2.57 20.26
CA THR C 344 15.73 3.98 20.05
C THR C 344 16.07 4.74 21.36
N ASP C 345 16.62 4.06 22.35
CA ASP C 345 17.16 4.68 23.54
C ASP C 345 16.06 5.29 24.40
N TYR C 346 15.06 4.48 24.72
CA TYR C 346 13.99 4.94 25.58
C TYR C 346 13.35 3.78 26.31
N THR C 347 13.01 4.02 27.57
CA THR C 347 12.19 3.10 28.36
C THR C 347 11.15 3.90 29.11
N ASN C 348 9.91 3.39 29.13
CA ASN C 348 8.84 4.07 29.86
C ASN C 348 8.71 3.52 31.30
N TYR C 349 9.75 2.83 31.76
CA TYR C 349 9.87 2.52 33.17
C TYR C 349 9.53 3.79 33.97
N PRO C 350 8.70 3.68 35.02
CA PRO C 350 8.19 2.49 35.71
C PRO C 350 7.04 1.73 35.08
N LEU C 351 6.48 2.20 33.94
CA LEU C 351 5.41 1.42 33.26
C LEU C 351 5.93 0.13 32.63
N GLY C 352 7.06 0.22 31.94
CA GLY C 352 7.69 -0.91 31.26
C GLY C 352 8.99 -1.35 31.89
N ALA C 353 9.81 -2.03 31.09
CA ALA C 353 11.04 -2.60 31.55
C ALA C 353 12.07 -1.53 31.90
N LYS C 354 12.83 -1.72 32.98
CA LYS C 354 13.89 -0.76 33.38
C LYS C 354 14.96 -0.65 32.32
N VAL C 355 15.32 -1.77 31.72
CA VAL C 355 16.35 -1.78 30.66
C VAL C 355 15.81 -2.55 29.44
N TYR C 356 16.07 -1.99 28.26
CA TYR C 356 15.65 -2.61 26.99
C TYR C 356 16.83 -3.36 26.42
N ASN C 357 16.75 -4.67 26.45
CA ASN C 357 17.81 -5.49 25.92
C ASN C 357 17.21 -6.81 25.40
N ASP C 358 18.06 -7.72 24.98
CA ASP C 358 17.59 -8.99 24.41
C ASP C 358 16.72 -9.77 25.38
N GLU C 359 17.04 -9.70 26.67
CA GLU C 359 16.29 -10.41 27.68
C GLU C 359 14.86 -9.85 27.77
N THR C 360 14.72 -8.55 27.72
CA THR C 360 13.38 -7.93 27.66
C THR C 360 12.56 -8.53 26.51
N ILE C 361 13.17 -8.60 25.33
CA ILE C 361 12.47 -9.07 24.12
C ILE C 361 12.15 -10.54 24.26
N GLU C 362 13.10 -11.30 24.80
CA GLU C 362 12.95 -12.73 24.90
C GLU C 362 11.73 -13.16 25.73
N GLN C 363 11.31 -12.36 26.72
CA GLN C 363 10.15 -12.75 27.53
C GLN C 363 8.92 -12.86 26.64
N PHE C 364 8.80 -11.97 25.66
CA PHE C 364 7.70 -12.05 24.71
C PHE C 364 7.94 -13.06 23.59
N ALA C 365 9.19 -13.17 23.13
CA ALA C 365 9.52 -14.14 22.09
C ALA C 365 9.12 -15.54 22.54
N GLN C 366 9.39 -15.86 23.80
CA GLN C 366 9.12 -17.20 24.30
C GLN C 366 7.64 -17.56 24.30
N VAL C 367 6.76 -16.60 24.53
CA VAL C 367 5.35 -16.88 24.49
C VAL C 367 4.80 -16.81 23.05
N TYR C 368 5.33 -15.91 22.23
CA TYR C 368 4.92 -15.88 20.82
C TYR C 368 5.26 -17.17 20.07
N ARG C 369 6.36 -17.83 20.47
CA ARG C 369 6.77 -19.09 19.88
C ARG C 369 5.77 -20.21 20.08
N LEU C 370 4.90 -20.07 21.07
CA LEU C 370 3.85 -21.06 21.31
C LEU C 370 2.69 -20.91 20.31
N VAL C 371 2.47 -19.69 19.85
CA VAL C 371 1.28 -19.37 19.03
C VAL C 371 1.59 -19.28 17.53
N ASN C 372 2.73 -18.71 17.18
CA ASN C 372 3.18 -18.61 15.79
C ASN C 372 3.03 -19.89 14.98
N PRO C 373 3.46 -21.06 15.51
CA PRO C 373 3.31 -22.30 14.73
C PRO C 373 1.89 -22.73 14.41
N MET C 374 0.91 -22.25 15.17
CA MET C 374 -0.49 -22.58 14.95
C MET C 374 -1.35 -21.33 14.75
N MET C 375 -0.77 -20.21 14.33
CA MET C 375 -1.50 -18.95 14.42
C MET C 375 -2.85 -19.00 13.67
N ARG C 376 -2.85 -19.46 12.42
CA ARG C 376 -4.13 -19.48 11.63
C ARG C 376 -5.13 -20.49 12.20
N GLU C 377 -4.64 -21.62 12.67
CA GLU C 377 -5.50 -22.66 13.24
C GLU C 377 -6.11 -22.19 14.53
N TRP C 378 -5.30 -21.57 15.41
CA TRP C 378 -5.80 -21.00 16.63
C TRP C 378 -6.83 -19.90 16.35
N ALA C 379 -6.53 -19.04 15.38
CA ALA C 379 -7.42 -17.93 15.10
C ALA C 379 -8.82 -18.42 14.68
N ARG C 380 -8.85 -19.45 13.86
CA ARG C 380 -10.11 -20.04 13.45
C ARG C 380 -10.88 -20.67 14.61
N LEU C 381 -10.19 -21.44 15.45
CA LEU C 381 -10.82 -22.03 16.63
C LEU C 381 -11.33 -21.00 17.62
N SER C 382 -10.59 -19.90 17.73
CA SER C 382 -10.97 -18.80 18.62
C SER C 382 -12.18 -18.00 18.12
N TYR C 383 -12.54 -18.17 16.85
CA TYR C 383 -13.74 -17.52 16.33
C TYR C 383 -14.91 -18.51 16.29
N GLN C 384 -14.66 -19.66 15.69
CA GLN C 384 -15.68 -20.66 15.35
C GLN C 384 -15.90 -21.69 16.44
N GLY C 385 -14.96 -21.81 17.37
CA GLY C 385 -15.00 -22.90 18.34
C GLY C 385 -14.84 -22.45 19.78
N GLN C 386 -14.28 -23.32 20.61
CA GLN C 386 -14.14 -23.05 21.99
C GLN C 386 -12.67 -23.03 22.34
N VAL C 387 -12.25 -21.95 22.98
CA VAL C 387 -10.90 -21.79 23.45
C VAL C 387 -10.90 -21.32 24.90
N TRP C 388 -9.78 -21.58 25.57
CA TRP C 388 -9.53 -21.15 26.92
C TRP C 388 -8.09 -20.72 27.04
N GLY C 389 -7.83 -19.82 27.98
CA GLY C 389 -6.49 -19.37 28.21
C GLY C 389 -6.38 -18.84 29.60
N VAL C 390 -5.29 -19.21 30.30
CA VAL C 390 -5.05 -18.74 31.67
C VAL C 390 -3.61 -18.34 31.87
N ALA C 391 -3.41 -17.43 32.82
CA ALA C 391 -2.08 -17.03 33.25
C ALA C 391 -1.92 -17.29 34.76
N GLU C 392 -0.65 -17.38 35.16
CA GLU C 392 -0.26 -17.61 36.54
C GLU C 392 -0.84 -16.49 37.40
N PRO C 393 -1.68 -16.85 38.37
CA PRO C 393 -2.53 -15.84 39.02
C PRO C 393 -1.96 -15.15 40.24
N LEU C 394 -0.78 -15.54 40.70
CA LEU C 394 -0.13 -14.81 41.76
C LEU C 394 1.00 -14.06 41.14
N ASP C 395 1.08 -12.78 41.47
CA ASP C 395 2.18 -11.97 41.03
C ASP C 395 3.44 -12.39 41.77
N SER C 396 4.59 -11.97 41.28
CA SER C 396 5.85 -12.35 41.92
C SER C 396 5.87 -11.83 43.36
N THR C 397 6.45 -12.62 44.26
CA THR C 397 6.45 -12.31 45.69
C THR C 397 7.21 -11.02 45.98
N THR C 398 6.59 -10.13 46.78
CA THR C 398 7.06 -8.75 47.01
C THR C 398 7.82 -8.55 48.31
N GLU C 399 9.17 -8.62 48.25
CA GLU C 399 10.07 -8.16 49.33
C GLU C 399 9.44 -8.04 50.75
N THR C 400 8.43 -7.16 50.90
CA THR C 400 7.57 -7.13 52.10
C THR C 400 6.99 -8.52 52.45
N GLN C 401 6.55 -9.27 51.44
CA GLN C 401 6.03 -10.63 51.64
C GLN C 401 7.15 -11.64 51.92
N LYS C 402 8.32 -11.44 51.32
CA LYS C 402 9.50 -12.27 51.60
C LYS C 402 9.99 -12.09 53.06
N ILE C 403 9.77 -10.90 53.63
CA ILE C 403 10.05 -10.66 55.06
C ILE C 403 9.00 -11.30 55.96
N TRP C 404 7.72 -11.01 55.69
CA TRP C 404 6.59 -11.63 56.42
C TRP C 404 6.65 -13.16 56.41
N ASN C 405 7.11 -13.73 55.29
CA ASN C 405 7.32 -15.18 55.19
C ASN C 405 8.47 -15.63 56.10
N ALA C 406 9.58 -14.90 56.11
CA ALA C 406 10.76 -15.23 56.94
C ALA C 406 10.53 -15.20 58.47
N GLU C 407 9.55 -14.42 58.94
CA GLU C 407 9.26 -14.29 60.38
C GLU C 407 7.86 -14.81 60.66
N ALA C 408 7.65 -16.12 60.61
CA ALA C 408 6.30 -16.68 60.47
C ALA C 408 5.73 -17.63 61.52
N THR C 409 6.54 -18.58 61.99
CA THR C 409 6.08 -19.71 62.81
C THR C 409 5.87 -20.85 61.86
N PRO C 410 6.58 -21.98 62.07
CA PRO C 410 6.51 -23.12 61.15
C PRO C 410 5.08 -23.55 60.76
N GLU C 411 4.10 -23.38 61.66
CA GLU C 411 2.69 -23.64 61.34
C GLU C 411 2.10 -22.61 60.36
N GLU C 412 2.51 -21.35 60.51
CA GLU C 412 2.09 -20.27 59.59
C GLU C 412 2.72 -20.39 58.19
N LYS C 413 3.99 -20.82 58.12
CA LYS C 413 4.64 -21.12 56.84
C LYS C 413 3.94 -22.25 56.08
N GLU C 414 3.72 -23.40 56.74
CA GLU C 414 2.99 -24.52 56.13
C GLU C 414 1.62 -24.07 55.62
N GLN C 415 0.94 -23.21 56.39
CA GLN C 415 -0.39 -22.77 56.00
C GLN C 415 -0.34 -21.81 54.80
N HIS C 416 0.64 -20.93 54.81
CA HIS C 416 0.83 -20.01 53.70
C HIS C 416 1.14 -20.77 52.40
N LYS C 417 1.99 -21.78 52.50
CA LYS C 417 2.31 -22.63 51.36
C LYS C 417 1.08 -23.33 50.80
N LYS C 418 0.19 -23.80 51.69
CA LYS C 418 -1.07 -24.41 51.25
C LYS C 418 -1.95 -23.43 50.53
N ASP C 419 -1.99 -22.20 51.04
CA ASP C 419 -2.83 -21.16 50.47
C ASP C 419 -2.33 -20.79 49.07
N ARG C 420 -1.02 -20.62 48.96
CA ARG C 420 -0.39 -20.34 47.67
C ARG C 420 -0.68 -21.45 46.68
N ALA C 421 -0.51 -22.71 47.12
CA ALA C 421 -0.73 -23.84 46.24
C ALA C 421 -2.12 -23.82 45.70
N SER C 422 -3.07 -23.55 46.58
CA SER C 422 -4.46 -23.48 46.18
C SER C 422 -4.75 -22.31 45.21
N ALA C 423 -4.15 -21.16 45.47
CA ALA C 423 -4.33 -20.00 44.58
C ALA C 423 -3.68 -20.26 43.19
N LEU C 424 -2.61 -21.05 43.18
CA LEU C 424 -1.86 -21.39 41.96
C LEU C 424 -2.42 -22.62 41.22
N THR C 425 -3.69 -22.96 41.49
CA THR C 425 -4.38 -24.09 40.87
C THR C 425 -5.63 -23.55 40.23
N GLN C 426 -5.77 -23.68 38.90
CA GLN C 426 -6.93 -23.16 38.21
C GLN C 426 -7.71 -24.29 37.58
N GLN C 427 -9.05 -24.23 37.62
CA GLN C 427 -9.90 -25.26 37.03
C GLN C 427 -10.62 -24.69 35.83
N LEU C 428 -10.65 -25.45 34.74
CA LEU C 428 -11.34 -25.08 33.52
C LEU C 428 -12.31 -26.15 33.10
N ASP C 429 -13.53 -25.73 32.77
CA ASP C 429 -14.60 -26.64 32.34
C ASP C 429 -14.58 -26.74 30.83
N LEU C 430 -14.14 -27.89 30.32
CA LEU C 430 -14.00 -28.09 28.88
C LEU C 430 -15.08 -28.95 28.28
N GLY C 431 -16.22 -29.05 28.98
CA GLY C 431 -17.36 -29.86 28.48
C GLY C 431 -17.43 -31.18 29.23
N LEU C 432 -17.13 -32.25 28.54
CA LEU C 432 -17.03 -33.57 29.17
C LEU C 432 -15.80 -33.72 30.09
N TRP C 433 -14.79 -32.89 29.86
CA TRP C 433 -13.52 -32.97 30.56
C TRP C 433 -13.21 -31.64 31.19
N ASP C 434 -12.51 -31.66 32.32
CA ASP C 434 -11.99 -30.46 32.94
C ASP C 434 -10.47 -30.51 32.90
N ALA C 435 -9.84 -29.34 32.91
CA ALA C 435 -8.41 -29.27 33.07
C ALA C 435 -8.11 -28.56 34.38
N GLU C 436 -7.00 -28.93 34.98
CA GLU C 436 -6.47 -28.23 36.11
C GLU C 436 -5.06 -27.77 35.75
N VAL C 437 -4.83 -26.47 35.88
CA VAL C 437 -3.55 -25.87 35.55
C VAL C 437 -2.87 -25.44 36.83
N THR C 438 -1.62 -25.85 37.01
CA THR C 438 -0.83 -25.46 38.18
C THR C 438 0.53 -24.92 37.75
N TYR C 439 1.13 -24.12 38.61
CA TYR C 439 2.34 -23.37 38.28
C TYR C 439 3.50 -23.54 39.25
N GLY C 440 4.69 -23.86 38.72
CA GLY C 440 5.91 -23.85 39.51
C GLY C 440 6.08 -25.11 40.33
N ARG C 441 6.28 -26.21 39.63
CA ARG C 441 6.46 -27.51 40.27
C ARG C 441 7.29 -28.39 39.35
N PRO C 442 7.87 -29.46 39.89
CA PRO C 442 8.66 -30.32 39.03
C PRO C 442 7.84 -30.96 37.95
N MET C 443 8.51 -31.63 37.00
CA MET C 443 7.87 -32.29 35.86
C MET C 443 7.48 -33.73 36.22
N PHE C 444 7.80 -34.10 37.45
CA PHE C 444 7.64 -35.47 37.94
C PHE C 444 7.09 -35.43 39.33
N TRP C 445 6.22 -36.38 39.65
CA TRP C 445 5.62 -36.54 40.98
C TRP C 445 4.61 -35.41 41.27
N VAL C 446 4.23 -35.24 42.54
CA VAL C 446 3.05 -34.42 42.84
C VAL C 446 3.31 -33.37 43.89
N THR C 447 4.54 -32.93 44.11
CA THR C 447 4.75 -31.92 45.13
CA THR C 447 4.75 -31.92 45.13
C THR C 447 3.96 -30.67 44.72
N PRO C 448 3.30 -30.01 45.68
CA PRO C 448 2.38 -28.93 45.32
C PRO C 448 3.05 -27.72 44.65
N PRO C 449 2.27 -26.97 43.88
CA PRO C 449 2.81 -25.82 43.16
C PRO C 449 3.24 -24.70 44.11
N GLU C 450 4.38 -24.10 43.82
CA GLU C 450 4.91 -22.96 44.59
C GLU C 450 5.05 -21.71 43.73
N GLY C 451 4.68 -21.77 42.46
CA GLY C 451 4.80 -20.60 41.58
C GLY C 451 6.15 -20.53 40.93
N ASN C 452 6.19 -19.86 39.78
CA ASN C 452 7.46 -19.55 39.13
C ASN C 452 8.03 -18.28 39.72
N THR C 453 9.33 -18.12 39.61
CA THR C 453 10.01 -16.92 40.05
C THR C 453 10.79 -16.35 38.89
N PRO C 454 10.32 -15.22 38.32
CA PRO C 454 9.11 -14.48 38.61
C PRO C 454 7.90 -15.20 38.07
N ALA C 455 6.73 -14.71 38.44
CA ALA C 455 5.50 -15.22 37.88
C ALA C 455 5.56 -15.09 36.33
N ALA C 456 5.19 -16.15 35.61
CA ALA C 456 5.39 -16.20 34.17
C ALA C 456 4.57 -17.22 33.40
N GLY C 457 3.89 -18.15 34.07
CA GLY C 457 3.27 -19.25 33.40
C GLY C 457 1.92 -18.98 32.78
N GLY C 458 1.49 -19.88 31.93
CA GLY C 458 0.14 -19.86 31.41
C GLY C 458 -0.13 -21.05 30.49
N ALA C 459 -1.34 -21.08 29.92
CA ALA C 459 -1.78 -22.19 29.11
C ALA C 459 -2.89 -21.78 28.17
N LEU C 460 -2.88 -22.40 26.98
CA LEU C 460 -3.91 -22.29 25.98
C LEU C 460 -4.49 -23.65 25.70
N ILE C 461 -5.81 -23.71 25.58
CA ILE C 461 -6.50 -24.91 25.21
C ILE C 461 -7.57 -24.58 24.18
N ALA C 462 -7.65 -25.37 23.12
CA ALA C 462 -8.75 -25.28 22.16
C ALA C 462 -9.45 -26.62 22.08
N GLN C 463 -10.77 -26.64 21.97
CA GLN C 463 -11.47 -27.91 21.78
C GLN C 463 -11.52 -28.30 20.31
N LEU C 464 -11.09 -29.52 20.00
CA LEU C 464 -11.14 -30.04 18.63
C LEU C 464 -12.35 -30.97 18.41
N ASP C 465 -12.78 -31.66 19.47
CA ASP C 465 -13.93 -32.56 19.44
C ASP C 465 -14.35 -32.82 20.87
N ASP C 466 -15.37 -33.64 21.07
CA ASP C 466 -15.92 -33.86 22.41
C ASP C 466 -14.86 -34.29 23.42
N ASN C 467 -13.91 -35.10 22.95
CA ASN C 467 -12.88 -35.67 23.84
C ASN C 467 -11.48 -35.30 23.42
N GLU C 468 -11.33 -34.29 22.57
CA GLU C 468 -10.02 -33.97 22.02
C GLU C 468 -9.72 -32.48 22.07
N TYR C 469 -8.51 -32.15 22.53
CA TYR C 469 -8.12 -30.77 22.77
C TYR C 469 -6.75 -30.49 22.23
N LEU C 470 -6.55 -29.25 21.76
CA LEU C 470 -5.23 -28.73 21.38
C LEU C 470 -4.71 -27.96 22.62
N VAL C 471 -3.46 -28.23 23.02
CA VAL C 471 -2.93 -27.70 24.24
C VAL C 471 -1.51 -27.24 24.04
N THR C 472 -1.23 -26.04 24.49
CA THR C 472 0.16 -25.63 24.64
C THR C 472 0.24 -24.77 25.91
N ALA C 473 1.37 -24.83 26.60
CA ALA C 473 1.50 -24.11 27.84
C ALA C 473 2.95 -23.78 28.13
N TYR C 474 3.18 -23.07 29.21
CA TYR C 474 4.44 -22.43 29.47
C TYR C 474 4.63 -22.36 30.98
N LYS C 475 5.70 -23.00 31.45
CA LYS C 475 6.05 -23.03 32.86
C LYS C 475 4.86 -23.38 33.72
N ALA C 476 4.23 -24.50 33.38
CA ALA C 476 3.00 -24.92 33.99
C ALA C 476 2.76 -26.41 33.77
N ARG C 477 1.92 -26.98 34.61
CA ARG C 477 1.35 -28.32 34.43
C ARG C 477 -0.13 -28.23 34.13
N VAL C 478 -0.58 -29.02 33.16
CA VAL C 478 -1.98 -29.10 32.77
C VAL C 478 -2.40 -30.54 32.96
N GLU C 479 -3.44 -30.77 33.76
CA GLU C 479 -3.99 -32.11 33.98
CA GLU C 479 -3.95 -32.14 33.98
C GLU C 479 -5.44 -32.20 33.59
N PHE C 480 -5.82 -33.32 33.02
CA PHE C 480 -7.22 -33.52 32.58
C PHE C 480 -7.95 -34.52 33.47
N LYS C 481 -9.24 -34.28 33.66
CA LYS C 481 -10.08 -35.20 34.42
C LYS C 481 -11.50 -35.09 33.89
N PRO C 482 -12.36 -36.08 34.20
CA PRO C 482 -13.76 -35.97 33.81
C PRO C 482 -14.45 -34.77 34.45
N SER C 483 -15.31 -34.10 33.70
CA SER C 483 -16.04 -32.94 34.21
C SER C 483 -17.23 -33.34 35.12
N GLN C 484 -17.78 -34.55 34.88
CA GLN C 484 -18.96 -35.22 35.51
C GLN C 484 -18.47 -36.52 36.17
N GLU C 485 -18.94 -36.91 37.36
CA GLU C 485 -18.68 -38.29 37.88
C GLU C 485 -19.05 -39.30 36.80
N LEU C 486 -18.20 -40.31 36.62
CA LEU C 486 -18.44 -41.36 35.62
C LEU C 486 -19.26 -42.45 36.32
N ALA C 487 -20.26 -42.97 35.61
CA ALA C 487 -21.19 -43.90 36.23
C ALA C 487 -20.53 -45.26 36.22
N GLY C 488 -19.66 -45.50 37.20
CA GLY C 488 -18.90 -46.76 37.29
C GLY C 488 -17.83 -46.99 36.22
N LYS C 489 -17.51 -45.97 35.42
CA LYS C 489 -16.46 -46.09 34.40
C LYS C 489 -15.15 -45.55 34.99
N LYS C 490 -14.05 -45.82 34.32
CA LYS C 490 -12.78 -45.18 34.65
C LYS C 490 -12.41 -44.23 33.53
N PHE C 491 -11.34 -43.49 33.70
CA PHE C 491 -10.84 -42.68 32.59
C PHE C 491 -9.31 -42.70 32.50
N MET C 492 -8.82 -42.36 31.32
CA MET C 492 -7.41 -42.13 31.10
CA MET C 492 -7.42 -42.12 31.11
C MET C 492 -7.21 -41.20 29.92
N ILE C 493 -5.97 -40.74 29.79
CA ILE C 493 -5.50 -40.19 28.53
CA ILE C 493 -5.51 -40.19 28.53
C ILE C 493 -5.52 -41.32 27.51
N GLU C 494 -6.17 -41.12 26.37
CA GLU C 494 -6.08 -42.11 25.29
C GLU C 494 -4.79 -41.94 24.52
N ARG C 495 -4.51 -40.70 24.13
CA ARG C 495 -3.31 -40.40 23.38
C ARG C 495 -2.96 -38.93 23.46
N VAL C 496 -1.68 -38.63 23.63
CA VAL C 496 -1.15 -37.28 23.50
C VAL C 496 -0.13 -37.29 22.35
N GLU C 497 -0.35 -36.46 21.32
CA GLU C 497 0.62 -36.30 20.26
C GLU C 497 1.22 -34.89 20.31
N GLU C 498 2.54 -34.79 20.21
CA GLU C 498 3.19 -33.52 19.95
C GLU C 498 3.35 -33.38 18.43
N GLY C 499 3.09 -32.18 17.89
CA GLY C 499 3.24 -32.02 16.46
C GLY C 499 3.11 -30.59 15.99
N ARG C 500 2.78 -30.44 14.72
CA ARG C 500 2.62 -29.14 14.12
C ARG C 500 1.64 -29.20 12.97
N PHE C 501 1.25 -28.03 12.48
CA PHE C 501 0.39 -27.90 11.31
C PHE C 501 1.24 -27.56 10.10
N GLU C 502 1.07 -28.32 9.05
CA GLU C 502 1.71 -28.03 7.77
C GLU C 502 0.62 -27.99 6.70
N LYS C 503 0.48 -26.84 6.03
CA LYS C 503 -0.62 -26.62 5.07
C LYS C 503 -1.97 -26.93 5.73
N GLY C 504 -2.15 -26.51 6.97
CA GLY C 504 -3.38 -26.77 7.72
C GLY C 504 -3.62 -28.22 8.14
N LYS C 505 -2.70 -29.13 7.81
CA LYS C 505 -2.79 -30.54 8.23
C LYS C 505 -1.88 -30.80 9.45
N TRP C 506 -2.41 -31.54 10.42
CA TRP C 506 -1.64 -31.98 11.58
C TRP C 506 -0.59 -33.00 11.20
N VAL C 507 0.66 -32.75 11.59
CA VAL C 507 1.73 -33.70 11.41
C VAL C 507 2.25 -34.11 12.80
N MET C 508 2.18 -35.40 13.11
CA MET C 508 2.65 -35.87 14.40
C MET C 508 4.16 -35.97 14.41
N GLU C 509 4.78 -35.46 15.48
CA GLU C 509 6.23 -35.63 15.68
C GLU C 509 6.52 -36.80 16.63
N ARG C 510 5.76 -36.87 17.71
CA ARG C 510 5.94 -37.95 18.67
C ARG C 510 4.72 -38.08 19.58
N VAL C 511 4.61 -39.22 20.24
CA VAL C 511 3.59 -39.44 21.25
C VAL C 511 4.21 -39.18 22.61
N TRP C 512 3.57 -38.30 23.40
CA TRP C 512 3.90 -38.17 24.83
C TRP C 512 3.23 -39.33 25.57
N ASN C 513 4.00 -40.05 26.34
CA ASN C 513 3.45 -41.10 27.16
C ASN C 513 4.36 -41.32 28.38
N GLY C 514 4.03 -42.29 29.23
CA GLY C 514 4.92 -42.66 30.30
C GLY C 514 5.12 -41.49 31.26
N ASP C 515 6.35 -41.22 31.64
CA ASP C 515 6.67 -40.07 32.54
C ASP C 515 6.01 -38.78 32.04
N GLN C 516 5.93 -38.62 30.73
CA GLN C 516 5.49 -37.33 30.14
C GLN C 516 4.00 -37.11 30.30
N THR C 517 3.25 -38.16 30.59
CA THR C 517 1.82 -38.02 30.85
C THR C 517 1.35 -38.58 32.20
N ASP C 518 2.25 -39.15 33.00
CA ASP C 518 1.86 -39.68 34.32
C ASP C 518 1.53 -38.58 35.33
N TRP C 519 2.17 -37.41 35.22
CA TRP C 519 2.07 -36.36 36.21
C TRP C 519 1.57 -35.08 35.53
N GLY C 520 0.51 -35.25 34.74
CA GLY C 520 -0.03 -34.22 33.91
C GLY C 520 0.85 -33.96 32.71
N LEU C 521 0.62 -32.82 32.09
CA LEU C 521 1.40 -32.38 30.94
C LEU C 521 2.23 -31.20 31.40
N ASN C 522 3.53 -31.39 31.48
CA ASN C 522 4.44 -30.42 32.03
C ASN C 522 5.23 -29.67 30.98
N PHE C 523 5.18 -28.35 31.08
CA PHE C 523 5.81 -27.45 30.10
C PHE C 523 6.81 -26.56 30.80
N THR C 524 7.92 -26.31 30.12
CA THR C 524 8.94 -25.42 30.60
C THR C 524 8.88 -24.13 29.80
N ASP C 525 10.02 -23.59 29.40
CA ASP C 525 10.03 -22.43 28.53
C ASP C 525 10.02 -22.78 27.04
N ARG C 526 10.16 -24.06 26.71
CA ARG C 526 10.21 -24.48 25.30
C ARG C 526 8.83 -24.78 24.73
N PRO C 527 8.64 -24.54 23.43
CA PRO C 527 7.36 -24.73 22.77
C PRO C 527 7.07 -26.19 22.43
N HIS C 528 5.89 -26.66 22.85
CA HIS C 528 5.34 -27.92 22.40
C HIS C 528 3.85 -27.72 22.19
N LEU C 529 3.37 -28.18 21.04
CA LEU C 529 1.95 -28.16 20.72
C LEU C 529 1.40 -29.56 20.73
N LEU C 530 0.38 -29.81 21.56
CA LEU C 530 -0.14 -31.15 21.79
C LEU C 530 -1.58 -31.29 21.37
N ARG C 531 -1.91 -32.46 20.85
CA ARG C 531 -3.32 -32.89 20.72
C ARG C 531 -3.55 -33.97 21.76
N VAL C 532 -4.50 -33.71 22.65
CA VAL C 532 -4.80 -34.54 23.78
C VAL C 532 -6.17 -35.18 23.59
N LYS C 533 -6.21 -36.52 23.55
CA LYS C 533 -7.46 -37.24 23.42
C LYS C 533 -7.72 -38.01 24.72
N MET C 534 -8.87 -37.76 25.34
CA MET C 534 -9.24 -38.36 26.61
C MET C 534 -10.28 -39.45 26.33
N ALA C 535 -10.36 -40.43 27.23
CA ALA C 535 -11.35 -41.50 27.13
C ALA C 535 -11.83 -41.96 28.48
N SER C 536 -13.16 -42.13 28.58
CA SER C 536 -13.74 -42.92 29.64
C SER C 536 -13.90 -44.34 29.12
N TYR C 537 -13.78 -45.31 30.01
CA TYR C 537 -13.88 -46.70 29.58
C TYR C 537 -14.55 -47.54 30.67
N SER C 538 -15.26 -48.56 30.22
CA SER C 538 -15.97 -49.46 31.11
C SER C 538 -15.07 -50.52 31.75
N VAL C 539 -15.31 -50.77 33.04
CA VAL C 539 -14.68 -51.87 33.77
C VAL C 539 -15.70 -52.87 34.39
N GLN C 540 -16.99 -52.75 34.04
CA GLN C 540 -18.07 -53.60 34.57
C GLN C 540 -18.03 -54.98 33.94
N ALA D 1 17.13 -0.40 -53.92
CA ALA D 1 16.72 -1.49 -52.96
C ALA D 1 16.93 -1.01 -51.53
N ALA D 2 15.83 -0.86 -50.81
CA ALA D 2 15.79 -0.07 -49.58
C ALA D 2 16.60 -0.69 -48.44
N PRO D 3 17.22 0.13 -47.61
CA PRO D 3 18.02 -0.44 -46.54
C PRO D 3 17.11 -1.08 -45.52
N LEU D 4 17.63 -2.09 -44.83
CA LEU D 4 16.89 -2.72 -43.76
C LEU D 4 16.52 -1.71 -42.68
N PRO D 5 15.32 -1.85 -42.08
CA PRO D 5 15.06 -1.16 -40.83
C PRO D 5 16.07 -1.55 -39.77
N GLU D 6 16.38 -0.64 -38.87
CA GLU D 6 17.28 -0.93 -37.78
C GLU D 6 17.08 0.02 -36.64
N LEU D 7 17.39 -0.44 -35.45
CA LEU D 7 17.31 0.39 -34.27
C LEU D 7 18.70 0.93 -33.97
N LEU D 8 18.85 2.25 -34.01
CA LEU D 8 20.13 2.89 -33.69
C LEU D 8 20.08 3.38 -32.28
N SER D 9 21.21 3.25 -31.60
CA SER D 9 21.37 3.81 -30.26
C SER D 9 22.70 4.57 -30.21
N ASN D 10 22.65 5.83 -29.82
CA ASN D 10 23.86 6.60 -29.65
C ASN D 10 23.65 7.81 -28.75
N ASN D 11 24.64 8.06 -27.90
CA ASN D 11 24.61 9.19 -26.98
C ASN D 11 23.41 9.12 -26.05
N GLY D 12 23.05 7.91 -25.63
CA GLY D 12 21.86 7.67 -24.81
C GLY D 12 20.52 7.89 -25.51
N LYS D 13 20.51 8.10 -26.82
CA LYS D 13 19.29 8.34 -27.58
C LYS D 13 19.10 7.25 -28.64
N HIS D 14 17.93 7.17 -29.24
CA HIS D 14 17.60 6.06 -30.12
C HIS D 14 16.75 6.50 -31.25
N ALA D 15 16.82 5.76 -32.35
CA ALA D 15 15.97 5.98 -33.50
C ALA D 15 15.63 4.65 -34.12
N LEU D 16 14.40 4.49 -34.54
CA LEU D 16 14.03 3.40 -35.43
C LEU D 16 14.22 3.90 -36.84
N MET D 17 15.18 3.32 -37.56
CA MET D 17 15.42 3.70 -38.96
C MET D 17 14.54 2.88 -39.85
N VAL D 18 13.77 3.55 -40.71
CA VAL D 18 12.97 2.91 -41.73
C VAL D 18 13.21 3.59 -43.07
N ASP D 19 13.60 2.80 -44.06
CA ASP D 19 14.02 3.30 -45.37
C ASP D 19 15.11 4.38 -45.23
N GLY D 20 16.03 4.15 -44.30
CA GLY D 20 17.22 4.95 -44.16
C GLY D 20 17.09 6.26 -43.42
N ALA D 21 15.99 6.47 -42.67
CA ALA D 21 15.85 7.66 -41.85
C ALA D 21 14.98 7.36 -40.62
N PRO D 22 15.14 8.16 -39.55
CA PRO D 22 14.28 7.93 -38.36
C PRO D 22 12.80 7.93 -38.69
N TYR D 23 12.07 7.09 -37.99
CA TYR D 23 10.65 6.87 -38.21
C TYR D 23 9.94 6.76 -36.87
N ILE D 24 8.69 7.25 -36.81
CA ILE D 24 7.82 7.07 -35.64
C ILE D 24 6.68 6.16 -36.00
N ILE D 25 6.50 5.08 -35.20
CA ILE D 25 5.34 4.25 -35.31
C ILE D 25 4.15 4.96 -34.65
N LEU D 26 3.27 5.47 -35.50
CA LEU D 26 1.96 5.92 -35.07
C LEU D 26 1.07 4.72 -35.36
N GLY D 27 0.92 3.89 -34.37
CA GLY D 27 0.47 2.54 -34.59
C GLY D 27 -0.95 2.23 -34.21
N SER D 28 -1.34 1.01 -34.56
CA SER D 28 -2.57 0.43 -34.07
CA SER D 28 -2.58 0.42 -34.15
C SER D 28 -2.35 -1.07 -34.02
N GLN D 29 -2.94 -1.72 -33.02
CA GLN D 29 -2.85 -3.16 -32.88
C GLN D 29 -4.23 -3.76 -32.95
N THR D 30 -4.34 -4.85 -33.69
CA THR D 30 -5.61 -5.57 -33.78
C THR D 30 -5.97 -6.27 -32.43
N ASN D 31 -7.24 -6.66 -32.31
CA ASN D 31 -7.60 -7.66 -31.37
C ASN D 31 -6.93 -9.02 -31.68
N ASN D 32 -6.93 -9.91 -30.70
CA ASN D 32 -6.10 -11.11 -30.69
C ASN D 32 -6.56 -12.19 -31.69
N SER D 33 -7.78 -12.09 -32.23
CA SER D 33 -8.29 -13.08 -33.18
C SER D 33 -8.54 -12.52 -34.59
N SER D 34 -7.78 -11.49 -34.96
CA SER D 34 -7.95 -10.82 -36.24
C SER D 34 -6.86 -11.22 -37.26
N ASN D 35 -6.07 -12.23 -36.89
CA ASN D 35 -4.94 -12.65 -37.71
C ASN D 35 -5.32 -13.66 -38.81
N TYR D 36 -6.37 -13.37 -39.55
CA TYR D 36 -6.90 -14.23 -40.59
C TYR D 36 -7.36 -13.34 -41.75
N PRO D 37 -7.21 -13.83 -43.00
CA PRO D 37 -7.62 -13.03 -44.14
C PRO D 37 -9.01 -12.40 -44.03
N ASP D 38 -9.98 -13.16 -43.56
CA ASP D 38 -11.37 -12.72 -43.53
C ASP D 38 -11.59 -11.57 -42.54
N ALA D 39 -10.72 -11.47 -41.53
CA ALA D 39 -10.84 -10.43 -40.51
C ALA D 39 -10.29 -9.10 -40.94
N LEU D 40 -9.45 -9.08 -41.98
CA LEU D 40 -8.76 -7.84 -42.33
C LEU D 40 -9.66 -6.72 -42.81
N LYS D 41 -10.78 -7.06 -43.41
CA LYS D 41 -11.75 -6.04 -43.80
C LYS D 41 -12.32 -5.27 -42.61
N ASP D 42 -12.23 -5.85 -41.42
CA ASP D 42 -12.63 -5.17 -40.16
C ASP D 42 -11.51 -4.46 -39.44
N VAL D 43 -10.32 -4.50 -40.03
CA VAL D 43 -9.13 -3.88 -39.50
C VAL D 43 -8.78 -2.61 -40.27
N TRP D 44 -8.73 -2.67 -41.59
CA TRP D 44 -8.21 -1.55 -42.37
C TRP D 44 -9.01 -0.26 -42.18
N PRO D 45 -10.35 -0.32 -42.12
CA PRO D 45 -11.07 0.96 -41.99
C PRO D 45 -10.70 1.73 -40.69
N SER D 46 -10.49 1.02 -39.58
CA SER D 46 -10.05 1.67 -38.35
C SER D 46 -8.71 2.32 -38.50
N MET D 47 -7.79 1.62 -39.16
CA MET D 47 -6.48 2.14 -39.34
C MET D 47 -6.54 3.43 -40.15
N GLU D 48 -7.35 3.43 -41.19
CA GLU D 48 -7.50 4.60 -42.05
C GLU D 48 -8.09 5.77 -41.25
N LYS D 49 -9.15 5.51 -40.51
CA LYS D 49 -9.78 6.55 -39.67
C LYS D 49 -8.83 7.09 -38.60
N MET D 50 -7.97 6.22 -38.09
CA MET D 50 -7.00 6.63 -37.10
C MET D 50 -5.85 7.45 -37.67
N GLY D 51 -5.53 7.23 -38.93
CA GLY D 51 -4.35 7.82 -39.51
C GLY D 51 -3.07 7.14 -39.07
N ALA D 52 -3.18 5.88 -38.69
CA ALA D 52 -2.01 5.12 -38.30
C ALA D 52 -1.12 4.82 -39.50
N ASN D 53 0.18 4.81 -39.28
CA ASN D 53 1.14 4.43 -40.33
C ASN D 53 1.65 2.96 -40.25
N THR D 54 1.37 2.28 -39.14
CA THR D 54 1.92 0.97 -38.88
C THR D 54 0.88 0.12 -38.15
N LEU D 55 0.67 -1.13 -38.61
CA LEU D 55 -0.25 -2.06 -37.98
C LEU D 55 0.52 -3.16 -37.28
N SER D 56 0.22 -3.36 -36.00
CA SER D 56 0.73 -4.49 -35.23
C SER D 56 -0.33 -5.58 -35.28
N ILE D 57 0.06 -6.79 -35.72
CA ILE D 57 -0.92 -7.89 -35.88
C ILE D 57 -0.24 -9.24 -35.59
N PRO D 58 -0.96 -10.19 -34.94
CA PRO D 58 -0.29 -11.45 -34.66
C PRO D 58 -0.01 -12.27 -35.91
N VAL D 59 1.06 -13.07 -35.80
CA VAL D 59 1.23 -14.24 -36.65
C VAL D 59 1.46 -15.39 -35.67
N ALA D 60 0.54 -16.35 -35.69
CA ALA D 60 0.54 -17.40 -34.72
C ALA D 60 1.29 -18.67 -35.21
N TRP D 61 2.01 -19.28 -34.31
CA TRP D 61 2.70 -20.56 -34.61
C TRP D 61 1.67 -21.59 -35.06
N GLU D 62 0.53 -21.68 -34.36
CA GLU D 62 -0.54 -22.61 -34.77
C GLU D 62 -1.01 -22.45 -36.20
N GLN D 63 -0.96 -21.23 -36.76
CA GLN D 63 -1.46 -21.04 -38.11
C GLN D 63 -0.40 -21.28 -39.14
N ILE D 64 0.85 -21.00 -38.82
CA ILE D 64 1.92 -21.20 -39.82
C ILE D 64 2.46 -22.65 -39.81
N GLU D 65 2.29 -23.37 -38.71
CA GLU D 65 2.74 -24.78 -38.64
C GLU D 65 1.69 -25.66 -37.98
N PRO D 66 0.51 -25.77 -38.63
CA PRO D 66 -0.60 -26.46 -38.01
C PRO D 66 -0.33 -27.97 -37.80
N VAL D 67 0.50 -28.53 -38.66
CA VAL D 67 0.99 -29.89 -38.56
C VAL D 67 2.50 -29.78 -38.65
N GLU D 68 3.22 -30.54 -37.84
CA GLU D 68 4.65 -30.36 -37.74
C GLU D 68 5.30 -30.54 -39.12
N GLY D 69 6.13 -29.57 -39.49
CA GLY D 69 6.81 -29.55 -40.77
C GLY D 69 6.00 -29.10 -41.95
N GLN D 70 4.71 -28.80 -41.78
CA GLN D 70 3.84 -28.43 -42.88
C GLN D 70 3.46 -26.95 -42.71
N PHE D 71 4.24 -26.09 -43.36
CA PHE D 71 4.10 -24.65 -43.16
C PHE D 71 3.04 -24.04 -44.07
N ASP D 72 2.37 -23.01 -43.55
CA ASP D 72 1.29 -22.34 -44.25
C ASP D 72 1.45 -20.83 -44.03
N PHE D 73 1.90 -20.11 -45.05
CA PHE D 73 2.05 -18.65 -44.97
C PHE D 73 0.96 -17.90 -45.73
N SER D 74 -0.17 -18.54 -45.99
CA SER D 74 -1.23 -17.92 -46.76
C SER D 74 -1.72 -16.62 -46.11
N PHE D 75 -1.74 -16.56 -44.77
CA PHE D 75 -2.18 -15.32 -44.08
C PHE D 75 -1.16 -14.22 -44.26
N VAL D 76 0.11 -14.53 -44.07
CA VAL D 76 1.16 -13.55 -44.21
C VAL D 76 1.18 -12.98 -45.63
N ASP D 77 0.96 -13.84 -46.63
CA ASP D 77 0.85 -13.39 -48.03
C ASP D 77 -0.24 -12.33 -48.24
N VAL D 78 -1.46 -12.64 -47.83
CA VAL D 78 -2.59 -11.71 -47.96
C VAL D 78 -2.30 -10.42 -47.18
N LEU D 79 -1.81 -10.58 -45.95
CA LEU D 79 -1.51 -9.44 -45.09
C LEU D 79 -0.50 -8.47 -45.73
N LEU D 80 0.61 -9.01 -46.19
CA LEU D 80 1.59 -8.17 -46.90
C LEU D 80 0.99 -7.43 -48.08
N LYS D 81 0.23 -8.14 -48.91
CA LYS D 81 -0.32 -7.54 -50.10
C LYS D 81 -1.34 -6.43 -49.77
N GLU D 82 -2.19 -6.69 -48.79
CA GLU D 82 -3.17 -5.67 -48.37
C GLU D 82 -2.53 -4.49 -47.69
N ALA D 83 -1.51 -4.71 -46.86
CA ALA D 83 -0.79 -3.60 -46.24
C ALA D 83 -0.19 -2.67 -47.29
N ARG D 84 0.43 -3.27 -48.30
CA ARG D 84 1.10 -2.51 -49.35
C ARG D 84 0.10 -1.72 -50.14
N GLN D 85 -1.07 -2.31 -50.42
CA GLN D 85 -2.10 -1.59 -51.14
C GLN D 85 -2.54 -0.35 -50.35
N ARG D 86 -2.50 -0.44 -49.03
CA ARG D 86 -2.93 0.68 -48.19
CA ARG D 86 -2.92 0.69 -48.20
C ARG D 86 -1.78 1.57 -47.79
N LYS D 87 -0.58 1.24 -48.25
CA LYS D 87 0.62 2.01 -47.99
C LYS D 87 0.92 2.21 -46.49
N VAL D 88 0.81 1.12 -45.74
CA VAL D 88 1.18 1.13 -44.35
C VAL D 88 2.24 0.06 -44.13
N ARG D 89 2.87 0.15 -42.98
CA ARG D 89 3.88 -0.81 -42.57
C ARG D 89 3.34 -1.72 -41.50
N LEU D 90 4.11 -2.75 -41.18
CA LEU D 90 3.67 -3.82 -40.31
C LEU D 90 4.67 -4.15 -39.23
N VAL D 91 4.15 -4.50 -38.06
CA VAL D 91 4.90 -5.11 -37.01
C VAL D 91 4.21 -6.45 -36.77
N LEU D 92 4.93 -7.56 -37.00
CA LEU D 92 4.35 -8.89 -36.77
C LEU D 92 4.62 -9.34 -35.34
N LEU D 93 3.61 -9.94 -34.72
CA LEU D 93 3.70 -10.37 -33.33
C LEU D 93 3.70 -11.90 -33.31
N TRP D 94 4.86 -12.46 -33.01
CA TRP D 94 5.07 -13.93 -33.03
C TRP D 94 4.48 -14.54 -31.77
N PHE D 95 3.26 -15.07 -31.88
CA PHE D 95 2.54 -15.70 -30.79
C PHE D 95 2.89 -17.19 -30.85
N ALA D 96 3.67 -17.63 -29.88
CA ALA D 96 4.31 -18.95 -29.98
C ALA D 96 4.42 -19.64 -28.63
N THR D 97 5.63 -19.78 -28.08
CA THR D 97 5.79 -20.43 -26.79
C THR D 97 5.04 -19.75 -25.65
N TRP D 98 5.07 -18.42 -25.63
CA TRP D 98 4.25 -17.65 -24.69
C TRP D 98 3.38 -16.64 -25.47
N LYS D 99 2.12 -16.64 -25.10
CA LYS D 99 1.21 -15.50 -25.33
C LYS D 99 0.50 -15.32 -23.98
N ASN D 100 0.77 -14.20 -23.32
CA ASN D 100 0.21 -13.94 -21.97
C ASN D 100 0.50 -15.13 -21.05
N ASN D 101 1.75 -15.54 -21.03
CA ASN D 101 2.26 -16.61 -20.14
C ASN D 101 1.99 -18.05 -20.59
N ALA D 102 1.11 -18.23 -21.59
CA ALA D 102 0.55 -19.52 -21.93
C ALA D 102 0.78 -19.92 -23.38
N PRO D 103 0.64 -21.22 -23.67
CA PRO D 103 0.88 -21.75 -25.03
C PRO D 103 -0.35 -21.91 -25.93
N HIS D 104 -1.38 -21.11 -25.72
CA HIS D 104 -2.62 -21.31 -26.52
C HIS D 104 -2.47 -21.13 -28.01
N TYR D 105 -1.48 -20.33 -28.44
CA TYR D 105 -1.23 -20.14 -29.88
C TYR D 105 -0.20 -21.06 -30.49
N ALA D 106 0.37 -21.95 -29.66
CA ALA D 106 1.24 -22.98 -30.22
C ALA D 106 0.33 -24.00 -30.90
N PRO D 107 0.85 -24.71 -31.91
CA PRO D 107 0.07 -25.76 -32.52
C PRO D 107 -0.39 -26.83 -31.53
N ALA D 108 -1.47 -27.54 -31.90
CA ALA D 108 -2.03 -28.58 -31.02
C ALA D 108 -0.96 -29.64 -30.69
N TRP D 109 -0.15 -29.96 -31.67
CA TRP D 109 0.94 -30.95 -31.50
C TRP D 109 2.04 -30.46 -30.55
N VAL D 110 2.03 -29.17 -30.22
CA VAL D 110 2.89 -28.63 -29.18
C VAL D 110 2.20 -28.54 -27.84
N LYS D 111 1.10 -27.76 -27.79
CA LYS D 111 0.48 -27.46 -26.52
C LYS D 111 -0.19 -28.66 -25.86
N LEU D 112 -0.49 -29.70 -26.60
CA LEU D 112 -1.13 -30.87 -26.01
C LEU D 112 -0.14 -31.99 -25.73
N ASP D 113 1.16 -31.75 -25.90
CA ASP D 113 2.22 -32.78 -25.67
C ASP D 113 3.19 -32.30 -24.62
N ASN D 114 2.77 -32.42 -23.36
CA ASN D 114 3.55 -31.97 -22.26
C ASN D 114 4.88 -32.75 -22.10
N ALA D 115 4.86 -34.02 -22.48
CA ALA D 115 6.06 -34.85 -22.31
C ALA D 115 7.18 -34.29 -23.12
N ARG D 116 6.87 -33.93 -24.35
CA ARG D 116 7.86 -33.37 -25.27
C ARG D 116 8.15 -31.89 -24.97
N PHE D 117 7.10 -31.16 -24.60
CA PHE D 117 7.14 -29.70 -24.44
C PHE D 117 6.63 -29.31 -23.08
N PRO D 118 7.51 -29.36 -22.08
CA PRO D 118 7.04 -29.36 -20.70
C PRO D 118 6.65 -28.03 -20.09
N ARG D 119 5.66 -28.09 -19.21
CA ARG D 119 5.18 -26.95 -18.46
C ARG D 119 5.94 -26.73 -17.18
N VAL D 120 5.87 -25.49 -16.72
CA VAL D 120 6.31 -25.10 -15.39
C VAL D 120 5.61 -25.94 -14.35
N VAL D 121 6.40 -26.44 -13.39
CA VAL D 121 5.88 -27.17 -12.25
C VAL D 121 6.09 -26.34 -10.99
N LYS D 122 5.03 -26.21 -10.20
CA LYS D 122 5.09 -25.44 -8.98
C LYS D 122 5.92 -26.18 -7.92
N GLU D 123 6.32 -25.46 -6.89
CA GLU D 123 7.04 -26.03 -5.76
C GLU D 123 6.24 -27.16 -5.09
N ASP D 124 4.90 -27.06 -5.07
CA ASP D 124 4.05 -28.13 -4.54
C ASP D 124 3.75 -29.29 -5.52
N GLY D 125 4.41 -29.31 -6.67
CA GLY D 125 4.22 -30.39 -7.65
C GLY D 125 3.09 -30.23 -8.65
N ASP D 126 2.19 -29.27 -8.45
CA ASP D 126 1.14 -29.02 -9.45
C ASP D 126 1.74 -28.36 -10.68
N THR D 127 1.08 -28.53 -11.81
CA THR D 127 1.56 -28.04 -13.09
C THR D 127 0.73 -26.81 -13.50
N LEU D 128 1.41 -25.79 -14.02
CA LEU D 128 0.74 -24.59 -14.57
C LEU D 128 0.76 -24.62 -16.10
N ASN D 129 -0.21 -23.96 -16.74
CA ASN D 129 -0.25 -23.92 -18.20
C ASN D 129 0.66 -22.80 -18.77
N SER D 130 1.97 -22.99 -18.63
CA SER D 130 2.98 -22.04 -18.99
C SER D 130 4.17 -22.92 -19.32
N LEU D 131 4.68 -22.85 -20.54
CA LEU D 131 5.76 -23.70 -20.94
C LEU D 131 7.08 -23.30 -20.29
N SER D 132 7.84 -24.29 -19.80
CA SER D 132 9.11 -23.99 -19.19
C SER D 132 10.16 -23.53 -20.20
N PRO D 133 10.95 -22.49 -19.86
CA PRO D 133 12.00 -22.02 -20.74
C PRO D 133 13.18 -22.96 -20.79
N LEU D 134 13.20 -23.96 -19.90
CA LEU D 134 14.25 -25.00 -19.95
C LEU D 134 13.90 -26.16 -20.85
N GLY D 135 12.72 -26.14 -21.46
CA GLY D 135 12.36 -27.16 -22.44
C GLY D 135 13.12 -27.03 -23.75
N GLN D 136 14.12 -27.90 -23.95
CA GLN D 136 14.97 -27.80 -25.13
C GLN D 136 14.25 -28.14 -26.41
N ASN D 137 13.28 -29.04 -26.36
CA ASN D 137 12.55 -29.40 -27.56
C ASN D 137 11.67 -28.20 -27.96
N THR D 138 11.12 -27.53 -26.96
CA THR D 138 10.20 -26.39 -27.18
C THR D 138 10.97 -25.27 -27.87
N LEU D 139 12.14 -24.95 -27.33
CA LEU D 139 13.02 -23.95 -27.94
C LEU D 139 13.37 -24.29 -29.38
N ALA D 140 13.78 -25.53 -29.63
CA ALA D 140 14.16 -25.92 -30.99
C ALA D 140 12.99 -25.79 -31.95
N ALA D 141 11.81 -26.16 -31.49
CA ALA D 141 10.63 -26.16 -32.35
C ALA D 141 10.16 -24.72 -32.63
N ASP D 142 10.17 -23.88 -31.60
CA ASP D 142 9.77 -22.45 -31.75
C ASP D 142 10.73 -21.78 -32.73
N LYS D 143 12.00 -21.94 -32.44
CA LYS D 143 13.06 -21.43 -33.31
C LYS D 143 12.91 -21.86 -34.75
N LYS D 144 12.62 -23.13 -34.99
CA LYS D 144 12.51 -23.62 -36.35
C LYS D 144 11.38 -22.95 -37.11
N ALA D 145 10.23 -22.78 -36.45
CA ALA D 145 9.09 -22.15 -37.07
C ALA D 145 9.34 -20.64 -37.29
N PHE D 146 9.95 -20.00 -36.33
CA PHE D 146 10.29 -18.55 -36.43
C PHE D 146 11.25 -18.31 -37.57
N VAL D 147 12.23 -19.20 -37.72
CA VAL D 147 13.14 -19.14 -38.85
C VAL D 147 12.41 -19.25 -40.16
N GLU D 148 11.43 -20.16 -40.26
CA GLU D 148 10.66 -20.28 -41.50
C GLU D 148 9.89 -18.98 -41.79
N LEU D 149 9.37 -18.35 -40.74
CA LEU D 149 8.63 -17.07 -40.93
C LEU D 149 9.57 -16.01 -41.47
N MET D 150 10.77 -15.94 -40.90
CA MET D 150 11.78 -14.98 -41.34
C MET D 150 12.28 -15.27 -42.75
N LYS D 151 12.33 -16.53 -43.12
CA LYS D 151 12.65 -16.90 -44.52
C LYS D 151 11.58 -16.44 -45.48
N TYR D 152 10.32 -16.56 -45.06
CA TYR D 152 9.22 -16.08 -45.90
C TYR D 152 9.40 -14.57 -46.13
N LEU D 153 9.69 -13.82 -45.07
CA LEU D 153 9.91 -12.38 -45.21
C LEU D 153 11.16 -12.03 -46.03
N ALA D 154 12.25 -12.78 -45.82
CA ALA D 154 13.45 -12.61 -46.61
C ALA D 154 13.16 -12.74 -48.08
N LYS D 155 12.38 -13.75 -48.45
CA LYS D 155 12.10 -14.00 -49.85
C LYS D 155 10.95 -13.22 -50.43
N ARG D 156 9.99 -12.80 -49.60
CA ARG D 156 8.76 -12.18 -50.09
C ARG D 156 8.48 -10.75 -49.61
N ASP D 157 9.40 -10.16 -48.88
CA ASP D 157 9.22 -8.78 -48.37
C ASP D 157 10.48 -7.97 -48.48
N LYS D 158 10.99 -7.90 -49.70
CA LYS D 158 12.25 -7.22 -50.05
C LYS D 158 12.24 -5.71 -49.79
N ASP D 159 11.07 -5.08 -49.82
CA ASP D 159 10.95 -3.64 -49.49
C ASP D 159 10.61 -3.38 -48.01
N HIS D 160 10.56 -4.43 -47.20
CA HIS D 160 10.43 -4.32 -45.77
C HIS D 160 9.11 -3.65 -45.39
N THR D 161 8.02 -4.16 -45.93
CA THR D 161 6.68 -3.81 -45.44
C THR D 161 6.62 -4.08 -43.94
N VAL D 162 7.16 -5.24 -43.52
CA VAL D 162 7.36 -5.55 -42.13
C VAL D 162 8.62 -4.91 -41.65
N ILE D 163 8.49 -4.03 -40.66
CA ILE D 163 9.63 -3.26 -40.17
C ILE D 163 10.20 -3.71 -38.83
N MET D 164 9.46 -4.52 -38.09
CA MET D 164 9.89 -4.98 -36.78
C MET D 164 9.08 -6.23 -36.43
N VAL D 165 9.66 -7.10 -35.59
CA VAL D 165 8.97 -8.31 -35.16
C VAL D 165 9.04 -8.41 -33.64
N GLN D 166 7.88 -8.69 -33.02
CA GLN D 166 7.81 -8.96 -31.61
C GLN D 166 7.96 -10.46 -31.38
N VAL D 167 8.93 -10.83 -30.55
CA VAL D 167 9.22 -12.25 -30.30
C VAL D 167 8.49 -12.69 -29.04
N GLN D 168 7.49 -13.56 -29.23
CA GLN D 168 6.52 -13.95 -28.17
C GLN D 168 5.60 -12.78 -27.83
N ASN D 169 4.69 -13.00 -26.90
CA ASN D 169 3.84 -11.98 -26.41
C ASN D 169 3.62 -12.11 -24.89
N GLU D 170 4.10 -11.15 -24.14
CA GLU D 170 4.00 -11.13 -22.66
C GLU D 170 4.42 -12.49 -22.06
N VAL D 171 5.72 -12.74 -22.14
CA VAL D 171 6.30 -13.97 -21.57
C VAL D 171 6.20 -13.92 -20.07
N GLY D 172 6.39 -15.09 -19.46
CA GLY D 172 6.48 -15.22 -18.03
C GLY D 172 5.50 -16.25 -17.53
N THR D 173 5.26 -16.21 -16.24
CA THR D 173 4.39 -17.16 -15.58
C THR D 173 3.59 -16.50 -14.46
N TYR D 174 2.28 -16.75 -14.49
CA TYR D 174 1.40 -16.44 -13.37
C TYR D 174 1.25 -17.69 -12.49
N GLY D 175 1.24 -17.47 -11.18
CA GLY D 175 0.90 -18.54 -10.21
C GLY D 175 2.11 -19.21 -9.61
N ALA D 176 3.30 -18.89 -10.10
CA ALA D 176 4.57 -19.38 -9.56
C ALA D 176 5.65 -18.44 -9.99
N VAL D 177 6.78 -18.45 -9.29
CA VAL D 177 7.89 -17.55 -9.60
C VAL D 177 8.80 -18.09 -10.69
N ARG D 178 8.94 -19.43 -10.75
CA ARG D 178 9.78 -20.11 -11.72
C ARG D 178 9.32 -21.55 -11.87
N ASP D 179 9.96 -22.28 -12.77
CA ASP D 179 9.80 -23.70 -12.90
C ASP D 179 10.57 -24.34 -11.71
N TYR D 180 9.90 -25.23 -11.00
CA TYR D 180 10.51 -25.99 -9.91
C TYR D 180 10.58 -27.45 -10.26
N SER D 181 10.45 -27.80 -11.53
CA SER D 181 10.59 -29.17 -11.95
C SER D 181 12.00 -29.66 -11.63
N PRO D 182 12.20 -30.99 -11.59
CA PRO D 182 13.56 -31.53 -11.41
C PRO D 182 14.56 -31.01 -12.43
N MET D 183 14.14 -30.95 -13.70
CA MET D 183 14.94 -30.36 -14.78
C MET D 183 15.41 -28.95 -14.44
N ALA D 184 14.50 -28.12 -13.98
CA ALA D 184 14.83 -26.74 -13.67
C ALA D 184 15.64 -26.65 -12.39
N GLN D 185 15.23 -27.41 -11.38
CA GLN D 185 15.91 -27.43 -10.08
C GLN D 185 17.41 -27.77 -10.21
N ALA D 186 17.74 -28.67 -11.13
CA ALA D 186 19.12 -29.01 -11.44
C ALA D 186 19.92 -27.81 -11.92
N VAL D 187 19.31 -26.98 -12.77
CA VAL D 187 20.00 -25.81 -13.33
C VAL D 187 20.09 -24.72 -12.26
N PHE D 188 19.03 -24.58 -11.47
CA PHE D 188 18.99 -23.62 -10.38
C PHE D 188 20.06 -23.93 -9.33
N ASN D 189 20.24 -25.21 -9.03
CA ASN D 189 21.23 -25.64 -8.04
C ASN D 189 22.65 -25.48 -8.51
N ALA D 190 22.84 -25.42 -9.83
CA ALA D 190 24.16 -25.26 -10.42
C ALA D 190 24.65 -23.80 -10.39
N ALA D 191 25.88 -23.60 -10.88
CA ALA D 191 26.51 -22.29 -10.94
C ALA D 191 25.74 -21.35 -11.89
N VAL D 192 25.64 -20.09 -11.48
CA VAL D 192 25.14 -19.03 -12.34
C VAL D 192 26.12 -18.92 -13.49
N PRO D 193 25.62 -18.90 -14.73
CA PRO D 193 26.51 -18.79 -15.88
C PRO D 193 27.52 -17.63 -15.79
N ASP D 194 28.74 -17.89 -16.25
CA ASP D 194 29.84 -16.94 -16.14
C ASP D 194 29.54 -15.59 -16.77
N ASP D 195 28.95 -15.61 -17.97
CA ASP D 195 28.66 -14.39 -18.73
C ASP D 195 27.79 -13.45 -17.91
N LEU D 196 26.79 -14.00 -17.21
CA LEU D 196 25.92 -13.19 -16.40
C LEU D 196 26.70 -12.61 -15.20
N ILE D 197 27.49 -13.45 -14.55
CA ILE D 197 28.30 -13.01 -13.41
C ILE D 197 29.24 -11.86 -13.83
N GLN D 198 29.91 -12.03 -14.97
CA GLN D 198 30.81 -10.98 -15.49
C GLN D 198 30.04 -9.70 -15.82
N LYS D 199 28.93 -9.82 -16.56
CA LYS D 199 28.12 -8.65 -16.94
C LYS D 199 27.56 -7.87 -15.76
N LEU D 200 27.13 -8.54 -14.69
CA LEU D 200 26.64 -7.83 -13.51
C LEU D 200 27.72 -7.54 -12.46
N GLN D 201 28.97 -7.94 -12.74
CA GLN D 201 30.11 -7.67 -11.83
C GLN D 201 29.81 -8.24 -10.44
N LEU D 202 29.52 -9.54 -10.39
CA LEU D 202 29.15 -10.21 -9.15
C LEU D 202 30.18 -11.27 -8.80
N LYS D 203 30.08 -11.80 -7.58
CA LYS D 203 30.92 -12.92 -7.14
C LYS D 203 30.26 -14.24 -7.62
N PRO D 204 31.05 -15.17 -8.22
CA PRO D 204 30.49 -16.44 -8.73
C PRO D 204 29.79 -17.26 -7.66
N GLY D 205 28.95 -18.19 -8.09
CA GLY D 205 28.14 -18.98 -7.15
C GLY D 205 26.93 -19.61 -7.80
N THR D 206 26.16 -20.34 -6.99
CA THR D 206 24.89 -20.90 -7.42
C THR D 206 23.85 -19.78 -7.35
N TRP D 207 22.68 -20.03 -7.97
CA TRP D 207 21.65 -19.01 -8.06
C TRP D 207 21.29 -18.49 -6.68
N SER D 208 21.05 -19.39 -5.74
CA SER D 208 20.66 -18.96 -4.38
C SER D 208 21.77 -18.21 -3.67
N GLN D 209 23.02 -18.61 -3.92
CA GLN D 209 24.17 -17.96 -3.30
C GLN D 209 24.32 -16.54 -3.78
N VAL D 210 24.29 -16.35 -5.09
CA VAL D 210 24.57 -15.04 -5.63
C VAL D 210 23.38 -14.09 -5.55
N PHE D 211 22.15 -14.59 -5.67
CA PHE D 211 20.98 -13.69 -5.73
C PHE D 211 20.07 -13.72 -4.51
N GLY D 212 20.25 -14.69 -3.62
CA GLY D 212 19.46 -14.72 -2.39
C GLY D 212 17.96 -14.69 -2.59
N ARG D 213 17.31 -13.72 -1.97
CA ARG D 213 15.85 -13.60 -2.01
C ARG D 213 15.29 -13.38 -3.45
N ASP D 214 16.14 -12.94 -4.38
CA ASP D 214 15.75 -12.72 -5.78
C ASP D 214 16.10 -13.87 -6.71
N ALA D 215 16.64 -14.96 -6.17
CA ALA D 215 17.13 -16.04 -7.01
C ALA D 215 16.05 -16.66 -7.91
N ASP D 216 14.89 -16.96 -7.34
CA ASP D 216 13.83 -17.65 -8.07
C ASP D 216 13.39 -16.80 -9.28
N GLU D 217 13.09 -15.53 -9.01
CA GLU D 217 12.60 -14.61 -10.05
C GLU D 217 13.64 -14.29 -11.08
N PHE D 218 14.87 -14.00 -10.64
CA PHE D 218 15.94 -13.71 -11.57
C PHE D 218 16.29 -14.88 -12.44
N PHE D 219 16.19 -16.09 -11.87
CA PHE D 219 16.41 -17.32 -12.63
C PHE D 219 15.39 -17.48 -13.77
N HIS D 220 14.12 -17.28 -13.44
CA HIS D 220 13.04 -17.42 -14.47
C HIS D 220 13.26 -16.35 -15.54
N ALA D 221 13.52 -15.12 -15.11
CA ALA D 221 13.81 -14.04 -16.06
C ALA D 221 14.99 -14.39 -16.95
N TYR D 222 16.08 -14.87 -16.34
CA TYR D 222 17.26 -15.23 -17.12
C TYR D 222 16.98 -16.31 -18.13
N GLN D 223 16.29 -17.38 -17.71
CA GLN D 223 16.06 -18.49 -18.61
C GLN D 223 15.12 -18.10 -19.77
N ILE D 224 14.08 -17.34 -19.47
CA ILE D 224 13.18 -16.85 -20.53
C ILE D 224 13.92 -15.92 -21.48
N ALA D 225 14.72 -15.01 -20.93
CA ALA D 225 15.51 -14.10 -21.74
C ALA D 225 16.45 -14.83 -22.68
N ARG D 226 17.15 -15.86 -22.18
CA ARG D 226 17.99 -16.70 -23.05
C ARG D 226 17.21 -17.37 -24.16
N TYR D 227 16.05 -17.93 -23.82
CA TYR D 227 15.19 -18.59 -24.79
C TYR D 227 14.78 -17.58 -25.90
N CYS D 228 14.27 -16.42 -25.49
CA CYS D 228 13.88 -15.40 -26.47
C CYS D 228 15.06 -14.89 -27.27
N ASP D 229 16.22 -14.79 -26.63
CA ASP D 229 17.42 -14.36 -27.34
C ASP D 229 17.82 -15.35 -28.39
N GLU D 230 17.77 -16.65 -28.08
CA GLU D 230 18.09 -17.66 -29.07
C GLU D 230 17.15 -17.66 -30.25
N VAL D 231 15.84 -17.54 -29.98
CA VAL D 231 14.87 -17.43 -31.08
C VAL D 231 15.21 -16.20 -31.95
N THR D 232 15.46 -15.08 -31.28
CA THR D 232 15.74 -13.80 -31.95
C THR D 232 16.96 -13.93 -32.85
N VAL D 233 18.05 -14.47 -32.33
CA VAL D 233 19.30 -14.65 -33.11
C VAL D 233 19.11 -15.49 -34.35
N ALA D 234 18.38 -16.59 -34.23
CA ALA D 234 18.13 -17.49 -35.32
C ALA D 234 17.33 -16.80 -36.41
N GLY D 235 16.34 -16.01 -36.01
CA GLY D 235 15.54 -15.29 -36.98
C GLY D 235 16.36 -14.21 -37.67
N LYS D 236 17.13 -13.46 -36.89
CA LYS D 236 17.93 -12.34 -37.43
C LYS D 236 19.00 -12.82 -38.39
N ALA D 237 19.48 -14.05 -38.19
CA ALA D 237 20.44 -14.63 -39.10
C ALA D 237 19.84 -14.78 -40.47
N ILE D 238 18.51 -14.93 -40.55
CA ILE D 238 17.82 -15.02 -41.82
C ILE D 238 17.54 -13.63 -42.38
N LYS D 239 16.94 -12.75 -41.58
CA LYS D 239 16.73 -11.35 -41.97
C LYS D 239 16.82 -10.51 -40.72
N ASN D 240 17.75 -9.55 -40.73
CA ASN D 240 18.10 -8.86 -39.53
C ASN D 240 17.20 -7.64 -39.25
N LEU D 241 15.90 -7.91 -39.08
CA LEU D 241 14.96 -6.88 -38.65
C LEU D 241 15.13 -6.56 -37.19
N PRO D 242 14.79 -5.35 -36.78
CA PRO D 242 14.65 -5.10 -35.34
C PRO D 242 13.61 -6.04 -34.70
N MET D 243 13.90 -6.49 -33.50
CA MET D 243 13.01 -7.38 -32.78
C MET D 243 12.98 -7.01 -31.34
N TYR D 244 11.85 -7.25 -30.70
CA TYR D 244 11.65 -6.80 -29.35
C TYR D 244 10.72 -7.74 -28.60
N VAL D 245 10.63 -7.53 -27.32
CA VAL D 245 9.68 -8.21 -26.45
C VAL D 245 8.82 -7.19 -25.70
N ASN D 246 7.57 -7.57 -25.43
CA ASN D 246 6.62 -6.72 -24.75
C ASN D 246 6.28 -7.25 -23.37
N VAL D 247 6.12 -6.35 -22.43
CA VAL D 247 6.05 -6.71 -21.02
C VAL D 247 4.63 -6.55 -20.41
N ALA D 248 4.17 -7.63 -19.78
CA ALA D 248 3.06 -7.55 -18.85
C ALA D 248 3.60 -6.89 -17.56
N LEU D 249 3.29 -5.60 -17.41
CA LEU D 249 3.93 -4.79 -16.38
C LEU D 249 3.49 -5.15 -14.99
N ARG D 250 4.40 -5.05 -14.02
CA ARG D 250 3.98 -4.95 -12.63
C ARG D 250 3.76 -3.46 -12.32
N ASN D 251 2.94 -3.19 -11.33
CA ASN D 251 2.75 -1.85 -10.86
C ASN D 251 4.06 -1.34 -10.26
N PRO D 252 4.60 -0.22 -10.80
CA PRO D 252 5.94 0.19 -10.41
C PRO D 252 5.99 0.77 -8.99
N PHE D 253 4.86 1.20 -8.46
CA PHE D 253 4.77 1.76 -7.09
C PHE D 253 4.34 0.74 -6.02
N ASN D 254 3.68 -0.33 -6.44
CA ASN D 254 3.07 -1.29 -5.51
C ASN D 254 2.92 -2.62 -6.25
N PRO D 255 4.04 -3.27 -6.55
CA PRO D 255 4.02 -4.41 -7.50
C PRO D 255 3.35 -5.68 -7.00
N GLY D 256 3.35 -5.92 -5.69
CA GLY D 256 3.02 -7.25 -5.23
C GLY D 256 4.12 -8.22 -5.59
N LEU D 257 3.82 -9.51 -5.57
CA LEU D 257 4.86 -10.55 -5.68
C LEU D 257 4.90 -11.16 -7.06
N PRO D 258 6.08 -11.60 -7.50
CA PRO D 258 6.16 -12.31 -8.77
C PRO D 258 5.31 -13.57 -8.73
N GLY D 259 4.60 -13.83 -9.83
CA GLY D 259 3.55 -14.85 -9.85
C GLY D 259 2.17 -14.25 -9.76
N GLN D 260 2.03 -13.18 -8.98
CA GLN D 260 0.81 -12.38 -8.99
C GLN D 260 0.86 -11.55 -10.25
N TYR D 261 1.96 -10.82 -10.41
CA TYR D 261 2.32 -10.33 -11.73
C TYR D 261 3.01 -11.43 -12.49
N SER D 262 3.24 -11.21 -13.78
CA SER D 262 3.84 -12.23 -14.63
C SER D 262 5.33 -12.35 -14.38
N SER D 263 5.73 -13.37 -13.63
CA SER D 263 7.14 -13.52 -13.25
C SER D 263 7.97 -13.90 -14.46
N GLY D 264 9.12 -13.25 -14.62
CA GLY D 264 10.11 -13.68 -15.63
C GLY D 264 10.10 -12.80 -16.85
N GLY D 265 9.02 -12.04 -17.03
CA GLY D 265 8.98 -11.03 -18.07
C GLY D 265 9.91 -9.87 -17.72
N GLY D 266 10.05 -8.94 -18.65
CA GLY D 266 10.92 -7.75 -18.46
C GLY D 266 10.34 -6.68 -17.56
N THR D 267 9.90 -7.08 -16.38
CA THR D 267 9.44 -6.13 -15.37
C THR D 267 10.60 -5.24 -14.90
N ASP D 268 10.28 -4.15 -14.25
CA ASP D 268 11.28 -3.08 -14.02
C ASP D 268 12.44 -3.56 -13.14
N ASN D 269 12.18 -4.52 -12.28
CA ASN D 269 13.21 -5.06 -11.37
C ASN D 269 14.13 -6.08 -11.99
N VAL D 270 13.84 -6.55 -13.21
CA VAL D 270 14.70 -7.53 -13.87
C VAL D 270 15.20 -7.06 -15.22
N LEU D 271 15.12 -5.76 -15.49
CA LEU D 271 15.63 -5.24 -16.75
C LEU D 271 17.12 -5.47 -16.90
N HIS D 272 17.84 -5.38 -15.79
CA HIS D 272 19.28 -5.67 -15.82
C HIS D 272 19.59 -7.10 -16.22
N ILE D 273 18.76 -8.04 -15.75
CA ILE D 273 18.93 -9.46 -16.11
C ILE D 273 18.64 -9.65 -17.58
N TRP D 274 17.51 -9.10 -18.04
CA TRP D 274 17.17 -9.19 -19.45
C TRP D 274 18.21 -8.59 -20.38
N LYS D 275 18.77 -7.44 -20.02
CA LYS D 275 19.74 -6.78 -20.88
C LYS D 275 21.05 -7.58 -20.93
N ALA D 276 21.43 -8.16 -19.79
CA ALA D 276 22.65 -9.01 -19.77
C ALA D 276 22.44 -10.34 -20.54
N ALA D 277 21.27 -10.95 -20.38
CA ALA D 277 20.99 -12.27 -20.93
C ALA D 277 20.64 -12.26 -22.40
N ALA D 278 20.04 -11.16 -22.90
CA ALA D 278 19.51 -11.15 -24.23
C ALA D 278 20.03 -9.92 -25.00
N PRO D 279 21.33 -9.93 -25.31
CA PRO D 279 21.90 -8.80 -26.03
C PRO D 279 21.45 -8.67 -27.48
N ASN D 280 20.83 -9.70 -28.05
CA ASN D 280 20.36 -9.61 -29.42
C ASN D 280 18.93 -9.03 -29.57
N ILE D 281 18.19 -8.96 -28.46
CA ILE D 281 16.87 -8.34 -28.46
C ILE D 281 17.08 -6.81 -28.42
N ASP D 282 16.49 -6.12 -29.38
CA ASP D 282 16.75 -4.66 -29.53
C ASP D 282 16.21 -3.81 -28.40
N LEU D 283 14.99 -4.10 -27.93
CA LEU D 283 14.41 -3.32 -26.87
C LEU D 283 13.35 -4.12 -26.12
N ILE D 284 13.04 -3.63 -24.94
CA ILE D 284 12.02 -4.20 -24.09
C ILE D 284 10.93 -3.14 -23.97
N ALA D 285 9.71 -3.51 -24.34
CA ALA D 285 8.61 -2.55 -24.55
C ALA D 285 7.49 -2.73 -23.53
N PRO D 286 7.07 -1.63 -22.86
CA PRO D 286 5.98 -1.73 -21.92
C PRO D 286 4.62 -1.80 -22.59
N ASP D 287 3.73 -2.62 -22.02
CA ASP D 287 2.33 -2.69 -22.40
C ASP D 287 1.53 -1.97 -21.36
N ILE D 288 0.98 -0.79 -21.72
CA ILE D 288 0.47 0.13 -20.72
C ILE D 288 -1.04 0.16 -20.61
N TYR D 289 -1.57 -0.32 -19.49
CA TYR D 289 -2.99 -0.31 -19.24
C TYR D 289 -3.36 0.34 -17.91
N PHE D 290 -2.38 0.89 -17.19
CA PHE D 290 -2.67 1.74 -16.03
C PHE D 290 -3.24 3.05 -16.61
N ARG D 291 -4.31 3.56 -16.05
CA ARG D 291 -4.99 4.74 -16.63
CA ARG D 291 -4.97 4.74 -16.63
C ARG D 291 -4.45 6.08 -16.11
N ASP D 292 -3.95 6.02 -14.87
CA ASP D 292 -3.59 7.23 -14.11
C ASP D 292 -2.20 7.76 -14.41
N TYR D 293 -2.15 9.09 -14.52
CA TYR D 293 -1.04 9.81 -15.03
C TYR D 293 0.26 9.48 -14.29
N LYS D 294 0.22 9.43 -12.97
CA LYS D 294 1.45 9.21 -12.21
C LYS D 294 2.07 7.87 -12.53
N THR D 295 1.24 6.84 -12.64
CA THR D 295 1.75 5.49 -12.87
C THR D 295 2.24 5.31 -14.30
N VAL D 296 1.48 5.82 -15.25
CA VAL D 296 1.92 5.83 -16.63
C VAL D 296 3.25 6.58 -16.76
N SER D 297 3.35 7.77 -16.18
CA SER D 297 4.57 8.55 -16.27
C SER D 297 5.78 7.77 -15.71
N LYS D 298 5.55 7.07 -14.60
CA LYS D 298 6.60 6.28 -13.96
C LYS D 298 7.06 5.16 -14.88
N VAL D 299 6.12 4.50 -15.54
CA VAL D 299 6.45 3.45 -16.48
C VAL D 299 7.29 3.98 -17.62
N LEU D 300 6.88 5.12 -18.18
CA LEU D 300 7.63 5.72 -19.27
C LEU D 300 9.06 6.04 -18.82
N GLU D 301 9.20 6.53 -17.60
CA GLU D 301 10.51 6.85 -17.03
C GLU D 301 11.37 5.59 -16.88
N LEU D 302 10.80 4.52 -16.32
CA LEU D 302 11.52 3.27 -16.14
C LEU D 302 11.97 2.57 -17.41
N TYR D 303 11.19 2.67 -18.47
CA TYR D 303 11.49 1.94 -19.71
C TYR D 303 12.28 2.78 -20.72
N THR D 304 12.45 4.07 -20.44
CA THR D 304 13.30 4.92 -21.27
C THR D 304 14.67 4.93 -20.61
N ARG D 305 15.64 4.29 -21.28
CA ARG D 305 17.00 4.17 -20.71
C ARG D 305 18.03 4.38 -21.77
N PRO D 306 19.28 4.70 -21.37
CA PRO D 306 20.31 4.78 -22.40
C PRO D 306 20.43 3.48 -23.16
N ASP D 307 20.14 2.35 -22.51
CA ASP D 307 20.24 1.03 -23.16
C ASP D 307 18.89 0.50 -23.64
N ASN D 308 17.84 1.33 -23.62
CA ASN D 308 16.50 0.85 -24.02
C ASN D 308 15.68 1.97 -24.65
N ALA D 309 15.50 1.88 -25.96
CA ALA D 309 14.56 2.72 -26.71
C ALA D 309 13.18 2.49 -26.18
N LEU D 310 12.42 3.58 -26.10
CA LEU D 310 11.05 3.53 -25.65
C LEU D 310 10.10 3.24 -26.80
N PHE D 311 9.38 2.14 -26.70
CA PHE D 311 8.33 1.78 -27.63
C PHE D 311 7.14 1.36 -26.80
N VAL D 312 6.04 2.12 -26.89
CA VAL D 312 4.80 1.74 -26.22
C VAL D 312 4.06 0.78 -27.15
N ALA D 313 4.38 -0.50 -26.98
CA ALA D 313 3.99 -1.53 -27.88
C ALA D 313 2.51 -1.81 -27.82
N GLU D 314 1.93 -1.57 -26.64
CA GLU D 314 0.49 -1.64 -26.44
C GLU D 314 0.11 -0.56 -25.48
N ILE D 315 -1.05 0.03 -25.70
CA ILE D 315 -1.65 0.90 -24.67
C ILE D 315 -3.17 0.74 -24.79
N GLY D 316 -3.88 0.97 -23.71
CA GLY D 316 -5.34 0.87 -23.75
C GLY D 316 -5.96 1.82 -24.78
N ASN D 317 -7.13 1.46 -25.29
CA ASN D 317 -7.75 2.26 -26.33
C ASN D 317 -8.87 3.16 -25.85
N ASP D 318 -9.06 3.24 -24.54
CA ASP D 318 -10.03 4.19 -23.99
C ASP D 318 -9.47 5.62 -24.09
N GLN D 319 -10.37 6.59 -24.08
CA GLN D 319 -10.04 8.00 -24.25
C GLN D 319 -8.86 8.56 -23.42
N PRO D 320 -8.74 8.22 -22.14
CA PRO D 320 -7.64 8.81 -21.35
C PRO D 320 -6.24 8.48 -21.84
N PHE D 321 -6.10 7.39 -22.61
CA PHE D 321 -4.78 6.94 -23.01
C PHE D 321 -4.20 7.76 -24.14
N ALA D 322 -5.03 8.43 -24.92
CA ALA D 322 -4.55 9.10 -26.14
C ALA D 322 -3.46 10.12 -25.85
N ARG D 323 -3.61 10.88 -24.77
CA ARG D 323 -2.69 11.96 -24.46
C ARG D 323 -1.27 11.50 -24.12
N TYR D 324 -1.11 10.23 -23.77
CA TYR D 324 0.21 9.69 -23.43
C TYR D 324 1.12 9.58 -24.66
N LEU D 325 0.56 9.78 -25.85
CA LEU D 325 1.40 9.96 -27.01
C LEU D 325 2.42 11.09 -26.82
N PHE D 326 2.00 12.19 -26.21
CA PHE D 326 2.89 13.35 -26.08
C PHE D 326 4.14 13.09 -25.23
N PRO D 327 3.99 12.60 -23.99
CA PRO D 327 5.21 12.26 -23.23
C PRO D 327 6.02 11.09 -23.82
N THR D 328 5.35 10.13 -24.47
CA THR D 328 6.04 9.05 -25.15
C THR D 328 7.01 9.63 -26.18
N LEU D 329 6.52 10.52 -27.05
CA LEU D 329 7.37 11.14 -28.06
C LEU D 329 8.39 12.08 -27.41
N GLY D 330 7.99 12.79 -26.39
CA GLY D 330 8.88 13.70 -25.68
C GLY D 330 10.09 13.01 -25.07
N LYS D 331 9.95 11.74 -24.68
CA LYS D 331 11.08 10.96 -24.16
C LYS D 331 11.94 10.39 -25.24
N GLY D 332 11.67 10.72 -26.48
CA GLY D 332 12.41 10.18 -27.61
C GLY D 332 11.88 8.84 -28.06
N GLY D 333 10.65 8.53 -27.67
CA GLY D 333 10.03 7.25 -28.04
C GLY D 333 9.99 7.04 -29.54
N ILE D 334 10.06 5.77 -29.96
CA ILE D 334 10.03 5.44 -31.36
C ILE D 334 8.65 5.07 -31.85
N GLY D 335 7.72 4.94 -30.94
CA GLY D 335 6.36 4.58 -31.33
C GLY D 335 5.37 4.35 -30.20
N PHE D 336 4.11 4.13 -30.60
CA PHE D 336 2.96 4.15 -29.72
C PHE D 336 1.86 3.41 -30.43
N SER D 337 1.28 2.41 -29.77
CA SER D 337 0.36 1.52 -30.45
C SER D 337 -0.84 1.09 -29.60
N PRO D 338 -1.96 1.79 -29.76
CA PRO D 338 -3.18 1.41 -29.03
C PRO D 338 -3.69 0.04 -29.44
N PHE D 339 -4.15 -0.70 -28.45
CA PHE D 339 -4.59 -2.06 -28.60
C PHE D 339 -6.09 -2.16 -28.88
N GLY D 340 -6.44 -3.05 -29.81
CA GLY D 340 -7.82 -3.43 -30.05
C GLY D 340 -8.52 -2.48 -31.02
N MET D 341 -7.76 -1.94 -31.96
CA MET D 341 -8.32 -1.02 -32.96
C MET D 341 -8.87 -1.73 -34.20
N ASP D 342 -9.91 -2.52 -33.98
CA ASP D 342 -10.62 -3.11 -35.09
C ASP D 342 -12.06 -3.36 -34.71
N ASP D 343 -12.88 -3.67 -35.72
CA ASP D 343 -14.32 -3.83 -35.55
C ASP D 343 -14.74 -5.28 -35.57
N THR D 344 -13.95 -6.16 -34.95
CA THR D 344 -14.27 -7.56 -34.93
C THR D 344 -15.15 -7.96 -33.76
N ASP D 345 -15.92 -7.03 -33.22
CA ASP D 345 -16.92 -7.29 -32.17
C ASP D 345 -16.30 -7.70 -30.83
N TYR D 346 -15.37 -6.90 -30.33
CA TYR D 346 -14.71 -7.18 -29.08
C TYR D 346 -14.21 -5.91 -28.45
N THR D 347 -14.34 -5.86 -27.14
CA THR D 347 -13.72 -4.82 -26.32
CA THR D 347 -13.77 -4.84 -26.30
C THR D 347 -13.11 -5.45 -25.08
N ASN D 348 -11.91 -5.00 -24.73
CA ASN D 348 -11.27 -5.48 -23.52
C ASN D 348 -11.57 -4.61 -22.28
N TYR D 349 -12.60 -3.75 -22.38
CA TYR D 349 -13.15 -3.09 -21.22
C TYR D 349 -13.27 -4.13 -20.08
N PRO D 350 -12.82 -3.80 -18.87
CA PRO D 350 -12.42 -2.51 -18.34
C PRO D 350 -11.02 -1.97 -18.67
N LEU D 351 -10.17 -2.71 -19.38
CA LEU D 351 -8.86 -2.18 -19.76
C LEU D 351 -8.96 -1.07 -20.83
N GLY D 352 -9.80 -1.29 -21.84
CA GLY D 352 -10.01 -0.33 -22.93
C GLY D 352 -11.39 0.30 -22.93
N ALA D 353 -11.78 0.80 -24.09
CA ALA D 353 -13.04 1.51 -24.27
C ALA D 353 -14.26 0.60 -24.10
N LYS D 354 -15.30 1.07 -23.45
CA LYS D 354 -16.51 0.27 -23.24
C LYS D 354 -17.16 -0.04 -24.58
N VAL D 355 -17.15 0.89 -25.51
CA VAL D 355 -17.74 0.68 -26.82
C VAL D 355 -16.71 1.08 -27.88
N TYR D 356 -16.61 0.25 -28.92
CA TYR D 356 -15.76 0.56 -30.06
C TYR D 356 -16.56 1.20 -31.17
N ASN D 357 -16.35 2.46 -31.41
CA ASN D 357 -17.03 3.17 -32.45
C ASN D 357 -16.13 4.27 -33.00
N ASP D 358 -16.66 5.07 -33.90
CA ASP D 358 -15.87 6.14 -34.51
C ASP D 358 -15.28 7.11 -33.50
N GLU D 359 -16.06 7.41 -32.45
CA GLU D 359 -15.60 8.31 -31.41
C GLU D 359 -14.36 7.73 -30.67
N THR D 360 -14.38 6.44 -30.39
CA THR D 360 -13.18 5.76 -29.82
C THR D 360 -11.95 5.99 -30.66
N ILE D 361 -12.09 5.77 -31.97
CA ILE D 361 -10.99 5.94 -32.89
C ILE D 361 -10.54 7.42 -32.94
N GLU D 362 -11.52 8.32 -32.98
CA GLU D 362 -11.24 9.74 -33.17
C GLU D 362 -10.37 10.33 -32.06
N GLN D 363 -10.41 9.77 -30.84
CA GLN D 363 -9.55 10.29 -29.76
C GLN D 363 -8.08 10.13 -30.13
N PHE D 364 -7.73 9.03 -30.81
CA PHE D 364 -6.38 8.84 -31.27
C PHE D 364 -6.12 9.57 -32.59
N ALA D 365 -7.07 9.58 -33.51
CA ALA D 365 -6.89 10.28 -34.79
C ALA D 365 -6.50 11.72 -34.56
N GLN D 366 -7.15 12.36 -33.59
CA GLN D 366 -6.89 13.77 -33.31
C GLN D 366 -5.48 14.05 -32.88
N VAL D 367 -4.87 13.14 -32.12
CA VAL D 367 -3.47 13.35 -31.70
C VAL D 367 -2.47 12.91 -32.79
N TYR D 368 -2.80 11.83 -33.50
CA TYR D 368 -1.97 11.43 -34.66
C TYR D 368 -1.88 12.52 -35.75
N ARG D 369 -2.93 13.33 -35.90
CA ARG D 369 -2.95 14.44 -36.88
C ARG D 369 -1.92 15.52 -36.57
N LEU D 370 -1.47 15.61 -35.34
CA LEU D 370 -0.45 16.56 -34.94
C LEU D 370 0.92 16.13 -35.38
N VAL D 371 1.14 14.81 -35.44
CA VAL D 371 2.46 14.27 -35.70
C VAL D 371 2.68 13.85 -37.14
N ASN D 372 1.68 13.23 -37.75
CA ASN D 372 1.75 12.80 -39.15
C ASN D 372 2.36 13.83 -40.10
N PRO D 373 1.91 15.11 -40.05
CA PRO D 373 2.44 16.11 -41.01
C PRO D 373 3.92 16.40 -40.85
N MET D 374 4.48 16.11 -39.69
CA MET D 374 5.89 16.31 -39.46
C MET D 374 6.64 15.02 -39.05
N MET D 375 6.12 13.85 -39.42
CA MET D 375 6.60 12.61 -38.78
C MET D 375 8.12 12.43 -38.97
N ARG D 376 8.61 12.53 -40.19
CA ARG D 376 10.05 12.33 -40.44
C ARG D 376 10.91 13.39 -39.81
N GLU D 377 10.44 14.64 -39.81
CA GLU D 377 11.19 15.74 -39.23
C GLU D 377 11.27 15.59 -37.74
N TRP D 378 10.15 15.22 -37.14
CA TRP D 378 10.11 14.98 -35.67
C TRP D 378 11.01 13.82 -35.30
N ALA D 379 10.94 12.78 -36.11
CA ALA D 379 11.74 11.59 -35.80
C ALA D 379 13.23 11.93 -35.75
N ARG D 380 13.68 12.73 -36.72
CA ARG D 380 15.08 13.14 -36.78
C ARG D 380 15.45 13.99 -35.58
N LEU D 381 14.62 14.96 -35.23
CA LEU D 381 14.90 15.82 -34.08
C LEU D 381 14.93 15.04 -32.76
N SER D 382 14.06 14.03 -32.69
CA SER D 382 13.97 13.18 -31.54
C SER D 382 15.17 12.25 -31.34
N TYR D 383 15.95 12.06 -32.38
CA TYR D 383 17.17 11.24 -32.29
C TYR D 383 18.36 12.14 -32.10
N GLN D 384 18.47 13.13 -32.98
CA GLN D 384 19.68 13.95 -33.15
C GLN D 384 19.66 15.19 -32.29
N GLY D 385 18.48 15.58 -31.83
CA GLY D 385 18.31 16.89 -31.20
C GLY D 385 17.61 16.81 -29.87
N GLN D 386 16.91 17.89 -29.54
CA GLN D 386 16.28 17.99 -28.28
C GLN D 386 14.79 18.13 -28.50
N VAL D 387 14.06 17.24 -27.85
CA VAL D 387 12.63 17.26 -27.88
C VAL D 387 12.09 17.20 -26.46
N TRP D 388 10.85 17.62 -26.34
CA TRP D 388 10.11 17.55 -25.06
C TRP D 388 8.65 17.25 -25.38
N GLY D 389 7.98 16.66 -24.43
CA GLY D 389 6.57 16.29 -24.60
C GLY D 389 5.94 16.10 -23.26
N VAL D 390 4.73 16.65 -23.10
CA VAL D 390 3.97 16.55 -21.88
C VAL D 390 2.51 16.26 -22.11
N ALA D 391 1.88 15.66 -21.10
CA ALA D 391 0.43 15.43 -21.09
C ALA D 391 -0.22 16.03 -19.86
N GLU D 392 -1.52 16.27 -19.98
CA GLU D 392 -2.33 16.86 -18.95
C GLU D 392 -2.23 15.97 -17.69
N PRO D 393 -1.69 16.53 -16.61
CA PRO D 393 -1.28 15.70 -15.48
C PRO D 393 -2.34 15.36 -14.43
N LEU D 394 -3.55 15.90 -14.53
CA LEU D 394 -4.60 15.49 -13.63
C LEU D 394 -5.53 14.65 -14.45
N ASP D 395 -5.87 13.49 -13.92
CA ASP D 395 -6.86 12.63 -14.53
C ASP D 395 -8.24 13.28 -14.40
N SER D 396 -9.20 12.77 -15.18
CA SER D 396 -10.52 13.36 -15.17
C SER D 396 -11.13 13.25 -13.78
N THR D 397 -11.88 14.28 -13.39
CA THR D 397 -12.45 14.37 -12.05
C THR D 397 -13.43 13.23 -11.80
N THR D 398 -13.30 12.56 -10.65
CA THR D 398 -14.20 11.46 -10.28
C THR D 398 -15.58 11.97 -9.81
N GLU D 399 -16.57 11.08 -9.77
CA GLU D 399 -17.88 11.39 -9.15
C GLU D 399 -17.71 11.71 -7.66
N THR D 400 -16.93 10.88 -6.95
CA THR D 400 -16.56 11.14 -5.55
C THR D 400 -15.96 12.55 -5.34
N GLN D 401 -15.08 12.99 -6.25
CA GLN D 401 -14.48 14.34 -6.18
C GLN D 401 -15.47 15.43 -6.60
N LYS D 402 -16.36 15.12 -7.54
CA LYS D 402 -17.44 16.04 -7.94
C LYS D 402 -18.44 16.29 -6.79
N ILE D 403 -18.62 15.29 -5.92
CA ILE D 403 -19.43 15.46 -4.69
C ILE D 403 -18.68 16.26 -3.62
N TRP D 404 -17.44 15.85 -3.32
CA TRP D 404 -16.57 16.58 -2.36
C TRP D 404 -16.38 18.06 -2.75
N ASN D 405 -16.33 18.34 -4.06
CA ASN D 405 -16.29 19.71 -4.57
C ASN D 405 -17.59 20.47 -4.30
N ALA D 406 -18.72 19.82 -4.56
CA ALA D 406 -20.05 20.42 -4.33
C ALA D 406 -20.39 20.78 -2.86
N GLU D 407 -19.77 20.11 -1.89
CA GLU D 407 -20.05 20.35 -0.46
C GLU D 407 -18.76 20.83 0.21
N ALA D 408 -18.35 22.08 -0.06
CA ALA D 408 -16.96 22.49 0.22
C ALA D 408 -16.68 23.65 1.20
N THR D 409 -17.45 24.72 1.12
CA THR D 409 -17.14 25.99 1.80
C THR D 409 -16.44 26.83 0.77
N PRO D 410 -17.02 28.00 0.42
CA PRO D 410 -16.43 28.89 -0.58
C PRO D 410 -14.91 29.14 -0.46
N GLU D 411 -14.35 29.13 0.76
CA GLU D 411 -12.91 29.24 0.97
C GLU D 411 -12.15 27.97 0.53
N GLU D 412 -12.76 26.82 0.78
CA GLU D 412 -12.18 25.53 0.35
C GLU D 412 -12.24 25.34 -1.18
N LYS D 413 -13.32 25.80 -1.82
CA LYS D 413 -13.43 25.81 -3.29
C LYS D 413 -12.34 26.67 -3.93
N GLU D 414 -12.21 27.93 -3.50
CA GLU D 414 -11.16 28.81 -4.00
C GLU D 414 -9.77 28.18 -3.84
N GLN D 415 -9.55 27.50 -2.72
CA GLN D 415 -8.24 26.91 -2.47
C GLN D 415 -7.98 25.70 -3.36
N HIS D 416 -9.01 24.88 -3.53
CA HIS D 416 -8.91 23.73 -4.37
C HIS D 416 -8.64 24.14 -5.84
N LYS D 417 -9.33 25.18 -6.30
CA LYS D 417 -9.12 25.72 -7.62
C LYS D 417 -7.68 26.21 -7.82
N LYS D 418 -7.10 26.88 -6.82
CA LYS D 418 -5.69 27.27 -6.88
C LYS D 418 -4.75 26.06 -6.96
N ASP D 419 -5.08 25.00 -6.23
CA ASP D 419 -4.24 23.81 -6.18
C ASP D 419 -4.27 23.10 -7.54
N ARG D 420 -5.47 22.98 -8.10
CA ARG D 420 -5.65 22.38 -9.45
C ARG D 420 -4.92 23.19 -10.50
N ALA D 421 -5.03 24.52 -10.41
CA ALA D 421 -4.37 25.38 -11.38
C ALA D 421 -2.87 25.15 -11.36
N SER D 422 -2.32 25.07 -10.15
CA SER D 422 -0.91 24.84 -10.00
C SER D 422 -0.50 23.43 -10.54
N ALA D 423 -1.31 22.43 -10.27
CA ALA D 423 -0.99 21.07 -10.74
C ALA D 423 -1.08 20.98 -12.28
N LEU D 424 -1.95 21.81 -12.85
CA LEU D 424 -2.16 21.86 -14.30
C LEU D 424 -1.23 22.80 -15.03
N THR D 425 -0.11 23.13 -14.41
CA THR D 425 0.89 24.04 -14.95
C THR D 425 2.21 23.30 -14.96
N GLN D 426 2.81 23.11 -16.12
CA GLN D 426 4.07 22.39 -16.22
C GLN D 426 5.14 23.33 -16.75
N GLN D 427 6.36 23.22 -16.22
CA GLN D 427 7.49 24.02 -16.69
C GLN D 427 8.49 23.12 -17.38
N LEU D 428 9.00 23.59 -18.51
CA LEU D 428 10.02 22.90 -19.27
C LEU D 428 11.22 23.82 -19.51
N ASP D 429 12.41 23.29 -19.29
CA ASP D 429 13.65 24.03 -19.52
C ASP D 429 14.15 23.75 -20.93
N LEU D 430 14.09 24.76 -21.80
CA LEU D 430 14.46 24.60 -23.20
C LEU D 430 15.79 25.25 -23.54
N GLY D 431 16.62 25.48 -22.54
CA GLY D 431 17.94 26.08 -22.76
C GLY D 431 17.94 27.53 -22.34
N LEU D 432 18.03 28.43 -23.33
CA LEU D 432 17.88 29.90 -23.06
C LEU D 432 16.45 30.31 -22.69
N TRP D 433 15.49 29.44 -23.03
CA TRP D 433 14.06 29.75 -22.88
C TRP D 433 13.38 28.63 -22.16
N ASP D 434 12.34 28.96 -21.39
CA ASP D 434 11.49 27.98 -20.74
C ASP D 434 10.09 28.08 -21.32
N ALA D 435 9.35 26.96 -21.29
CA ALA D 435 7.94 26.96 -21.67
C ALA D 435 7.13 26.61 -20.47
N GLU D 436 5.93 27.17 -20.40
CA GLU D 436 4.98 26.80 -19.42
C GLU D 436 3.73 26.31 -20.13
N VAL D 437 3.32 25.08 -19.83
CA VAL D 437 2.16 24.49 -20.45
C VAL D 437 1.04 24.43 -19.43
N THR D 438 -0.14 24.90 -19.82
CA THR D 438 -1.29 24.84 -18.99
C THR D 438 -2.50 24.27 -19.72
N TYR D 439 -3.45 23.75 -18.97
CA TYR D 439 -4.57 23.00 -19.56
C TYR D 439 -5.96 23.44 -19.13
N GLY D 440 -6.83 23.67 -20.12
CA GLY D 440 -8.26 23.91 -19.84
C GLY D 440 -8.49 25.36 -19.44
N ARG D 441 -8.30 26.27 -20.38
CA ARG D 441 -8.58 27.69 -20.16
C ARG D 441 -8.97 28.32 -21.47
N PRO D 442 -9.60 29.49 -21.43
CA PRO D 442 -9.88 30.19 -22.68
C PRO D 442 -8.65 30.50 -23.50
N MET D 443 -8.87 30.93 -24.75
CA MET D 443 -7.77 31.27 -25.68
C MET D 443 -7.34 32.73 -25.52
N PHE D 444 -8.03 33.41 -24.62
CA PHE D 444 -7.89 34.86 -24.44
C PHE D 444 -7.87 35.16 -22.95
N TRP D 445 -7.04 36.12 -22.55
CA TRP D 445 -6.92 36.55 -21.16
C TRP D 445 -6.23 35.47 -20.30
N VAL D 446 -6.33 35.60 -19.00
CA VAL D 446 -5.42 34.91 -18.14
CA VAL D 446 -5.41 34.88 -18.11
C VAL D 446 -6.12 34.17 -16.99
N THR D 447 -7.41 33.86 -17.15
CA THR D 447 -8.06 33.12 -16.09
C THR D 447 -7.34 31.77 -15.91
N PRO D 448 -7.14 31.34 -14.65
CA PRO D 448 -6.31 30.15 -14.43
C PRO D 448 -6.85 28.85 -15.02
N PRO D 449 -5.97 27.90 -15.29
CA PRO D 449 -6.36 26.61 -15.85
C PRO D 449 -7.24 25.81 -14.91
N GLU D 450 -8.29 25.19 -15.48
CA GLU D 450 -9.18 24.32 -14.74
C GLU D 450 -9.20 22.89 -15.29
N GLY D 451 -8.44 22.61 -16.33
CA GLY D 451 -8.37 21.24 -16.87
C GLY D 451 -9.43 21.03 -17.91
N ASN D 452 -9.14 20.13 -18.84
CA ASN D 452 -10.12 19.70 -19.83
C ASN D 452 -11.02 18.64 -19.24
N THR D 453 -12.22 18.52 -19.77
CA THR D 453 -13.16 17.50 -19.35
C THR D 453 -13.60 16.66 -20.55
N PRO D 454 -13.12 15.41 -20.67
CA PRO D 454 -12.16 14.74 -19.81
C PRO D 454 -10.75 15.26 -20.00
N ALA D 455 -9.83 14.81 -19.14
CA ALA D 455 -8.41 15.12 -19.33
C ALA D 455 -7.96 14.62 -20.70
N ALA D 456 -7.23 15.45 -21.43
CA ALA D 456 -6.90 15.15 -22.83
C ALA D 456 -5.73 15.88 -23.46
N GLY D 457 -5.21 16.93 -22.81
CA GLY D 457 -4.28 17.82 -23.44
C GLY D 457 -2.87 17.34 -23.44
N GLY D 458 -2.06 18.00 -24.25
CA GLY D 458 -0.63 17.79 -24.23
C GLY D 458 0.08 18.68 -25.24
N ALA D 459 1.40 18.56 -25.29
CA ALA D 459 2.23 19.40 -26.10
C ALA D 459 3.51 18.70 -26.47
N LEU D 460 3.99 19.03 -27.65
CA LEU D 460 5.29 18.66 -28.14
C LEU D 460 6.10 19.90 -28.46
N ILE D 461 7.38 19.86 -28.13
CA ILE D 461 8.33 20.91 -28.52
C ILE D 461 9.63 20.30 -28.98
N ALA D 462 10.17 20.79 -30.09
CA ALA D 462 11.51 20.41 -30.55
C ALA D 462 12.35 21.67 -30.68
N GLN D 463 13.64 21.60 -30.32
CA GLN D 463 14.51 22.78 -30.49
C GLN D 463 15.11 22.79 -31.89
N LEU D 464 14.98 23.91 -32.59
CA LEU D 464 15.57 24.07 -33.90
C LEU D 464 16.87 24.86 -33.88
N ASP D 465 16.98 25.78 -32.93
CA ASP D 465 18.19 26.58 -32.76
C ASP D 465 18.14 27.16 -31.36
N ASP D 466 19.13 27.97 -30.99
CA ASP D 466 19.19 28.54 -29.63
C ASP D 466 17.92 29.26 -29.19
N ASN D 467 17.28 29.94 -30.13
CA ASN D 467 16.11 30.74 -29.82
C ASN D 467 14.86 30.34 -30.62
N GLU D 468 14.88 29.15 -31.23
CA GLU D 468 13.81 28.76 -32.14
C GLU D 468 13.35 27.34 -31.87
N TYR D 469 12.03 27.17 -31.81
CA TYR D 469 11.41 25.92 -31.43
C TYR D 469 10.26 25.57 -32.35
N LEU D 470 10.08 24.27 -32.55
CA LEU D 470 8.94 23.74 -33.25
C LEU D 470 7.95 23.32 -32.17
N VAL D 471 6.68 23.73 -32.31
CA VAL D 471 5.69 23.51 -31.29
C VAL D 471 4.35 23.07 -31.88
N THR D 472 3.76 22.05 -31.29
CA THR D 472 2.37 21.72 -31.56
C THR D 472 1.77 21.18 -30.30
N ALA D 473 0.51 21.47 -30.09
CA ALA D 473 -0.12 21.07 -28.87
C ALA D 473 -1.62 20.88 -29.07
N TYR D 474 -2.27 20.45 -28.02
CA TYR D 474 -3.62 19.97 -28.09
C TYR D 474 -4.33 20.30 -26.78
N LYS D 475 -5.42 21.07 -26.88
CA LYS D 475 -6.24 21.44 -25.74
C LYS D 475 -5.38 21.97 -24.59
N ALA D 476 -4.56 22.95 -24.93
CA ALA D 476 -3.53 23.45 -24.01
C ALA D 476 -3.05 24.82 -24.46
N ARG D 477 -2.47 25.54 -23.52
CA ARG D 477 -1.73 26.78 -23.76
C ARG D 477 -0.23 26.57 -23.47
N VAL D 478 0.61 27.06 -24.37
CA VAL D 478 2.04 27.00 -24.24
C VAL D 478 2.56 28.43 -24.21
N GLU D 479 3.32 28.78 -23.18
CA GLU D 479 3.90 30.14 -23.06
C GLU D 479 5.40 30.07 -22.91
N PHE D 480 6.10 31.01 -23.53
CA PHE D 480 7.55 31.03 -23.47
C PHE D 480 8.05 32.20 -22.59
N LYS D 481 9.18 31.97 -21.91
CA LYS D 481 9.82 33.03 -21.12
C LYS D 481 11.31 32.72 -21.02
N PRO D 482 12.11 33.71 -20.64
CA PRO D 482 13.54 33.44 -20.49
C PRO D 482 13.79 32.39 -19.42
N SER D 483 14.77 31.53 -19.67
CA SER D 483 15.15 30.48 -18.71
C SER D 483 15.98 31.05 -17.55
N GLN D 484 16.66 32.16 -17.80
CA GLN D 484 17.45 32.80 -16.74
C GLN D 484 17.29 34.30 -16.80
N GLU D 485 17.69 34.94 -15.71
CA GLU D 485 17.57 36.39 -15.56
C GLU D 485 18.23 37.06 -16.75
N LEU D 486 17.53 38.05 -17.29
CA LEU D 486 18.09 38.83 -18.39
C LEU D 486 18.78 40.05 -17.73
N ALA D 487 20.00 40.35 -18.15
CA ALA D 487 20.77 41.38 -17.47
C ALA D 487 20.28 42.75 -17.95
N GLY D 488 19.16 43.23 -17.39
CA GLY D 488 18.54 44.50 -17.84
C GLY D 488 17.89 44.52 -19.23
N LYS D 489 17.76 43.37 -19.86
CA LYS D 489 17.15 43.28 -21.19
C LYS D 489 15.68 42.92 -21.03
N LYS D 490 14.90 43.11 -22.09
CA LYS D 490 13.53 42.64 -22.10
C LYS D 490 13.44 41.49 -23.08
N PHE D 491 12.27 40.85 -23.16
CA PHE D 491 12.09 39.81 -24.16
C PHE D 491 10.72 39.88 -24.79
N MET D 492 10.63 39.29 -25.95
CA MET D 492 9.34 39.05 -26.59
CA MET D 492 9.35 39.07 -26.60
C MET D 492 9.44 37.88 -27.56
N ILE D 493 8.28 37.45 -28.02
CA ILE D 493 8.20 36.60 -29.20
CA ILE D 493 8.22 36.61 -29.19
C ILE D 493 8.70 37.45 -30.36
N GLU D 494 9.68 36.95 -31.12
CA GLU D 494 10.08 37.62 -32.34
C GLU D 494 9.11 37.31 -33.47
N ARG D 495 8.80 36.01 -33.66
CA ARG D 495 7.89 35.59 -34.71
C ARG D 495 7.39 34.18 -34.44
N VAL D 496 6.10 33.98 -34.66
CA VAL D 496 5.48 32.64 -34.67
C VAL D 496 4.92 32.41 -36.06
N GLU D 497 5.37 31.37 -36.75
CA GLU D 497 4.84 31.00 -38.06
C GLU D 497 4.08 29.69 -37.94
N GLU D 498 2.88 29.63 -38.49
CA GLU D 498 2.21 28.36 -38.65
C GLU D 498 2.59 27.84 -40.05
N GLY D 499 2.86 26.55 -40.17
CA GLY D 499 3.17 25.99 -41.50
C GLY D 499 3.24 24.48 -41.57
N ARG D 500 3.99 24.01 -42.54
CA ARG D 500 4.18 22.59 -42.76
C ARG D 500 5.48 22.32 -43.47
N PHE D 501 5.86 21.04 -43.51
CA PHE D 501 7.01 20.60 -44.24
C PHE D 501 6.58 20.02 -45.58
N GLU D 502 7.19 20.49 -46.65
CA GLU D 502 6.96 19.94 -47.97
C GLU D 502 8.36 19.56 -48.54
N LYS D 503 8.57 18.28 -48.84
CA LYS D 503 9.88 17.79 -49.26
C LYS D 503 10.97 18.21 -48.25
N GLY D 504 10.66 18.08 -46.96
CA GLY D 504 11.60 18.48 -45.90
C GLY D 504 11.86 19.97 -45.73
N LYS D 505 11.25 20.81 -46.58
CA LYS D 505 11.39 22.27 -46.48
C LYS D 505 10.16 22.87 -45.76
N TRP D 506 10.42 23.81 -44.86
CA TRP D 506 9.32 24.54 -44.17
C TRP D 506 8.60 25.50 -45.09
N VAL D 507 7.29 25.39 -45.14
CA VAL D 507 6.45 26.30 -45.94
C VAL D 507 5.58 27.05 -44.96
N MET D 508 5.71 28.37 -44.92
CA MET D 508 4.90 29.16 -44.01
C MET D 508 3.49 29.34 -44.57
N GLU D 509 2.49 29.15 -43.73
CA GLU D 509 1.09 29.42 -44.09
C GLU D 509 0.65 30.81 -43.58
N ARG D 510 1.01 31.12 -42.35
CA ARG D 510 0.64 32.41 -41.77
C ARG D 510 1.49 32.71 -40.56
N VAL D 511 1.47 33.98 -40.13
CA VAL D 511 2.10 34.40 -38.90
C VAL D 511 1.04 34.53 -37.81
N TRP D 512 1.24 33.87 -36.67
CA TRP D 512 0.42 34.07 -35.49
C TRP D 512 0.95 35.35 -34.78
N ASN D 513 0.04 36.26 -34.51
CA ASN D 513 0.39 37.51 -33.84
C ASN D 513 -0.84 38.07 -33.17
N GLY D 514 -0.71 39.20 -32.47
CA GLY D 514 -1.84 39.83 -31.87
C GLY D 514 -2.49 38.96 -30.82
N ASP D 515 -3.81 38.81 -30.89
CA ASP D 515 -4.55 37.94 -29.98
C ASP D 515 -3.97 36.51 -29.90
N GLN D 516 -3.47 36.01 -31.02
CA GLN D 516 -2.99 34.64 -31.08
C GLN D 516 -1.67 34.40 -30.36
N THR D 517 -0.94 35.47 -30.03
CA THR D 517 0.29 35.32 -29.25
C THR D 517 0.32 36.18 -27.99
N ASP D 518 -0.70 36.99 -27.73
CA ASP D 518 -0.74 37.82 -26.53
C ASP D 518 -0.89 36.99 -25.26
N TRP D 519 -1.57 35.84 -25.35
CA TRP D 519 -1.97 35.06 -24.19
C TRP D 519 -1.43 33.66 -24.31
N GLY D 520 -0.15 33.58 -24.64
CA GLY D 520 0.48 32.34 -24.96
C GLY D 520 0.00 31.82 -26.33
N LEU D 521 0.30 30.55 -26.58
CA LEU D 521 -0.06 29.88 -27.82
C LEU D 521 -1.13 28.86 -27.45
N ASN D 522 -2.36 29.11 -27.92
CA ASN D 522 -3.51 28.35 -27.53
C ASN D 522 -3.97 27.39 -28.61
N PHE D 523 -4.10 26.13 -28.23
CA PHE D 523 -4.46 25.04 -29.14
C PHE D 523 -5.75 24.39 -28.66
N THR D 524 -6.60 24.07 -29.62
CA THR D 524 -7.84 23.35 -29.38
C THR D 524 -7.65 21.91 -29.81
N ASP D 525 -8.65 21.31 -30.47
CA ASP D 525 -8.52 19.97 -30.98
C ASP D 525 -7.96 19.94 -32.40
N ARG D 526 -7.83 21.10 -33.04
CA ARG D 526 -7.33 21.16 -34.41
C ARG D 526 -5.82 21.27 -34.49
N PRO D 527 -5.21 20.70 -35.53
CA PRO D 527 -3.77 20.67 -35.69
C PRO D 527 -3.18 21.98 -36.19
N HIS D 528 -2.14 22.46 -35.51
CA HIS D 528 -1.33 23.56 -35.98
C HIS D 528 0.08 23.25 -35.59
N LEU D 529 0.97 23.40 -36.56
CA LEU D 529 2.39 23.26 -36.34
C LEU D 529 3.06 24.62 -36.43
N LEU D 530 3.76 25.03 -35.36
CA LEU D 530 4.34 26.37 -35.27
C LEU D 530 5.85 26.34 -35.14
N ARG D 531 6.49 27.32 -35.78
CA ARG D 531 7.88 27.64 -35.47
C ARG D 531 7.89 28.92 -34.66
N VAL D 532 8.49 28.86 -33.48
CA VAL D 532 8.48 29.95 -32.52
C VAL D 532 9.89 30.48 -32.34
N LYS D 533 10.10 31.76 -32.65
CA LYS D 533 11.40 32.40 -32.48
C LYS D 533 11.29 33.46 -31.39
N MET D 534 12.12 33.33 -30.36
CA MET D 534 12.12 34.20 -29.23
C MET D 534 13.31 35.17 -29.34
N ALA D 535 13.19 36.34 -28.71
CA ALA D 535 14.29 37.31 -28.69
C ALA D 535 14.34 38.08 -27.39
N SER D 536 15.57 38.22 -26.87
CA SER D 536 15.84 39.23 -25.82
C SER D 536 16.35 40.48 -26.53
N TYR D 537 16.04 41.64 -25.97
CA TYR D 537 16.44 42.88 -26.60
C TYR D 537 16.80 43.91 -25.55
N SER D 538 17.75 44.77 -25.91
CA SER D 538 18.17 45.83 -25.04
C SER D 538 17.21 47.01 -25.02
N VAL D 539 17.02 47.57 -23.83
CA VAL D 539 16.34 48.85 -23.67
C VAL D 539 17.21 49.97 -23.02
N GLN D 540 18.51 49.75 -22.84
CA GLN D 540 19.34 50.60 -21.92
C GLN D 540 20.55 51.16 -22.63
N ALA E 2 -40.51 -32.53 -55.91
CA ALA E 2 -40.02 -32.43 -54.49
C ALA E 2 -40.89 -33.28 -53.58
N PRO E 3 -40.29 -33.92 -52.60
CA PRO E 3 -41.11 -34.76 -51.73
C PRO E 3 -42.04 -33.90 -50.85
N LEU E 4 -43.19 -34.46 -50.48
CA LEU E 4 -44.10 -33.78 -49.57
C LEU E 4 -43.40 -33.46 -48.25
N PRO E 5 -43.68 -32.30 -47.68
CA PRO E 5 -43.32 -32.08 -46.27
C PRO E 5 -43.94 -33.13 -45.39
N GLU E 6 -43.27 -33.49 -44.31
CA GLU E 6 -43.81 -34.45 -43.37
C GLU E 6 -43.20 -34.27 -42.01
N LEU E 7 -43.95 -34.64 -40.99
CA LEU E 7 -43.42 -34.64 -39.63
C LEU E 7 -42.96 -36.04 -39.26
N LEU E 8 -41.67 -36.20 -38.99
CA LEU E 8 -41.13 -37.47 -38.57
C LEU E 8 -40.99 -37.48 -37.09
N SER E 9 -41.27 -38.65 -36.49
CA SER E 9 -41.08 -38.87 -35.08
C SER E 9 -40.37 -40.21 -34.87
N ASN E 10 -39.26 -40.17 -34.17
CA ASN E 10 -38.50 -41.38 -33.92
C ASN E 10 -37.60 -41.23 -32.72
N ASN E 11 -37.55 -42.27 -31.87
CA ASN E 11 -36.70 -42.30 -30.67
C ASN E 11 -37.02 -41.12 -29.75
N GLY E 12 -38.29 -40.77 -29.64
CA GLY E 12 -38.72 -39.61 -28.85
C GLY E 12 -38.31 -38.24 -29.40
N LYS E 13 -37.78 -38.19 -30.62
CA LYS E 13 -37.36 -36.94 -31.26
C LYS E 13 -38.19 -36.69 -32.53
N HIS E 14 -38.12 -35.47 -33.08
CA HIS E 14 -38.99 -35.08 -34.18
C HIS E 14 -38.28 -34.17 -35.14
N ALA E 15 -38.73 -34.21 -36.39
CA ALA E 15 -38.24 -33.30 -37.42
C ALA E 15 -39.36 -32.94 -38.38
N LEU E 16 -39.42 -31.68 -38.78
CA LEU E 16 -40.27 -31.28 -39.87
C LEU E 16 -39.45 -31.38 -41.10
N MET E 17 -39.80 -32.33 -41.96
CA MET E 17 -39.07 -32.50 -43.23
C MET E 17 -39.67 -31.58 -44.26
N VAL E 18 -38.82 -30.81 -44.89
CA VAL E 18 -39.20 -29.94 -46.01
C VAL E 18 -38.18 -30.12 -47.13
N ASP E 19 -38.69 -30.46 -48.32
CA ASP E 19 -37.88 -30.79 -49.47
C ASP E 19 -36.86 -31.88 -49.15
N GLY E 20 -37.30 -32.85 -48.35
CA GLY E 20 -36.52 -34.04 -48.05
C GLY E 20 -35.47 -33.93 -46.98
N ALA E 21 -35.48 -32.87 -46.17
CA ALA E 21 -34.52 -32.77 -45.06
C ALA E 21 -35.12 -31.94 -43.91
N PRO E 22 -34.58 -32.11 -42.71
CA PRO E 22 -35.16 -31.35 -41.56
C PRO E 22 -35.09 -29.87 -41.79
N TYR E 23 -36.09 -29.18 -41.28
CA TYR E 23 -36.28 -27.74 -41.52
C TYR E 23 -36.73 -27.10 -40.21
N ILE E 24 -36.32 -25.84 -39.99
CA ILE E 24 -36.80 -25.05 -38.87
C ILE E 24 -37.63 -23.90 -39.41
N ILE E 25 -38.85 -23.76 -38.90
CA ILE E 25 -39.65 -22.59 -39.16
C ILE E 25 -39.18 -21.43 -38.30
N LEU E 26 -38.49 -20.50 -38.95
CA LEU E 26 -38.16 -19.21 -38.37
C LEU E 26 -39.25 -18.29 -38.90
N GLY E 27 -40.32 -18.21 -38.15
CA GLY E 27 -41.60 -17.78 -38.67
C GLY E 27 -42.01 -16.39 -38.33
N SER E 28 -43.12 -15.99 -38.96
CA SER E 28 -43.79 -14.79 -38.58
C SER E 28 -45.23 -15.00 -38.92
N GLN E 29 -46.12 -14.47 -38.09
CA GLN E 29 -47.56 -14.57 -38.35
C GLN E 29 -48.15 -13.18 -38.51
N THR E 30 -49.03 -13.04 -39.49
CA THR E 30 -49.72 -11.80 -39.70
C THR E 30 -50.72 -11.50 -38.57
N ASN E 31 -51.17 -10.26 -38.52
CA ASN E 31 -52.38 -9.94 -37.80
C ASN E 31 -53.60 -10.62 -38.47
N ASN E 32 -54.69 -10.69 -37.73
CA ASN E 32 -55.86 -11.51 -38.06
C ASN E 32 -56.66 -11.02 -39.29
N SER E 33 -56.45 -9.76 -39.72
CA SER E 33 -57.21 -9.20 -40.86
C SER E 33 -56.31 -8.87 -42.04
N SER E 34 -55.24 -9.62 -42.18
CA SER E 34 -54.26 -9.41 -43.27
C SER E 34 -54.38 -10.43 -44.41
N ASN E 35 -55.42 -11.25 -44.35
CA ASN E 35 -55.61 -12.36 -45.27
C ASN E 35 -56.32 -11.92 -46.57
N TYR E 36 -55.87 -10.79 -47.14
CA TYR E 36 -56.46 -10.25 -48.37
C TYR E 36 -55.33 -9.73 -49.26
N PRO E 37 -55.49 -9.83 -50.61
CA PRO E 37 -54.43 -9.36 -51.51
C PRO E 37 -53.87 -7.96 -51.21
N ASP E 38 -54.75 -7.02 -50.91
CA ASP E 38 -54.38 -5.63 -50.65
C ASP E 38 -53.51 -5.44 -49.40
N ALA E 39 -53.66 -6.34 -48.42
CA ALA E 39 -52.87 -6.27 -47.18
C ALA E 39 -51.47 -6.80 -47.30
N LEU E 40 -51.18 -7.60 -48.32
CA LEU E 40 -49.88 -8.29 -48.36
C LEU E 40 -48.70 -7.33 -48.49
N LYS E 41 -48.90 -6.17 -49.09
CA LYS E 41 -47.82 -5.22 -49.22
C LYS E 41 -47.35 -4.71 -47.85
N ASP E 42 -48.20 -4.86 -46.85
CA ASP E 42 -47.89 -4.48 -45.45
C ASP E 42 -47.36 -5.64 -44.63
N VAL E 43 -47.24 -6.80 -45.28
CA VAL E 43 -46.73 -8.02 -44.66
C VAL E 43 -45.30 -8.31 -45.10
N TRP E 44 -45.03 -8.30 -46.41
CA TRP E 44 -43.73 -8.77 -46.89
C TRP E 44 -42.54 -7.98 -46.37
N PRO E 45 -42.66 -6.66 -46.25
CA PRO E 45 -41.46 -5.95 -45.77
C PRO E 45 -41.03 -6.37 -44.35
N SER E 46 -41.98 -6.67 -43.48
CA SER E 46 -41.64 -7.13 -42.11
C SER E 46 -40.94 -8.45 -42.15
N MET E 47 -41.43 -9.32 -43.01
CA MET E 47 -40.86 -10.61 -43.13
C MET E 47 -39.43 -10.54 -43.61
N GLU E 48 -39.18 -9.66 -44.58
CA GLU E 48 -37.82 -9.43 -45.07
C GLU E 48 -36.92 -8.87 -43.98
N LYS E 49 -37.39 -7.86 -43.25
CA LYS E 49 -36.57 -7.28 -42.19
C LYS E 49 -36.27 -8.30 -41.09
N MET E 50 -37.21 -9.18 -40.84
CA MET E 50 -37.07 -10.17 -39.80
C MET E 50 -36.14 -11.28 -40.17
N GLY E 51 -36.05 -11.55 -41.47
CA GLY E 51 -35.29 -12.70 -41.94
C GLY E 51 -36.05 -14.00 -41.77
N ALA E 52 -37.36 -13.89 -41.66
CA ALA E 52 -38.18 -15.10 -41.52
C ALA E 52 -38.17 -15.95 -42.81
N ASN E 53 -38.24 -17.26 -42.65
CA ASN E 53 -38.29 -18.18 -43.81
C ASN E 53 -39.70 -18.70 -44.09
N THR E 54 -40.65 -18.48 -43.17
CA THR E 54 -41.98 -19.06 -43.27
C THR E 54 -43.02 -18.06 -42.74
N LEU E 55 -44.10 -17.82 -43.49
CA LEU E 55 -45.17 -16.95 -43.08
C LEU E 55 -46.40 -17.77 -42.71
N SER E 56 -46.96 -17.49 -41.52
CA SER E 56 -48.22 -18.05 -41.11
C SER E 56 -49.28 -17.00 -41.38
N ILE E 57 -50.33 -17.37 -42.10
CA ILE E 57 -51.36 -16.40 -42.48
C ILE E 57 -52.71 -17.10 -42.57
N PRO E 58 -53.80 -16.42 -42.16
CA PRO E 58 -55.09 -17.11 -42.26
C PRO E 58 -55.59 -17.35 -43.68
N VAL E 59 -56.33 -18.44 -43.84
CA VAL E 59 -57.26 -18.60 -44.94
C VAL E 59 -58.63 -18.86 -44.33
N ALA E 60 -59.59 -17.97 -44.55
CA ALA E 60 -60.83 -18.00 -43.85
C ALA E 60 -61.92 -18.70 -44.64
N TRP E 61 -62.72 -19.50 -43.95
CA TRP E 61 -63.83 -20.17 -44.59
C TRP E 61 -64.77 -19.14 -45.23
N GLU E 62 -65.05 -18.03 -44.54
CA GLU E 62 -65.87 -16.96 -45.10
C GLU E 62 -65.39 -16.41 -46.46
N GLN E 63 -64.08 -16.39 -46.69
CA GLN E 63 -63.55 -15.83 -47.94
C GLN E 63 -63.45 -16.87 -49.05
N ILE E 64 -63.26 -18.13 -48.72
CA ILE E 64 -63.24 -19.16 -49.78
C ILE E 64 -64.64 -19.70 -50.16
N GLU E 65 -65.61 -19.62 -49.27
CA GLU E 65 -66.98 -20.09 -49.56
C GLU E 65 -68.00 -19.08 -49.09
N PRO E 66 -67.98 -17.89 -49.71
CA PRO E 66 -68.83 -16.79 -49.21
C PRO E 66 -70.32 -17.07 -49.40
N VAL E 67 -70.63 -17.86 -50.41
CA VAL E 67 -71.99 -18.36 -50.67
C VAL E 67 -71.83 -19.86 -50.80
N GLU E 68 -72.74 -20.61 -50.20
CA GLU E 68 -72.57 -22.06 -50.13
C GLU E 68 -72.40 -22.62 -51.54
N GLY E 69 -71.36 -23.42 -51.70
CA GLY E 69 -71.03 -24.03 -52.98
C GLY E 69 -70.32 -23.17 -53.98
N GLN E 70 -70.08 -21.91 -53.67
CA GLN E 70 -69.45 -20.99 -54.62
C GLN E 70 -68.05 -20.61 -54.10
N PHE E 71 -67.04 -21.33 -54.54
CA PHE E 71 -65.69 -21.20 -53.98
C PHE E 71 -64.89 -20.10 -54.65
N ASP E 72 -64.05 -19.44 -53.86
CA ASP E 72 -63.21 -18.33 -54.32
C ASP E 72 -61.81 -18.51 -53.72
N PHE E 73 -60.84 -18.89 -54.55
CA PHE E 73 -59.45 -19.04 -54.13
C PHE E 73 -58.55 -17.90 -54.61
N SER E 74 -59.15 -16.77 -54.96
CA SER E 74 -58.38 -15.67 -55.53
C SER E 74 -57.28 -15.18 -54.55
N PHE E 75 -57.57 -15.20 -53.25
CA PHE E 75 -56.55 -14.80 -52.27
C PHE E 75 -55.42 -15.82 -52.24
N VAL E 76 -55.76 -17.09 -52.19
CA VAL E 76 -54.76 -18.13 -52.09
C VAL E 76 -53.83 -18.09 -53.31
N ASP E 77 -54.41 -17.82 -54.48
CA ASP E 77 -53.61 -17.64 -55.70
C ASP E 77 -52.55 -16.56 -55.56
N VAL E 78 -52.97 -15.37 -55.19
CA VAL E 78 -52.08 -14.22 -55.06
C VAL E 78 -51.02 -14.52 -54.01
N LEU E 79 -51.47 -15.08 -52.89
CA LEU E 79 -50.57 -15.40 -51.78
C LEU E 79 -49.47 -16.36 -52.20
N LEU E 80 -49.84 -17.46 -52.85
CA LEU E 80 -48.84 -18.43 -53.33
C LEU E 80 -47.83 -17.76 -54.23
N LYS E 81 -48.31 -16.96 -55.15
CA LYS E 81 -47.43 -16.34 -56.13
C LYS E 81 -46.48 -15.33 -55.50
N GLU E 82 -47.00 -14.53 -54.59
CA GLU E 82 -46.16 -13.57 -53.92
C GLU E 82 -45.15 -14.24 -53.00
N ALA E 83 -45.55 -15.28 -52.26
CA ALA E 83 -44.62 -16.01 -51.41
C ALA E 83 -43.46 -16.57 -52.20
N ARG E 84 -43.78 -17.15 -53.35
CA ARG E 84 -42.75 -17.73 -54.21
C ARG E 84 -41.80 -16.70 -54.72
N GLN E 85 -42.31 -15.56 -55.11
CA GLN E 85 -41.46 -14.50 -55.59
C GLN E 85 -40.49 -14.02 -54.51
N ARG E 86 -40.91 -14.09 -53.26
CA ARG E 86 -40.07 -13.70 -52.14
CA ARG E 86 -40.08 -13.69 -52.14
C ARG E 86 -39.29 -14.86 -51.55
N LYS E 87 -39.47 -16.04 -52.10
CA LYS E 87 -38.73 -17.24 -51.73
C LYS E 87 -38.91 -17.60 -50.25
N VAL E 88 -40.16 -17.55 -49.80
CA VAL E 88 -40.52 -18.00 -48.48
C VAL E 88 -41.59 -19.07 -48.59
N ARG E 89 -41.78 -19.80 -47.49
CA ARG E 89 -42.77 -20.84 -47.39
C ARG E 89 -43.94 -20.36 -46.55
N LEU E 90 -45.01 -21.15 -46.55
CA LEU E 90 -46.26 -20.76 -45.94
C LEU E 90 -46.81 -21.80 -45.01
N VAL E 91 -47.40 -21.35 -43.94
CA VAL E 91 -48.28 -22.14 -43.13
C VAL E 91 -49.64 -21.49 -43.19
N LEU E 92 -50.64 -22.23 -43.68
CA LEU E 92 -52.00 -21.65 -43.81
C LEU E 92 -52.76 -21.95 -42.56
N LEU E 93 -53.50 -20.98 -42.05
CA LEU E 93 -54.30 -21.15 -40.86
C LEU E 93 -55.78 -21.18 -41.26
N TRP E 94 -56.37 -22.37 -41.18
CA TRP E 94 -57.78 -22.57 -41.54
C TRP E 94 -58.68 -22.04 -40.42
N PHE E 95 -59.19 -20.83 -40.61
CA PHE E 95 -60.09 -20.21 -39.70
C PHE E 95 -61.51 -20.59 -40.14
N ALA E 96 -62.19 -21.39 -39.33
CA ALA E 96 -63.45 -21.99 -39.80
C ALA E 96 -64.45 -22.18 -38.67
N THR E 97 -64.72 -23.41 -38.24
CA THR E 97 -65.67 -23.64 -37.16
C THR E 97 -65.28 -22.90 -35.86
N TRP E 98 -63.99 -22.94 -35.50
CA TRP E 98 -63.47 -22.17 -34.35
C TRP E 98 -62.33 -21.29 -34.77
N LYS E 99 -62.44 -20.03 -34.37
CA LYS E 99 -61.31 -19.11 -34.29
C LYS E 99 -61.48 -18.44 -32.92
N ASN E 100 -60.56 -18.74 -31.99
CA ASN E 100 -60.64 -18.26 -30.60
C ASN E 100 -62.00 -18.59 -30.00
N ASN E 101 -62.39 -19.85 -30.14
CA ASN E 101 -63.65 -20.41 -29.58
C ASN E 101 -64.94 -20.10 -30.36
N ALA E 102 -64.86 -19.18 -31.32
CA ALA E 102 -66.04 -18.63 -31.99
C ALA E 102 -66.06 -18.80 -33.53
N PRO E 103 -67.26 -18.65 -34.15
CA PRO E 103 -67.44 -18.85 -35.55
C PRO E 103 -67.39 -17.57 -36.42
N HIS E 104 -66.68 -16.52 -35.98
CA HIS E 104 -66.71 -15.26 -36.71
C HIS E 104 -66.14 -15.35 -38.14
N TYR E 105 -65.24 -16.28 -38.37
CA TYR E 105 -64.69 -16.46 -39.72
C TYR E 105 -65.43 -17.52 -40.58
N ALA E 106 -66.48 -18.15 -40.03
CA ALA E 106 -67.31 -18.99 -40.86
C ALA E 106 -68.18 -18.05 -41.72
N PRO E 107 -68.64 -18.54 -42.88
CA PRO E 107 -69.50 -17.71 -43.74
C PRO E 107 -70.76 -17.28 -43.02
N ALA E 108 -71.37 -16.20 -43.49
CA ALA E 108 -72.64 -15.73 -42.93
C ALA E 108 -73.73 -16.79 -42.93
N TRP E 109 -73.77 -17.59 -43.98
CA TRP E 109 -74.76 -18.68 -44.13
C TRP E 109 -74.51 -19.81 -43.14
N VAL E 110 -73.32 -19.83 -42.51
CA VAL E 110 -73.06 -20.73 -41.38
C VAL E 110 -73.32 -20.07 -40.02
N LYS E 111 -72.61 -18.98 -39.74
CA LYS E 111 -72.66 -18.39 -38.39
C LYS E 111 -73.97 -17.72 -38.01
N LEU E 112 -74.80 -17.42 -39.00
CA LEU E 112 -76.11 -16.83 -38.71
C LEU E 112 -77.25 -17.84 -38.79
N ASP E 113 -76.94 -19.14 -38.96
CA ASP E 113 -77.97 -20.20 -39.01
C ASP E 113 -77.77 -21.22 -37.90
N ASN E 114 -78.23 -20.88 -36.70
CA ASN E 114 -78.00 -21.72 -35.54
C ASN E 114 -78.77 -23.04 -35.64
N ALA E 115 -79.91 -23.01 -36.32
CA ALA E 115 -80.74 -24.22 -36.43
C ALA E 115 -79.98 -25.30 -37.14
N ARG E 116 -79.33 -24.95 -38.23
CA ARG E 116 -78.53 -25.88 -38.98
C ARG E 116 -77.17 -26.16 -38.33
N PHE E 117 -76.59 -25.14 -37.72
CA PHE E 117 -75.20 -25.17 -37.23
C PHE E 117 -75.17 -24.71 -35.78
N PRO E 118 -75.47 -25.63 -34.85
CA PRO E 118 -75.82 -25.24 -33.50
C PRO E 118 -74.66 -24.86 -32.58
N ARG E 119 -74.95 -23.89 -31.70
CA ARG E 119 -74.03 -23.43 -30.67
C ARG E 119 -74.15 -24.27 -29.42
N VAL E 120 -73.05 -24.23 -28.65
CA VAL E 120 -72.97 -24.72 -27.30
C VAL E 120 -74.05 -24.07 -26.45
N VAL E 121 -74.76 -24.89 -25.69
CA VAL E 121 -75.76 -24.44 -24.75
C VAL E 121 -75.25 -24.68 -23.33
N LYS E 122 -75.34 -23.66 -22.49
CA LYS E 122 -74.91 -23.76 -21.11
C LYS E 122 -75.88 -24.62 -20.30
N GLU E 123 -75.42 -25.08 -19.15
CA GLU E 123 -76.23 -25.87 -18.24
C GLU E 123 -77.51 -25.10 -17.84
N ASP E 124 -77.41 -23.78 -17.74
CA ASP E 124 -78.59 -22.95 -17.43
C ASP E 124 -79.49 -22.62 -18.64
N GLY E 125 -79.21 -23.21 -19.79
CA GLY E 125 -80.03 -23.00 -20.99
C GLY E 125 -79.65 -21.84 -21.88
N ASP E 126 -78.78 -20.93 -21.42
CA ASP E 126 -78.31 -19.84 -22.28
C ASP E 126 -77.38 -20.37 -23.34
N THR E 127 -77.27 -19.65 -24.45
CA THR E 127 -76.46 -20.08 -25.58
C THR E 127 -75.19 -19.21 -25.65
N LEU E 128 -74.07 -19.85 -25.96
CA LEU E 128 -72.77 -19.17 -26.17
C LEU E 128 -72.43 -19.14 -27.64
N ASN E 129 -71.69 -18.13 -28.05
CA ASN E 129 -71.29 -18.05 -29.46
C ASN E 129 -70.03 -18.90 -29.76
N SER E 130 -70.22 -20.21 -29.70
CA SER E 130 -69.18 -21.20 -29.86
C SER E 130 -69.92 -22.39 -30.42
N LEU E 131 -69.53 -22.84 -31.62
CA LEU E 131 -70.27 -23.92 -32.30
C LEU E 131 -70.01 -25.27 -31.68
N SER E 132 -71.08 -26.05 -31.50
CA SER E 132 -70.94 -27.34 -30.82
C SER E 132 -70.20 -28.32 -31.73
N PRO E 133 -69.20 -29.04 -31.19
CA PRO E 133 -68.55 -30.11 -31.94
C PRO E 133 -69.44 -31.33 -32.25
N LEU E 134 -70.62 -31.39 -31.65
CA LEU E 134 -71.61 -32.43 -32.02
C LEU E 134 -72.53 -32.03 -33.16
N GLY E 135 -72.41 -30.81 -33.69
CA GLY E 135 -73.16 -30.44 -34.87
C GLY E 135 -72.67 -31.15 -36.10
N GLN E 136 -73.43 -32.16 -36.55
CA GLN E 136 -73.01 -32.94 -37.72
C GLN E 136 -73.05 -32.15 -39.02
N ASN E 137 -73.97 -31.19 -39.15
CA ASN E 137 -74.02 -30.39 -40.39
C ASN E 137 -72.79 -29.48 -40.46
N THR E 138 -72.40 -28.96 -39.31
CA THR E 138 -71.24 -28.07 -39.18
C THR E 138 -69.97 -28.78 -39.60
N LEU E 139 -69.77 -29.98 -39.05
CA LEU E 139 -68.63 -30.83 -39.43
C LEU E 139 -68.60 -31.14 -40.92
N ALA E 140 -69.73 -31.55 -41.49
CA ALA E 140 -69.78 -31.86 -42.93
C ALA E 140 -69.43 -30.65 -43.79
N ALA E 141 -69.94 -29.48 -43.38
CA ALA E 141 -69.73 -28.28 -44.15
C ALA E 141 -68.28 -27.80 -44.07
N ASP E 142 -67.73 -27.81 -42.87
CA ASP E 142 -66.31 -27.38 -42.63
C ASP E 142 -65.40 -28.30 -43.44
N LYS E 143 -65.60 -29.60 -43.25
CA LYS E 143 -64.88 -30.59 -43.99
C LYS E 143 -64.94 -30.39 -45.50
N LYS E 144 -66.13 -30.11 -46.05
CA LYS E 144 -66.21 -29.95 -47.53
C LYS E 144 -65.44 -28.76 -48.02
N ALA E 145 -65.48 -27.64 -47.29
CA ALA E 145 -64.70 -26.47 -47.68
C ALA E 145 -63.20 -26.70 -47.53
N PHE E 146 -62.79 -27.37 -46.46
CA PHE E 146 -61.38 -27.66 -46.21
C PHE E 146 -60.83 -28.55 -47.30
N VAL E 147 -61.63 -29.53 -47.70
CA VAL E 147 -61.26 -30.39 -48.83
C VAL E 147 -61.06 -29.59 -50.11
N GLU E 148 -61.93 -28.64 -50.41
CA GLU E 148 -61.76 -27.80 -51.58
C GLU E 148 -60.46 -26.98 -51.49
N LEU E 149 -60.13 -26.49 -50.30
CA LEU E 149 -58.85 -25.78 -50.14
C LEU E 149 -57.67 -26.70 -50.44
N MET E 150 -57.72 -27.92 -49.91
CA MET E 150 -56.63 -28.87 -50.14
C MET E 150 -56.55 -29.27 -51.62
N LYS E 151 -57.70 -29.33 -52.30
CA LYS E 151 -57.70 -29.61 -53.75
C LYS E 151 -57.06 -28.50 -54.53
N TYR E 152 -57.28 -27.25 -54.08
CA TYR E 152 -56.61 -26.13 -54.71
C TYR E 152 -55.10 -26.26 -54.57
N LEU E 153 -54.62 -26.59 -53.37
CA LEU E 153 -53.20 -26.79 -53.16
C LEU E 153 -52.64 -27.99 -53.96
N ALA E 154 -53.42 -29.07 -53.99
CA ALA E 154 -53.00 -30.29 -54.72
C ALA E 154 -52.76 -29.93 -56.18
N LYS E 155 -53.65 -29.14 -56.75
CA LYS E 155 -53.59 -28.80 -58.17
C LYS E 155 -52.67 -27.59 -58.48
N ARG E 156 -52.47 -26.68 -57.52
CA ARG E 156 -51.77 -25.43 -57.77
C ARG E 156 -50.50 -25.17 -56.95
N ASP E 157 -50.06 -26.12 -56.13
CA ASP E 157 -48.88 -25.96 -55.31
C ASP E 157 -48.02 -27.19 -55.23
N LYS E 158 -47.62 -27.62 -56.42
CA LYS E 158 -46.86 -28.86 -56.62
C LYS E 158 -45.50 -28.86 -55.95
N ASP E 159 -44.90 -27.68 -55.78
CA ASP E 159 -43.59 -27.58 -55.11
C ASP E 159 -43.74 -27.33 -53.59
N HIS E 160 -44.97 -27.33 -53.09
CA HIS E 160 -45.26 -27.27 -51.65
C HIS E 160 -44.76 -25.96 -51.03
N THR E 161 -45.11 -24.84 -51.65
CA THR E 161 -44.89 -23.53 -51.05
C THR E 161 -45.53 -23.56 -49.66
N VAL E 162 -46.75 -24.11 -49.58
CA VAL E 162 -47.42 -24.36 -48.29
C VAL E 162 -46.89 -25.66 -47.70
N ILE E 163 -46.27 -25.57 -46.52
CA ILE E 163 -45.61 -26.70 -45.89
C ILE E 163 -46.37 -27.34 -44.75
N MET E 164 -47.40 -26.66 -44.26
CA MET E 164 -48.17 -27.14 -43.13
C MET E 164 -49.45 -26.36 -43.05
N VAL E 165 -50.50 -26.97 -42.49
CA VAL E 165 -51.78 -26.34 -42.35
C VAL E 165 -52.25 -26.47 -40.91
N GLN E 166 -52.69 -25.35 -40.32
CA GLN E 166 -53.32 -25.35 -39.04
C GLN E 166 -54.81 -25.51 -39.21
N VAL E 167 -55.38 -26.49 -38.50
CA VAL E 167 -56.79 -26.83 -38.62
C VAL E 167 -57.54 -26.17 -37.49
N GLN E 168 -58.35 -25.16 -37.84
CA GLN E 168 -59.02 -24.28 -36.90
C GLN E 168 -57.97 -23.36 -36.22
N ASN E 169 -58.45 -22.51 -35.32
CA ASN E 169 -57.56 -21.64 -34.54
C ASN E 169 -58.08 -21.48 -33.11
N GLU E 170 -57.33 -22.02 -32.16
CA GLU E 170 -57.71 -21.98 -30.74
C GLU E 170 -59.15 -22.44 -30.53
N VAL E 171 -59.35 -23.73 -30.75
CA VAL E 171 -60.66 -24.35 -30.54
C VAL E 171 -61.01 -24.33 -29.04
N GLY E 172 -62.28 -24.55 -28.77
CA GLY E 172 -62.77 -24.69 -27.40
C GLY E 172 -63.92 -23.75 -27.13
N THR E 173 -64.24 -23.58 -25.85
CA THR E 173 -65.33 -22.72 -25.41
C THR E 173 -64.97 -21.95 -24.14
N TYR E 174 -65.19 -20.63 -24.19
CA TYR E 174 -65.19 -19.79 -23.00
C TYR E 174 -66.60 -19.68 -22.46
N GLY E 175 -66.73 -19.73 -21.14
CA GLY E 175 -68.00 -19.46 -20.45
C GLY E 175 -68.81 -20.70 -20.11
N ALA E 176 -68.36 -21.85 -20.54
CA ALA E 176 -68.93 -23.16 -20.18
C ALA E 176 -67.87 -24.22 -20.40
N VAL E 177 -68.05 -25.39 -19.78
CA VAL E 177 -67.09 -26.49 -19.90
C VAL E 177 -67.32 -27.36 -21.15
N ARG E 178 -68.59 -27.51 -21.54
CA ARG E 178 -68.98 -28.31 -22.68
C ARG E 178 -70.36 -27.85 -23.16
N ASP E 179 -70.84 -28.47 -24.23
CA ASP E 179 -72.20 -28.31 -24.70
C ASP E 179 -73.09 -29.13 -23.75
N TYR E 180 -74.12 -28.49 -23.22
CA TYR E 180 -75.12 -29.16 -22.40
C TYR E 180 -76.46 -29.25 -23.10
N SER E 181 -76.48 -29.07 -24.40
CA SER E 181 -77.71 -29.16 -25.16
C SER E 181 -78.24 -30.60 -25.03
N PRO E 182 -79.52 -30.82 -25.32
CA PRO E 182 -80.07 -32.18 -25.35
C PRO E 182 -79.29 -33.12 -26.26
N MET E 183 -78.94 -32.65 -27.45
CA MET E 183 -78.09 -33.40 -28.38
C MET E 183 -76.80 -33.87 -27.73
N ALA E 184 -76.13 -32.96 -27.04
CA ALA E 184 -74.86 -33.30 -26.40
C ALA E 184 -75.06 -34.17 -25.16
N GLN E 185 -76.07 -33.81 -24.36
CA GLN E 185 -76.40 -34.55 -23.13
C GLN E 185 -76.68 -36.03 -23.41
N ALA E 186 -77.32 -36.33 -24.54
CA ALA E 186 -77.54 -37.69 -24.97
C ALA E 186 -76.24 -38.47 -25.17
N VAL E 187 -75.25 -37.81 -25.76
CA VAL E 187 -73.96 -38.47 -26.03
C VAL E 187 -73.16 -38.60 -24.72
N PHE E 188 -73.22 -37.57 -23.88
CA PHE E 188 -72.58 -37.57 -22.58
C PHE E 188 -73.12 -38.68 -21.68
N ASN E 189 -74.44 -38.88 -21.69
CA ASN E 189 -75.07 -39.94 -20.92
C ASN E 189 -74.78 -41.33 -21.40
N ALA E 190 -74.41 -41.46 -22.68
CA ALA E 190 -74.07 -42.75 -23.27
C ALA E 190 -72.65 -43.23 -22.91
N ALA E 191 -72.31 -44.42 -23.39
CA ALA E 191 -71.01 -45.04 -23.14
C ALA E 191 -69.90 -44.23 -23.78
N VAL E 192 -68.78 -44.13 -23.07
CA VAL E 192 -67.56 -43.59 -23.62
C VAL E 192 -67.16 -44.52 -24.76
N PRO E 193 -66.83 -43.97 -25.93
CA PRO E 193 -66.43 -44.82 -27.05
C PRO E 193 -65.31 -45.82 -26.73
N ASP E 194 -65.42 -47.01 -27.32
CA ASP E 194 -64.52 -48.15 -27.03
C ASP E 194 -63.06 -47.79 -27.26
N ASP E 195 -62.80 -47.13 -28.38
CA ASP E 195 -61.43 -46.81 -28.79
C ASP E 195 -60.72 -45.96 -27.74
N LEU E 196 -61.44 -45.00 -27.18
CA LEU E 196 -60.86 -44.16 -26.14
C LEU E 196 -60.61 -44.98 -24.87
N ILE E 197 -61.57 -45.80 -24.48
CA ILE E 197 -61.41 -46.67 -23.31
C ILE E 197 -60.18 -47.59 -23.47
N GLN E 198 -60.05 -48.22 -24.64
CA GLN E 198 -58.89 -49.09 -24.92
C GLN E 198 -57.59 -48.30 -24.87
N LYS E 199 -57.54 -47.15 -25.55
CA LYS E 199 -56.31 -46.34 -25.62
C LYS E 199 -55.84 -45.86 -24.27
N LEU E 200 -56.77 -45.48 -23.39
CA LEU E 200 -56.38 -45.02 -22.06
C LEU E 200 -56.35 -46.14 -21.02
N GLN E 201 -56.62 -47.37 -21.44
CA GLN E 201 -56.60 -48.54 -20.54
C GLN E 201 -57.49 -48.31 -19.33
N LEU E 202 -58.76 -48.02 -19.60
CA LEU E 202 -59.72 -47.65 -18.55
C LEU E 202 -60.82 -48.73 -18.50
N LYS E 203 -61.61 -48.70 -17.43
CA LYS E 203 -62.79 -49.55 -17.32
C LYS E 203 -63.97 -48.89 -18.08
N PRO E 204 -64.68 -49.66 -18.94
CA PRO E 204 -65.81 -49.09 -19.68
C PRO E 204 -66.87 -48.43 -18.81
N GLY E 205 -67.70 -47.59 -19.43
CA GLY E 205 -68.70 -46.83 -18.70
C GLY E 205 -69.18 -45.59 -19.45
N THR E 206 -70.10 -44.87 -18.83
CA THR E 206 -70.56 -43.58 -19.34
C THR E 206 -69.50 -42.54 -18.95
N TRP E 207 -69.61 -41.36 -19.55
CA TRP E 207 -68.64 -40.31 -19.31
C TRP E 207 -68.46 -40.01 -17.83
N SER E 208 -69.58 -39.80 -17.12
CA SER E 208 -69.51 -39.47 -15.73
C SER E 208 -68.92 -40.60 -14.89
N GLN E 209 -69.25 -41.83 -15.27
CA GLN E 209 -68.82 -42.99 -14.47
C GLN E 209 -67.28 -43.20 -14.68
N VAL E 210 -66.77 -43.07 -15.91
CA VAL E 210 -65.35 -43.31 -16.11
C VAL E 210 -64.47 -42.12 -15.75
N PHE E 211 -64.94 -40.88 -15.92
CA PHE E 211 -64.07 -39.71 -15.70
C PHE E 211 -64.37 -38.86 -14.49
N GLY E 212 -65.54 -39.05 -13.90
CA GLY E 212 -65.89 -38.30 -12.68
C GLY E 212 -65.84 -36.79 -12.82
N ARG E 213 -65.05 -36.15 -11.97
CA ARG E 213 -64.96 -34.68 -11.91
C ARG E 213 -64.43 -34.08 -13.24
N ASP E 214 -63.74 -34.88 -14.05
CA ASP E 214 -63.20 -34.46 -15.33
C ASP E 214 -64.08 -34.79 -16.54
N ALA E 215 -65.25 -35.38 -16.31
CA ALA E 215 -66.09 -35.83 -17.39
C ALA E 215 -66.51 -34.71 -18.37
N ASP E 216 -66.96 -33.57 -17.84
CA ASP E 216 -67.47 -32.48 -18.67
C ASP E 216 -66.36 -31.95 -19.61
N GLU E 217 -65.21 -31.65 -19.01
CA GLU E 217 -64.06 -31.13 -19.78
C GLU E 217 -63.49 -32.16 -20.75
N PHE E 218 -63.30 -33.41 -20.29
CA PHE E 218 -62.73 -34.43 -21.18
C PHE E 218 -63.65 -34.75 -22.34
N PHE E 219 -64.96 -34.66 -22.09
CA PHE E 219 -65.98 -34.86 -23.14
C PHE E 219 -65.88 -33.78 -24.22
N HIS E 220 -65.80 -32.52 -23.81
CA HIS E 220 -65.65 -31.41 -24.77
C HIS E 220 -64.35 -31.57 -25.56
N ALA E 221 -63.26 -31.87 -24.86
CA ALA E 221 -61.98 -32.10 -25.52
C ALA E 221 -62.07 -33.24 -26.53
N TYR E 222 -62.69 -34.35 -26.12
CA TYR E 222 -62.82 -35.49 -26.99
C TYR E 222 -63.61 -35.13 -28.25
N GLN E 223 -64.74 -34.47 -28.06
CA GLN E 223 -65.63 -34.21 -29.19
C GLN E 223 -65.02 -33.22 -30.16
N ILE E 224 -64.32 -32.23 -29.63
CA ILE E 224 -63.60 -31.27 -30.50
C ILE E 224 -62.46 -31.97 -31.23
N ALA E 225 -61.69 -32.77 -30.51
CA ALA E 225 -60.58 -33.52 -31.10
C ALA E 225 -61.06 -34.42 -32.24
N ARG E 226 -62.16 -35.14 -32.04
CA ARG E 226 -62.74 -35.96 -33.13
C ARG E 226 -63.12 -35.12 -34.33
N TYR E 227 -63.76 -33.97 -34.09
CA TYR E 227 -64.18 -33.04 -35.17
C TYR E 227 -62.97 -32.58 -35.96
N CYS E 228 -61.96 -32.10 -35.25
CA CYS E 228 -60.73 -31.67 -35.91
C CYS E 228 -60.02 -32.83 -36.61
N ASP E 229 -60.04 -34.02 -36.01
CA ASP E 229 -59.41 -35.17 -36.66
C ASP E 229 -60.11 -35.53 -37.96
N GLU E 230 -61.43 -35.50 -37.98
CA GLU E 230 -62.18 -35.78 -39.20
C GLU E 230 -61.91 -34.77 -40.32
N VAL E 231 -61.87 -33.49 -39.97
CA VAL E 231 -61.53 -32.45 -40.96
C VAL E 231 -60.11 -32.71 -41.49
N THR E 232 -59.19 -32.98 -40.57
CA THR E 232 -57.79 -33.25 -40.93
C THR E 232 -57.68 -34.44 -41.90
N VAL E 233 -58.29 -35.55 -41.54
CA VAL E 233 -58.24 -36.76 -42.39
C VAL E 233 -58.74 -36.52 -43.82
N ALA E 234 -59.84 -35.80 -43.92
CA ALA E 234 -60.45 -35.51 -45.20
C ALA E 234 -59.53 -34.67 -46.05
N GLY E 235 -58.88 -33.67 -45.43
CA GLY E 235 -57.96 -32.85 -46.13
C GLY E 235 -56.71 -33.60 -46.56
N LYS E 236 -56.16 -34.40 -45.64
CA LYS E 236 -54.94 -35.15 -45.93
C LYS E 236 -55.16 -36.21 -47.04
N ALA E 237 -56.38 -36.73 -47.15
CA ALA E 237 -56.71 -37.64 -48.25
C ALA E 237 -56.53 -36.97 -49.60
N ILE E 238 -56.67 -35.64 -49.65
CA ILE E 238 -56.43 -34.89 -50.86
C ILE E 238 -54.96 -34.59 -51.04
N LYS E 239 -54.32 -34.02 -50.01
CA LYS E 239 -52.89 -33.79 -50.04
C LYS E 239 -52.36 -33.92 -48.64
N ASN E 240 -51.41 -34.84 -48.44
CA ASN E 240 -51.03 -35.26 -47.11
C ASN E 240 -49.95 -34.35 -46.50
N LEU E 241 -50.26 -33.07 -46.34
CA LEU E 241 -49.40 -32.14 -45.63
C LEU E 241 -49.47 -32.38 -44.13
N PRO E 242 -48.39 -32.09 -43.42
CA PRO E 242 -48.53 -31.97 -41.97
C PRO E 242 -49.61 -30.98 -41.56
N MET E 243 -50.35 -31.34 -40.51
CA MET E 243 -51.41 -30.46 -40.00
C MET E 243 -51.38 -30.50 -38.48
N TYR E 244 -51.74 -29.37 -37.90
CA TYR E 244 -51.65 -29.25 -36.43
C TYR E 244 -52.76 -28.36 -35.91
N VAL E 245 -52.90 -28.33 -34.57
CA VAL E 245 -53.81 -27.43 -33.91
C VAL E 245 -53.02 -26.59 -32.89
N ASN E 246 -53.49 -25.36 -32.69
CA ASN E 246 -52.86 -24.45 -31.77
C ASN E 246 -53.71 -24.21 -30.54
N VAL E 247 -53.06 -24.08 -29.40
CA VAL E 247 -53.77 -24.06 -28.13
C VAL E 247 -53.81 -22.68 -27.45
N ALA E 248 -55.00 -22.24 -27.10
CA ALA E 248 -55.19 -21.16 -26.14
C ALA E 248 -54.87 -21.74 -24.75
N LEU E 249 -53.66 -21.45 -24.28
CA LEU E 249 -53.13 -22.12 -23.09
C LEU E 249 -53.83 -21.75 -21.83
N ARG E 250 -53.90 -22.70 -20.92
CA ARG E 250 -54.19 -22.34 -19.54
C ARG E 250 -52.85 -22.13 -18.82
N ASN E 251 -52.86 -21.32 -17.78
CA ASN E 251 -51.69 -21.14 -16.97
C ASN E 251 -51.35 -22.48 -16.33
N PRO E 252 -50.13 -22.98 -16.56
CA PRO E 252 -49.82 -24.34 -16.12
C PRO E 252 -49.63 -24.43 -14.61
N PHE E 253 -49.36 -23.32 -13.94
CA PHE E 253 -49.18 -23.29 -12.48
C PHE E 253 -50.45 -22.94 -11.69
N ASN E 254 -51.39 -22.26 -12.34
CA ASN E 254 -52.55 -21.71 -11.68
C ASN E 254 -53.64 -21.52 -12.74
N PRO E 255 -54.20 -22.64 -13.23
CA PRO E 255 -55.02 -22.57 -14.44
C PRO E 255 -56.39 -21.94 -14.27
N GLY E 256 -56.95 -21.99 -13.07
CA GLY E 256 -58.37 -21.69 -12.93
C GLY E 256 -59.19 -22.81 -13.56
N LEU E 257 -60.46 -22.54 -13.82
CA LEU E 257 -61.40 -23.56 -14.24
C LEU E 257 -61.62 -23.54 -15.73
N PRO E 258 -61.92 -24.71 -16.29
CA PRO E 258 -62.28 -24.75 -17.71
C PRO E 258 -63.50 -23.90 -17.96
N GLY E 259 -63.47 -23.13 -19.05
CA GLY E 259 -64.49 -22.10 -19.26
C GLY E 259 -63.98 -20.73 -18.97
N GLN E 260 -63.14 -20.60 -17.95
CA GLN E 260 -62.38 -19.37 -17.76
C GLN E 260 -61.25 -19.37 -18.78
N TYR E 261 -60.48 -20.45 -18.78
CA TYR E 261 -59.68 -20.76 -19.93
C TYR E 261 -60.54 -21.45 -20.97
N SER E 262 -60.01 -21.63 -22.18
CA SER E 262 -60.79 -22.18 -23.29
C SER E 262 -60.92 -23.69 -23.13
N SER E 263 -62.10 -24.13 -22.68
CA SER E 263 -62.31 -25.54 -22.40
C SER E 263 -62.37 -26.36 -23.70
N GLY E 264 -61.67 -27.48 -23.74
CA GLY E 264 -61.78 -28.42 -24.83
C GLY E 264 -60.63 -28.34 -25.81
N GLY E 265 -59.87 -27.24 -25.77
CA GLY E 265 -58.63 -27.16 -26.52
C GLY E 265 -57.57 -28.03 -25.89
N GLY E 266 -56.41 -28.14 -26.55
CA GLY E 266 -55.32 -29.02 -26.14
C GLY E 266 -54.53 -28.50 -24.97
N THR E 267 -55.23 -28.15 -23.89
CA THR E 267 -54.58 -27.72 -22.66
C THR E 267 -53.82 -28.91 -22.02
N ASP E 268 -52.92 -28.61 -21.11
CA ASP E 268 -51.94 -29.58 -20.67
C ASP E 268 -52.60 -30.78 -19.99
N ASN E 269 -53.74 -30.56 -19.37
CA ASN E 269 -54.47 -31.62 -18.67
C ASN E 269 -55.33 -32.51 -19.58
N VAL E 270 -55.48 -32.16 -20.86
CA VAL E 270 -56.21 -33.03 -21.79
C VAL E 270 -55.41 -33.48 -23.00
N LEU E 271 -54.10 -33.36 -22.95
CA LEU E 271 -53.28 -33.81 -24.06
C LEU E 271 -53.44 -35.29 -24.32
N HIS E 272 -53.64 -36.05 -23.27
CA HIS E 272 -53.86 -37.51 -23.43
C HIS E 272 -55.15 -37.82 -24.17
N ILE E 273 -56.20 -37.04 -23.90
CA ILE E 273 -57.47 -37.16 -24.62
C ILE E 273 -57.27 -36.82 -26.11
N TRP E 274 -56.63 -35.67 -26.39
CA TRP E 274 -56.36 -35.25 -27.75
C TRP E 274 -55.54 -36.26 -28.55
N LYS E 275 -54.52 -36.85 -27.93
CA LYS E 275 -53.66 -37.77 -28.63
C LYS E 275 -54.38 -39.08 -28.93
N ALA E 276 -55.20 -39.52 -28.00
CA ALA E 276 -56.03 -40.71 -28.22
C ALA E 276 -57.13 -40.48 -29.28
N ALA E 277 -57.79 -39.32 -29.20
CA ALA E 277 -58.92 -39.02 -30.09
C ALA E 277 -58.54 -38.63 -31.51
N ALA E 278 -57.37 -38.01 -31.68
CA ALA E 278 -57.03 -37.40 -32.96
C ALA E 278 -55.67 -37.87 -33.44
N PRO E 279 -55.55 -39.16 -33.77
CA PRO E 279 -54.29 -39.69 -34.22
C PRO E 279 -53.82 -39.17 -35.58
N ASN E 280 -54.70 -38.53 -36.35
CA ASN E 280 -54.26 -37.96 -37.63
C ASN E 280 -53.72 -36.53 -37.57
N ILE E 281 -53.90 -35.87 -36.44
CA ILE E 281 -53.31 -34.53 -36.21
C ILE E 281 -51.84 -34.71 -35.79
N ASP E 282 -50.93 -34.08 -36.52
CA ASP E 282 -49.51 -34.31 -36.31
C ASP E 282 -48.97 -33.82 -34.97
N LEU E 283 -49.38 -32.64 -34.53
CA LEU E 283 -48.89 -32.11 -33.26
C LEU E 283 -49.86 -31.09 -32.71
N ILE E 284 -49.70 -30.82 -31.42
CA ILE E 284 -50.46 -29.84 -30.72
C ILE E 284 -49.49 -28.75 -30.29
N ALA E 285 -49.77 -27.52 -30.71
CA ALA E 285 -48.83 -26.41 -30.61
C ALA E 285 -49.27 -25.35 -29.61
N PRO E 286 -48.39 -24.96 -28.69
CA PRO E 286 -48.74 -23.92 -27.75
C PRO E 286 -48.66 -22.51 -28.37
N ASP E 287 -49.61 -21.68 -28.02
CA ASP E 287 -49.61 -20.24 -28.31
C ASP E 287 -49.16 -19.49 -27.05
N ILE E 288 -47.96 -18.93 -27.09
CA ILE E 288 -47.31 -18.44 -25.87
C ILE E 288 -47.34 -16.94 -25.72
N TYR E 289 -48.14 -16.47 -24.78
CA TYR E 289 -48.20 -15.05 -24.47
C TYR E 289 -47.88 -14.73 -23.00
N PHE E 290 -47.49 -15.74 -22.21
CA PHE E 290 -46.96 -15.49 -20.85
C PHE E 290 -45.56 -14.90 -21.04
N ARG E 291 -45.23 -13.83 -20.34
CA ARG E 291 -43.97 -13.11 -20.57
CA ARG E 291 -43.97 -13.12 -20.57
C ARG E 291 -42.80 -13.67 -19.76
N ASP E 292 -43.14 -14.25 -18.62
CA ASP E 292 -42.15 -14.62 -17.62
C ASP E 292 -41.53 -15.98 -17.85
N TYR E 293 -40.23 -16.01 -17.59
CA TYR E 293 -39.37 -17.11 -17.90
C TYR E 293 -39.84 -18.41 -17.32
N LYS E 294 -40.24 -18.41 -16.05
CA LYS E 294 -40.65 -19.67 -15.43
C LYS E 294 -41.85 -20.31 -16.09
N THR E 295 -42.85 -19.51 -16.38
CA THR E 295 -44.08 -20.01 -16.95
C THR E 295 -43.86 -20.45 -18.44
N VAL E 296 -43.13 -19.65 -19.19
CA VAL E 296 -42.78 -20.02 -20.56
C VAL E 296 -42.00 -21.31 -20.57
N SER E 297 -40.99 -21.43 -19.70
CA SER E 297 -40.21 -22.67 -19.60
C SER E 297 -41.08 -23.90 -19.29
N LYS E 298 -42.02 -23.74 -18.38
CA LYS E 298 -42.94 -24.81 -18.03
C LYS E 298 -43.80 -25.25 -19.24
N VAL E 299 -44.34 -24.30 -19.98
CA VAL E 299 -45.11 -24.60 -21.20
C VAL E 299 -44.28 -25.35 -22.21
N LEU E 300 -43.04 -24.93 -22.43
CA LEU E 300 -42.16 -25.64 -23.35
C LEU E 300 -41.94 -27.07 -22.91
N GLU E 301 -41.77 -27.26 -21.59
CA GLU E 301 -41.59 -28.58 -21.02
C GLU E 301 -42.85 -29.45 -21.21
N LEU E 302 -44.04 -28.89 -20.95
CA LEU E 302 -45.27 -29.65 -21.13
C LEU E 302 -45.61 -30.07 -22.56
N TYR E 303 -45.29 -29.22 -23.52
CA TYR E 303 -45.66 -29.50 -24.90
C TYR E 303 -44.58 -30.26 -25.69
N THR E 304 -43.38 -30.42 -25.12
CA THR E 304 -42.34 -31.20 -25.74
C THR E 304 -42.47 -32.60 -25.17
N ARG E 305 -42.89 -33.55 -26.00
CA ARG E 305 -43.10 -34.93 -25.55
C ARG E 305 -42.65 -35.92 -26.58
N PRO E 306 -42.43 -37.19 -26.16
CA PRO E 306 -42.10 -38.16 -27.18
C PRO E 306 -43.18 -38.28 -28.27
N ASP E 307 -44.43 -38.04 -27.91
CA ASP E 307 -45.52 -38.09 -28.87
C ASP E 307 -45.92 -36.72 -29.44
N ASN E 308 -45.14 -35.68 -29.18
CA ASN E 308 -45.52 -34.31 -29.59
C ASN E 308 -44.30 -33.47 -29.89
N ALA E 309 -44.07 -33.23 -31.18
CA ALA E 309 -43.10 -32.26 -31.62
C ALA E 309 -43.46 -30.89 -31.07
N LEU E 310 -42.42 -30.13 -30.69
CA LEU E 310 -42.62 -28.74 -30.23
C LEU E 310 -42.63 -27.76 -31.39
N PHE E 311 -43.75 -27.05 -31.55
CA PHE E 311 -43.86 -25.95 -32.48
C PHE E 311 -44.49 -24.80 -31.72
N VAL E 312 -43.77 -23.70 -31.57
CA VAL E 312 -44.33 -22.49 -30.96
C VAL E 312 -45.05 -21.71 -32.05
N ALA E 313 -46.33 -22.04 -32.21
CA ALA E 313 -47.11 -21.65 -33.36
C ALA E 313 -47.44 -20.16 -33.32
N GLU E 314 -47.51 -19.62 -32.11
CA GLU E 314 -47.62 -18.19 -31.86
C GLU E 314 -46.82 -17.84 -30.63
N ILE E 315 -46.21 -16.67 -30.67
CA ILE E 315 -45.61 -16.11 -29.45
C ILE E 315 -45.76 -14.60 -29.53
N GLY E 316 -45.82 -13.92 -28.40
CA GLY E 316 -45.96 -12.47 -28.42
C GLY E 316 -44.79 -11.80 -29.11
N ASN E 317 -45.03 -10.61 -29.66
CA ASN E 317 -44.01 -9.94 -30.42
C ASN E 317 -43.28 -8.81 -29.67
N ASP E 318 -43.52 -8.70 -28.39
CA ASP E 318 -42.76 -7.75 -27.57
C ASP E 318 -41.35 -8.30 -27.34
N GLN E 319 -40.43 -7.39 -27.06
CA GLN E 319 -39.01 -7.71 -26.89
C GLN E 319 -38.66 -8.93 -26.00
N PRO E 320 -39.30 -9.08 -24.84
CA PRO E 320 -38.90 -10.22 -23.99
C PRO E 320 -39.08 -11.61 -24.59
N PHE E 321 -39.92 -11.73 -25.60
CA PHE E 321 -40.24 -13.03 -26.17
C PHE E 321 -39.17 -13.56 -27.08
N ALA E 322 -38.31 -12.69 -27.62
CA ALA E 322 -37.37 -13.09 -28.66
C ALA E 322 -36.40 -14.17 -28.17
N ARG E 323 -35.95 -14.07 -26.93
CA ARG E 323 -35.00 -15.01 -26.40
C ARG E 323 -35.51 -16.43 -26.23
N TYR E 324 -36.83 -16.60 -26.22
CA TYR E 324 -37.41 -17.94 -26.08
C TYR E 324 -37.20 -18.82 -27.35
N LEU E 325 -36.73 -18.22 -28.42
CA LEU E 325 -36.25 -19.01 -29.57
C LEU E 325 -35.22 -20.01 -29.11
N PHE E 326 -34.30 -19.60 -28.24
CA PHE E 326 -33.19 -20.49 -27.88
C PHE E 326 -33.63 -21.80 -27.18
N PRO E 327 -34.41 -21.72 -26.09
CA PRO E 327 -34.88 -22.97 -25.48
C PRO E 327 -35.86 -23.77 -26.37
N THR E 328 -36.60 -23.07 -27.20
CA THR E 328 -37.49 -23.73 -28.18
C THR E 328 -36.68 -24.64 -29.09
N LEU E 329 -35.62 -24.11 -29.67
CA LEU E 329 -34.72 -24.91 -30.51
C LEU E 329 -33.96 -25.94 -29.69
N GLY E 330 -33.55 -25.56 -28.47
CA GLY E 330 -32.81 -26.47 -27.60
C GLY E 330 -33.60 -27.71 -27.18
N LYS E 331 -34.93 -27.62 -27.14
CA LYS E 331 -35.79 -28.78 -26.90
C LYS E 331 -36.04 -29.61 -28.14
N GLY E 332 -35.42 -29.28 -29.25
CA GLY E 332 -35.68 -29.94 -30.51
C GLY E 332 -36.86 -29.40 -31.28
N GLY E 333 -37.30 -28.20 -30.93
CA GLY E 333 -38.45 -27.60 -31.57
C GLY E 333 -38.28 -27.44 -33.06
N ILE E 334 -39.39 -27.53 -33.78
CA ILE E 334 -39.36 -27.47 -35.24
C ILE E 334 -39.59 -26.06 -35.73
N GLY E 335 -39.95 -25.16 -34.83
CA GLY E 335 -40.26 -23.82 -35.25
C GLY E 335 -40.78 -22.89 -34.18
N PHE E 336 -40.93 -21.63 -34.59
CA PHE E 336 -41.17 -20.51 -33.66
C PHE E 336 -41.75 -19.38 -34.50
N SER E 337 -42.88 -18.83 -34.09
CA SER E 337 -43.58 -17.86 -34.93
C SER E 337 -44.23 -16.71 -34.18
N PRO E 338 -43.53 -15.57 -34.08
CA PRO E 338 -44.08 -14.40 -33.45
C PRO E 338 -45.31 -13.85 -34.15
N PHE E 339 -46.29 -13.47 -33.34
CA PHE E 339 -47.58 -13.01 -33.82
C PHE E 339 -47.67 -11.51 -34.03
N GLY E 340 -48.28 -11.13 -35.15
CA GLY E 340 -48.58 -9.73 -35.45
C GLY E 340 -47.46 -8.98 -36.12
N MET E 341 -46.68 -9.69 -36.95
CA MET E 341 -45.55 -9.10 -37.63
C MET E 341 -45.96 -8.51 -38.98
N ASP E 342 -46.79 -7.48 -38.92
CA ASP E 342 -47.12 -6.72 -40.12
C ASP E 342 -47.46 -5.30 -39.78
N ASP E 343 -47.51 -4.46 -40.81
CA ASP E 343 -47.76 -3.03 -40.61
C ASP E 343 -49.15 -2.62 -40.98
N THR E 344 -50.15 -3.43 -40.61
CA THR E 344 -51.53 -3.13 -40.92
C THR E 344 -52.24 -2.34 -39.80
N ASP E 345 -51.47 -1.59 -39.01
CA ASP E 345 -52.00 -0.62 -38.06
C ASP E 345 -52.72 -1.31 -36.93
N TYR E 346 -52.05 -2.28 -36.31
CA TYR E 346 -52.63 -2.97 -35.18
C TYR E 346 -51.54 -3.47 -34.26
N THR E 347 -51.81 -3.40 -32.97
CA THR E 347 -50.97 -4.03 -31.94
CA THR E 347 -50.96 -4.04 -31.94
C THR E 347 -51.85 -4.71 -30.92
N ASN E 348 -51.47 -5.92 -30.52
CA ASN E 348 -52.23 -6.61 -29.49
C ASN E 348 -51.72 -6.36 -28.08
N TYR E 349 -50.88 -5.33 -27.93
CA TYR E 349 -50.55 -4.82 -26.62
C TYR E 349 -51.83 -4.75 -25.79
N PRO E 350 -51.81 -5.23 -24.55
CA PRO E 350 -50.68 -5.65 -23.72
C PRO E 350 -50.04 -7.04 -23.98
N LEU E 351 -50.57 -7.86 -24.88
CA LEU E 351 -49.93 -9.14 -25.15
C LEU E 351 -48.61 -8.98 -25.88
N GLY E 352 -48.58 -8.12 -26.90
CA GLY E 352 -47.42 -7.85 -27.72
C GLY E 352 -46.83 -6.47 -27.51
N ALA E 353 -46.06 -6.02 -28.49
CA ALA E 353 -45.32 -4.76 -28.44
C ALA E 353 -46.27 -3.59 -28.46
N LYS E 354 -45.99 -2.57 -27.65
CA LYS E 354 -46.83 -1.38 -27.61
C LYS E 354 -46.82 -0.67 -28.95
N VAL E 355 -45.68 -0.62 -29.62
CA VAL E 355 -45.59 0.05 -30.90
C VAL E 355 -44.92 -0.92 -31.88
N TYR E 356 -45.44 -0.96 -33.10
CA TYR E 356 -44.86 -1.80 -34.16
C TYR E 356 -44.01 -0.95 -35.06
N ASN E 357 -42.70 -1.15 -34.98
CA ASN E 357 -41.78 -0.39 -35.76
C ASN E 357 -40.54 -1.26 -36.04
N ASP E 358 -39.55 -0.67 -36.68
CA ASP E 358 -38.35 -1.42 -37.03
C ASP E 358 -37.67 -2.03 -35.81
N GLU E 359 -37.71 -1.33 -34.68
CA GLU E 359 -37.07 -1.84 -33.46
C GLU E 359 -37.78 -3.09 -32.97
N THR E 360 -39.10 -3.10 -33.04
CA THR E 360 -39.85 -4.35 -32.70
C THR E 360 -39.42 -5.53 -33.53
N ILE E 361 -39.25 -5.32 -34.85
CA ILE E 361 -38.85 -6.40 -35.75
C ILE E 361 -37.42 -6.82 -35.48
N GLU E 362 -36.56 -5.84 -35.23
CA GLU E 362 -35.14 -6.08 -35.04
C GLU E 362 -34.84 -7.01 -33.87
N GLN E 363 -35.69 -7.03 -32.84
CA GLN E 363 -35.40 -7.92 -31.69
C GLN E 363 -35.42 -9.38 -32.14
N PHE E 364 -36.34 -9.70 -33.05
CA PHE E 364 -36.41 -11.04 -33.62
C PHE E 364 -35.35 -11.24 -34.71
N ALA E 365 -35.14 -10.24 -35.54
CA ALA E 365 -34.16 -10.34 -36.64
C ALA E 365 -32.79 -10.71 -36.09
N GLN E 366 -32.43 -10.12 -34.95
CA GLN E 366 -31.14 -10.40 -34.35
C GLN E 366 -30.95 -11.83 -33.90
N VAL E 367 -32.00 -12.48 -33.43
CA VAL E 367 -31.86 -13.87 -33.03
C VAL E 367 -32.01 -14.82 -34.24
N TYR E 368 -32.86 -14.47 -35.21
CA TYR E 368 -32.97 -15.27 -36.45
C TYR E 368 -31.65 -15.31 -37.22
N ARG E 369 -30.86 -14.25 -37.14
CA ARG E 369 -29.54 -14.15 -37.81
C ARG E 369 -28.54 -15.15 -37.28
N LEU E 370 -28.78 -15.68 -36.08
CA LEU E 370 -27.92 -16.70 -35.51
C LEU E 370 -28.21 -18.07 -36.12
N VAL E 371 -29.46 -18.32 -36.50
CA VAL E 371 -29.92 -19.63 -36.92
C VAL E 371 -29.99 -19.78 -38.45
N ASN E 372 -30.43 -18.75 -39.14
CA ASN E 372 -30.48 -18.74 -40.60
C ASN E 372 -29.23 -19.31 -41.29
N PRO E 373 -28.02 -18.87 -40.91
CA PRO E 373 -26.82 -19.35 -41.59
C PRO E 373 -26.54 -20.84 -41.43
N MET E 374 -27.10 -21.47 -40.40
CA MET E 374 -26.94 -22.89 -40.19
C MET E 374 -28.27 -23.64 -40.15
N MET E 375 -29.34 -23.10 -40.76
CA MET E 375 -30.68 -23.63 -40.48
C MET E 375 -30.80 -25.14 -40.77
N ARG E 376 -30.35 -25.57 -41.95
CA ARG E 376 -30.47 -27.02 -42.31
C ARG E 376 -29.58 -27.90 -41.45
N GLU E 377 -28.40 -27.41 -41.13
CA GLU E 377 -27.47 -28.17 -40.32
C GLU E 377 -27.95 -28.30 -38.90
N TRP E 378 -28.45 -27.20 -38.34
CA TRP E 378 -29.05 -27.24 -37.02
C TRP E 378 -30.27 -28.17 -37.02
N ALA E 379 -31.11 -28.09 -38.05
CA ALA E 379 -32.32 -28.92 -38.08
C ALA E 379 -31.99 -30.42 -38.03
N ARG E 380 -30.96 -30.81 -38.76
CA ARG E 380 -30.49 -32.21 -38.76
C ARG E 380 -29.94 -32.62 -37.40
N LEU E 381 -29.10 -31.79 -36.81
CA LEU E 381 -28.55 -32.09 -35.48
C LEU E 381 -29.62 -32.18 -34.41
N SER E 382 -30.62 -31.33 -34.55
CA SER E 382 -31.74 -31.30 -33.63
C SER E 382 -32.69 -32.52 -33.74
N TYR E 383 -32.61 -33.27 -34.83
CA TYR E 383 -33.41 -34.49 -34.99
C TYR E 383 -32.54 -35.68 -34.60
N GLN E 384 -31.37 -35.75 -35.20
CA GLN E 384 -30.54 -36.96 -35.22
C GLN E 384 -29.50 -36.94 -34.12
N GLY E 385 -29.26 -35.78 -33.51
CA GLY E 385 -28.14 -35.64 -32.59
C GLY E 385 -28.55 -35.02 -31.27
N GLN E 386 -27.60 -34.32 -30.67
CA GLN E 386 -27.82 -33.74 -29.39
C GLN E 386 -27.67 -32.24 -29.53
N VAL E 387 -28.71 -31.54 -29.09
CA VAL E 387 -28.71 -30.10 -29.04
C VAL E 387 -29.14 -29.61 -27.66
N TRP E 388 -28.76 -28.38 -27.37
CA TRP E 388 -29.16 -27.70 -26.14
C TRP E 388 -29.46 -26.27 -26.50
N GLY E 389 -30.29 -25.65 -25.71
CA GLY E 389 -30.61 -24.24 -25.90
C GLY E 389 -31.14 -23.63 -24.61
N VAL E 390 -30.65 -22.43 -24.26
CA VAL E 390 -31.07 -21.76 -23.05
C VAL E 390 -31.33 -20.29 -23.30
N ALA E 391 -32.18 -19.70 -22.44
CA ALA E 391 -32.43 -18.26 -22.43
C ALA E 391 -32.12 -17.68 -21.05
N GLU E 392 -31.88 -16.38 -21.06
CA GLU E 392 -31.60 -15.62 -19.83
C GLU E 392 -32.77 -15.78 -18.85
N PRO E 393 -32.49 -16.33 -17.66
CA PRO E 393 -33.56 -16.83 -16.81
C PRO E 393 -34.16 -15.84 -15.83
N LEU E 394 -33.63 -14.62 -15.75
CA LEU E 394 -34.29 -13.59 -14.96
C LEU E 394 -34.93 -12.64 -15.94
N ASP E 395 -36.18 -12.31 -15.68
CA ASP E 395 -36.88 -11.33 -16.45
C ASP E 395 -36.35 -9.96 -16.11
N SER E 396 -36.67 -8.96 -16.92
CA SER E 396 -36.12 -7.62 -16.70
C SER E 396 -36.59 -7.13 -15.32
N THR E 397 -35.71 -6.41 -14.64
CA THR E 397 -36.01 -5.92 -13.28
C THR E 397 -37.20 -4.95 -13.29
N THR E 398 -38.15 -5.15 -12.37
CA THR E 398 -39.34 -4.30 -12.28
C THR E 398 -39.02 -2.95 -11.59
N GLU E 399 -39.92 -1.98 -11.74
CA GLU E 399 -39.83 -0.68 -11.01
C GLU E 399 -39.88 -0.92 -9.47
N THR E 400 -40.82 -1.76 -9.04
CA THR E 400 -40.91 -2.19 -7.63
C THR E 400 -39.60 -2.80 -7.10
N GLN E 401 -38.93 -3.62 -7.91
CA GLN E 401 -37.65 -4.22 -7.52
C GLN E 401 -36.53 -3.19 -7.56
N LYS E 402 -36.60 -2.26 -8.52
CA LYS E 402 -35.63 -1.18 -8.63
C LYS E 402 -35.70 -0.22 -7.39
N ILE E 403 -36.90 -0.09 -6.79
CA ILE E 403 -37.04 0.68 -5.53
C ILE E 403 -36.52 -0.15 -4.35
N TRP E 404 -36.95 -1.41 -4.22
CA TRP E 404 -36.48 -2.32 -3.16
C TRP E 404 -34.96 -2.47 -3.16
N ASN E 405 -34.36 -2.46 -4.35
CA ASN E 405 -32.92 -2.48 -4.49
C ASN E 405 -32.29 -1.18 -3.97
N ALA E 406 -32.87 -0.03 -4.33
CA ALA E 406 -32.36 1.29 -3.91
C ALA E 406 -32.39 1.57 -2.39
N GLU E 407 -33.27 0.89 -1.66
CA GLU E 407 -33.42 1.09 -0.21
C GLU E 407 -33.08 -0.23 0.48
N ALA E 408 -31.81 -0.60 0.48
CA ALA E 408 -31.38 -1.95 0.83
C ALA E 408 -30.17 -1.66 1.77
N THR E 409 -29.92 -2.38 2.87
CA THR E 409 -28.61 -2.27 3.54
C THR E 409 -27.49 -2.69 2.57
N PRO E 410 -26.30 -2.03 2.57
CA PRO E 410 -25.16 -2.50 1.73
C PRO E 410 -24.88 -4.02 1.79
N GLU E 411 -25.19 -4.66 2.93
CA GLU E 411 -25.08 -6.10 3.06
C GLU E 411 -26.17 -6.83 2.25
N GLU E 412 -27.38 -6.24 2.21
CA GLU E 412 -28.49 -6.80 1.45
C GLU E 412 -28.28 -6.63 -0.08
N LYS E 413 -27.70 -5.51 -0.51
CA LYS E 413 -27.32 -5.29 -1.91
C LYS E 413 -26.29 -6.33 -2.37
N GLU E 414 -25.18 -6.50 -1.62
CA GLU E 414 -24.16 -7.50 -1.96
C GLU E 414 -24.76 -8.90 -2.05
N GLN E 415 -25.69 -9.21 -1.15
CA GLN E 415 -26.30 -10.53 -1.13
C GLN E 415 -27.25 -10.72 -2.32
N HIS E 416 -28.02 -9.69 -2.64
CA HIS E 416 -28.92 -9.74 -3.78
C HIS E 416 -28.14 -9.91 -5.09
N LYS E 417 -27.03 -9.18 -5.22
CA LYS E 417 -26.15 -9.32 -6.36
C LYS E 417 -25.62 -10.75 -6.51
N LYS E 418 -25.24 -11.37 -5.38
CA LYS E 418 -24.77 -12.74 -5.37
C LYS E 418 -25.85 -13.71 -5.82
N ASP E 419 -27.08 -13.46 -5.37
CA ASP E 419 -28.21 -14.30 -5.70
C ASP E 419 -28.53 -14.19 -7.20
N ARG E 420 -28.54 -12.98 -7.71
CA ARG E 420 -28.77 -12.73 -9.14
C ARG E 420 -27.69 -13.40 -10.00
N ALA E 421 -26.42 -13.25 -9.59
CA ALA E 421 -25.30 -13.86 -10.33
C ALA E 421 -25.47 -15.36 -10.42
N SER E 422 -25.85 -15.96 -9.31
CA SER E 422 -26.09 -17.40 -9.28
C SER E 422 -27.29 -17.82 -10.17
N ALA E 423 -28.37 -17.05 -10.15
CA ALA E 423 -29.54 -17.36 -10.96
C ALA E 423 -29.21 -17.20 -12.45
N LEU E 424 -28.30 -16.27 -12.75
CA LEU E 424 -27.92 -15.95 -14.14
C LEU E 424 -26.78 -16.85 -14.64
N THR E 425 -26.58 -18.00 -14.00
CA THR E 425 -25.52 -18.95 -14.35
C THR E 425 -26.18 -20.28 -14.60
N GLN E 426 -26.09 -20.80 -15.82
CA GLN E 426 -26.76 -22.05 -16.16
C GLN E 426 -25.72 -23.09 -16.50
N GLN E 427 -25.93 -24.33 -16.07
CA GLN E 427 -25.01 -25.42 -16.35
C GLN E 427 -25.68 -26.42 -17.29
N LEU E 428 -24.94 -26.86 -18.28
CA LEU E 428 -25.39 -27.86 -19.25
C LEU E 428 -24.40 -29.04 -19.30
N ASP E 429 -24.94 -30.25 -19.25
CA ASP E 429 -24.16 -31.47 -19.34
C ASP E 429 -24.07 -31.92 -20.78
N LEU E 430 -22.89 -31.75 -21.37
CA LEU E 430 -22.70 -32.06 -22.80
C LEU E 430 -21.94 -33.37 -23.02
N GLY E 431 -21.97 -34.25 -22.02
CA GLY E 431 -21.27 -35.56 -22.15
C GLY E 431 -19.97 -35.57 -21.39
N LEU E 432 -18.85 -35.58 -22.12
CA LEU E 432 -17.50 -35.44 -21.52
C LEU E 432 -17.22 -34.03 -20.99
N TRP E 433 -17.99 -33.05 -21.51
CA TRP E 433 -17.76 -31.63 -21.22
C TRP E 433 -19.05 -30.99 -20.78
N ASP E 434 -18.93 -29.97 -19.96
CA ASP E 434 -20.08 -29.17 -19.51
C ASP E 434 -19.86 -27.76 -20.01
N ALA E 435 -20.95 -27.05 -20.21
CA ALA E 435 -20.90 -25.62 -20.47
C ALA E 435 -21.57 -24.86 -19.35
N GLU E 436 -21.07 -23.65 -19.11
CA GLU E 436 -21.68 -22.74 -18.20
C GLU E 436 -22.01 -21.48 -18.96
N VAL E 437 -23.28 -21.10 -18.95
CA VAL E 437 -23.75 -19.92 -19.65
C VAL E 437 -24.10 -18.84 -18.66
N THR E 438 -23.55 -17.66 -18.85
CA THR E 438 -23.82 -16.53 -17.96
C THR E 438 -24.23 -15.32 -18.77
N TYR E 439 -24.94 -14.39 -18.13
CA TYR E 439 -25.54 -13.27 -18.82
C TYR E 439 -25.23 -11.91 -18.23
N GLY E 440 -24.80 -10.98 -19.09
CA GLY E 440 -24.66 -9.57 -18.72
C GLY E 440 -23.37 -9.31 -17.94
N ARG E 441 -22.26 -9.45 -18.64
CA ARG E 441 -20.94 -9.21 -18.07
C ARG E 441 -20.01 -8.75 -19.17
N PRO E 442 -18.90 -8.11 -18.81
CA PRO E 442 -17.97 -7.73 -19.82
C PRO E 442 -17.40 -8.93 -20.60
N MET E 443 -16.73 -8.64 -21.70
CA MET E 443 -16.14 -9.66 -22.57
C MET E 443 -14.72 -10.06 -22.09
N PHE E 444 -14.29 -9.40 -21.02
CA PHE E 444 -12.95 -9.55 -20.49
C PHE E 444 -13.02 -9.65 -18.97
N TRP E 445 -12.14 -10.48 -18.39
CA TRP E 445 -12.07 -10.71 -16.97
C TRP E 445 -13.30 -11.45 -16.43
N VAL E 446 -13.50 -11.41 -15.13
CA VAL E 446 -14.37 -12.37 -14.51
C VAL E 446 -15.40 -11.75 -13.57
N THR E 447 -15.73 -10.47 -13.75
CA THR E 447 -16.71 -9.88 -12.86
C THR E 447 -18.03 -10.62 -13.05
N PRO E 448 -18.75 -10.87 -11.94
CA PRO E 448 -19.92 -11.73 -12.03
C PRO E 448 -21.04 -11.16 -12.90
N PRO E 449 -21.87 -12.04 -13.47
CA PRO E 449 -23.01 -11.63 -14.29
C PRO E 449 -24.06 -10.81 -13.54
N GLU E 450 -24.54 -9.75 -14.16
CA GLU E 450 -25.59 -8.91 -13.60
C GLU E 450 -26.83 -8.86 -14.49
N GLY E 451 -26.82 -9.60 -15.59
CA GLY E 451 -28.00 -9.63 -16.47
C GLY E 451 -27.99 -8.51 -17.49
N ASN E 452 -28.64 -8.76 -18.64
CA ASN E 452 -28.80 -7.75 -19.66
C ASN E 452 -29.99 -6.88 -19.29
N THR E 453 -30.00 -5.67 -19.78
CA THR E 453 -31.12 -4.77 -19.60
C THR E 453 -31.65 -4.27 -20.93
N PRO E 454 -32.81 -4.74 -21.35
CA PRO E 454 -33.65 -5.76 -20.75
C PRO E 454 -33.09 -7.17 -20.91
N ALA E 455 -33.69 -8.11 -20.22
CA ALA E 455 -33.34 -9.50 -20.35
C ALA E 455 -33.47 -9.90 -21.83
N ALA E 456 -32.45 -10.58 -22.37
CA ALA E 456 -32.39 -10.82 -23.86
C ALA E 456 -31.46 -11.93 -24.32
N GLY E 457 -30.62 -12.47 -23.44
CA GLY E 457 -29.59 -13.40 -23.86
C GLY E 457 -30.05 -14.82 -24.04
N GLY E 458 -29.20 -15.59 -24.71
CA GLY E 458 -29.38 -17.03 -24.81
C GLY E 458 -28.22 -17.67 -25.56
N ALA E 459 -28.33 -18.98 -25.74
CA ALA E 459 -27.28 -19.77 -26.35
C ALA E 459 -27.86 -21.04 -26.95
N LEU E 460 -27.23 -21.46 -28.05
CA LEU E 460 -27.46 -22.74 -28.70
C LEU E 460 -26.15 -23.52 -28.77
N ILE E 461 -26.23 -24.81 -28.46
CA ILE E 461 -25.10 -25.73 -28.58
C ILE E 461 -25.57 -27.01 -29.27
N ALA E 462 -24.79 -27.49 -30.25
CA ALA E 462 -25.00 -28.82 -30.84
C ALA E 462 -23.74 -29.65 -30.71
N GLN E 463 -23.87 -30.94 -30.39
CA GLN E 463 -22.68 -31.78 -30.29
C GLN E 463 -22.32 -32.34 -31.67
N LEU E 464 -21.07 -32.15 -32.09
CA LEU E 464 -20.59 -32.69 -33.36
C LEU E 464 -19.82 -33.99 -33.18
N ASP E 465 -19.16 -34.14 -32.04
CA ASP E 465 -18.37 -35.32 -31.73
C ASP E 465 -18.11 -35.31 -30.24
N ASP E 466 -17.40 -36.31 -29.72
CA ASP E 466 -17.21 -36.44 -28.28
C ASP E 466 -16.64 -35.19 -27.62
N ASN E 467 -15.75 -34.50 -28.31
CA ASN E 467 -15.08 -33.33 -27.78
C ASN E 467 -15.31 -32.05 -28.61
N GLU E 468 -16.33 -32.06 -29.47
CA GLU E 468 -16.52 -30.96 -30.40
C GLU E 468 -17.96 -30.52 -30.48
N TYR E 469 -18.15 -29.21 -30.43
CA TYR E 469 -19.48 -28.61 -30.34
C TYR E 469 -19.61 -27.42 -31.27
N LEU E 470 -20.81 -27.23 -31.80
CA LEU E 470 -21.20 -26.07 -32.53
C LEU E 470 -21.89 -25.14 -31.56
N VAL E 471 -21.47 -23.87 -31.52
CA VAL E 471 -21.95 -22.93 -30.50
C VAL E 471 -22.25 -21.56 -31.12
N THR E 472 -23.43 -21.04 -30.81
CA THR E 472 -23.71 -19.63 -31.11
C THR E 472 -24.57 -19.09 -29.98
N ALA E 473 -24.33 -17.84 -29.64
CA ALA E 473 -25.02 -17.27 -28.48
C ALA E 473 -25.20 -15.76 -28.67
N TYR E 474 -25.90 -15.15 -27.73
CA TYR E 474 -26.39 -13.80 -27.89
C TYR E 474 -26.41 -13.14 -26.48
N LYS E 475 -25.63 -12.07 -26.33
CA LYS E 475 -25.54 -11.29 -25.12
C LYS E 475 -25.30 -12.21 -23.90
N ALA E 476 -24.25 -13.01 -24.01
CA ALA E 476 -23.99 -14.07 -23.07
C ALA E 476 -22.54 -14.54 -23.20
N ARG E 477 -22.07 -15.16 -22.15
CA ARG E 477 -20.80 -15.86 -22.11
C ARG E 477 -21.04 -17.36 -21.97
N VAL E 478 -20.32 -18.14 -22.76
CA VAL E 478 -20.39 -19.59 -22.70
C VAL E 478 -18.97 -20.07 -22.35
N GLU E 479 -18.86 -20.86 -21.27
CA GLU E 479 -17.59 -21.45 -20.86
CA GLU E 479 -17.58 -21.44 -20.82
C GLU E 479 -17.65 -22.96 -20.81
N PHE E 480 -16.59 -23.62 -21.20
CA PHE E 480 -16.54 -25.08 -21.19
C PHE E 480 -15.61 -25.61 -20.09
N LYS E 481 -15.98 -26.74 -19.51
CA LYS E 481 -15.14 -27.41 -18.53
C LYS E 481 -15.45 -28.90 -18.56
N PRO E 482 -14.56 -29.71 -17.97
CA PRO E 482 -14.81 -31.15 -17.96
C PRO E 482 -16.08 -31.49 -17.21
N SER E 483 -16.84 -32.45 -17.69
CA SER E 483 -18.05 -32.87 -17.03
C SER E 483 -17.76 -33.74 -15.78
N GLN E 484 -16.62 -34.42 -15.78
CA GLN E 484 -16.26 -35.22 -14.64
C GLN E 484 -14.76 -35.11 -14.36
N GLU E 485 -14.37 -35.56 -13.16
CA GLU E 485 -12.99 -35.50 -12.67
C GLU E 485 -12.05 -36.10 -13.71
N LEU E 486 -10.94 -35.43 -13.96
CA LEU E 486 -9.97 -35.88 -14.98
C LEU E 486 -8.93 -36.97 -14.77
N ALA E 487 -8.55 -37.17 -13.54
CA ALA E 487 -7.65 -38.25 -13.16
C ALA E 487 -6.23 -37.84 -13.42
N GLY E 488 -5.89 -36.73 -12.78
CA GLY E 488 -4.59 -36.11 -12.91
C GLY E 488 -4.27 -35.42 -14.24
N LYS E 489 -5.26 -35.29 -15.12
CA LYS E 489 -5.03 -34.62 -16.41
C LYS E 489 -5.45 -33.16 -16.28
N LYS E 490 -5.03 -32.34 -17.21
CA LYS E 490 -5.51 -30.96 -17.28
C LYS E 490 -6.39 -30.85 -18.51
N PHE E 491 -7.00 -29.68 -18.70
CA PHE E 491 -7.77 -29.47 -19.92
C PHE E 491 -7.57 -28.07 -20.46
N MET E 492 -7.87 -27.93 -21.73
CA MET E 492 -7.98 -26.61 -22.33
C MET E 492 -8.90 -26.70 -23.55
N ILE E 493 -9.23 -25.53 -24.07
CA ILE E 493 -9.73 -25.42 -25.42
C ILE E 493 -8.63 -25.85 -26.35
N GLU E 494 -8.90 -26.77 -27.25
CA GLU E 494 -7.93 -27.10 -28.30
C GLU E 494 -7.98 -26.06 -29.41
N ARG E 495 -9.17 -25.78 -29.89
CA ARG E 495 -9.37 -24.84 -30.97
C ARG E 495 -10.80 -24.35 -31.03
N VAL E 496 -10.96 -23.05 -31.25
CA VAL E 496 -12.27 -22.46 -31.56
C VAL E 496 -12.17 -21.82 -32.95
N GLU E 497 -13.01 -22.26 -33.89
CA GLU E 497 -13.08 -21.66 -35.21
C GLU E 497 -14.40 -20.93 -35.36
N GLU E 498 -14.34 -19.70 -35.86
CA GLU E 498 -15.56 -19.04 -36.34
C GLU E 498 -15.72 -19.34 -37.82
N GLY E 499 -16.93 -19.64 -38.28
CA GLY E 499 -17.13 -19.89 -39.70
C GLY E 499 -18.56 -19.99 -40.13
N ARG E 500 -18.77 -20.72 -41.24
CA ARG E 500 -20.08 -20.90 -41.80
C ARG E 500 -20.14 -22.19 -42.59
N PHE E 501 -21.35 -22.59 -42.95
CA PHE E 501 -21.60 -23.72 -43.81
C PHE E 501 -21.88 -23.24 -45.22
N GLU E 502 -21.14 -23.81 -46.16
CA GLU E 502 -21.37 -23.55 -47.59
C GLU E 502 -21.57 -24.90 -48.28
N LYS E 503 -22.75 -25.11 -48.88
CA LYS E 503 -23.11 -26.41 -49.48
C LYS E 503 -22.90 -27.53 -48.45
N GLY E 504 -23.32 -27.29 -47.21
CA GLY E 504 -23.15 -28.26 -46.13
C GLY E 504 -21.72 -28.49 -45.62
N LYS E 505 -20.74 -27.81 -46.21
CA LYS E 505 -19.34 -27.91 -45.77
C LYS E 505 -18.94 -26.73 -44.87
N TRP E 506 -18.25 -27.01 -43.78
CA TRP E 506 -17.75 -25.97 -42.87
C TRP E 506 -16.62 -25.19 -43.50
N VAL E 507 -16.74 -23.87 -43.51
CA VAL E 507 -15.68 -23.00 -44.02
C VAL E 507 -15.19 -22.15 -42.86
N MET E 508 -13.90 -22.25 -42.51
CA MET E 508 -13.37 -21.46 -41.42
CA MET E 508 -13.40 -21.45 -41.38
C MET E 508 -13.10 -20.04 -41.86
N GLU E 509 -13.51 -19.08 -41.03
CA GLU E 509 -13.19 -17.68 -41.29
C GLU E 509 -11.99 -17.26 -40.46
N ARG E 510 -11.98 -17.64 -39.18
CA ARG E 510 -10.91 -17.28 -38.28
C ARG E 510 -10.89 -18.16 -37.07
N VAL E 511 -9.76 -18.17 -36.38
CA VAL E 511 -9.63 -18.84 -35.09
C VAL E 511 -9.83 -17.82 -33.98
N TRP E 512 -10.74 -18.09 -33.05
CA TRP E 512 -10.80 -17.34 -31.79
C TRP E 512 -9.73 -17.87 -30.87
N ASN E 513 -8.92 -16.97 -30.33
CA ASN E 513 -7.91 -17.37 -29.38
C ASN E 513 -7.57 -16.18 -28.49
N GLY E 514 -6.63 -16.34 -27.58
CA GLY E 514 -6.15 -15.21 -26.77
C GLY E 514 -7.30 -14.63 -25.95
N ASP E 515 -7.44 -13.30 -25.97
CA ASP E 515 -8.51 -12.58 -25.27
C ASP E 515 -9.89 -13.16 -25.58
N GLN E 516 -10.07 -13.64 -26.81
CA GLN E 516 -11.39 -14.16 -27.24
C GLN E 516 -11.78 -15.50 -26.65
N THR E 517 -10.82 -16.23 -26.12
CA THR E 517 -11.13 -17.49 -25.42
C THR E 517 -10.61 -17.57 -23.99
N ASP E 518 -9.93 -16.53 -23.49
CA ASP E 518 -9.42 -16.55 -22.13
C ASP E 518 -10.53 -16.47 -21.11
N TRP E 519 -11.63 -15.80 -21.44
CA TRP E 519 -12.66 -15.49 -20.48
C TRP E 519 -13.99 -16.04 -20.96
N GLY E 520 -13.97 -17.30 -21.33
CA GLY E 520 -15.08 -17.91 -22.01
C GLY E 520 -15.26 -17.37 -23.41
N LEU E 521 -16.43 -17.66 -23.97
CA LEU E 521 -16.76 -17.26 -25.34
C LEU E 521 -17.86 -16.22 -25.22
N ASN E 522 -17.52 -14.96 -25.52
CA ASN E 522 -18.39 -13.85 -25.30
C ASN E 522 -19.07 -13.34 -26.54
N PHE E 523 -20.39 -13.24 -26.45
CA PHE E 523 -21.22 -12.87 -27.56
C PHE E 523 -21.97 -11.62 -27.22
N THR E 524 -22.07 -10.75 -28.19
CA THR E 524 -22.85 -9.53 -28.05
C THR E 524 -24.16 -9.71 -28.85
N ASP E 525 -24.57 -8.68 -29.60
CA ASP E 525 -25.75 -8.81 -30.43
C ASP E 525 -25.44 -9.30 -31.86
N ARG E 526 -24.16 -9.38 -32.19
CA ARG E 526 -23.75 -9.79 -33.53
C ARG E 526 -23.61 -11.30 -33.66
N PRO E 527 -23.88 -11.84 -34.85
CA PRO E 527 -23.86 -13.28 -35.06
C PRO E 527 -22.46 -13.82 -35.25
N HIS E 528 -22.15 -14.89 -34.52
CA HIS E 528 -20.91 -15.67 -34.74
C HIS E 528 -21.26 -17.13 -34.51
N LEU E 529 -20.87 -17.97 -35.45
CA LEU E 529 -21.06 -19.40 -35.32
C LEU E 529 -19.69 -20.04 -35.11
N LEU E 530 -19.55 -20.79 -34.02
CA LEU E 530 -18.28 -21.36 -33.63
C LEU E 530 -18.30 -22.86 -33.60
N ARG E 531 -17.16 -23.44 -33.95
CA ARG E 531 -16.88 -24.85 -33.66
C ARG E 531 -15.83 -24.87 -32.58
N VAL E 532 -16.17 -25.52 -31.48
CA VAL E 532 -15.35 -25.56 -30.30
C VAL E 532 -14.87 -26.98 -30.05
N LYS E 533 -13.57 -27.16 -30.04
CA LYS E 533 -12.95 -28.47 -29.77
C LYS E 533 -12.19 -28.41 -28.46
N MET E 534 -12.55 -29.28 -27.53
CA MET E 534 -11.96 -29.32 -26.19
C MET E 534 -10.98 -30.49 -26.11
N ALA E 535 -9.98 -30.39 -25.22
CA ALA E 535 -9.03 -31.49 -25.00
C ALA E 535 -8.61 -31.60 -23.56
N SER E 536 -8.55 -32.85 -23.08
CA SER E 536 -7.84 -33.16 -21.85
C SER E 536 -6.46 -33.62 -22.25
N TYR E 537 -5.48 -33.34 -21.42
CA TYR E 537 -4.13 -33.70 -21.74
C TYR E 537 -3.35 -34.07 -20.47
N SER E 538 -2.41 -35.00 -20.65
CA SER E 538 -1.59 -35.46 -19.55
C SER E 538 -0.46 -34.51 -19.19
N VAL E 539 -0.21 -34.37 -17.89
CA VAL E 539 0.95 -33.67 -17.38
C VAL E 539 1.84 -34.53 -16.46
N GLN E 540 1.54 -35.84 -16.32
CA GLN E 540 2.14 -36.68 -15.24
C GLN E 540 2.55 -38.05 -15.75
N ALA F 2 -14.72 55.59 -61.19
CA ALA F 2 -15.57 55.76 -59.98
C ALA F 2 -14.98 56.81 -59.05
N PRO F 3 -15.83 57.63 -58.45
CA PRO F 3 -15.29 58.61 -57.54
C PRO F 3 -14.69 57.96 -56.28
N LEU F 4 -13.71 58.64 -55.68
CA LEU F 4 -13.12 58.17 -54.45
C LEU F 4 -14.17 58.08 -53.37
N PRO F 5 -14.09 57.05 -52.52
CA PRO F 5 -14.82 57.12 -51.28
C PRO F 5 -14.46 58.37 -50.46
N GLU F 6 -15.41 58.90 -49.69
CA GLU F 6 -15.15 60.04 -48.85
C GLU F 6 -16.13 60.11 -47.73
N LEU F 7 -15.70 60.72 -46.63
CA LEU F 7 -16.59 60.92 -45.50
C LEU F 7 -17.12 62.34 -45.61
N LEU F 8 -18.42 62.47 -45.74
CA LEU F 8 -19.08 63.80 -45.74
C LEU F 8 -19.66 64.10 -44.39
N SER F 9 -19.55 65.36 -43.97
CA SER F 9 -20.13 65.82 -42.71
C SER F 9 -20.88 67.12 -43.01
N ASN F 10 -22.17 67.15 -42.66
CA ASN F 10 -22.98 68.36 -42.86
C ASN F 10 -24.19 68.38 -41.94
N ASN F 11 -24.46 69.55 -41.36
CA ASN F 11 -25.58 69.75 -40.43
C ASN F 11 -25.55 68.77 -39.27
N GLY F 12 -24.35 68.52 -38.76
CA GLY F 12 -24.15 67.60 -37.66
C GLY F 12 -24.35 66.13 -38.00
N LYS F 13 -24.51 65.80 -39.28
CA LYS F 13 -24.74 64.42 -39.73
C LYS F 13 -23.59 63.99 -40.63
N HIS F 14 -23.51 62.69 -40.96
CA HIS F 14 -22.39 62.17 -41.72
C HIS F 14 -22.79 61.08 -42.66
N ALA F 15 -22.01 60.90 -43.71
CA ALA F 15 -22.20 59.81 -44.66
C ALA F 15 -20.86 59.32 -45.15
N LEU F 16 -20.70 58.01 -45.24
CA LEU F 16 -19.59 57.44 -45.95
C LEU F 16 -20.03 57.28 -47.41
N MET F 17 -19.42 58.05 -48.30
CA MET F 17 -19.75 57.95 -49.70
C MET F 17 -18.93 56.87 -50.31
N VAL F 18 -19.57 55.95 -51.01
CA VAL F 18 -18.90 54.92 -51.79
C VAL F 18 -19.54 54.85 -53.17
N ASP F 19 -18.70 54.95 -54.20
CA ASP F 19 -19.16 55.04 -55.59
C ASP F 19 -20.20 56.14 -55.79
N GLY F 20 -19.99 57.25 -55.09
CA GLY F 20 -20.79 58.45 -55.28
C GLY F 20 -22.11 58.56 -54.55
N ALA F 21 -22.36 57.68 -53.57
CA ALA F 21 -23.59 57.75 -52.79
C ALA F 21 -23.35 57.19 -51.38
N PRO F 22 -24.20 57.56 -50.41
CA PRO F 22 -24.01 57.05 -49.07
C PRO F 22 -24.04 55.54 -49.03
N TYR F 23 -23.25 55.00 -48.12
CA TYR F 23 -23.05 53.54 -47.99
C TYR F 23 -23.00 53.18 -46.51
N ILE F 24 -23.50 51.98 -46.18
CA ILE F 24 -23.40 51.45 -44.81
C ILE F 24 -22.51 50.23 -44.83
N ILE F 25 -21.47 50.24 -43.99
CA ILE F 25 -20.65 49.07 -43.77
C ILE F 25 -21.41 48.08 -42.89
N LEU F 26 -21.90 47.02 -43.51
CA LEU F 26 -22.40 45.86 -42.80
C LEU F 26 -21.23 44.89 -42.81
N GLY F 27 -20.44 44.98 -41.77
CA GLY F 27 -19.05 44.50 -41.83
C GLY F 27 -18.80 43.19 -41.14
N SER F 28 -17.57 42.73 -41.29
CA SER F 28 -17.05 41.66 -40.50
C SER F 28 -15.56 41.91 -40.42
N GLN F 29 -14.95 41.55 -39.30
CA GLN F 29 -13.51 41.65 -39.14
C GLN F 29 -12.93 40.28 -38.83
N THR F 30 -11.82 39.98 -39.49
CA THR F 30 -11.13 38.74 -39.24
C THR F 30 -10.49 38.70 -37.85
N ASN F 31 -10.16 37.50 -37.39
CA ASN F 31 -9.20 37.38 -36.32
C ASN F 31 -7.82 37.95 -36.74
N ASN F 32 -6.97 38.18 -35.74
CA ASN F 32 -5.73 38.95 -35.87
C ASN F 32 -4.64 38.29 -36.70
N SER F 33 -4.73 36.96 -36.92
CA SER F 33 -3.70 36.23 -37.65
C SER F 33 -4.21 35.64 -38.98
N SER F 34 -5.18 36.31 -39.59
CA SER F 34 -5.83 35.83 -40.81
C SER F 34 -5.39 36.64 -42.02
N ASN F 35 -4.37 37.47 -41.82
CA ASN F 35 -3.89 38.37 -42.88
C ASN F 35 -2.83 37.73 -43.79
N TYR F 36 -3.12 36.51 -44.27
CA TYR F 36 -2.24 35.77 -45.13
C TYR F 36 -3.08 35.04 -46.20
N PRO F 37 -2.53 34.84 -47.40
CA PRO F 37 -3.29 34.20 -48.48
C PRO F 37 -3.96 32.90 -48.08
N ASP F 38 -3.23 32.06 -47.35
CA ASP F 38 -3.71 30.73 -46.97
C ASP F 38 -4.91 30.79 -46.00
N ALA F 39 -5.03 31.87 -45.22
CA ALA F 39 -6.10 31.99 -44.26
C ALA F 39 -7.41 32.43 -44.88
N LEU F 40 -7.37 33.01 -46.08
CA LEU F 40 -8.57 33.63 -46.64
C LEU F 40 -9.69 32.63 -46.94
N LYS F 41 -9.34 31.37 -47.23
CA LYS F 41 -10.36 30.36 -47.42
C LYS F 41 -11.19 30.11 -46.17
N ASP F 42 -10.67 30.48 -45.00
CA ASP F 42 -11.39 30.40 -43.73
C ASP F 42 -12.10 31.69 -43.31
N VAL F 43 -12.03 32.68 -44.16
CA VAL F 43 -12.67 33.96 -43.97
C VAL F 43 -13.89 34.15 -44.87
N TRP F 44 -13.77 33.87 -46.17
CA TRP F 44 -14.85 34.18 -47.09
C TRP F 44 -16.15 33.46 -46.75
N PRO F 45 -16.11 32.19 -46.36
CA PRO F 45 -17.42 31.51 -46.14
C PRO F 45 -18.25 32.18 -45.02
N SER F 46 -17.59 32.66 -43.96
CA SER F 46 -18.28 33.41 -42.89
C SER F 46 -18.89 34.66 -43.41
N MET F 47 -18.16 35.37 -44.26
CA MET F 47 -18.63 36.62 -44.77
C MET F 47 -19.88 36.39 -45.60
N GLU F 48 -19.86 35.34 -46.41
CA GLU F 48 -21.00 34.98 -47.24
C GLU F 48 -22.20 34.59 -46.41
N LYS F 49 -22.01 33.76 -45.40
CA LYS F 49 -23.09 33.38 -44.47
C LYS F 49 -23.65 34.53 -43.68
N MET F 50 -22.79 35.47 -43.36
CA MET F 50 -23.24 36.66 -42.66
C MET F 50 -24.00 37.65 -43.53
N GLY F 51 -23.70 37.68 -44.83
CA GLY F 51 -24.26 38.69 -45.70
C GLY F 51 -23.57 40.03 -45.55
N ALA F 52 -22.33 40.00 -45.07
CA ALA F 52 -21.56 41.23 -44.94
C ALA F 52 -21.17 41.79 -46.31
N ASN F 53 -21.12 43.11 -46.40
CA ASN F 53 -20.70 43.78 -47.63
C ASN F 53 -19.26 44.32 -47.61
N THR F 54 -18.62 44.29 -46.45
CA THR F 54 -17.30 44.88 -46.27
C THR F 54 -16.50 44.05 -45.27
N LEU F 55 -15.25 43.73 -45.62
CA LEU F 55 -14.38 42.97 -44.75
C LEU F 55 -13.26 43.89 -44.20
N SER F 56 -13.12 43.89 -42.89
CA SER F 56 -12.00 44.55 -42.22
C SER F 56 -10.93 43.50 -41.93
N ILE F 57 -9.70 43.76 -42.36
CA ILE F 57 -8.64 42.78 -42.24
C ILE F 57 -7.29 43.50 -42.07
N PRO F 58 -6.39 42.94 -41.25
CA PRO F 58 -5.10 43.61 -41.11
C PRO F 58 -4.21 43.59 -42.33
N VAL F 59 -3.42 44.64 -42.49
CA VAL F 59 -2.22 44.62 -43.30
C VAL F 59 -1.09 45.06 -42.34
N ALA F 60 -0.14 44.18 -42.10
CA ALA F 60 0.84 44.39 -41.07
C ALA F 60 2.14 44.97 -41.63
N TRP F 61 2.71 45.90 -40.89
CA TRP F 61 4.00 46.48 -41.32
C TRP F 61 5.04 45.35 -41.49
N GLU F 62 5.07 44.42 -40.56
CA GLU F 62 6.01 43.28 -40.62
C GLU F 62 5.92 42.49 -41.92
N GLN F 63 4.73 42.38 -42.51
CA GLN F 63 4.58 41.60 -43.70
C GLN F 63 4.86 42.37 -44.96
N ILE F 64 4.61 43.67 -44.96
CA ILE F 64 4.89 44.48 -46.11
CA ILE F 64 4.89 44.49 -46.17
C ILE F 64 6.34 45.00 -46.23
N GLU F 65 7.02 45.07 -45.09
CA GLU F 65 8.42 45.54 -45.07
C GLU F 65 9.27 44.69 -44.15
N PRO F 66 9.38 43.39 -44.49
CA PRO F 66 10.01 42.45 -43.56
C PRO F 66 11.50 42.75 -43.35
N VAL F 67 12.10 43.35 -44.35
CA VAL F 67 13.49 43.84 -44.32
C VAL F 67 13.41 45.27 -44.77
N GLU F 68 14.11 46.17 -44.10
CA GLU F 68 13.97 47.58 -44.37
C GLU F 68 14.23 47.86 -45.84
N GLY F 69 13.29 48.57 -46.45
CA GLY F 69 13.36 48.93 -47.86
C GLY F 69 12.96 47.86 -48.85
N GLN F 70 12.61 46.66 -48.37
CA GLN F 70 12.28 45.57 -49.27
C GLN F 70 10.79 45.25 -49.09
N PHE F 71 9.98 45.85 -49.94
CA PHE F 71 8.51 45.78 -49.78
C PHE F 71 7.90 44.55 -50.45
N ASP F 72 6.83 44.04 -49.83
CA ASP F 72 6.17 42.82 -50.28
C ASP F 72 4.65 43.02 -50.16
N PHE F 73 3.99 43.15 -51.29
CA PHE F 73 2.53 43.36 -51.33
C PHE F 73 1.80 42.13 -51.82
N SER F 74 2.45 40.97 -51.75
CA SER F 74 1.86 39.76 -52.29
C SER F 74 0.49 39.44 -51.60
N PHE F 75 0.37 39.73 -50.30
CA PHE F 75 -0.89 39.49 -49.58
C PHE F 75 -1.95 40.44 -50.07
N VAL F 76 -1.59 41.72 -50.20
CA VAL F 76 -2.56 42.72 -50.61
C VAL F 76 -3.07 42.40 -51.99
N ASP F 77 -2.18 41.96 -52.86
CA ASP F 77 -2.60 41.54 -54.21
C ASP F 77 -3.67 40.44 -54.20
N VAL F 78 -3.39 39.34 -53.50
CA VAL F 78 -4.32 38.21 -53.40
C VAL F 78 -5.65 38.68 -52.77
N LEU F 79 -5.54 39.46 -51.71
CA LEU F 79 -6.71 39.96 -50.98
C LEU F 79 -7.62 40.78 -51.89
N LEU F 80 -7.05 41.75 -52.62
CA LEU F 80 -7.83 42.57 -53.54
C LEU F 80 -8.53 41.71 -54.57
N LYS F 81 -7.80 40.75 -55.15
CA LYS F 81 -8.39 39.91 -56.18
C LYS F 81 -9.52 39.05 -55.67
N GLU F 82 -9.32 38.41 -54.53
CA GLU F 82 -10.35 37.57 -53.94
C GLU F 82 -11.56 38.37 -53.49
N ALA F 83 -11.37 39.55 -52.92
CA ALA F 83 -12.47 40.40 -52.54
C ALA F 83 -13.34 40.76 -53.75
N ARG F 84 -12.67 41.14 -54.85
CA ARG F 84 -13.37 41.54 -56.05
C ARG F 84 -14.16 40.38 -56.61
N GLN F 85 -13.59 39.20 -56.57
CA GLN F 85 -14.31 38.04 -57.05
C GLN F 85 -15.59 37.79 -56.25
N ARG F 86 -15.56 38.12 -54.97
CA ARG F 86 -16.72 37.91 -54.11
CA ARG F 86 -16.72 37.91 -54.12
C ARG F 86 -17.60 39.13 -54.03
N LYS F 87 -17.23 40.18 -54.75
CA LYS F 87 -17.98 41.40 -54.83
C LYS F 87 -18.25 42.02 -53.44
N VAL F 88 -17.19 42.10 -52.64
CA VAL F 88 -17.23 42.83 -51.38
C VAL F 88 -16.15 43.91 -51.38
N ARG F 89 -16.27 44.83 -50.44
CA ARG F 89 -15.31 45.89 -50.26
C ARG F 89 -14.45 45.60 -49.02
N LEU F 90 -13.39 46.38 -48.88
CA LEU F 90 -12.38 46.17 -47.87
C LEU F 90 -12.14 47.42 -47.03
N VAL F 91 -11.88 47.19 -45.76
CA VAL F 91 -11.26 48.16 -44.91
C VAL F 91 -9.94 47.54 -44.47
N LEU F 92 -8.81 48.18 -44.80
CA LEU F 92 -7.48 47.66 -44.38
C LEU F 92 -7.08 48.25 -43.04
N LEU F 93 -6.57 47.42 -42.15
CA LEU F 93 -6.18 47.84 -40.83
C LEU F 93 -4.65 47.84 -40.76
N TRP F 94 -4.08 49.03 -40.71
CA TRP F 94 -2.62 49.22 -40.69
C TRP F 94 -2.09 48.95 -39.29
N PHE F 95 -1.59 47.73 -39.09
CA PHE F 95 -1.00 47.30 -37.82
C PHE F 95 0.49 47.60 -37.85
N ALA F 96 0.92 48.62 -37.09
CA ALA F 96 2.25 49.18 -37.31
C ALA F 96 2.90 49.60 -35.99
N THR F 97 3.05 50.90 -35.76
CA THR F 97 3.65 51.39 -34.51
C THR F 97 2.90 50.94 -33.26
N TRP F 98 1.56 50.98 -33.30
CA TRP F 98 0.74 50.41 -32.25
C TRP F 98 -0.26 49.40 -32.80
N LYS F 99 -0.29 48.24 -32.16
CA LYS F 99 -1.43 47.33 -32.19
C LYS F 99 -1.69 46.97 -30.74
N ASN F 100 -2.82 47.39 -30.21
CA ASN F 100 -3.15 47.18 -28.78
C ASN F 100 -2.00 47.70 -27.90
N ASN F 101 -1.54 48.90 -28.20
CA ASN F 101 -0.48 49.61 -27.42
C ASN F 101 0.95 49.23 -27.70
N ALA F 102 1.15 48.14 -28.47
CA ALA F 102 2.45 47.50 -28.60
C ALA F 102 2.89 47.34 -30.04
N PRO F 103 4.21 47.10 -30.24
CA PRO F 103 4.79 47.03 -31.57
C PRO F 103 4.97 45.63 -32.15
N HIS F 104 4.14 44.67 -31.75
CA HIS F 104 4.34 43.29 -32.19
C HIS F 104 4.21 43.05 -33.67
N TYR F 105 3.45 43.90 -34.36
CA TYR F 105 3.34 43.80 -35.80
C TYR F 105 4.28 44.69 -36.58
N ALA F 106 5.12 45.46 -35.88
CA ALA F 106 6.21 46.14 -36.60
C ALA F 106 7.26 45.10 -37.00
N PRO F 107 8.03 45.35 -38.07
CA PRO F 107 9.09 44.42 -38.46
C PRO F 107 10.12 44.21 -37.34
N ALA F 108 10.82 43.07 -37.40
CA ALA F 108 11.81 42.73 -36.38
C ALA F 108 12.89 43.82 -36.26
N TRP F 109 13.27 44.37 -37.40
CA TRP F 109 14.27 45.48 -37.47
C TRP F 109 13.76 46.77 -36.83
N VAL F 110 12.43 46.87 -36.57
CA VAL F 110 11.89 47.94 -35.75
C VAL F 110 11.73 47.57 -34.30
N LYS F 111 10.95 46.52 -34.03
CA LYS F 111 10.57 46.22 -32.66
C LYS F 111 11.72 45.70 -31.78
N LEU F 112 12.78 45.22 -32.41
CA LEU F 112 13.92 44.75 -31.62
C LEU F 112 15.07 45.78 -31.55
N ASP F 113 14.84 47.00 -32.05
CA ASP F 113 15.88 48.08 -32.03
C ASP F 113 15.38 49.28 -31.25
N ASN F 114 15.46 49.17 -29.93
CA ASN F 114 14.95 50.20 -29.06
C ASN F 114 15.75 51.52 -29.17
N ALA F 115 17.03 51.40 -29.49
CA ALA F 115 17.89 52.60 -29.58
C ALA F 115 17.40 53.50 -30.70
N ARG F 116 17.08 52.89 -31.82
CA ARG F 116 16.55 53.64 -32.96
C ARG F 116 15.06 54.00 -32.79
N PHE F 117 14.29 53.08 -32.18
CA PHE F 117 12.84 53.18 -32.11
C PHE F 117 12.41 53.02 -30.68
N PRO F 118 12.46 54.12 -29.91
CA PRO F 118 12.36 54.03 -28.46
C PRO F 118 11.00 53.80 -27.85
N ARG F 119 10.99 53.02 -26.78
CA ARG F 119 9.82 52.77 -26.00
C ARG F 119 9.56 53.84 -24.94
N VAL F 120 8.30 53.90 -24.54
CA VAL F 120 7.84 54.62 -23.37
C VAL F 120 8.64 54.18 -22.14
N VAL F 121 9.13 55.17 -21.39
CA VAL F 121 9.78 54.94 -20.11
C VAL F 121 8.90 55.44 -18.99
N LYS F 122 8.72 54.60 -17.98
CA LYS F 122 7.90 54.96 -16.85
C LYS F 122 8.60 56.02 -15.97
N GLU F 123 7.85 56.64 -15.08
CA GLU F 123 8.37 57.62 -14.15
C GLU F 123 9.45 56.99 -13.25
N ASP F 124 9.32 55.70 -12.92
CA ASP F 124 10.34 54.99 -12.15
C ASP F 124 11.54 54.47 -12.96
N GLY F 125 11.63 54.83 -14.24
CA GLY F 125 12.75 54.39 -15.10
C GLY F 125 12.61 53.04 -15.81
N ASP F 126 11.63 52.21 -15.45
CA ASP F 126 11.39 50.96 -16.18
C ASP F 126 10.79 51.25 -17.56
N THR F 127 11.03 50.35 -18.50
CA THR F 127 10.59 50.52 -19.87
C THR F 127 9.38 49.62 -20.15
N LEU F 128 8.40 50.16 -20.86
CA LEU F 128 7.19 49.40 -21.28
C LEU F 128 7.27 49.06 -22.76
N ASN F 129 6.62 47.96 -23.18
CA ASN F 129 6.66 47.57 -24.58
C ASN F 129 5.56 48.32 -25.38
N SER F 130 5.77 49.61 -25.55
CA SER F 130 4.85 50.53 -26.20
C SER F 130 5.77 51.62 -26.74
N LEU F 131 5.76 51.83 -28.05
CA LEU F 131 6.67 52.76 -28.67
C LEU F 131 6.28 54.20 -28.40
N SER F 132 7.26 55.03 -28.09
CA SER F 132 6.97 56.43 -27.79
C SER F 132 6.56 57.20 -29.04
N PRO F 133 5.51 58.04 -28.93
CA PRO F 133 5.08 58.87 -30.05
C PRO F 133 6.05 60.03 -30.32
N LEU F 134 7.02 60.24 -29.43
CA LEU F 134 8.08 61.23 -29.67
C LEU F 134 9.29 60.66 -30.38
N GLY F 135 9.29 59.36 -30.70
CA GLY F 135 10.33 58.78 -31.53
C GLY F 135 10.26 59.21 -32.98
N GLN F 136 11.13 60.12 -33.38
CA GLN F 136 11.09 60.64 -34.73
C GLN F 136 11.47 59.63 -35.79
N ASN F 137 12.37 58.70 -35.47
CA ASN F 137 12.73 57.70 -36.44
C ASN F 137 11.55 56.74 -36.67
N THR F 138 10.87 56.43 -35.58
CA THR F 138 9.68 55.52 -35.64
C THR F 138 8.60 56.10 -36.53
N LEU F 139 8.29 57.38 -36.33
CA LEU F 139 7.33 58.09 -37.20
C LEU F 139 7.74 58.11 -38.64
N ALA F 140 9.00 58.43 -38.93
CA ALA F 140 9.46 58.47 -40.32
C ALA F 140 9.33 57.10 -40.98
N ALA F 141 9.66 56.06 -40.22
CA ALA F 141 9.67 54.72 -40.78
C ALA F 141 8.25 54.21 -41.03
N ASP F 142 7.37 54.45 -40.07
CA ASP F 142 5.96 54.02 -40.19
C ASP F 142 5.37 54.73 -41.39
N LYS F 143 5.52 56.06 -41.41
CA LYS F 143 5.06 56.89 -42.52
C LYS F 143 5.53 56.39 -43.87
N LYS F 144 6.82 56.04 -43.98
CA LYS F 144 7.37 55.61 -45.27
C LYS F 144 6.71 54.33 -45.75
N ALA F 145 6.51 53.38 -44.83
CA ALA F 145 5.85 52.09 -45.21
C ALA F 145 4.36 52.28 -45.53
N PHE F 146 3.70 53.13 -44.78
CA PHE F 146 2.28 53.44 -45.03
C PHE F 146 2.09 54.09 -46.40
N VAL F 147 2.99 55.02 -46.74
CA VAL F 147 3.00 55.63 -48.04
C VAL F 147 3.14 54.59 -49.13
N GLU F 148 4.01 53.60 -48.94
CA GLU F 148 4.18 52.56 -49.96
C GLU F 148 2.91 51.74 -50.11
N LEU F 149 2.24 51.47 -49.00
CA LEU F 149 0.93 50.74 -49.07
C LEU F 149 -0.08 51.56 -49.88
N MET F 150 -0.16 52.86 -49.59
CA MET F 150 -1.08 53.73 -50.32
C MET F 150 -0.72 53.86 -51.80
N LYS F 151 0.57 53.82 -52.12
CA LYS F 151 0.98 53.81 -53.51
C LYS F 151 0.53 52.55 -54.20
N TYR F 152 0.61 51.41 -53.50
CA TYR F 152 0.15 50.15 -54.06
C TYR F 152 -1.34 50.29 -54.42
N LEU F 153 -2.11 50.87 -53.52
CA LEU F 153 -3.56 51.03 -53.76
C LEU F 153 -3.83 52.05 -54.87
N ALA F 154 -3.05 53.12 -54.89
CA ALA F 154 -3.19 54.13 -55.93
C ALA F 154 -3.02 53.50 -57.29
N LYS F 155 -2.04 52.63 -57.42
CA LYS F 155 -1.73 52.03 -58.70
C LYS F 155 -2.53 50.80 -59.02
N ARG F 156 -2.98 50.06 -58.00
CA ARG F 156 -3.57 48.73 -58.24
C ARG F 156 -5.03 48.58 -57.80
N ASP F 157 -5.63 49.64 -57.30
CA ASP F 157 -7.02 49.58 -56.82
C ASP F 157 -7.79 50.83 -57.27
N LYS F 158 -7.79 51.01 -58.58
CA LYS F 158 -8.44 52.15 -59.26
C LYS F 158 -9.98 52.20 -59.11
N ASP F 159 -10.64 51.07 -58.87
CA ASP F 159 -12.09 51.04 -58.56
C ASP F 159 -12.39 51.02 -57.06
N HIS F 160 -11.38 51.18 -56.22
CA HIS F 160 -11.55 51.42 -54.77
C HIS F 160 -12.26 50.25 -54.10
N THR F 161 -11.75 49.05 -54.33
CA THR F 161 -12.17 47.90 -53.56
C THR F 161 -11.98 48.23 -52.09
N VAL F 162 -10.81 48.83 -51.76
CA VAL F 162 -10.54 49.31 -50.42
C VAL F 162 -11.18 50.68 -50.30
N ILE F 163 -12.12 50.81 -49.35
CA ILE F 163 -12.90 52.01 -49.18
C ILE F 163 -12.49 52.89 -47.97
N MET F 164 -11.71 52.34 -47.05
CA MET F 164 -11.28 53.07 -45.88
CA MET F 164 -11.28 53.07 -45.88
C MET F 164 -10.07 52.36 -45.29
N VAL F 165 -9.21 53.11 -44.59
CA VAL F 165 -8.02 52.54 -43.95
C VAL F 165 -8.00 52.96 -42.50
N GLN F 166 -7.78 52.00 -41.62
CA GLN F 166 -7.56 52.28 -40.20
C GLN F 166 -6.08 52.44 -39.94
N VAL F 167 -5.71 53.57 -39.35
CA VAL F 167 -4.30 53.92 -39.11
C VAL F 167 -3.92 53.51 -37.68
N GLN F 168 -3.06 52.48 -37.57
CA GLN F 168 -2.73 51.81 -36.31
C GLN F 168 -3.95 51.02 -35.81
N ASN F 169 -3.77 50.37 -34.67
CA ASN F 169 -4.85 49.64 -34.04
C ASN F 169 -4.77 49.80 -32.51
N GLU F 170 -5.75 50.49 -31.92
CA GLU F 170 -5.84 50.72 -30.49
C GLU F 170 -4.51 51.26 -29.94
N VAL F 171 -4.20 52.46 -30.38
CA VAL F 171 -3.00 53.16 -29.89
C VAL F 171 -3.10 53.42 -28.39
N GLY F 172 -1.96 53.73 -27.81
CA GLY F 172 -1.89 54.18 -26.40
C GLY F 172 -0.87 53.36 -25.64
N THR F 173 -0.97 53.44 -24.33
CA THR F 173 -0.10 52.72 -23.42
C THR F 173 -0.81 52.22 -22.18
N TYR F 174 -0.57 50.93 -21.87
CA TYR F 174 -0.95 50.34 -20.62
C TYR F 174 0.25 50.37 -19.68
N GLY F 175 -0.02 50.66 -18.41
CA GLY F 175 0.99 50.60 -17.35
C GLY F 175 1.68 51.93 -17.02
N ALA F 176 1.37 52.98 -17.81
CA ALA F 176 1.86 54.34 -17.57
C ALA F 176 0.98 55.29 -18.31
N VAL F 177 0.98 56.56 -17.90
CA VAL F 177 0.10 57.57 -18.48
C VAL F 177 0.71 58.18 -19.75
N ARG F 178 2.04 58.30 -19.77
CA ARG F 178 2.77 58.89 -20.87
C ARG F 178 4.20 58.39 -20.85
N ASP F 179 4.98 58.80 -21.85
CA ASP F 179 6.41 58.61 -21.87
C ASP F 179 6.99 59.63 -20.85
N TYR F 180 7.83 59.13 -19.95
CA TYR F 180 8.55 59.99 -19.00
C TYR F 180 10.05 59.98 -19.27
N SER F 181 10.44 59.56 -20.45
CA SER F 181 11.84 59.59 -20.82
C SER F 181 12.33 61.04 -20.81
N PRO F 182 13.65 61.25 -20.74
CA PRO F 182 14.21 62.60 -20.90
C PRO F 182 13.73 63.32 -22.17
N MET F 183 13.73 62.61 -23.29
CA MET F 183 13.20 63.13 -24.55
C MET F 183 11.78 63.69 -24.40
N ALA F 184 10.92 62.90 -23.77
CA ALA F 184 9.52 63.29 -23.63
C ALA F 184 9.37 64.38 -22.58
N GLN F 185 10.09 64.23 -21.47
CA GLN F 185 10.08 65.21 -20.36
C GLN F 185 10.44 66.61 -20.83
N ALA F 186 11.39 66.71 -21.76
CA ALA F 186 11.75 67.99 -22.36
C ALA F 186 10.59 68.66 -23.09
N VAL F 187 9.79 67.87 -23.80
CA VAL F 187 8.66 68.41 -24.55
C VAL F 187 7.52 68.75 -23.58
N PHE F 188 7.33 67.91 -22.58
CA PHE F 188 6.31 68.14 -21.56
C PHE F 188 6.57 69.43 -20.78
N ASN F 189 7.84 69.68 -20.47
CA ASN F 189 8.22 70.90 -19.72
C ASN F 189 8.10 72.16 -20.53
N ALA F 190 8.12 72.03 -21.86
CA ALA F 190 8.00 73.16 -22.74
C ALA F 190 6.56 73.66 -22.91
N ALA F 191 6.41 74.72 -23.70
CA ALA F 191 5.10 75.32 -23.96
C ALA F 191 4.20 74.39 -24.75
N VAL F 192 2.92 74.39 -24.38
CA VAL F 192 1.90 73.68 -25.15
C VAL F 192 1.88 74.35 -26.51
N PRO F 193 1.94 73.58 -27.60
CA PRO F 193 1.88 74.18 -28.94
C PRO F 193 0.71 75.17 -29.16
N ASP F 194 1.01 76.24 -29.91
CA ASP F 194 0.08 77.37 -30.12
C ASP F 194 -1.24 76.93 -30.70
N ASP F 195 -1.17 76.06 -31.71
CA ASP F 195 -2.35 75.60 -32.43
C ASP F 195 -3.35 74.94 -31.48
N LEU F 196 -2.84 74.13 -30.55
CA LEU F 196 -3.71 73.47 -29.58
C LEU F 196 -4.33 74.49 -28.64
N ILE F 197 -3.51 75.41 -28.15
CA ILE F 197 -4.04 76.48 -27.29
C ILE F 197 -5.14 77.31 -27.97
N GLN F 198 -4.92 77.70 -29.23
CA GLN F 198 -5.93 78.44 -30.00
C GLN F 198 -7.20 77.60 -30.18
N LYS F 199 -7.04 76.35 -30.63
CA LYS F 199 -8.20 75.49 -30.89
C LYS F 199 -9.06 75.24 -29.66
N LEU F 200 -8.45 75.07 -28.50
CA LEU F 200 -9.22 74.84 -27.27
C LEU F 200 -9.57 76.14 -26.53
N GLN F 201 -9.16 77.28 -27.09
CA GLN F 201 -9.45 78.58 -26.48
C GLN F 201 -8.98 78.62 -25.02
N LEU F 202 -7.68 78.37 -24.83
CA LEU F 202 -7.09 78.32 -23.51
C LEU F 202 -6.03 79.43 -23.34
N LYS F 203 -5.58 79.62 -22.11
CA LYS F 203 -4.44 80.51 -21.81
C LYS F 203 -3.11 79.75 -22.07
N PRO F 204 -2.16 80.38 -22.81
CA PRO F 204 -0.86 79.73 -23.07
C PRO F 204 -0.09 79.31 -21.81
N GLY F 205 0.88 78.41 -21.98
CA GLY F 205 1.60 77.84 -20.85
C GLY F 205 2.26 76.51 -21.16
N THR F 206 2.93 75.95 -20.16
CA THR F 206 3.50 74.62 -20.26
C THR F 206 2.35 73.62 -20.01
N TRP F 207 2.63 72.35 -20.32
CA TRP F 207 1.63 71.31 -20.17
C TRP F 207 1.03 71.30 -18.78
N SER F 208 1.88 71.28 -17.76
CA SER F 208 1.38 71.23 -16.39
C SER F 208 0.60 72.48 -15.99
N GLN F 209 1.01 73.63 -16.52
CA GLN F 209 0.34 74.89 -16.22
C GLN F 209 -1.05 74.91 -16.81
N VAL F 210 -1.18 74.56 -18.08
CA VAL F 210 -2.46 74.72 -18.74
C VAL F 210 -3.41 73.58 -18.41
N PHE F 211 -2.90 72.37 -18.20
CA PHE F 211 -3.82 71.21 -18.02
C PHE F 211 -3.88 70.63 -16.62
N GLY F 212 -2.94 70.98 -15.75
CA GLY F 212 -2.99 70.52 -14.37
C GLY F 212 -3.01 69.02 -14.20
N ARG F 213 -4.02 68.52 -13.50
CA ARG F 213 -4.14 67.09 -13.20
C ARG F 213 -4.27 66.22 -14.47
N ASP F 214 -4.67 66.82 -15.60
CA ASP F 214 -4.83 66.12 -16.88
C ASP F 214 -3.63 66.23 -17.81
N ALA F 215 -2.58 66.88 -17.37
CA ALA F 215 -1.44 67.17 -18.24
C ALA F 215 -0.78 65.91 -18.81
N ASP F 216 -0.52 64.92 -17.97
CA ASP F 216 0.20 63.71 -18.38
C ASP F 216 -0.60 62.97 -19.48
N GLU F 217 -1.88 62.74 -19.21
CA GLU F 217 -2.77 62.02 -20.16
C GLU F 217 -3.05 62.82 -21.43
N PHE F 218 -3.35 64.11 -21.29
CA PHE F 218 -3.58 64.93 -22.48
C PHE F 218 -2.33 65.03 -23.37
N PHE F 219 -1.15 65.06 -22.72
CA PHE F 219 0.12 65.11 -23.44
C PHE F 219 0.34 63.85 -24.29
N HIS F 220 0.13 62.70 -23.69
CA HIS F 220 0.26 61.43 -24.42
C HIS F 220 -0.76 61.41 -25.57
N ALA F 221 -2.00 61.79 -25.29
CA ALA F 221 -3.03 61.80 -26.33
C ALA F 221 -2.65 62.73 -27.46
N TYR F 222 -2.16 63.93 -27.09
CA TYR F 222 -1.74 64.88 -28.11
C TYR F 222 -0.63 64.35 -28.97
N GLN F 223 0.39 63.75 -28.35
CA GLN F 223 1.54 63.30 -29.10
C GLN F 223 1.21 62.13 -30.03
N ILE F 224 0.42 61.18 -29.52
CA ILE F 224 -0.04 60.08 -30.36
C ILE F 224 -0.91 60.59 -31.52
N ALA F 225 -1.83 61.50 -31.21
CA ALA F 225 -2.71 62.08 -32.23
C ALA F 225 -1.92 62.76 -33.33
N ARG F 226 -0.89 63.55 -32.96
CA ARG F 226 0.00 64.13 -33.96
C ARG F 226 0.70 63.11 -34.83
N TYR F 227 1.23 62.06 -34.21
CA TYR F 227 1.90 60.98 -34.92
C TYR F 227 0.93 60.35 -35.94
N CYS F 228 -0.26 59.98 -35.46
CA CYS F 228 -1.25 59.35 -36.35
C CYS F 228 -1.72 60.30 -37.44
N ASP F 229 -1.81 61.58 -37.11
CA ASP F 229 -2.18 62.58 -38.11
C ASP F 229 -1.13 62.68 -39.18
N GLU F 230 0.14 62.68 -38.80
CA GLU F 230 1.20 62.78 -39.80
C GLU F 230 1.25 61.58 -40.72
N VAL F 231 1.06 60.39 -40.16
CA VAL F 231 1.00 59.19 -40.99
C VAL F 231 -0.18 59.28 -41.98
N THR F 232 -1.31 59.70 -41.44
CA THR F 232 -2.55 59.82 -42.20
C THR F 232 -2.39 60.80 -43.35
N VAL F 233 -1.88 62.00 -43.04
CA VAL F 233 -1.68 63.03 -44.09
C VAL F 233 -0.74 62.55 -45.23
N ALA F 234 0.32 61.85 -44.88
CA ALA F 234 1.28 61.34 -45.87
C ALA F 234 0.63 60.32 -46.79
N GLY F 235 -0.19 59.43 -46.21
CA GLY F 235 -0.89 58.44 -46.96
C GLY F 235 -1.93 59.06 -47.87
N LYS F 236 -2.68 60.01 -47.34
CA LYS F 236 -3.73 60.66 -48.13
C LYS F 236 -3.18 61.46 -49.29
N ALA F 237 -1.96 61.97 -49.16
CA ALA F 237 -1.33 62.70 -50.24
C ALA F 237 -1.14 61.78 -51.42
N ILE F 238 -0.99 60.49 -51.17
CA ILE F 238 -0.88 59.51 -52.23
C ILE F 238 -2.28 59.12 -52.78
N LYS F 239 -3.19 58.73 -51.88
CA LYS F 239 -4.56 58.41 -52.27
C LYS F 239 -5.45 58.82 -51.13
N ASN F 240 -6.37 59.74 -51.40
CA ASN F 240 -7.14 60.38 -50.34
C ASN F 240 -8.39 59.57 -49.90
N LEU F 241 -8.16 58.34 -49.43
CA LEU F 241 -9.23 57.52 -48.85
C LEU F 241 -9.58 58.04 -47.46
N PRO F 242 -10.83 57.78 -47.03
CA PRO F 242 -11.16 58.02 -45.64
C PRO F 242 -10.25 57.17 -44.72
N MET F 243 -9.83 57.75 -43.63
CA MET F 243 -8.98 57.04 -42.67
C MET F 243 -9.38 57.36 -41.28
N TYR F 244 -9.22 56.40 -40.38
CA TYR F 244 -9.75 56.54 -39.03
C TYR F 244 -8.87 55.83 -38.04
N VAL F 245 -9.14 56.06 -36.76
CA VAL F 245 -8.49 55.33 -35.69
C VAL F 245 -9.54 54.67 -34.80
N ASN F 246 -9.19 53.53 -34.20
CA ASN F 246 -10.09 52.78 -33.35
C ASN F 246 -9.64 52.78 -31.90
N VAL F 247 -10.58 52.83 -30.99
CA VAL F 247 -10.29 53.10 -29.59
C VAL F 247 -10.50 51.92 -28.67
N ALA F 248 -9.45 51.60 -27.92
CA ALA F 248 -9.57 50.72 -26.74
C ALA F 248 -10.26 51.55 -25.65
N LEU F 249 -11.55 51.29 -25.47
CA LEU F 249 -12.40 52.17 -24.70
C LEU F 249 -12.11 52.07 -23.22
N ARG F 250 -12.25 53.19 -22.53
CA ARG F 250 -12.39 53.12 -21.06
C ARG F 250 -13.88 53.01 -20.76
N ASN F 251 -14.19 52.44 -19.61
CA ASN F 251 -15.55 52.38 -19.20
C ASN F 251 -16.05 53.81 -18.98
N PRO F 252 -17.13 54.20 -19.68
CA PRO F 252 -17.56 55.58 -19.61
C PRO F 252 -18.20 55.98 -18.27
N PHE F 253 -18.67 55.01 -17.49
CA PHE F 253 -19.28 55.29 -16.17
C PHE F 253 -18.29 55.19 -15.01
N ASN F 254 -17.23 54.41 -15.18
CA ASN F 254 -16.35 54.02 -14.09
C ASN F 254 -15.02 53.66 -14.73
N PRO F 255 -14.32 54.65 -15.29
CA PRO F 255 -13.15 54.38 -16.11
C PRO F 255 -11.92 53.85 -15.40
N GLY F 256 -11.74 54.16 -14.11
CA GLY F 256 -10.41 53.91 -13.51
C GLY F 256 -9.40 54.87 -14.10
N LEU F 257 -8.11 54.58 -13.95
CA LEU F 257 -7.05 55.55 -14.25
C LEU F 257 -6.42 55.28 -15.58
N PRO F 258 -5.95 56.32 -16.24
CA PRO F 258 -5.18 56.10 -17.47
C PRO F 258 -3.95 55.25 -17.17
N GLY F 259 -3.64 54.30 -18.07
CA GLY F 259 -2.62 53.31 -17.79
C GLY F 259 -3.23 51.99 -17.36
N GLN F 260 -4.32 52.03 -16.62
CA GLN F 260 -5.15 50.84 -16.42
C GLN F 260 -5.93 50.60 -17.71
N TYR F 261 -6.63 51.64 -18.16
CA TYR F 261 -7.07 51.69 -19.54
C TYR F 261 -5.95 52.21 -20.39
N SER F 262 -6.09 52.10 -21.70
CA SER F 262 -5.02 52.45 -22.60
C SER F 262 -4.92 53.96 -22.72
N SER F 263 -3.92 54.53 -22.07
CA SER F 263 -3.78 55.99 -22.04
C SER F 263 -3.31 56.53 -23.37
N GLY F 264 -3.94 57.60 -23.81
CA GLY F 264 -3.49 58.31 -25.00
C GLY F 264 -4.32 58.01 -26.23
N GLY F 265 -5.07 56.89 -26.20
CA GLY F 265 -6.01 56.64 -27.26
C GLY F 265 -7.17 57.61 -27.19
N GLY F 266 -8.07 57.54 -28.17
CA GLY F 266 -9.26 58.43 -28.25
C GLY F 266 -10.38 58.12 -27.29
N THR F 267 -10.04 57.99 -26.00
CA THR F 267 -11.03 57.77 -24.98
C THR F 267 -11.93 59.01 -24.86
N ASP F 268 -13.04 58.87 -24.17
CA ASP F 268 -14.08 59.88 -24.25
C ASP F 268 -13.63 61.22 -23.66
N ASN F 269 -12.72 61.15 -22.70
CA ASN F 269 -12.22 62.36 -22.04
C ASN F 269 -11.15 63.10 -22.83
N VAL F 270 -10.64 62.52 -23.93
CA VAL F 270 -9.64 63.18 -24.75
C VAL F 270 -10.02 63.35 -26.19
N LEU F 271 -11.31 63.19 -26.51
CA LEU F 271 -11.75 63.42 -27.85
C LEU F 271 -11.49 64.83 -28.34
N HIS F 272 -11.61 65.80 -27.45
CA HIS F 272 -11.30 67.20 -27.81
C HIS F 272 -9.85 67.42 -28.16
N ILE F 273 -8.94 66.73 -27.48
CA ILE F 273 -7.52 66.79 -27.80
C ILE F 273 -7.28 66.15 -29.18
N TRP F 274 -7.83 64.95 -29.39
CA TRP F 274 -7.67 64.27 -30.67
C TRP F 274 -8.20 65.06 -31.85
N LYS F 275 -9.35 65.70 -31.69
CA LYS F 275 -9.96 66.43 -32.79
C LYS F 275 -9.12 67.68 -33.12
N ALA F 276 -8.58 68.31 -32.09
CA ALA F 276 -7.72 69.48 -32.31
C ALA F 276 -6.37 69.12 -32.91
N ALA F 277 -5.77 68.03 -32.41
CA ALA F 277 -4.44 67.60 -32.84
C ALA F 277 -4.41 66.89 -34.19
N ALA F 278 -5.49 66.20 -34.57
CA ALA F 278 -5.46 65.36 -35.77
C ALA F 278 -6.62 65.70 -36.70
N PRO F 279 -6.57 66.89 -37.31
CA PRO F 279 -7.67 67.27 -38.19
C PRO F 279 -7.76 66.47 -39.49
N ASN F 280 -6.70 65.75 -39.84
CA ASN F 280 -6.75 64.95 -41.06
C ASN F 280 -7.35 63.53 -40.89
N ILE F 281 -7.48 63.10 -39.64
CA ILE F 281 -8.13 61.81 -39.33
C ILE F 281 -9.65 62.04 -39.44
N ASP F 282 -10.31 61.22 -40.26
CA ASP F 282 -11.75 61.45 -40.53
C ASP F 282 -12.67 61.19 -39.35
N LEU F 283 -12.41 60.13 -38.59
CA LEU F 283 -13.25 59.82 -37.44
C LEU F 283 -12.49 58.98 -36.43
N ILE F 284 -13.05 58.93 -35.23
CA ILE F 284 -12.54 58.17 -34.13
C ILE F 284 -13.62 57.14 -33.76
N ALA F 285 -13.25 55.86 -33.85
CA ALA F 285 -14.24 54.77 -33.83
C ALA F 285 -14.12 53.95 -32.56
N PRO F 286 -15.24 53.73 -31.84
CA PRO F 286 -15.19 52.87 -30.68
C PRO F 286 -15.12 51.37 -31.02
N ASP F 287 -14.32 50.64 -30.25
CA ASP F 287 -14.27 49.19 -30.25
C ASP F 287 -15.08 48.67 -29.06
N ILE F 288 -16.24 48.06 -29.32
CA ILE F 288 -17.21 47.81 -28.26
C ILE F 288 -17.26 46.36 -27.81
N TYR F 289 -16.82 46.10 -26.59
CA TYR F 289 -16.89 44.79 -26.01
C TYR F 289 -17.61 44.75 -24.67
N PHE F 290 -18.17 45.86 -24.21
CA PHE F 290 -19.08 45.86 -23.05
C PHE F 290 -20.38 45.21 -23.50
N ARG F 291 -20.91 44.29 -22.72
CA ARG F 291 -22.08 43.49 -23.17
C ARG F 291 -23.43 44.14 -22.85
N ASP F 292 -23.41 44.93 -21.75
CA ASP F 292 -24.61 45.45 -21.17
C ASP F 292 -25.11 46.74 -21.83
N TYR F 293 -26.41 46.77 -21.98
CA TYR F 293 -27.10 47.75 -22.76
C TYR F 293 -26.80 49.18 -22.36
N LYS F 294 -26.82 49.46 -21.06
CA LYS F 294 -26.59 50.83 -20.62
C LYS F 294 -25.23 51.35 -21.02
N THR F 295 -24.20 50.52 -20.88
CA THR F 295 -22.84 50.95 -21.17
C THR F 295 -22.62 51.09 -22.67
N VAL F 296 -23.12 50.11 -23.44
CA VAL F 296 -23.04 50.23 -24.89
C VAL F 296 -23.77 51.48 -25.39
N SER F 297 -24.98 51.71 -24.88
CA SER F 297 -25.74 52.90 -25.28
C SER F 297 -24.96 54.18 -25.00
N LYS F 298 -24.31 54.22 -23.86
CA LYS F 298 -23.52 55.39 -23.46
C LYS F 298 -22.33 55.63 -24.41
N VAL F 299 -21.64 54.56 -24.79
CA VAL F 299 -20.54 54.66 -25.74
C VAL F 299 -21.04 55.20 -27.07
N LEU F 300 -22.17 54.70 -27.55
CA LEU F 300 -22.71 55.16 -28.81
C LEU F 300 -23.01 56.65 -28.75
N GLU F 301 -23.54 57.07 -27.61
CA GLU F 301 -23.86 58.48 -27.39
C GLU F 301 -22.59 59.32 -27.39
N LEU F 302 -21.55 58.88 -26.69
CA LEU F 302 -20.29 59.64 -26.61
C LEU F 302 -19.54 59.79 -27.93
N TYR F 303 -19.60 58.77 -28.77
CA TYR F 303 -18.84 58.79 -30.02
C TYR F 303 -19.63 59.32 -31.21
N THR F 304 -20.93 59.53 -31.06
CA THR F 304 -21.72 60.16 -32.10
C THR F 304 -21.75 61.66 -31.79
N ARG F 305 -21.09 62.45 -32.63
CA ARG F 305 -20.95 63.89 -32.40
C ARG F 305 -21.07 64.63 -33.68
N PRO F 306 -21.40 65.95 -33.61
CA PRO F 306 -21.39 66.69 -34.85
C PRO F 306 -20.06 66.60 -35.58
N ASP F 307 -18.97 66.54 -34.82
CA ASP F 307 -17.64 66.45 -35.43
C ASP F 307 -17.11 65.00 -35.55
N ASN F 308 -17.97 63.99 -35.34
CA ASN F 308 -17.50 62.59 -35.37
C ASN F 308 -18.58 61.62 -35.82
N ALA F 309 -18.39 61.13 -37.04
CA ALA F 309 -19.25 60.07 -37.60
C ALA F 309 -19.11 58.84 -36.71
N LEU F 310 -20.22 58.16 -36.47
CA LEU F 310 -20.22 56.90 -35.70
C LEU F 310 -19.91 55.70 -36.58
N PHE F 311 -18.80 55.03 -36.28
CA PHE F 311 -18.43 53.78 -36.96
C PHE F 311 -18.05 52.80 -35.85
N VAL F 312 -18.84 51.74 -35.71
CA VAL F 312 -18.53 50.70 -34.73
C VAL F 312 -17.54 49.75 -35.38
N ALA F 313 -16.28 50.10 -35.23
CA ALA F 313 -15.20 49.48 -36.00
C ALA F 313 -14.97 48.08 -35.55
N GLU F 314 -15.27 47.79 -34.29
CA GLU F 314 -15.24 46.43 -33.76
C GLU F 314 -16.33 46.29 -32.77
N ILE F 315 -16.95 45.11 -32.73
CA ILE F 315 -17.88 44.78 -31.66
C ILE F 315 -17.76 43.31 -31.38
N GLY F 316 -18.05 42.88 -30.16
CA GLY F 316 -17.96 41.44 -29.85
C GLY F 316 -18.89 40.60 -30.71
N ASN F 317 -18.53 39.34 -30.91
CA ASN F 317 -19.30 38.46 -31.81
C ASN F 317 -20.20 37.50 -31.11
N ASP F 318 -20.38 37.64 -29.81
CA ASP F 318 -21.37 36.85 -29.10
C ASP F 318 -22.78 37.38 -29.39
N GLN F 319 -23.76 36.53 -29.19
CA GLN F 319 -25.14 36.82 -29.52
C GLN F 319 -25.69 38.17 -29.05
N PRO F 320 -25.39 38.59 -27.80
CA PRO F 320 -26.01 39.85 -27.32
C PRO F 320 -25.62 41.08 -28.09
N PHE F 321 -24.52 41.03 -28.81
CA PHE F 321 -24.04 42.22 -29.52
C PHE F 321 -24.80 42.53 -30.81
N ALA F 322 -25.46 41.53 -31.39
CA ALA F 322 -26.07 41.71 -32.71
C ALA F 322 -27.10 42.82 -32.75
N ARG F 323 -27.88 42.94 -31.69
CA ARG F 323 -28.96 43.93 -31.64
C ARG F 323 -28.46 45.37 -31.60
N TYR F 324 -27.18 45.60 -31.28
CA TYR F 324 -26.65 46.97 -31.26
C TYR F 324 -26.50 47.56 -32.65
N LEU F 325 -26.70 46.74 -33.67
CA LEU F 325 -26.78 47.28 -35.04
C LEU F 325 -27.87 48.31 -35.13
N PHE F 326 -29.01 48.05 -34.51
CA PHE F 326 -30.14 48.96 -34.64
C PHE F 326 -29.87 50.37 -34.09
N PRO F 327 -29.44 50.50 -32.83
CA PRO F 327 -29.12 51.87 -32.37
C PRO F 327 -27.90 52.53 -33.05
N THR F 328 -26.93 51.72 -33.46
CA THR F 328 -25.83 52.21 -34.26
C THR F 328 -26.38 52.92 -35.53
N LEU F 329 -27.23 52.24 -36.30
CA LEU F 329 -27.80 52.83 -37.50
C LEU F 329 -28.72 53.98 -37.16
N GLY F 330 -29.48 53.85 -36.06
CA GLY F 330 -30.39 54.88 -35.64
C GLY F 330 -29.72 56.18 -35.28
N LYS F 331 -28.48 56.13 -34.82
CA LYS F 331 -27.70 57.36 -34.59
C LYS F 331 -27.10 57.97 -35.84
N GLY F 332 -27.38 57.40 -37.00
CA GLY F 332 -26.74 57.82 -38.24
C GLY F 332 -25.38 57.20 -38.46
N GLY F 333 -25.11 56.11 -37.76
CA GLY F 333 -23.83 55.41 -37.95
C GLY F 333 -23.58 55.00 -39.39
N ILE F 334 -22.31 54.97 -39.75
CA ILE F 334 -21.90 54.60 -41.12
C ILE F 334 -21.55 53.13 -41.23
N GLY F 335 -21.47 52.43 -40.12
CA GLY F 335 -21.12 51.03 -40.17
C GLY F 335 -20.99 50.33 -38.84
N PHE F 336 -20.79 49.02 -38.92
CA PHE F 336 -20.83 48.11 -37.78
C PHE F 336 -20.07 46.88 -38.18
N SER F 337 -19.14 46.44 -37.35
CA SER F 337 -18.23 45.38 -37.76
C SER F 337 -17.87 44.40 -36.62
N PRO F 338 -18.61 43.30 -36.50
CA PRO F 338 -18.27 42.28 -35.51
C PRO F 338 -16.90 41.65 -35.70
N PHE F 339 -16.22 41.43 -34.58
CA PHE F 339 -14.85 40.96 -34.58
C PHE F 339 -14.74 39.45 -34.47
N GLY F 340 -13.85 38.89 -35.27
CA GLY F 340 -13.47 37.48 -35.17
C GLY F 340 -14.34 36.56 -36.00
N MET F 341 -14.82 37.08 -37.13
CA MET F 341 -15.74 36.33 -38.01
C MET F 341 -14.99 35.50 -39.03
N ASP F 342 -14.24 34.53 -38.53
CA ASP F 342 -13.61 33.58 -39.41
C ASP F 342 -13.43 32.26 -38.69
N ASP F 343 -13.13 31.23 -39.48
CA ASP F 343 -12.99 29.88 -38.96
C ASP F 343 -11.53 29.47 -38.83
N THR F 344 -10.68 30.36 -38.34
CA THR F 344 -9.27 30.06 -38.15
C THR F 344 -8.95 29.50 -36.76
N ASP F 345 -9.91 28.88 -36.10
CA ASP F 345 -9.69 28.16 -34.87
C ASP F 345 -9.31 29.09 -33.72
N TYR F 346 -10.12 30.13 -33.52
CA TYR F 346 -9.87 31.04 -32.43
C TYR F 346 -11.18 31.66 -32.00
N THR F 347 -11.31 31.86 -30.70
CA THR F 347 -12.37 32.65 -30.11
C THR F 347 -11.77 33.55 -29.02
N ASN F 348 -12.21 34.79 -28.98
CA ASN F 348 -11.77 35.72 -27.92
C ASN F 348 -12.70 35.74 -26.73
N TYR F 349 -13.57 34.73 -26.60
CA TYR F 349 -14.26 34.45 -25.36
C TYR F 349 -13.25 34.58 -24.20
N PRO F 350 -13.61 35.31 -23.14
CA PRO F 350 -14.92 35.83 -22.78
C PRO F 350 -15.43 37.11 -23.45
N LEU F 351 -14.64 37.76 -24.30
CA LEU F 351 -15.15 38.94 -25.00
C LEU F 351 -16.23 38.59 -26.02
N GLY F 352 -15.97 37.56 -26.82
CA GLY F 352 -16.88 37.10 -27.86
C GLY F 352 -17.52 35.76 -27.57
N ALA F 353 -17.99 35.11 -28.64
CA ALA F 353 -18.74 33.87 -28.53
C ALA F 353 -17.84 32.72 -28.00
N LYS F 354 -18.36 31.89 -27.12
CA LYS F 354 -17.62 30.72 -26.61
C LYS F 354 -17.26 29.76 -27.74
N VAL F 355 -18.15 29.59 -28.71
CA VAL F 355 -17.86 28.76 -29.84
CA VAL F 355 -17.93 28.71 -29.83
C VAL F 355 -18.22 29.45 -31.12
N TYR F 356 -17.36 29.28 -32.12
CA TYR F 356 -17.60 29.82 -33.44
C TYR F 356 -18.21 28.78 -34.35
N ASN F 357 -19.46 28.97 -34.69
CA ASN F 357 -20.15 28.05 -35.56
C ASN F 357 -21.25 28.79 -36.34
N ASP F 358 -22.02 28.07 -37.12
CA ASP F 358 -23.03 28.69 -37.98
C ASP F 358 -24.01 29.50 -37.17
N GLU F 359 -24.34 29.03 -35.97
CA GLU F 359 -25.27 29.73 -35.10
C GLU F 359 -24.70 31.10 -34.68
N THR F 360 -23.41 31.15 -34.32
CA THR F 360 -22.77 32.43 -34.03
C THR F 360 -22.90 33.43 -35.19
N ILE F 361 -22.67 32.97 -36.42
CA ILE F 361 -22.78 33.83 -37.59
C ILE F 361 -24.22 34.23 -37.83
N GLU F 362 -25.14 33.28 -37.67
CA GLU F 362 -26.54 33.54 -37.97
C GLU F 362 -27.16 34.67 -37.14
N GLN F 363 -26.65 34.92 -35.93
CA GLN F 363 -27.23 36.00 -35.10
C GLN F 363 -27.04 37.32 -35.81
N PHE F 364 -25.89 37.50 -36.45
CA PHE F 364 -25.64 38.70 -37.24
C PHE F 364 -26.31 38.65 -38.60
N ALA F 365 -26.32 37.49 -39.25
CA ALA F 365 -26.96 37.37 -40.57
C ALA F 365 -28.39 37.82 -40.52
N GLN F 366 -29.08 37.45 -39.43
CA GLN F 366 -30.50 37.77 -39.30
C GLN F 366 -30.80 39.25 -39.21
N VAL F 367 -29.90 40.02 -38.58
CA VAL F 367 -30.07 41.46 -38.55
C VAL F 367 -29.57 42.15 -39.84
N TYR F 368 -28.49 41.67 -40.41
CA TYR F 368 -28.02 42.21 -41.69
C TYR F 368 -29.09 42.07 -42.78
N ARG F 369 -29.86 40.99 -42.74
CA ARG F 369 -30.95 40.73 -43.73
C ARG F 369 -32.04 41.78 -43.72
N LEU F 370 -32.14 42.53 -42.64
CA LEU F 370 -33.07 43.65 -42.57
C LEU F 370 -32.59 44.87 -43.32
N VAL F 371 -31.29 45.06 -43.39
CA VAL F 371 -30.69 46.27 -43.91
C VAL F 371 -30.21 46.13 -45.36
N ASN F 372 -29.60 45.00 -45.69
CA ASN F 372 -29.12 44.74 -47.01
C ASN F 372 -30.09 45.09 -48.14
N PRO F 373 -31.38 44.71 -48.03
CA PRO F 373 -32.32 45.02 -49.12
C PRO F 373 -32.59 46.49 -49.34
N MET F 374 -32.30 47.31 -48.36
CA MET F 374 -32.50 48.75 -48.45
C MET F 374 -31.22 49.51 -48.18
N MET F 375 -30.05 48.91 -48.37
CA MET F 375 -28.82 49.55 -47.81
C MET F 375 -28.57 50.97 -48.34
N ARG F 376 -28.65 51.15 -49.65
CA ARG F 376 -28.40 52.48 -50.22
C ARG F 376 -29.49 53.49 -49.82
N GLU F 377 -30.74 53.05 -49.77
CA GLU F 377 -31.85 53.94 -49.46
C GLU F 377 -31.77 54.38 -48.02
N TRP F 378 -31.48 53.41 -47.12
CA TRP F 378 -31.28 53.73 -45.72
C TRP F 378 -30.10 54.67 -45.55
N ALA F 379 -29.03 54.41 -46.28
CA ALA F 379 -27.81 55.23 -46.11
C ALA F 379 -28.10 56.68 -46.46
N ARG F 380 -28.86 56.89 -47.54
CA ARG F 380 -29.26 58.26 -47.92
C ARG F 380 -30.15 58.92 -46.88
N LEU F 381 -31.14 58.20 -46.37
CA LEU F 381 -32.01 58.76 -45.32
C LEU F 381 -31.30 59.10 -44.04
N SER F 382 -30.32 58.26 -43.72
CA SER F 382 -29.52 58.42 -42.53
CA SER F 382 -29.51 58.42 -42.51
C SER F 382 -28.54 59.60 -42.61
N TYR F 383 -28.34 60.13 -43.80
CA TYR F 383 -27.49 61.32 -43.96
C TYR F 383 -28.38 62.55 -44.11
N GLN F 384 -29.33 62.47 -45.03
CA GLN F 384 -30.12 63.61 -45.50
C GLN F 384 -31.40 63.80 -44.73
N GLY F 385 -31.85 62.77 -44.00
CA GLY F 385 -33.17 62.79 -43.38
C GLY F 385 -33.17 62.45 -41.89
N GLN F 386 -34.26 61.87 -41.42
CA GLN F 386 -34.41 61.57 -40.03
C GLN F 386 -34.58 60.06 -39.88
N VAL F 387 -33.72 59.50 -39.06
CA VAL F 387 -33.75 58.07 -38.75
C VAL F 387 -33.71 57.86 -37.27
N TRP F 388 -34.18 56.69 -36.84
CA TRP F 388 -34.20 56.27 -35.47
C TRP F 388 -33.89 54.79 -35.44
N GLY F 389 -33.33 54.35 -34.34
CA GLY F 389 -33.02 52.95 -34.16
C GLY F 389 -32.92 52.63 -32.68
N VAL F 390 -33.49 51.51 -32.27
CA VAL F 390 -33.45 51.06 -30.89
C VAL F 390 -33.18 49.57 -30.78
N ALA F 391 -32.63 49.19 -29.63
CA ALA F 391 -32.43 47.78 -29.25
C ALA F 391 -33.11 47.46 -27.91
N GLU F 392 -33.38 46.17 -27.74
CA GLU F 392 -34.04 45.65 -26.54
C GLU F 392 -33.21 46.03 -25.35
N PRO F 393 -33.80 46.81 -24.41
CA PRO F 393 -33.00 47.46 -23.40
C PRO F 393 -32.73 46.69 -22.12
N LEU F 394 -33.28 45.49 -21.95
CA LEU F 394 -32.91 44.67 -20.83
C LEU F 394 -32.05 43.58 -21.36
N ASP F 395 -30.92 43.35 -20.70
CA ASP F 395 -30.06 42.24 -21.03
C ASP F 395 -30.74 40.95 -20.60
N SER F 396 -30.25 39.83 -21.10
CA SER F 396 -30.89 38.54 -20.80
C SER F 396 -30.81 38.31 -19.29
N THR F 397 -31.87 37.71 -18.76
CA THR F 397 -32.00 37.48 -17.32
C THR F 397 -30.88 36.58 -16.79
N THR F 398 -30.26 36.99 -15.67
CA THR F 398 -29.16 36.23 -15.07
C THR F 398 -29.70 35.03 -14.28
N GLU F 399 -28.81 34.08 -13.94
CA GLU F 399 -29.15 32.97 -13.00
C GLU F 399 -29.49 33.54 -11.63
N THR F 400 -28.68 34.49 -11.13
CA THR F 400 -28.97 35.23 -9.87
C THR F 400 -30.38 35.86 -9.86
N GLN F 401 -30.78 36.47 -10.99
CA GLN F 401 -32.12 37.06 -11.11
C GLN F 401 -33.21 35.99 -11.27
N LYS F 402 -32.89 34.88 -11.94
CA LYS F 402 -33.82 33.75 -12.07
C LYS F 402 -34.10 33.08 -10.70
N ILE F 403 -33.12 33.13 -9.78
CA ILE F 403 -33.30 32.65 -8.40
C ILE F 403 -34.13 33.65 -7.57
N TRP F 404 -33.72 34.92 -7.59
CA TRP F 404 -34.48 36.00 -6.94
C TRP F 404 -35.95 36.07 -7.39
N ASN F 405 -36.20 35.80 -8.68
CA ASN F 405 -37.56 35.72 -9.23
C ASN F 405 -38.34 34.53 -8.65
N ALA F 406 -37.68 33.36 -8.58
CA ALA F 406 -38.30 32.15 -8.04
C ALA F 406 -38.71 32.20 -6.55
N GLU F 407 -38.06 33.05 -5.75
CA GLU F 407 -38.33 33.16 -4.31
C GLU F 407 -38.83 34.57 -4.01
N ALA F 408 -40.06 34.89 -4.41
CA ALA F 408 -40.47 36.31 -4.52
C ALA F 408 -41.64 36.85 -3.68
N THR F 409 -42.72 36.09 -3.59
CA THR F 409 -43.97 36.58 -3.04
C THR F 409 -44.74 36.88 -4.28
N PRO F 410 -45.71 35.99 -4.59
CA PRO F 410 -46.76 36.31 -5.52
C PRO F 410 -47.26 37.68 -5.09
N GLU F 411 -46.98 38.74 -5.86
CA GLU F 411 -47.14 40.16 -5.33
C GLU F 411 -45.87 40.95 -5.74
N GLU F 412 -44.72 40.48 -5.27
CA GLU F 412 -43.43 40.94 -5.76
C GLU F 412 -43.21 40.49 -7.21
N LYS F 413 -43.67 39.28 -7.56
CA LYS F 413 -43.64 38.78 -8.94
C LYS F 413 -44.46 39.67 -9.89
N GLU F 414 -45.72 39.93 -9.54
CA GLU F 414 -46.59 40.82 -10.32
C GLU F 414 -45.96 42.19 -10.50
N GLN F 415 -45.30 42.70 -9.46
CA GLN F 415 -44.69 44.02 -9.53
C GLN F 415 -43.44 44.03 -10.41
N HIS F 416 -42.65 42.98 -10.28
CA HIS F 416 -41.45 42.83 -11.10
C HIS F 416 -41.82 42.73 -12.58
N LYS F 417 -42.87 41.97 -12.89
CA LYS F 417 -43.37 41.87 -14.27
C LYS F 417 -43.80 43.20 -14.81
N LYS F 418 -44.49 44.00 -14.00
CA LYS F 418 -44.87 45.36 -14.43
C LYS F 418 -43.66 46.24 -14.68
N ASP F 419 -42.62 46.09 -13.88
CA ASP F 419 -41.42 46.90 -14.01
C ASP F 419 -40.67 46.52 -15.29
N ARG F 420 -40.55 45.22 -15.53
CA ARG F 420 -39.93 44.72 -16.74
C ARG F 420 -40.69 45.21 -17.95
N ALA F 421 -42.02 45.13 -17.91
CA ALA F 421 -42.85 45.54 -19.06
C ALA F 421 -42.61 46.99 -19.39
N SER F 422 -42.57 47.83 -18.36
CA SER F 422 -42.28 49.23 -18.54
C SER F 422 -40.85 49.50 -19.06
N ALA F 423 -39.85 48.77 -18.56
CA ALA F 423 -38.48 48.93 -19.05
C ALA F 423 -38.34 48.45 -20.52
N LEU F 424 -39.16 47.47 -20.90
CA LEU F 424 -39.18 46.93 -22.25
C LEU F 424 -40.10 47.68 -23.23
N THR F 425 -40.44 48.92 -22.90
CA THR F 425 -41.30 49.75 -23.74
C THR F 425 -40.49 51.02 -24.03
N GLN F 426 -40.24 51.32 -25.30
CA GLN F 426 -39.48 52.53 -25.66
C GLN F 426 -40.35 53.46 -26.48
N GLN F 427 -40.25 54.77 -26.22
CA GLN F 427 -41.05 55.75 -26.95
C GLN F 427 -40.11 56.56 -27.83
N LEU F 428 -40.52 56.79 -29.06
CA LEU F 428 -39.77 57.61 -30.02
C LEU F 428 -40.67 58.71 -30.57
N ASP F 429 -40.13 59.93 -30.59
CA ASP F 429 -40.86 61.12 -31.10
C ASP F 429 -40.54 61.33 -32.57
N LEU F 430 -41.50 61.03 -33.43
CA LEU F 430 -41.28 61.05 -34.87
C LEU F 430 -41.93 62.27 -35.53
N GLY F 431 -42.16 63.32 -34.73
CA GLY F 431 -42.72 64.57 -35.25
C GLY F 431 -44.18 64.66 -34.91
N LEU F 432 -45.03 64.49 -35.92
CA LEU F 432 -46.49 64.44 -35.69
C LEU F 432 -46.96 63.13 -35.04
N TRP F 433 -46.12 62.10 -35.15
CA TRP F 433 -46.45 60.76 -34.70
C TRP F 433 -45.35 60.27 -33.79
N ASP F 434 -45.73 59.41 -32.86
CA ASP F 434 -44.78 58.72 -32.01
C ASP F 434 -44.89 57.24 -32.29
N ALA F 435 -43.78 56.54 -32.06
CA ALA F 435 -43.80 55.09 -32.05
C ALA F 435 -43.51 54.56 -30.65
N GLU F 436 -44.11 53.43 -30.34
CA GLU F 436 -43.80 52.72 -29.13
C GLU F 436 -43.30 51.32 -29.52
N VAL F 437 -42.11 50.99 -29.10
CA VAL F 437 -41.50 49.71 -29.41
C VAL F 437 -41.51 48.86 -28.14
N THR F 438 -42.00 47.63 -28.26
CA THR F 438 -42.00 46.70 -27.15
C THR F 438 -41.47 45.33 -27.56
N TYR F 439 -40.97 44.58 -26.59
CA TYR F 439 -40.21 43.38 -26.88
C TYR F 439 -40.67 42.12 -26.15
N GLY F 440 -40.88 41.03 -26.92
CA GLY F 440 -41.18 39.73 -26.33
C GLY F 440 -42.64 39.59 -25.94
N ARG F 441 -43.50 39.55 -26.95
CA ARG F 441 -44.93 39.41 -26.72
C ARG F 441 -45.54 38.74 -27.95
N PRO F 442 -46.73 38.19 -27.81
CA PRO F 442 -47.36 37.60 -28.99
C PRO F 442 -47.61 38.61 -30.11
N MET F 443 -48.00 38.10 -31.27
CA MET F 443 -48.29 38.93 -32.43
C MET F 443 -49.73 39.40 -32.44
N PHE F 444 -50.47 38.97 -31.41
CA PHE F 444 -51.89 39.18 -31.33
C PHE F 444 -52.25 39.58 -29.90
N TRP F 445 -53.21 40.48 -29.77
CA TRP F 445 -53.72 40.95 -28.47
C TRP F 445 -52.66 41.78 -27.73
N VAL F 446 -52.84 42.02 -26.44
CA VAL F 446 -52.13 43.10 -25.78
C VAL F 446 -51.44 42.63 -24.51
N THR F 447 -51.15 41.34 -24.34
CA THR F 447 -50.48 40.93 -23.11
CA THR F 447 -50.48 40.94 -23.12
C THR F 447 -49.13 41.66 -23.06
N PRO F 448 -48.75 42.12 -21.88
CA PRO F 448 -47.56 42.96 -21.82
C PRO F 448 -46.26 42.28 -22.21
N PRO F 449 -45.27 43.07 -22.65
CA PRO F 449 -43.98 42.53 -23.02
C PRO F 449 -43.22 41.90 -21.86
N GLU F 450 -42.59 40.77 -22.13
CA GLU F 450 -41.76 40.07 -21.15
C GLU F 450 -40.32 39.90 -21.62
N GLY F 451 -39.97 40.41 -22.81
CA GLY F 451 -38.60 40.32 -23.30
C GLY F 451 -38.37 39.03 -24.05
N ASN F 452 -37.43 39.06 -24.99
CA ASN F 452 -37.00 37.87 -25.71
C ASN F 452 -35.98 37.15 -24.85
N THR F 453 -35.87 35.85 -25.07
CA THR F 453 -34.88 35.03 -24.41
CA THR F 453 -34.89 35.04 -24.38
C THR F 453 -34.02 34.31 -25.44
N PRO F 454 -32.77 34.74 -25.61
CA PRO F 454 -32.10 35.86 -24.99
C PRO F 454 -32.56 37.20 -25.56
N ALA F 455 -32.12 38.28 -24.92
CA ALA F 455 -32.40 39.61 -25.43
C ALA F 455 -31.83 39.74 -26.81
N ALA F 456 -32.63 40.26 -27.75
CA ALA F 456 -32.26 40.25 -29.19
C ALA F 456 -32.96 41.24 -30.10
N GLY F 457 -34.02 41.89 -29.63
CA GLY F 457 -34.86 42.65 -30.51
C GLY F 457 -34.35 44.05 -30.80
N GLY F 458 -34.97 44.64 -31.80
CA GLY F 458 -34.73 46.04 -32.14
C GLY F 458 -35.57 46.52 -33.29
N ALA F 459 -35.38 47.77 -33.68
CA ALA F 459 -36.19 48.42 -34.70
C ALA F 459 -35.46 49.57 -35.34
N LEU F 460 -35.72 49.74 -36.63
CA LEU F 460 -35.28 50.89 -37.40
C LEU F 460 -36.50 51.61 -37.96
N ILE F 461 -36.44 52.95 -37.92
CA ILE F 461 -37.48 53.79 -38.52
C ILE F 461 -36.81 54.95 -39.27
N ALA F 462 -37.28 55.23 -40.48
CA ALA F 462 -36.85 56.41 -41.23
C ALA F 462 -38.08 57.22 -41.60
N GLN F 463 -37.98 58.55 -41.53
CA GLN F 463 -39.12 59.38 -41.92
C GLN F 463 -39.09 59.68 -43.42
N LEU F 464 -40.19 59.38 -44.10
CA LEU F 464 -40.26 59.65 -45.54
C LEU F 464 -41.00 60.95 -45.80
N ASP F 465 -41.96 61.28 -44.94
CA ASP F 465 -42.76 62.50 -45.08
C ASP F 465 -43.42 62.74 -43.74
N ASP F 466 -44.22 63.80 -43.60
CA ASP F 466 -44.79 64.19 -42.34
C ASP F 466 -45.57 63.07 -41.67
N ASN F 467 -46.25 62.26 -42.48
CA ASN F 467 -47.10 61.21 -41.95
C ASN F 467 -46.68 59.82 -42.44
N GLU F 468 -45.47 59.67 -42.98
CA GLU F 468 -45.04 58.43 -43.61
CA GLU F 468 -45.07 58.41 -43.60
C GLU F 468 -43.66 57.99 -43.17
N TYR F 469 -43.55 56.73 -42.82
CA TYR F 469 -42.31 56.17 -42.28
C TYR F 469 -41.95 54.86 -42.93
N LEU F 470 -40.66 54.61 -43.01
CA LEU F 470 -40.11 53.33 -43.38
C LEU F 470 -39.73 52.59 -42.09
N VAL F 471 -40.16 51.34 -41.96
CA VAL F 471 -40.02 50.60 -40.71
C VAL F 471 -39.57 49.18 -40.97
N THR F 472 -38.54 48.74 -40.24
CA THR F 472 -38.28 47.32 -40.17
C THR F 472 -37.82 47.00 -38.76
N ALA F 473 -38.18 45.83 -38.25
CA ALA F 473 -37.84 45.50 -36.88
C ALA F 473 -37.65 44.02 -36.71
N TYR F 474 -37.28 43.61 -35.52
CA TYR F 474 -36.83 42.26 -35.27
C TYR F 474 -37.20 41.87 -33.85
N LYS F 475 -37.97 40.78 -33.73
CA LYS F 475 -38.45 40.27 -32.42
C LYS F 475 -38.97 41.40 -31.56
N ALA F 476 -39.94 42.14 -32.12
CA ALA F 476 -40.43 43.34 -31.48
C ALA F 476 -41.77 43.72 -32.09
N ARG F 477 -42.49 44.56 -31.34
CA ARG F 477 -43.73 45.21 -31.82
C ARG F 477 -43.50 46.71 -31.89
N VAL F 478 -43.96 47.32 -32.97
CA VAL F 478 -43.87 48.75 -33.17
C VAL F 478 -45.30 49.26 -33.33
N GLU F 479 -45.68 50.22 -32.49
CA GLU F 479 -47.01 50.85 -32.57
CA GLU F 479 -47.01 50.85 -32.57
C GLU F 479 -46.89 52.34 -32.82
N PHE F 480 -47.78 52.88 -33.63
CA PHE F 480 -47.80 54.31 -33.91
C PHE F 480 -48.99 55.01 -33.23
N LYS F 481 -48.79 56.24 -32.81
CA LYS F 481 -49.85 57.05 -32.23
C LYS F 481 -49.54 58.52 -32.47
N PRO F 482 -50.55 59.39 -32.31
CA PRO F 482 -50.27 60.83 -32.43
C PRO F 482 -49.26 61.32 -31.40
N SER F 483 -48.34 62.21 -31.82
CA SER F 483 -47.34 62.77 -30.92
C SER F 483 -47.95 63.83 -29.98
N GLN F 484 -49.05 64.44 -30.40
CA GLN F 484 -49.71 65.41 -29.56
CA GLN F 484 -49.75 65.42 -29.59
C GLN F 484 -51.24 65.26 -29.65
N GLU F 485 -51.93 65.86 -28.67
CA GLU F 485 -53.38 65.78 -28.58
C GLU F 485 -54.02 66.21 -29.89
N LEU F 486 -55.00 65.43 -30.36
CA LEU F 486 -55.71 65.76 -31.59
C LEU F 486 -56.94 66.57 -31.18
N ALA F 487 -57.20 67.66 -31.85
CA ALA F 487 -58.24 68.59 -31.39
C ALA F 487 -59.59 68.07 -31.87
N GLY F 488 -60.13 67.09 -31.14
CA GLY F 488 -61.37 66.41 -31.55
C GLY F 488 -61.33 65.49 -32.78
N LYS F 489 -60.14 65.19 -33.28
CA LYS F 489 -60.02 64.31 -34.44
C LYS F 489 -59.72 62.90 -33.92
N LYS F 490 -59.83 61.92 -34.79
CA LYS F 490 -59.38 60.58 -34.49
C LYS F 490 -58.16 60.26 -35.34
N PHE F 491 -57.55 59.09 -35.12
CA PHE F 491 -56.47 58.69 -35.99
C PHE F 491 -56.55 57.22 -36.31
N MET F 492 -55.91 56.86 -37.40
CA MET F 492 -55.69 55.46 -37.71
C MET F 492 -54.44 55.33 -38.60
N ILE F 493 -54.00 54.09 -38.75
CA ILE F 493 -53.12 53.71 -39.85
C ILE F 493 -53.88 53.91 -41.15
N GLU F 494 -53.34 54.70 -42.07
CA GLU F 494 -53.97 54.83 -43.38
C GLU F 494 -53.62 53.63 -44.25
N ARG F 495 -52.33 53.27 -44.28
CA ARG F 495 -51.89 52.12 -45.07
C ARG F 495 -50.52 51.64 -44.62
N VAL F 496 -50.36 50.33 -44.53
CA VAL F 496 -49.03 49.70 -44.35
C VAL F 496 -48.77 48.82 -45.57
N GLU F 497 -47.67 49.08 -46.27
CA GLU F 497 -47.27 48.25 -47.39
C GLU F 497 -45.98 47.54 -47.02
N GLU F 498 -45.92 46.25 -47.28
CA GLU F 498 -44.65 45.54 -47.27
C GLU F 498 -44.08 45.56 -48.69
N GLY F 499 -42.78 45.80 -48.83
CA GLY F 499 -42.18 45.78 -50.17
C GLY F 499 -40.67 45.86 -50.16
N ARG F 500 -40.14 46.32 -51.29
CA ARG F 500 -38.71 46.39 -51.50
C ARG F 500 -38.39 47.49 -52.48
N PHE F 501 -37.11 47.84 -52.54
CA PHE F 501 -36.62 48.81 -53.50
C PHE F 501 -35.99 48.07 -54.67
N GLU F 502 -36.40 48.44 -55.88
CA GLU F 502 -35.78 47.92 -57.10
C GLU F 502 -35.36 49.11 -57.95
N LYS F 503 -34.07 49.22 -58.22
CA LYS F 503 -33.53 50.39 -58.94
C LYS F 503 -33.94 51.68 -58.23
N GLY F 504 -33.88 51.69 -56.89
CA GLY F 504 -34.31 52.84 -56.09
C GLY F 504 -35.81 53.14 -56.05
N LYS F 505 -36.62 52.35 -56.76
CA LYS F 505 -38.08 52.52 -56.76
C LYS F 505 -38.75 51.52 -55.81
N TRP F 506 -39.70 52.00 -55.02
CA TRP F 506 -40.49 51.14 -54.13
C TRP F 506 -41.42 50.23 -54.92
N VAL F 507 -41.35 48.92 -54.66
CA VAL F 507 -42.25 47.95 -55.24
C VAL F 507 -43.07 47.34 -54.11
N MET F 508 -44.39 47.48 -54.15
CA MET F 508 -45.23 46.91 -53.14
CA MET F 508 -45.23 46.91 -53.14
C MET F 508 -45.41 45.42 -53.37
N GLU F 509 -45.25 44.63 -52.31
CA GLU F 509 -45.54 43.18 -52.36
C GLU F 509 -46.95 42.87 -51.79
N ARG F 510 -47.30 43.47 -50.64
CA ARG F 510 -48.60 43.28 -50.06
C ARG F 510 -48.93 44.40 -49.10
N VAL F 511 -50.22 44.53 -48.78
CA VAL F 511 -50.69 45.43 -47.73
C VAL F 511 -50.87 44.65 -46.45
N TRP F 512 -50.24 45.12 -45.37
CA TRP F 512 -50.54 44.60 -44.02
C TRP F 512 -51.81 45.26 -43.57
N ASN F 513 -52.77 44.45 -43.11
CA ASN F 513 -53.99 45.01 -42.57
C ASN F 513 -54.60 44.00 -41.62
N GLY F 514 -55.77 44.32 -41.07
CA GLY F 514 -56.46 43.36 -40.21
C GLY F 514 -55.59 42.98 -39.03
N ASP F 515 -55.49 41.68 -38.75
CA ASP F 515 -54.71 41.16 -37.63
C ASP F 515 -53.30 41.73 -37.64
N GLN F 516 -52.75 41.92 -38.84
CA GLN F 516 -51.35 42.35 -38.96
C GLN F 516 -51.11 43.81 -38.55
N THR F 517 -52.16 44.61 -38.49
CA THR F 517 -52.01 45.98 -38.01
C THR F 517 -52.92 46.33 -36.81
N ASP F 518 -53.74 45.39 -36.33
CA ASP F 518 -54.61 45.65 -35.19
C ASP F 518 -53.84 45.78 -33.88
N TRP F 519 -52.72 45.05 -33.75
CA TRP F 519 -52.00 44.95 -32.49
C TRP F 519 -50.56 45.43 -32.69
N GLY F 520 -50.44 46.60 -33.30
CA GLY F 520 -49.16 47.10 -33.73
C GLY F 520 -48.60 46.33 -34.92
N LEU F 521 -47.33 46.57 -35.21
CA LEU F 521 -46.63 45.90 -36.28
C LEU F 521 -45.64 44.92 -35.65
N ASN F 522 -45.93 43.62 -35.79
CA ASN F 522 -45.21 42.57 -35.09
C ASN F 522 -44.22 41.84 -35.98
N PHE F 523 -42.96 41.81 -35.53
CA PHE F 523 -41.86 41.25 -36.29
C PHE F 523 -41.24 40.10 -35.51
N THR F 524 -40.86 39.07 -36.23
CA THR F 524 -40.22 37.91 -35.65
C THR F 524 -38.77 37.97 -36.06
N ASP F 525 -38.18 36.85 -36.44
CA ASP F 525 -36.82 36.86 -36.92
C ASP F 525 -36.70 37.07 -38.43
N ARG F 526 -37.82 37.04 -39.13
CA ARG F 526 -37.82 37.19 -40.58
C ARG F 526 -37.87 38.66 -41.00
N PRO F 527 -37.24 38.99 -42.14
CA PRO F 527 -37.19 40.32 -42.64
C PRO F 527 -38.49 40.79 -43.32
N HIS F 528 -38.97 41.95 -42.93
CA HIS F 528 -40.05 42.65 -43.65
C HIS F 528 -39.75 44.14 -43.60
N LEU F 529 -39.83 44.79 -44.76
CA LEU F 529 -39.66 46.23 -44.86
C LEU F 529 -40.99 46.86 -45.16
N LEU F 530 -41.40 47.80 -44.30
CA LEU F 530 -42.73 48.38 -44.41
C LEU F 530 -42.66 49.87 -44.67
N ARG F 531 -43.62 50.35 -45.44
CA ARG F 531 -43.93 51.78 -45.47
C ARG F 531 -45.24 51.99 -44.75
N VAL F 532 -45.22 52.85 -43.73
CA VAL F 532 -46.35 53.09 -42.87
C VAL F 532 -46.84 54.53 -43.03
N LYS F 533 -48.10 54.68 -43.41
CA LYS F 533 -48.70 55.99 -43.55
C LYS F 533 -49.80 56.14 -42.51
N MET F 534 -49.69 57.18 -41.69
CA MET F 534 -50.62 57.45 -40.62
C MET F 534 -51.55 58.62 -41.02
N ALA F 535 -52.75 58.66 -40.46
CA ALA F 535 -53.70 59.77 -40.74
C ALA F 535 -54.51 60.13 -39.54
N SER F 536 -54.65 61.43 -39.28
CA SER F 536 -55.69 61.94 -38.41
C SER F 536 -56.86 62.31 -39.31
N TYR F 537 -58.08 62.16 -38.79
CA TYR F 537 -59.27 62.44 -39.57
C TYR F 537 -60.37 63.01 -38.69
N SER F 538 -61.16 63.88 -39.31
CA SER F 538 -62.24 64.54 -38.61
CA SER F 538 -62.26 64.54 -38.60
C SER F 538 -63.47 63.64 -38.45
N VAL F 539 -64.12 63.75 -37.30
CA VAL F 539 -65.39 63.12 -37.06
C VAL F 539 -66.50 64.13 -36.65
N GLN F 540 -66.21 65.44 -36.68
CA GLN F 540 -67.06 66.47 -35.99
C GLN F 540 -67.27 67.71 -36.83
N ALA G 1 -71.64 23.99 -69.59
CA ALA G 1 -71.55 24.81 -68.34
C ALA G 1 -71.99 24.02 -67.12
N ALA G 2 -71.09 23.89 -66.16
CA ALA G 2 -71.41 23.30 -64.85
C ALA G 2 -72.48 24.12 -64.16
N PRO G 3 -73.34 23.45 -63.40
CA PRO G 3 -74.40 24.22 -62.72
C PRO G 3 -73.79 25.11 -61.62
N LEU G 4 -74.47 26.22 -61.32
CA LEU G 4 -74.07 27.09 -60.25
C LEU G 4 -74.05 26.34 -58.92
N PRO G 5 -73.07 26.66 -58.05
CA PRO G 5 -73.19 26.21 -56.68
C PRO G 5 -74.45 26.77 -56.06
N GLU G 6 -75.03 26.03 -55.11
CA GLU G 6 -76.20 26.51 -54.42
C GLU G 6 -76.34 25.83 -53.07
N LEU G 7 -76.98 26.50 -52.15
CA LEU G 7 -77.27 25.93 -50.85
C LEU G 7 -78.70 25.41 -50.83
N LEU G 8 -78.87 24.09 -50.67
CA LEU G 8 -80.19 23.49 -50.59
C LEU G 8 -80.54 23.27 -49.16
N SER G 9 -81.81 23.50 -48.84
CA SER G 9 -82.33 23.23 -47.50
C SER G 9 -83.63 22.42 -47.66
N ASN G 10 -83.72 21.27 -47.01
CA ASN G 10 -84.93 20.47 -47.03
C ASN G 10 -85.00 19.49 -45.86
N ASN G 11 -86.20 19.33 -45.30
CA ASN G 11 -86.44 18.45 -44.15
C ASN G 11 -85.55 18.79 -42.96
N GLY G 12 -85.31 20.09 -42.74
CA GLY G 12 -84.41 20.56 -41.69
C GLY G 12 -82.92 20.25 -41.90
N LYS G 13 -82.54 19.79 -43.09
CA LYS G 13 -81.16 19.47 -43.42
C LYS G 13 -80.67 20.36 -44.58
N HIS G 14 -79.37 20.34 -44.85
CA HIS G 14 -78.78 21.24 -45.83
C HIS G 14 -77.67 20.58 -46.60
N ALA G 15 -77.44 21.08 -47.79
CA ALA G 15 -76.32 20.67 -48.61
C ALA G 15 -75.79 21.84 -49.39
N LEU G 16 -74.47 21.95 -49.46
CA LEU G 16 -73.85 22.88 -50.40
C LEU G 16 -73.64 22.08 -51.67
N MET G 17 -74.36 22.45 -52.73
CA MET G 17 -74.21 21.78 -54.02
C MET G 17 -73.08 22.43 -54.77
N VAL G 18 -72.14 21.63 -55.24
CA VAL G 18 -71.08 22.08 -56.08
C VAL G 18 -70.96 21.11 -57.26
N ASP G 19 -71.03 21.68 -58.46
CA ASP G 19 -71.03 20.91 -59.70
C ASP G 19 -72.13 19.84 -59.68
N GLY G 20 -73.26 20.22 -59.12
CA GLY G 20 -74.48 19.42 -59.19
C GLY G 20 -74.62 18.30 -58.17
N ALA G 21 -73.77 18.29 -57.13
CA ALA G 21 -73.93 17.30 -56.06
C ALA G 21 -73.42 17.85 -54.73
N PRO G 22 -73.85 17.25 -53.61
CA PRO G 22 -73.42 17.81 -52.33
C PRO G 22 -71.90 17.78 -52.18
N TYR G 23 -71.40 18.77 -51.48
CA TYR G 23 -69.96 18.98 -51.35
C TYR G 23 -69.65 19.37 -49.90
N ILE G 24 -68.49 18.95 -49.41
CA ILE G 24 -68.01 19.39 -48.08
C ILE G 24 -66.76 20.24 -48.25
N ILE G 25 -66.79 21.45 -47.69
CA ILE G 25 -65.60 22.29 -47.64
C ILE G 25 -64.66 21.77 -46.55
N LEU G 26 -63.58 21.13 -46.96
CA LEU G 26 -62.45 20.79 -46.08
C LEU G 26 -61.47 21.91 -46.31
N GLY G 27 -61.61 22.95 -45.53
CA GLY G 27 -61.10 24.27 -45.91
C GLY G 27 -59.81 24.65 -45.27
N SER G 28 -59.32 25.79 -45.70
CA SER G 28 -58.26 26.51 -44.99
C SER G 28 -58.48 27.98 -45.30
N GLN G 29 -58.19 28.85 -44.33
CA GLN G 29 -58.25 30.29 -44.54
C GLN G 29 -56.87 30.91 -44.32
N THR G 30 -56.54 31.84 -45.19
CA THR G 30 -55.25 32.54 -45.09
C THR G 30 -55.27 33.50 -43.88
N ASN G 31 -54.09 33.93 -43.50
CA ASN G 31 -53.96 35.11 -42.68
C ASN G 31 -54.48 36.36 -43.45
N ASN G 32 -54.75 37.41 -42.69
CA ASN G 32 -55.49 38.58 -43.16
C ASN G 32 -54.76 39.41 -44.22
N SER G 33 -53.46 39.24 -44.35
CA SER G 33 -52.65 40.07 -45.23
C SER G 33 -52.00 39.26 -46.35
N SER G 34 -52.67 38.18 -46.73
CA SER G 34 -52.19 37.27 -47.75
C SER G 34 -52.91 37.42 -49.08
N ASN G 35 -53.74 38.46 -49.18
CA ASN G 35 -54.58 38.69 -50.35
C ASN G 35 -53.86 39.49 -51.46
N TYR G 36 -52.66 39.05 -51.81
CA TYR G 36 -51.84 39.68 -52.85
C TYR G 36 -51.10 38.61 -53.62
N PRO G 37 -50.83 38.85 -54.92
CA PRO G 37 -50.17 37.83 -55.74
C PRO G 37 -48.88 37.27 -55.14
N ASP G 38 -48.05 38.15 -54.59
CA ASP G 38 -46.77 37.75 -54.01
C ASP G 38 -46.88 36.83 -52.77
N ALA G 39 -47.99 36.93 -52.04
CA ALA G 39 -48.21 36.13 -50.85
C ALA G 39 -48.68 34.73 -51.15
N LEU G 40 -49.19 34.48 -52.37
CA LEU G 40 -49.79 33.17 -52.64
C LEU G 40 -48.81 31.99 -52.58
N LYS G 41 -47.54 32.22 -52.88
CA LYS G 41 -46.53 31.16 -52.81
C LYS G 41 -46.37 30.64 -51.39
N ASP G 42 -46.78 31.45 -50.41
CA ASP G 42 -46.74 31.06 -49.00
C ASP G 42 -48.07 30.48 -48.49
N VAL G 43 -49.04 30.39 -49.38
CA VAL G 43 -50.34 29.83 -49.10
C VAL G 43 -50.50 28.41 -49.66
N TRP G 44 -50.15 28.21 -50.93
CA TRP G 44 -50.47 26.93 -51.59
C TRP G 44 -49.78 25.72 -50.93
N PRO G 45 -48.50 25.84 -50.50
CA PRO G 45 -47.89 24.66 -49.91
C PRO G 45 -48.63 24.13 -48.63
N SER G 46 -49.14 25.03 -47.79
CA SER G 46 -49.94 24.65 -46.62
C SER G 46 -51.20 23.94 -47.03
N MET G 47 -51.86 24.46 -48.05
CA MET G 47 -53.08 23.88 -48.52
C MET G 47 -52.83 22.44 -49.02
N GLU G 48 -51.76 22.25 -49.77
CA GLU G 48 -51.37 20.94 -50.26
C GLU G 48 -51.08 20.00 -49.11
N LYS G 49 -50.27 20.43 -48.14
CA LYS G 49 -49.96 19.58 -46.97
C LYS G 49 -51.19 19.23 -46.15
N MET G 50 -52.15 20.16 -46.09
CA MET G 50 -53.35 19.95 -45.32
C MET G 50 -54.33 19.01 -46.03
N GLY G 51 -54.26 18.97 -47.35
CA GLY G 51 -55.23 18.22 -48.16
C GLY G 51 -56.57 18.95 -48.24
N ALA G 52 -56.53 20.24 -48.06
CA ALA G 52 -57.74 21.05 -48.16
C ALA G 52 -58.24 21.09 -49.60
N ASN G 53 -59.55 21.16 -49.75
CA ASN G 53 -60.17 21.27 -51.09
C ASN G 53 -60.64 22.66 -51.45
N THR G 54 -60.69 23.57 -50.46
CA THR G 54 -61.25 24.90 -50.65
C THR G 54 -60.44 25.91 -49.84
N LEU G 55 -60.05 27.02 -50.46
CA LEU G 55 -59.35 28.09 -49.80
C LEU G 55 -60.25 29.27 -49.59
N SER G 56 -60.29 29.76 -48.35
CA SER G 56 -60.96 31.01 -48.02
C SER G 56 -59.90 32.15 -47.94
N ILE G 57 -60.12 33.22 -48.69
CA ILE G 57 -59.09 34.28 -48.81
C ILE G 57 -59.76 35.61 -49.02
N PRO G 58 -59.24 36.71 -48.43
CA PRO G 58 -59.92 37.98 -48.63
C PRO G 58 -59.81 38.56 -50.02
N VAL G 59 -60.84 39.28 -50.40
CA VAL G 59 -60.74 40.26 -51.47
C VAL G 59 -61.19 41.57 -50.85
N ALA G 60 -60.30 42.55 -50.83
CA ALA G 60 -60.53 43.78 -50.08
C ALA G 60 -61.06 44.89 -50.96
N TRP G 61 -61.99 45.64 -50.45
CA TRP G 61 -62.51 46.79 -51.19
C TRP G 61 -61.37 47.77 -51.52
N GLU G 62 -60.47 48.03 -50.56
CA GLU G 62 -59.30 48.90 -50.82
C GLU G 62 -58.46 48.46 -52.00
N GLN G 63 -58.38 47.16 -52.30
CA GLN G 63 -57.53 46.71 -53.39
C GLN G 63 -58.26 46.70 -54.71
N ILE G 64 -59.57 46.47 -54.71
CA ILE G 64 -60.29 46.46 -56.00
C ILE G 64 -60.76 47.85 -56.44
N GLU G 65 -60.88 48.80 -55.51
CA GLU G 65 -61.29 50.16 -55.87
C GLU G 65 -60.45 51.18 -55.12
N PRO G 66 -59.15 51.21 -55.44
CA PRO G 66 -58.22 52.04 -54.64
C PRO G 66 -58.50 53.55 -54.82
N VAL G 67 -59.05 53.90 -55.97
CA VAL G 67 -59.49 55.25 -56.27
C VAL G 67 -60.93 55.06 -56.76
N GLU G 68 -61.83 55.93 -56.35
CA GLU G 68 -63.25 55.76 -56.63
C GLU G 68 -63.46 55.65 -58.15
N GLY G 69 -64.16 54.60 -58.54
CA GLY G 69 -64.43 54.32 -59.93
C GLY G 69 -63.31 53.68 -60.73
N GLN G 70 -62.14 53.44 -60.13
CA GLN G 70 -61.01 52.87 -60.87
C GLN G 70 -60.71 51.45 -60.34
N PHE G 71 -61.28 50.45 -60.98
CA PHE G 71 -61.28 49.09 -60.46
C PHE G 71 -60.05 48.35 -60.88
N ASP G 72 -59.59 47.44 -60.02
CA ASP G 72 -58.40 46.65 -60.24
C ASP G 72 -58.68 45.22 -59.75
N PHE G 73 -58.83 44.29 -60.69
CA PHE G 73 -59.03 42.88 -60.37
C PHE G 73 -57.79 42.02 -60.62
N SER G 74 -56.62 42.65 -60.65
CA SER G 74 -55.42 41.90 -60.97
C SER G 74 -55.16 40.77 -59.96
N PHE G 75 -55.49 41.01 -58.71
CA PHE G 75 -55.33 39.95 -57.67
C PHE G 75 -56.29 38.79 -57.89
N VAL G 76 -57.54 39.12 -58.16
CA VAL G 76 -58.54 38.10 -58.39
C VAL G 76 -58.17 37.23 -59.61
N ASP G 77 -57.64 37.87 -60.66
CA ASP G 77 -57.18 37.14 -61.83
C ASP G 77 -56.12 36.09 -61.49
N VAL G 78 -55.05 36.51 -60.82
CA VAL G 78 -53.96 35.62 -60.46
C VAL G 78 -54.47 34.51 -59.54
N LEU G 79 -55.29 34.91 -58.57
CA LEU G 79 -55.85 33.94 -57.60
C LEU G 79 -56.66 32.84 -58.30
N LEU G 80 -57.59 33.23 -59.18
CA LEU G 80 -58.37 32.25 -59.93
C LEU G 80 -57.51 31.30 -60.70
N LYS G 81 -56.51 31.83 -61.39
CA LYS G 81 -55.65 31.01 -62.21
C LYS G 81 -54.83 30.02 -61.39
N GLU G 82 -54.26 30.50 -60.29
CA GLU G 82 -53.45 29.64 -59.44
C GLU G 82 -54.31 28.58 -58.71
N ALA G 83 -55.50 28.95 -58.25
CA ALA G 83 -56.41 27.97 -57.68
C ALA G 83 -56.76 26.83 -58.64
N ARG G 84 -57.05 27.21 -59.88
CA ARG G 84 -57.37 26.24 -60.91
C ARG G 84 -56.20 25.34 -61.21
N GLN G 85 -54.98 25.88 -61.25
CA GLN G 85 -53.84 24.99 -61.53
C GLN G 85 -53.64 24.00 -60.39
N ARG G 86 -54.02 24.36 -59.17
CA ARG G 86 -53.89 23.46 -58.03
C ARG G 86 -55.14 22.63 -57.78
N LYS G 87 -56.15 22.83 -58.62
CA LYS G 87 -57.39 22.08 -58.57
C LYS G 87 -58.08 22.18 -57.20
N VAL G 88 -58.18 23.41 -56.70
CA VAL G 88 -58.94 23.69 -55.51
C VAL G 88 -59.98 24.77 -55.81
N ARG G 89 -60.96 24.88 -54.92
CA ARG G 89 -62.00 25.85 -55.05
C ARG G 89 -61.77 26.98 -54.05
N LEU G 90 -62.55 28.03 -54.20
CA LEU G 90 -62.36 29.26 -53.45
C LEU G 90 -63.61 29.73 -52.78
N VAL G 91 -63.43 30.34 -51.60
CA VAL G 91 -64.44 31.14 -50.97
C VAL G 91 -63.84 32.51 -50.80
N LEU G 92 -64.43 33.52 -51.44
CA LEU G 92 -63.88 34.88 -51.36
C LEU G 92 -64.49 35.59 -50.21
N LEU G 93 -63.69 36.32 -49.44
CA LEU G 93 -64.16 37.04 -48.29
C LEU G 93 -64.12 38.51 -48.60
N TRP G 94 -65.30 39.08 -48.77
CA TRP G 94 -65.43 40.52 -49.12
C TRP G 94 -65.21 41.38 -47.87
N PHE G 95 -64.01 41.93 -47.75
CA PHE G 95 -63.60 42.80 -46.64
C PHE G 95 -63.90 44.24 -47.07
N ALA G 96 -64.89 44.87 -46.46
CA ALA G 96 -65.44 46.13 -47.00
C ALA G 96 -65.92 47.06 -45.91
N THR G 97 -67.23 47.28 -45.76
CA THR G 97 -67.73 48.18 -44.75
C THR G 97 -67.33 47.76 -43.33
N TRP G 98 -67.42 46.46 -43.05
CA TRP G 98 -66.93 45.90 -41.78
C TRP G 98 -65.93 44.77 -42.04
N LYS G 99 -64.80 44.88 -41.37
CA LYS G 99 -63.91 43.77 -41.08
C LYS G 99 -63.60 43.87 -39.58
N ASN G 100 -64.08 42.89 -38.81
CA ASN G 100 -63.95 42.93 -37.34
C ASN G 100 -64.44 44.26 -36.81
N ASN G 101 -65.63 44.65 -37.25
CA ASN G 101 -66.33 45.87 -36.77
C ASN G 101 -65.92 47.19 -37.41
N ALA G 102 -64.79 47.18 -38.12
CA ALA G 102 -64.10 48.40 -38.54
C ALA G 102 -63.91 48.49 -40.04
N PRO G 103 -63.64 49.70 -40.53
CA PRO G 103 -63.48 49.96 -41.95
C PRO G 103 -62.05 49.97 -42.47
N HIS G 104 -61.14 49.22 -41.85
CA HIS G 104 -59.73 49.30 -42.26
C HIS G 104 -59.46 48.81 -43.67
N TYR G 105 -60.30 47.90 -44.18
CA TYR G 105 -60.13 47.42 -45.53
C TYR G 105 -60.97 48.19 -46.57
N ALA G 106 -61.72 49.20 -46.15
CA ALA G 106 -62.36 50.08 -47.13
C ALA G 106 -61.25 51.00 -47.73
N PRO G 107 -61.47 51.50 -48.94
CA PRO G 107 -60.47 52.42 -49.53
C PRO G 107 -60.27 53.65 -48.68
N ALA G 108 -59.13 54.31 -48.87
CA ALA G 108 -58.81 55.54 -48.10
C ALA G 108 -59.90 56.58 -48.30
N TRP G 109 -60.40 56.68 -49.53
CA TRP G 109 -61.45 57.66 -49.89
C TRP G 109 -62.79 57.36 -49.20
N VAL G 110 -62.93 56.16 -48.66
CA VAL G 110 -64.05 55.82 -47.80
C VAL G 110 -63.73 56.04 -46.32
N LYS G 111 -62.72 55.33 -45.80
CA LYS G 111 -62.47 55.31 -44.39
C LYS G 111 -61.95 56.61 -43.79
N LEU G 112 -61.44 57.51 -44.63
CA LEU G 112 -60.97 58.81 -44.13
C LEU G 112 -61.95 59.93 -44.41
N ASP G 113 -63.16 59.60 -44.86
CA ASP G 113 -64.21 60.62 -45.16
C ASP G 113 -65.48 60.35 -44.32
N ASN G 114 -65.43 60.76 -43.05
CA ASN G 114 -66.53 60.48 -42.12
C ASN G 114 -67.80 61.22 -42.51
N ALA G 115 -67.64 62.39 -43.14
CA ALA G 115 -68.81 63.19 -43.49
C ALA G 115 -69.66 62.46 -44.48
N ARG G 116 -69.02 61.84 -45.48
CA ARG G 116 -69.71 61.10 -46.50
C ARG G 116 -70.12 59.70 -46.02
N PHE G 117 -69.26 59.11 -45.20
CA PHE G 117 -69.40 57.72 -44.76
C PHE G 117 -69.30 57.66 -43.25
N PRO G 118 -70.43 57.87 -42.56
CA PRO G 118 -70.39 58.15 -41.13
C PRO G 118 -70.21 56.95 -40.20
N ARG G 119 -69.48 57.19 -39.13
CA ARG G 119 -69.27 56.25 -38.06
C ARG G 119 -70.38 56.27 -37.01
N VAL G 120 -70.50 55.14 -36.34
CA VAL G 120 -71.30 54.99 -35.14
C VAL G 120 -70.89 56.05 -34.09
N VAL G 121 -71.90 56.71 -33.52
CA VAL G 121 -71.73 57.66 -32.46
C VAL G 121 -72.29 57.07 -31.17
N LYS G 122 -71.51 57.13 -30.12
CA LYS G 122 -71.92 56.64 -28.83
C LYS G 122 -73.00 57.55 -28.22
N GLU G 123 -73.70 57.03 -27.22
CA GLU G 123 -74.70 57.80 -26.49
C GLU G 123 -74.06 59.05 -25.86
N ASP G 124 -72.79 58.97 -25.44
CA ASP G 124 -72.09 60.14 -24.89
C ASP G 124 -71.51 61.10 -25.94
N GLY G 125 -71.80 60.87 -27.22
CA GLY G 125 -71.33 61.74 -28.30
C GLY G 125 -69.95 61.43 -28.88
N ASP G 126 -69.17 60.54 -28.26
CA ASP G 126 -67.89 60.13 -28.84
C ASP G 126 -68.14 59.22 -30.04
N THR G 127 -67.18 59.22 -30.97
CA THR G 127 -67.30 58.46 -32.20
C THR G 127 -66.43 57.19 -32.12
N LEU G 128 -66.93 56.08 -32.63
CA LEU G 128 -66.17 54.81 -32.70
C LEU G 128 -65.79 54.53 -34.14
N ASN G 129 -64.69 53.80 -34.33
CA ASN G 129 -64.25 53.49 -35.69
C ASN G 129 -64.99 52.23 -36.25
N SER G 130 -66.28 52.41 -36.50
CA SER G 130 -67.18 51.39 -36.95
C SER G 130 -68.20 52.13 -37.76
N LEU G 131 -68.33 51.81 -39.03
CA LEU G 131 -69.25 52.56 -39.91
C LEU G 131 -70.73 52.25 -39.63
N SER G 132 -71.55 53.30 -39.60
CA SER G 132 -72.97 53.11 -39.28
C SER G 132 -73.69 52.43 -40.42
N PRO G 133 -74.52 51.42 -40.12
CA PRO G 133 -75.30 50.75 -41.15
C PRO G 133 -76.43 51.63 -41.71
N LEU G 134 -76.65 52.77 -41.10
CA LEU G 134 -77.62 53.75 -41.63
C LEU G 134 -76.99 54.75 -42.59
N GLY G 135 -75.68 54.66 -42.81
CA GLY G 135 -75.03 55.47 -43.86
C GLY G 135 -75.40 55.05 -45.27
N GLN G 136 -76.26 55.84 -45.93
CA GLN G 136 -76.75 55.45 -47.24
C GLN G 136 -75.70 55.58 -48.33
N ASN G 137 -74.76 56.53 -48.18
CA ASN G 137 -73.69 56.65 -49.14
C ASN G 137 -72.78 55.43 -49.04
N THR G 138 -72.56 54.98 -47.81
CA THR G 138 -71.65 53.82 -47.53
C THR G 138 -72.22 52.56 -48.17
N LEU G 139 -73.50 52.32 -47.94
CA LEU G 139 -74.19 51.20 -48.57
C LEU G 139 -74.11 51.24 -50.08
N ALA G 140 -74.40 52.39 -50.68
CA ALA G 140 -74.36 52.50 -52.15
C ALA G 140 -72.99 52.21 -52.69
N ALA G 141 -71.98 52.71 -52.00
CA ALA G 141 -70.60 52.57 -52.44
C ALA G 141 -70.11 51.11 -52.30
N ASP G 142 -70.44 50.49 -51.18
CA ASP G 142 -70.05 49.07 -50.93
C ASP G 142 -70.72 48.19 -52.01
N LYS G 143 -72.03 48.38 -52.13
CA LYS G 143 -72.82 47.67 -53.12
C LYS G 143 -72.27 47.78 -54.53
N LYS G 144 -71.90 48.99 -54.93
CA LYS G 144 -71.36 49.22 -56.26
C LYS G 144 -70.08 48.43 -56.51
N ALA G 145 -69.17 48.45 -55.53
CA ALA G 145 -67.91 47.72 -55.67
C ALA G 145 -68.13 46.18 -55.66
N PHE G 146 -69.02 45.73 -54.80
CA PHE G 146 -69.33 44.29 -54.70
C PHE G 146 -69.95 43.79 -56.01
N VAL G 147 -70.82 44.62 -56.61
CA VAL G 147 -71.37 44.30 -57.92
C VAL G 147 -70.29 44.16 -58.96
N GLU G 148 -69.30 45.06 -58.94
CA GLU G 148 -68.20 44.94 -59.89
C GLU G 148 -67.41 43.66 -59.68
N LEU G 149 -67.19 43.27 -58.43
CA LEU G 149 -66.51 42.00 -58.16
C LEU G 149 -67.30 40.82 -58.73
N MET G 150 -68.60 40.82 -58.51
CA MET G 150 -69.46 39.74 -59.02
C MET G 150 -69.51 39.73 -60.56
N LYS G 151 -69.44 40.91 -61.18
CA LYS G 151 -69.35 40.98 -62.63
C LYS G 151 -68.06 40.38 -63.13
N TYR G 152 -66.96 40.59 -62.41
CA TYR G 152 -65.70 39.98 -62.76
C TYR G 152 -65.85 38.45 -62.73
N LEU G 153 -66.44 37.91 -61.67
CA LEU G 153 -66.64 36.46 -61.59
C LEU G 153 -67.63 35.92 -62.65
N ALA G 154 -68.69 36.68 -62.91
CA ALA G 154 -69.66 36.32 -63.94
C ALA G 154 -68.95 36.15 -65.29
N LYS G 155 -68.08 37.08 -65.62
CA LYS G 155 -67.43 37.07 -66.92
C LYS G 155 -66.17 36.19 -66.94
N ARG G 156 -65.51 35.94 -65.81
CA ARG G 156 -64.19 35.28 -65.80
CA ARG G 156 -64.19 35.28 -65.82
C ARG G 156 -64.09 33.97 -64.99
N ASP G 157 -65.20 33.52 -64.42
CA ASP G 157 -65.21 32.30 -63.62
C ASP G 157 -66.42 31.42 -63.92
N LYS G 158 -66.54 31.06 -65.20
CA LYS G 158 -67.67 30.30 -65.75
C LYS G 158 -67.77 28.89 -65.18
N ASP G 159 -66.66 28.30 -64.76
CA ASP G 159 -66.68 26.97 -64.13
C ASP G 159 -66.80 27.05 -62.59
N HIS G 160 -66.98 28.24 -62.05
CA HIS G 160 -67.28 28.44 -60.63
C HIS G 160 -66.15 27.92 -59.72
N THR G 161 -64.93 28.32 -60.03
CA THR G 161 -63.82 28.11 -59.12
C THR G 161 -64.19 28.67 -57.76
N VAL G 162 -64.75 29.88 -57.75
CA VAL G 162 -65.33 30.48 -56.55
C VAL G 162 -66.72 29.89 -56.34
N ILE G 163 -66.90 29.22 -55.20
CA ILE G 163 -68.15 28.52 -54.89
C ILE G 163 -69.05 29.25 -53.91
N MET G 164 -68.52 30.21 -53.16
CA MET G 164 -69.29 30.93 -52.17
C MET G 164 -68.57 32.23 -51.87
N VAL G 165 -69.32 33.23 -51.46
CA VAL G 165 -68.76 34.52 -51.09
C VAL G 165 -69.23 34.90 -49.71
N GLN G 166 -68.31 35.34 -48.87
CA GLN G 166 -68.65 35.93 -47.59
C GLN G 166 -68.81 37.41 -47.76
N VAL G 167 -69.93 37.95 -47.29
CA VAL G 167 -70.25 39.35 -47.41
C VAL G 167 -69.91 40.06 -46.11
N GLN G 168 -68.88 40.93 -46.17
CA GLN G 168 -68.26 41.54 -44.96
C GLN G 168 -67.49 40.47 -44.15
N ASN G 169 -66.90 40.92 -43.04
CA ASN G 169 -66.23 40.02 -42.12
C ASN G 169 -66.43 40.46 -40.68
N GLU G 170 -67.16 39.65 -39.90
CA GLU G 170 -67.45 39.93 -38.51
C GLU G 170 -67.95 41.37 -38.36
N VAL G 171 -69.16 41.57 -38.88
CA VAL G 171 -69.85 42.85 -38.72
C VAL G 171 -70.17 43.12 -37.28
N GLY G 172 -70.49 44.37 -37.00
CA GLY G 172 -70.96 44.81 -35.68
C GLY G 172 -70.17 45.96 -35.15
N THR G 173 -70.32 46.23 -33.87
CA THR G 173 -69.63 47.29 -33.20
C THR G 173 -69.19 46.90 -31.78
N TYR G 174 -67.90 47.15 -31.49
CA TYR G 174 -67.37 47.08 -30.13
C TYR G 174 -67.41 48.46 -29.50
N GLY G 175 -67.77 48.52 -28.23
CA GLY G 175 -67.73 49.76 -27.45
C GLY G 175 -69.04 50.54 -27.37
N ALA G 176 -70.06 50.07 -28.10
CA ALA G 176 -71.42 50.62 -28.03
C ALA G 176 -72.37 49.58 -28.57
N VAL G 177 -73.66 49.69 -28.24
CA VAL G 177 -74.65 48.71 -28.65
C VAL G 177 -75.21 49.01 -30.04
N ARG G 178 -75.28 50.29 -30.39
CA ARG G 178 -75.80 50.74 -31.68
C ARG G 178 -75.28 52.14 -31.97
N ASP G 179 -75.64 52.65 -33.13
CA ASP G 179 -75.41 54.06 -33.49
C ASP G 179 -76.45 54.89 -32.75
N TYR G 180 -75.99 55.91 -32.04
CA TYR G 180 -76.83 56.84 -31.34
C TYR G 180 -76.77 58.22 -31.98
N SER G 181 -76.29 58.29 -33.21
CA SER G 181 -76.26 59.56 -33.91
C SER G 181 -77.70 60.04 -34.10
N PRO G 182 -77.86 61.33 -34.41
CA PRO G 182 -79.21 61.86 -34.74
C PRO G 182 -79.89 61.12 -35.87
N MET G 183 -79.13 60.85 -36.94
CA MET G 183 -79.61 60.03 -38.04
C MET G 183 -80.20 58.69 -37.58
N ALA G 184 -79.47 58.00 -36.72
CA ALA G 184 -79.90 56.69 -36.23
C ALA G 184 -81.04 56.81 -35.23
N GLN G 185 -80.91 57.77 -34.31
CA GLN G 185 -81.94 58.05 -33.30
C GLN G 185 -83.33 58.31 -33.94
N ALA G 186 -83.36 58.99 -35.08
CA ALA G 186 -84.59 59.23 -35.82
C ALA G 186 -85.25 57.93 -36.28
N VAL G 187 -84.46 56.96 -36.71
CA VAL G 187 -85.01 55.70 -37.18
C VAL G 187 -85.43 54.85 -35.98
N PHE G 188 -84.63 54.89 -34.91
CA PHE G 188 -84.92 54.16 -33.70
C PHE G 188 -86.25 54.62 -33.09
N ASN G 189 -86.47 55.94 -33.11
CA ASN G 189 -87.69 56.52 -32.56
C ASN G 189 -88.93 56.24 -33.37
N ALA G 190 -88.75 55.91 -34.64
CA ALA G 190 -89.83 55.57 -35.54
C ALA G 190 -90.33 54.13 -35.38
N ALA G 191 -91.37 53.80 -36.13
CA ALA G 191 -91.99 52.48 -36.08
C ALA G 191 -91.02 51.40 -36.56
N VAL G 192 -91.08 50.26 -35.90
CA VAL G 192 -90.39 49.08 -36.36
C VAL G 192 -91.01 48.72 -37.70
N PRO G 193 -90.19 48.45 -38.72
CA PRO G 193 -90.73 48.10 -40.03
C PRO G 193 -91.74 46.94 -40.02
N ASP G 194 -92.77 47.06 -40.86
CA ASP G 194 -93.90 46.13 -40.92
C ASP G 194 -93.46 44.70 -41.13
N ASP G 195 -92.55 44.50 -42.09
CA ASP G 195 -92.09 43.16 -42.45
C ASP G 195 -91.48 42.42 -41.28
N LEU G 196 -90.71 43.13 -40.46
CA LEU G 196 -90.13 42.53 -39.26
C LEU G 196 -91.24 42.18 -38.25
N ILE G 197 -92.18 43.11 -38.03
CA ILE G 197 -93.31 42.87 -37.09
C ILE G 197 -94.13 41.63 -37.53
N GLN G 198 -94.44 41.54 -38.82
CA GLN G 198 -95.15 40.36 -39.37
C GLN G 198 -94.36 39.07 -39.20
N LYS G 199 -93.07 39.09 -39.59
CA LYS G 199 -92.22 37.90 -39.49
C LYS G 199 -92.05 37.37 -38.08
N LEU G 200 -91.94 38.24 -37.10
CA LEU G 200 -91.80 37.80 -35.70
C LEU G 200 -93.15 37.67 -34.98
N GLN G 201 -94.26 37.96 -35.68
CA GLN G 201 -95.60 37.84 -35.11
C GLN G 201 -95.70 38.66 -33.84
N LEU G 202 -95.42 39.96 -33.96
CA LEU G 202 -95.37 40.86 -32.82
C LEU G 202 -96.42 41.96 -32.95
N LYS G 203 -96.65 42.70 -31.87
CA LYS G 203 -97.53 43.87 -31.87
C LYS G 203 -96.75 45.09 -32.40
N PRO G 204 -97.32 45.84 -33.38
CA PRO G 204 -96.61 47.01 -33.94
C PRO G 204 -96.20 48.04 -32.90
N GLY G 205 -95.26 48.90 -33.27
CA GLY G 205 -94.75 49.90 -32.32
C GLY G 205 -93.38 50.42 -32.73
N THR G 206 -92.86 51.29 -31.89
CA THR G 206 -91.51 51.81 -32.04
C THR G 206 -90.55 50.79 -31.50
N TRP G 207 -89.26 50.96 -31.80
CA TRP G 207 -88.25 50.00 -31.37
C TRP G 207 -88.33 49.75 -29.88
N SER G 208 -88.35 50.82 -29.10
CA SER G 208 -88.37 50.70 -27.66
C SER G 208 -89.63 50.04 -27.15
N GLN G 209 -90.74 50.35 -27.81
CA GLN G 209 -92.03 49.80 -27.41
C GLN G 209 -92.07 48.31 -27.63
N VAL G 210 -91.67 47.88 -28.82
CA VAL G 210 -91.83 46.48 -29.13
C VAL G 210 -90.73 45.61 -28.52
N PHE G 211 -89.50 46.14 -28.38
CA PHE G 211 -88.39 45.28 -27.91
C PHE G 211 -87.87 45.56 -26.52
N GLY G 212 -88.25 46.69 -25.93
CA GLY G 212 -87.86 46.98 -24.55
C GLY G 212 -86.35 46.97 -24.31
N ARG G 213 -85.92 46.15 -23.36
CA ARG G 213 -84.50 46.06 -22.96
C ARG G 213 -83.57 45.60 -24.11
N ASP G 214 -84.13 44.94 -25.13
CA ASP G 214 -83.38 44.48 -26.31
C ASP G 214 -83.41 45.42 -27.51
N ALA G 215 -84.04 46.59 -27.37
CA ALA G 215 -84.28 47.46 -28.51
C ALA G 215 -82.98 47.93 -29.17
N ASP G 216 -82.03 48.39 -28.37
CA ASP G 216 -80.77 48.96 -28.89
C ASP G 216 -80.03 47.89 -29.71
N GLU G 217 -79.85 46.70 -29.14
CA GLU G 217 -79.10 45.61 -29.80
C GLU G 217 -79.85 45.07 -31.01
N PHE G 218 -81.16 44.84 -30.88
CA PHE G 218 -81.92 44.32 -32.01
C PHE G 218 -81.96 45.30 -33.16
N PHE G 219 -81.96 46.59 -32.83
CA PHE G 219 -81.95 47.66 -33.82
C PHE G 219 -80.65 47.64 -34.63
N HIS G 220 -79.52 47.56 -33.94
CA HIS G 220 -78.22 47.47 -34.64
C HIS G 220 -78.16 46.22 -35.49
N ALA G 221 -78.57 45.09 -34.93
CA ALA G 221 -78.59 43.83 -35.69
C ALA G 221 -79.47 43.93 -36.92
N TYR G 222 -80.66 44.50 -36.76
CA TYR G 222 -81.57 44.66 -37.89
C TYR G 222 -80.97 45.53 -38.96
N GLN G 223 -80.43 46.69 -38.58
CA GLN G 223 -79.91 47.60 -39.57
C GLN G 223 -78.70 47.05 -40.33
N ILE G 224 -77.80 46.37 -39.60
CA ILE G 224 -76.65 45.71 -40.24
C ILE G 224 -77.11 44.58 -41.14
N ALA G 225 -78.07 43.78 -40.67
CA ALA G 225 -78.63 42.70 -41.48
C ALA G 225 -79.25 43.20 -42.79
N ARG G 226 -80.02 44.29 -42.73
CA ARG G 226 -80.56 44.91 -43.94
C ARG G 226 -79.49 45.40 -44.91
N TYR G 227 -78.46 46.04 -44.38
CA TYR G 227 -77.32 46.50 -45.18
C TYR G 227 -76.66 45.33 -45.88
N CYS G 228 -76.33 44.28 -45.13
CA CYS G 228 -75.71 43.10 -45.73
C CYS G 228 -76.63 42.42 -46.73
N ASP G 229 -77.93 42.41 -46.43
CA ASP G 229 -78.88 41.78 -47.33
C ASP G 229 -78.94 42.56 -48.67
N GLU G 230 -78.92 43.88 -48.61
CA GLU G 230 -78.93 44.67 -49.83
C GLU G 230 -77.69 44.48 -50.68
N VAL G 231 -76.51 44.42 -50.05
CA VAL G 231 -75.28 44.12 -50.76
C VAL G 231 -75.36 42.74 -51.41
N THR G 232 -75.80 41.77 -50.63
CA THR G 232 -75.94 40.37 -51.08
C THR G 232 -76.87 40.26 -52.30
N VAL G 233 -78.04 40.88 -52.21
CA VAL G 233 -79.02 40.86 -53.34
C VAL G 233 -78.46 41.44 -54.62
N ALA G 234 -77.77 42.56 -54.49
CA ALA G 234 -77.20 43.24 -55.65
C ALA G 234 -76.17 42.36 -56.32
N GLY G 235 -75.32 41.70 -55.51
CA GLY G 235 -74.32 40.82 -56.04
C GLY G 235 -74.90 39.59 -56.66
N LYS G 236 -75.88 38.97 -55.99
CA LYS G 236 -76.52 37.77 -56.55
C LYS G 236 -77.28 38.03 -57.87
N ALA G 237 -77.78 39.25 -58.05
CA ALA G 237 -78.43 39.61 -59.30
C ALA G 237 -77.46 39.51 -60.45
N ILE G 238 -76.17 39.68 -60.17
CA ILE G 238 -75.14 39.51 -61.16
C ILE G 238 -74.77 38.05 -61.35
N LYS G 239 -74.42 37.37 -60.25
CA LYS G 239 -74.15 35.92 -60.30
C LYS G 239 -74.61 35.34 -58.99
N ASN G 240 -75.54 34.39 -59.07
CA ASN G 240 -76.26 33.93 -57.90
C ASN G 240 -75.49 32.81 -57.16
N LEU G 241 -74.28 33.13 -56.71
CA LEU G 241 -73.54 32.24 -55.79
C LEU G 241 -74.14 32.24 -54.38
N PRO G 242 -73.98 31.13 -53.64
CA PRO G 242 -74.25 31.21 -52.21
C PRO G 242 -73.40 32.26 -51.52
N MET G 243 -73.99 32.94 -50.55
CA MET G 243 -73.31 33.99 -49.82
C MET G 243 -73.70 33.91 -48.35
N TYR G 244 -72.78 34.27 -47.49
CA TYR G 244 -72.99 34.12 -46.05
C TYR G 244 -72.29 35.20 -45.29
N VAL G 245 -72.57 35.28 -44.01
CA VAL G 245 -71.89 36.15 -43.09
C VAL G 245 -71.28 35.30 -41.97
N ASN G 246 -70.17 35.78 -41.44
CA ASN G 246 -69.50 35.09 -40.34
C ASN G 246 -69.55 35.90 -39.04
N VAL G 247 -69.65 35.22 -37.91
CA VAL G 247 -69.97 35.87 -36.66
C VAL G 247 -68.83 35.88 -35.64
N ALA G 248 -68.54 37.07 -35.12
CA ALA G 248 -67.69 37.22 -33.94
C ALA G 248 -68.56 36.83 -32.74
N LEU G 249 -68.35 35.61 -32.29
CA LEU G 249 -69.27 34.97 -31.34
C LEU G 249 -69.23 35.61 -29.97
N ARG G 250 -70.38 35.67 -29.32
CA ARG G 250 -70.39 35.90 -27.89
C ARG G 250 -70.32 34.52 -27.20
N ASN G 251 -69.77 34.50 -25.99
CA ASN G 251 -69.76 33.28 -25.22
C ASN G 251 -71.21 32.89 -24.95
N PRO G 252 -71.60 31.67 -25.36
CA PRO G 252 -73.02 31.31 -25.28
C PRO G 252 -73.49 31.05 -23.85
N PHE G 253 -72.57 30.78 -22.93
CA PHE G 253 -72.91 30.51 -21.53
C PHE G 253 -72.84 31.74 -20.62
N ASN G 254 -72.05 32.73 -21.02
CA ASN G 254 -71.68 33.85 -20.17
C ASN G 254 -71.24 34.98 -21.11
N PRO G 255 -72.18 35.49 -21.91
CA PRO G 255 -71.85 36.42 -22.99
C PRO G 255 -71.32 37.78 -22.57
N GLY G 256 -71.67 38.29 -21.40
CA GLY G 256 -71.43 39.71 -21.12
C GLY G 256 -72.36 40.56 -21.97
N LEU G 257 -72.03 41.84 -22.11
CA LEU G 257 -72.95 42.80 -22.71
C LEU G 257 -72.61 43.08 -24.16
N PRO G 258 -73.62 43.39 -24.97
CA PRO G 258 -73.33 43.84 -26.34
C PRO G 258 -72.47 45.09 -26.30
N GLY G 259 -71.46 45.14 -27.17
CA GLY G 259 -70.46 46.18 -27.12
C GLY G 259 -69.17 45.69 -26.51
N GLN G 260 -69.27 44.80 -25.52
CA GLN G 260 -68.10 44.02 -25.09
C GLN G 260 -67.84 42.94 -26.14
N TYR G 261 -68.87 42.15 -26.43
CA TYR G 261 -68.91 41.40 -27.65
C TYR G 261 -69.36 42.30 -28.79
N SER G 262 -69.23 41.84 -30.01
CA SER G 262 -69.50 42.67 -31.19
C SER G 262 -71.00 42.78 -31.40
N SER G 263 -71.57 43.92 -31.03
CA SER G 263 -73.02 44.09 -31.08
C SER G 263 -73.49 44.20 -32.52
N GLY G 264 -74.56 43.48 -32.86
CA GLY G 264 -75.21 43.63 -34.14
C GLY G 264 -74.89 42.51 -35.09
N GLY G 265 -73.81 41.76 -34.82
CA GLY G 265 -73.52 40.59 -35.61
C GLY G 265 -74.48 39.49 -35.26
N GLY G 266 -74.41 38.38 -36.01
CA GLY G 266 -75.32 37.25 -35.85
C GLY G 266 -75.08 36.38 -34.63
N THR G 267 -75.01 37.03 -33.49
CA THR G 267 -74.86 36.34 -32.23
C THR G 267 -76.13 35.54 -31.91
N ASP G 268 -76.03 34.60 -30.99
CA ASP G 268 -77.07 33.59 -30.87
C ASP G 268 -78.44 34.20 -30.45
N ASN G 269 -78.38 35.30 -29.73
CA ASN G 269 -79.59 36.00 -29.29
C ASN G 269 -80.26 36.85 -30.33
N VAL G 270 -79.63 37.08 -31.50
CA VAL G 270 -80.26 37.84 -32.57
C VAL G 270 -80.38 37.11 -33.87
N LEU G 271 -80.24 35.78 -33.85
CA LEU G 271 -80.39 35.02 -35.09
C LEU G 271 -81.78 35.17 -35.68
N HIS G 272 -82.78 35.28 -34.84
CA HIS G 272 -84.16 35.50 -35.32
C HIS G 272 -84.32 36.83 -36.05
N ILE G 273 -83.63 37.86 -35.58
CA ILE G 273 -83.63 39.17 -36.26
C ILE G 273 -82.93 39.09 -37.61
N TRP G 274 -81.73 38.47 -37.63
CA TRP G 274 -81.00 38.28 -38.84
C TRP G 274 -81.74 37.46 -39.90
N LYS G 275 -82.41 36.39 -39.48
CA LYS G 275 -83.14 35.56 -40.44
C LYS G 275 -84.36 36.28 -41.02
N ALA G 276 -85.00 37.09 -40.20
CA ALA G 276 -86.15 37.89 -40.67
C ALA G 276 -85.71 39.05 -41.57
N ALA G 277 -84.62 39.73 -41.20
CA ALA G 277 -84.15 40.89 -41.92
C ALA G 277 -83.40 40.59 -43.22
N ALA G 278 -82.74 39.43 -43.30
CA ALA G 278 -81.84 39.18 -44.41
C ALA G 278 -82.11 37.84 -45.07
N PRO G 279 -83.25 37.73 -45.76
CA PRO G 279 -83.64 36.45 -46.30
C PRO G 279 -82.81 36.05 -47.49
N ASN G 280 -82.06 36.98 -48.07
CA ASN G 280 -81.20 36.65 -49.18
C ASN G 280 -79.80 36.12 -48.80
N ILE G 281 -79.45 36.27 -47.54
CA ILE G 281 -78.19 35.68 -47.02
C ILE G 281 -78.43 34.19 -46.73
N ASP G 282 -77.63 33.33 -47.33
CA ASP G 282 -77.87 31.89 -47.26
C ASP G 282 -77.71 31.28 -45.86
N LEU G 283 -76.68 31.71 -45.15
CA LEU G 283 -76.46 31.15 -43.80
C LEU G 283 -75.67 32.13 -42.97
N ILE G 284 -75.71 31.90 -41.68
CA ILE G 284 -74.92 32.63 -40.72
C ILE G 284 -73.90 31.63 -40.10
N ALA G 285 -72.62 31.95 -40.20
CA ALA G 285 -71.54 31.01 -39.87
C ALA G 285 -70.76 31.42 -38.62
N PRO G 286 -70.62 30.51 -37.65
CA PRO G 286 -69.82 30.83 -36.47
C PRO G 286 -68.31 30.78 -36.72
N ASP G 287 -67.61 31.74 -36.16
CA ASP G 287 -66.14 31.75 -36.11
C ASP G 287 -65.71 31.25 -34.74
N ILE G 288 -65.13 30.07 -34.69
CA ILE G 288 -64.94 29.37 -33.39
C ILE G 288 -63.50 29.44 -32.89
N TYR G 289 -63.30 30.18 -31.82
CA TYR G 289 -61.99 30.25 -31.17
C TYR G 289 -62.04 29.86 -29.68
N PHE G 290 -63.18 29.39 -29.18
CA PHE G 290 -63.25 28.79 -27.83
C PHE G 290 -62.60 27.43 -27.93
N ARG G 291 -61.72 27.07 -27.00
CA ARG G 291 -60.93 25.83 -27.12
C ARG G 291 -61.65 24.62 -26.51
N ASP G 292 -62.50 24.90 -25.52
CA ASP G 292 -63.06 23.85 -24.68
C ASP G 292 -64.31 23.22 -25.29
N TYR G 293 -64.37 21.90 -25.14
CA TYR G 293 -65.35 21.06 -25.72
C TYR G 293 -66.79 21.49 -25.46
N LYS G 294 -67.11 21.84 -24.22
CA LYS G 294 -68.49 22.17 -23.89
C LYS G 294 -68.96 23.43 -24.61
N THR G 295 -68.11 24.44 -24.70
CA THR G 295 -68.47 25.69 -25.31
C THR G 295 -68.56 25.54 -26.84
N VAL G 296 -67.60 24.83 -27.42
CA VAL G 296 -67.62 24.56 -28.83
C VAL G 296 -68.87 23.75 -29.19
N SER G 297 -69.16 22.71 -28.43
CA SER G 297 -70.36 21.93 -28.67
C SER G 297 -71.64 22.77 -28.64
N LYS G 298 -71.74 23.66 -27.66
CA LYS G 298 -72.86 24.54 -27.53
C LYS G 298 -73.03 25.43 -28.78
N VAL G 299 -71.92 26.00 -29.25
CA VAL G 299 -71.97 26.83 -30.43
C VAL G 299 -72.48 26.03 -31.62
N LEU G 300 -71.97 24.82 -31.81
CA LEU G 300 -72.37 24.02 -32.93
C LEU G 300 -73.87 23.77 -32.85
N GLU G 301 -74.36 23.54 -31.63
CA GLU G 301 -75.78 23.31 -31.42
C GLU G 301 -76.61 24.57 -31.76
N LEU G 302 -76.17 25.73 -31.31
CA LEU G 302 -76.88 26.97 -31.59
C LEU G 302 -76.96 27.36 -33.06
N TYR G 303 -75.91 27.09 -33.83
CA TYR G 303 -75.84 27.52 -35.20
C TYR G 303 -76.31 26.47 -36.22
N THR G 304 -76.54 25.24 -35.76
CA THR G 304 -77.18 24.25 -36.58
C THR G 304 -78.69 24.31 -36.36
N ARG G 305 -79.43 24.74 -37.38
CA ARG G 305 -80.88 24.94 -37.25
C ARG G 305 -81.57 24.53 -38.51
N PRO G 306 -82.88 24.22 -38.41
CA PRO G 306 -83.58 23.93 -39.64
C PRO G 306 -83.46 25.05 -40.68
N ASP G 307 -83.36 26.28 -40.22
CA ASP G 307 -83.21 27.43 -41.12
C ASP G 307 -81.75 27.90 -41.33
N ASN G 308 -80.79 27.12 -40.85
CA ASN G 308 -79.37 27.58 -40.89
C ASN G 308 -78.42 26.40 -41.03
N ALA G 309 -77.87 26.24 -42.23
CA ALA G 309 -76.80 25.28 -42.49
C ALA G 309 -75.60 25.63 -41.64
N LEU G 310 -74.93 24.60 -41.14
CA LEU G 310 -73.72 24.77 -40.30
C LEU G 310 -72.50 24.86 -41.19
N PHE G 311 -71.83 26.00 -41.13
CA PHE G 311 -70.54 26.17 -41.77
C PHE G 311 -69.60 26.78 -40.74
N VAL G 312 -68.56 26.05 -40.37
CA VAL G 312 -67.54 26.58 -39.44
C VAL G 312 -66.54 27.37 -40.30
N ALA G 313 -66.87 28.66 -40.48
CA ALA G 313 -66.22 29.50 -41.47
C ALA G 313 -64.82 29.83 -41.03
N GLU G 314 -64.61 29.87 -39.73
CA GLU G 314 -63.26 29.99 -39.13
C GLU G 314 -63.20 29.14 -37.88
N ILE G 315 -62.05 28.53 -37.64
CA ILE G 315 -61.78 27.90 -36.38
C ILE G 315 -60.30 28.08 -36.07
N GLY G 316 -59.92 28.08 -34.80
CA GLY G 316 -58.51 28.20 -34.46
C GLY G 316 -57.67 27.10 -35.06
N ASN G 317 -56.37 27.37 -35.26
CA ASN G 317 -55.51 26.39 -35.89
C ASN G 317 -54.58 25.64 -34.92
N ASP G 318 -54.78 25.81 -33.64
CA ASP G 318 -54.04 25.03 -32.68
C ASP G 318 -54.59 23.60 -32.64
N GLN G 319 -53.76 22.69 -32.18
CA GLN G 319 -54.10 21.27 -32.14
C GLN G 319 -55.49 20.87 -31.62
N PRO G 320 -55.94 21.46 -30.48
CA PRO G 320 -57.20 20.97 -29.92
C PRO G 320 -58.42 21.17 -30.84
N PHE G 321 -58.31 22.04 -31.82
CA PHE G 321 -59.44 22.37 -32.67
C PHE G 321 -59.73 21.34 -33.74
N ALA G 322 -58.71 20.55 -34.09
CA ALA G 322 -58.84 19.64 -35.24
C ALA G 322 -60.00 18.66 -35.07
N ARG G 323 -60.20 18.16 -33.84
CA ARG G 323 -61.20 17.14 -33.60
C ARG G 323 -62.61 17.64 -33.77
N TYR G 324 -62.82 18.95 -33.76
CA TYR G 324 -64.16 19.50 -33.93
C TYR G 324 -64.69 19.33 -35.37
N LEU G 325 -63.84 18.91 -36.28
CA LEU G 325 -64.32 18.47 -37.59
C LEU G 325 -65.38 17.40 -37.45
N PHE G 326 -65.19 16.46 -36.53
CA PHE G 326 -66.11 15.32 -36.44
C PHE G 326 -67.56 15.71 -36.05
N PRO G 327 -67.77 16.40 -34.90
CA PRO G 327 -69.10 16.87 -34.63
C PRO G 327 -69.67 17.88 -35.65
N THR G 328 -68.83 18.69 -36.28
CA THR G 328 -69.28 19.58 -37.31
C THR G 328 -69.93 18.80 -38.44
N LEU G 329 -69.25 17.78 -38.94
CA LEU G 329 -69.80 16.94 -40.00
C LEU G 329 -70.98 16.12 -39.50
N GLY G 330 -70.88 15.65 -38.26
CA GLY G 330 -71.96 14.86 -37.67
C GLY G 330 -73.27 15.63 -37.54
N LYS G 331 -73.21 16.96 -37.41
CA LYS G 331 -74.42 17.78 -37.41
C LYS G 331 -74.96 18.09 -38.81
N GLY G 332 -74.36 17.54 -39.83
CA GLY G 332 -74.71 17.84 -41.19
C GLY G 332 -74.03 19.08 -41.75
N GLY G 333 -72.93 19.48 -41.10
CA GLY G 333 -72.20 20.69 -41.53
C GLY G 333 -71.74 20.58 -42.95
N ILE G 334 -71.68 21.73 -43.62
CA ILE G 334 -71.26 21.77 -45.03
C ILE G 334 -69.78 22.07 -45.15
N GLY G 335 -69.14 22.43 -44.04
CA GLY G 335 -67.72 22.74 -44.11
C GLY G 335 -67.08 23.22 -42.82
N PHE G 336 -65.75 23.38 -42.88
CA PHE G 336 -64.90 23.58 -41.72
C PHE G 336 -63.59 24.18 -42.21
N SER G 337 -63.19 25.31 -41.66
CA SER G 337 -62.11 26.08 -42.24
C SER G 337 -61.16 26.71 -41.19
N PRO G 338 -60.10 25.98 -40.81
CA PRO G 338 -59.11 26.55 -39.88
C PRO G 338 -58.49 27.83 -40.40
N PHE G 339 -58.31 28.76 -39.47
CA PHE G 339 -57.77 30.07 -39.78
C PHE G 339 -56.26 30.18 -39.62
N GLY G 340 -55.65 30.85 -40.59
CA GLY G 340 -54.24 31.22 -40.51
C GLY G 340 -53.33 30.13 -41.02
N MET G 341 -53.80 29.39 -42.01
CA MET G 341 -53.03 28.32 -42.63
C MET G 341 -52.15 28.79 -43.78
N ASP G 342 -51.17 29.61 -43.45
CA ASP G 342 -50.18 30.01 -44.41
C ASP G 342 -48.88 30.37 -43.70
N ASP G 343 -47.82 30.47 -44.48
CA ASP G 343 -46.48 30.73 -43.95
C ASP G 343 -46.02 32.16 -44.14
N THR G 344 -46.93 33.11 -43.96
CA THR G 344 -46.60 34.52 -44.12
C THR G 344 -46.10 35.17 -42.81
N ASP G 345 -45.55 34.37 -41.89
CA ASP G 345 -44.86 34.86 -40.72
C ASP G 345 -45.83 35.51 -39.76
N TYR G 346 -46.88 34.79 -39.42
CA TYR G 346 -47.85 35.30 -38.45
C TYR G 346 -48.51 34.16 -37.74
N THR G 347 -48.76 34.38 -36.45
CA THR G 347 -49.60 33.48 -35.64
CA THR G 347 -49.55 33.51 -35.62
C THR G 347 -50.52 34.32 -34.79
N ASN G 348 -51.79 33.92 -34.73
CA ASN G 348 -52.74 34.62 -33.85
C ASN G 348 -52.83 34.00 -32.45
N TYR G 349 -51.84 33.18 -32.08
CA TYR G 349 -51.65 32.82 -30.69
C TYR G 349 -51.81 34.10 -29.82
N PRO G 350 -52.53 34.02 -28.70
CA PRO G 350 -53.11 32.82 -28.05
C PRO G 350 -54.37 32.15 -28.65
N LEU G 351 -54.97 32.71 -29.71
CA LEU G 351 -56.15 32.07 -30.31
C LEU G 351 -55.78 30.77 -31.02
N GLY G 352 -54.70 30.82 -31.78
CA GLY G 352 -54.23 29.69 -32.58
C GLY G 352 -52.91 29.14 -32.09
N ALA G 353 -52.22 28.42 -32.97
CA ALA G 353 -51.01 27.70 -32.62
C ALA G 353 -49.88 28.68 -32.30
N LYS G 354 -49.11 28.39 -31.27
CA LYS G 354 -47.95 29.21 -30.93
C LYS G 354 -46.91 29.28 -32.05
N VAL G 355 -46.69 28.18 -32.74
CA VAL G 355 -45.77 28.16 -33.85
C VAL G 355 -46.48 27.53 -35.06
N TYR G 356 -46.23 28.10 -36.24
CA TYR G 356 -46.75 27.57 -37.50
C TYR G 356 -45.71 26.75 -38.20
N ASN G 357 -45.89 25.45 -38.22
CA ASN G 357 -44.97 24.57 -38.85
C ASN G 357 -45.70 23.33 -39.40
N ASP G 358 -44.95 22.37 -39.93
CA ASP G 358 -45.55 21.18 -40.50
C ASP G 358 -46.43 20.44 -39.50
N GLU G 359 -46.00 20.39 -38.24
CA GLU G 359 -46.76 19.70 -37.20
C GLU G 359 -48.13 20.37 -37.01
N THR G 360 -48.16 21.69 -37.01
CA THR G 360 -49.43 22.44 -36.93
C THR G 360 -50.38 21.98 -38.03
N ILE G 361 -49.87 21.94 -39.24
CA ILE G 361 -50.69 21.56 -40.41
C ILE G 361 -51.13 20.11 -40.29
N GLU G 362 -50.22 19.24 -39.87
CA GLU G 362 -50.47 17.81 -39.83
C GLU G 362 -51.65 17.43 -38.91
N GLN G 363 -51.93 18.22 -37.88
CA GLN G 363 -53.04 17.88 -37.00
C GLN G 363 -54.36 17.92 -37.81
N PHE G 364 -54.46 18.86 -38.73
CA PHE G 364 -55.65 18.92 -39.60
C PHE G 364 -55.56 17.94 -40.77
N ALA G 365 -54.37 17.77 -41.35
CA ALA G 365 -54.19 16.84 -42.45
C ALA G 365 -54.65 15.44 -42.05
N GLN G 366 -54.35 15.05 -40.82
CA GLN G 366 -54.74 13.71 -40.34
C GLN G 366 -56.22 13.48 -40.28
N VAL G 367 -56.99 14.50 -39.95
CA VAL G 367 -58.46 14.34 -39.91
C VAL G 367 -59.09 14.54 -41.30
N TYR G 368 -58.55 15.44 -42.11
CA TYR G 368 -59.01 15.58 -43.50
C TYR G 368 -58.83 14.32 -44.30
N ARG G 369 -57.78 13.54 -44.00
CA ARG G 369 -57.52 12.26 -44.70
C ARG G 369 -58.62 11.22 -44.48
N LEU G 370 -59.40 11.36 -43.42
CA LEU G 370 -60.50 10.46 -43.16
C LEU G 370 -61.69 10.76 -44.09
N VAL G 371 -61.83 12.02 -44.47
CA VAL G 371 -63.04 12.49 -45.16
C VAL G 371 -62.82 12.64 -46.67
N ASN G 372 -61.67 13.15 -47.07
CA ASN G 372 -61.32 13.27 -48.50
C ASN G 372 -61.65 12.03 -49.36
N PRO G 373 -61.31 10.81 -48.92
CA PRO G 373 -61.59 9.64 -49.75
C PRO G 373 -63.06 9.33 -49.95
N MET G 374 -63.94 9.85 -49.11
CA MET G 374 -65.36 9.66 -49.25
C MET G 374 -66.13 10.97 -49.34
N MET G 375 -65.49 12.04 -49.76
CA MET G 375 -66.09 13.36 -49.55
C MET G 375 -67.49 13.44 -50.17
N ARG G 376 -67.62 13.06 -51.46
CA ARG G 376 -68.92 13.22 -52.15
C ARG G 376 -69.97 12.26 -51.59
N GLU G 377 -69.54 11.06 -51.21
CA GLU G 377 -70.45 10.08 -50.60
C GLU G 377 -70.92 10.53 -49.25
N TRP G 378 -70.01 11.04 -48.44
CA TRP G 378 -70.40 11.58 -47.12
C TRP G 378 -71.32 12.74 -47.30
N ALA G 379 -71.02 13.62 -48.25
CA ALA G 379 -71.82 14.84 -48.42
C ALA G 379 -73.27 14.50 -48.76
N ARG G 380 -73.45 13.50 -49.60
CA ARG G 380 -74.80 13.01 -49.94
C ARG G 380 -75.52 12.43 -48.75
N LEU G 381 -74.84 11.56 -47.99
CA LEU G 381 -75.45 10.98 -46.78
C LEU G 381 -75.80 11.99 -45.74
N SER G 382 -74.96 13.01 -45.63
CA SER G 382 -75.18 14.09 -44.68
C SER G 382 -76.34 15.00 -45.07
N TYR G 383 -76.79 14.93 -46.31
CA TYR G 383 -77.95 15.72 -46.74
C TYR G 383 -79.20 14.85 -46.70
N GLN G 384 -79.10 13.71 -47.34
CA GLN G 384 -80.25 12.84 -47.65
C GLN G 384 -80.48 11.77 -46.60
N GLY G 385 -79.49 11.53 -45.75
CA GLY G 385 -79.55 10.39 -44.83
C GLY G 385 -79.26 10.76 -43.40
N GLN G 386 -78.71 9.80 -42.65
CA GLN G 386 -78.52 9.95 -41.26
C GLN G 386 -77.02 9.79 -41.01
N VAL G 387 -76.47 10.83 -40.37
CA VAL G 387 -75.06 10.86 -40.03
C VAL G 387 -74.94 11.22 -38.56
N TRP G 388 -73.80 10.84 -37.99
CA TRP G 388 -73.46 11.18 -36.64
C TRP G 388 -71.94 11.47 -36.62
N GLY G 389 -71.55 12.28 -35.67
CA GLY G 389 -70.14 12.63 -35.51
C GLY G 389 -69.91 13.08 -34.10
N VAL G 390 -68.80 12.62 -33.49
CA VAL G 390 -68.42 13.00 -32.15
C VAL G 390 -66.93 13.29 -32.04
N ALA G 391 -66.59 14.11 -31.06
CA ALA G 391 -65.21 14.36 -30.66
C ALA G 391 -64.97 14.01 -29.18
N GLU G 392 -63.70 13.76 -28.88
CA GLU G 392 -63.24 13.43 -27.54
C GLU G 392 -63.66 14.55 -26.57
N PRO G 393 -64.46 14.20 -25.54
CA PRO G 393 -65.18 15.22 -24.83
C PRO G 393 -64.51 15.78 -23.61
N LEU G 394 -63.34 15.27 -23.25
CA LEU G 394 -62.56 15.91 -22.22
C LEU G 394 -61.42 16.60 -22.90
N ASP G 395 -61.20 17.84 -22.52
CA ASP G 395 -60.03 18.58 -22.99
C ASP G 395 -58.77 18.02 -22.35
N SER G 396 -57.61 18.38 -22.88
CA SER G 396 -56.36 17.86 -22.36
C SER G 396 -56.23 18.27 -20.89
N THR G 397 -55.69 17.38 -20.06
CA THR G 397 -55.62 17.65 -18.62
C THR G 397 -54.69 18.83 -18.29
N THR G 398 -55.16 19.72 -17.42
CA THR G 398 -54.44 20.93 -17.03
C THR G 398 -53.32 20.62 -16.03
N GLU G 399 -52.41 21.59 -15.84
CA GLU G 399 -51.38 21.50 -14.78
C GLU G 399 -52.04 21.50 -13.40
N THR G 400 -53.01 22.39 -13.20
CA THR G 400 -53.87 22.41 -12.00
C THR G 400 -54.51 21.03 -11.69
N GLN G 401 -55.03 20.34 -12.72
CA GLN G 401 -55.61 19.00 -12.56
C GLN G 401 -54.55 17.91 -12.36
N LYS G 402 -53.39 18.08 -13.00
CA LYS G 402 -52.26 17.18 -12.79
C LYS G 402 -51.72 17.26 -11.34
N ILE G 403 -51.85 18.43 -10.70
CA ILE G 403 -51.49 18.60 -9.28
C ILE G 403 -52.56 17.96 -8.37
N TRP G 404 -53.82 18.33 -8.60
CA TRP G 404 -54.95 17.74 -7.86
C TRP G 404 -54.98 16.21 -7.95
N ASN G 405 -54.58 15.68 -9.09
CA ASN G 405 -54.44 14.23 -9.28
C ASN G 405 -53.32 13.66 -8.41
N ALA G 406 -52.17 14.32 -8.41
CA ALA G 406 -51.00 13.88 -7.65
C ALA G 406 -51.17 13.84 -6.12
N GLU G 407 -52.10 14.64 -5.57
CA GLU G 407 -52.31 14.73 -4.13
C GLU G 407 -53.75 14.28 -3.82
N ALA G 408 -54.02 12.98 -3.94
CA ALA G 408 -55.43 12.52 -4.05
C ALA G 408 -56.01 11.57 -3.01
N THR G 409 -55.26 10.54 -2.62
CA THR G 409 -55.80 9.43 -1.80
C THR G 409 -56.17 8.35 -2.80
N PRO G 410 -55.55 7.16 -2.68
CA PRO G 410 -55.77 6.07 -3.63
C PRO G 410 -57.25 5.79 -3.97
N GLU G 411 -58.17 6.02 -3.02
CA GLU G 411 -59.61 5.86 -3.28
C GLU G 411 -60.13 6.99 -4.18
N GLU G 412 -59.59 8.20 -4.02
CA GLU G 412 -59.97 9.34 -4.85
C GLU G 412 -59.43 9.23 -6.29
N LYS G 413 -58.21 8.70 -6.44
CA LYS G 413 -57.63 8.41 -7.75
C LYS G 413 -58.48 7.39 -8.52
N GLU G 414 -58.79 6.24 -7.90
CA GLU G 414 -59.65 5.23 -8.52
C GLU G 414 -61.00 5.80 -8.92
N GLN G 415 -61.56 6.67 -8.09
CA GLN G 415 -62.85 7.26 -8.39
C GLN G 415 -62.76 8.28 -9.55
N HIS G 416 -61.70 9.07 -9.56
CA HIS G 416 -61.49 10.03 -10.63
C HIS G 416 -61.31 9.31 -11.97
N LYS G 417 -60.54 8.22 -11.95
CA LYS G 417 -60.36 7.42 -13.14
C LYS G 417 -61.67 6.87 -13.68
N LYS G 418 -62.54 6.40 -12.79
CA LYS G 418 -63.84 5.93 -13.16
C LYS G 418 -64.67 7.04 -13.80
N ASP G 419 -64.60 8.23 -13.23
CA ASP G 419 -65.37 9.39 -13.69
C ASP G 419 -64.90 9.79 -15.08
N ARG G 420 -63.58 9.81 -15.27
CA ARG G 420 -63.01 10.13 -16.57
C ARG G 420 -63.44 9.10 -17.60
N ALA G 421 -63.36 7.82 -17.22
CA ALA G 421 -63.73 6.72 -18.14
C ALA G 421 -65.16 6.88 -18.60
N SER G 422 -66.04 7.21 -17.66
CA SER G 422 -67.43 7.44 -17.96
C SER G 422 -67.64 8.68 -18.86
N ALA G 423 -66.93 9.76 -18.59
CA ALA G 423 -67.04 10.96 -19.40
C ALA G 423 -66.50 10.72 -20.83
N LEU G 424 -65.51 9.84 -20.94
CA LEU G 424 -64.87 9.51 -22.22
C LEU G 424 -65.57 8.36 -22.96
N THR G 425 -66.84 8.13 -22.64
CA THR G 425 -67.66 7.08 -23.25
C THR G 425 -68.91 7.75 -23.79
N GLN G 426 -69.12 7.73 -25.11
CA GLN G 426 -70.28 8.39 -25.70
C GLN G 426 -71.17 7.35 -26.32
N GLN G 427 -72.49 7.50 -26.14
CA GLN G 427 -73.47 6.56 -26.71
C GLN G 427 -74.23 7.26 -27.82
N LEU G 428 -74.39 6.56 -28.94
CA LEU G 428 -75.14 7.08 -30.09
C LEU G 428 -76.24 6.10 -30.48
N ASP G 429 -77.44 6.62 -30.69
CA ASP G 429 -78.61 5.80 -31.08
C ASP G 429 -78.71 5.76 -32.59
N LEU G 430 -78.40 4.61 -33.18
CA LEU G 430 -78.34 4.50 -34.63
C LEU G 430 -79.55 3.74 -35.18
N GLY G 431 -80.63 3.68 -34.41
CA GLY G 431 -81.87 3.00 -34.86
C GLY G 431 -82.00 1.67 -34.16
N LEU G 432 -81.82 0.61 -34.92
CA LEU G 432 -81.82 -0.76 -34.36
C LEU G 432 -80.55 -1.06 -33.56
N TRP G 433 -79.51 -0.27 -33.82
CA TRP G 433 -78.19 -0.50 -33.22
C TRP G 433 -77.73 0.78 -32.55
N ASP G 434 -76.93 0.63 -31.51
CA ASP G 434 -76.26 1.75 -30.88
C ASP G 434 -74.77 1.59 -31.06
N ALA G 435 -74.05 2.71 -31.05
CA ALA G 435 -72.58 2.68 -30.99
C ALA G 435 -72.12 3.31 -29.69
N GLU G 436 -71.02 2.79 -29.17
CA GLU G 436 -70.38 3.39 -28.05
C GLU G 436 -68.97 3.76 -28.50
N VAL G 437 -68.63 5.04 -28.34
CA VAL G 437 -67.31 5.53 -28.72
C VAL G 437 -66.52 5.87 -27.48
N THR G 438 -65.30 5.34 -27.40
CA THR G 438 -64.44 5.58 -26.26
C THR G 438 -63.06 6.03 -26.74
N TYR G 439 -62.34 6.72 -25.87
CA TYR G 439 -61.08 7.38 -26.25
C TYR G 439 -59.90 7.05 -25.35
N GLY G 440 -58.79 6.66 -25.98
CA GLY G 440 -57.50 6.52 -25.26
C GLY G 440 -57.40 5.18 -24.51
N ARG G 441 -57.35 4.09 -25.27
CA ARG G 441 -57.24 2.76 -24.72
C ARG G 441 -56.53 1.89 -25.71
N PRO G 442 -55.99 0.75 -25.26
CA PRO G 442 -55.36 -0.15 -26.21
C PRO G 442 -56.32 -0.66 -27.28
N MET G 443 -55.77 -1.30 -28.31
CA MET G 443 -56.54 -1.87 -29.42
C MET G 443 -57.02 -3.30 -29.11
N PHE G 444 -56.67 -3.76 -27.93
CA PHE G 444 -56.91 -5.13 -27.51
C PHE G 444 -57.38 -5.13 -26.06
N TRP G 445 -58.32 -6.02 -25.73
CA TRP G 445 -58.84 -6.16 -24.38
C TRP G 445 -59.69 -4.94 -23.99
N VAL G 446 -59.96 -4.78 -22.71
CA VAL G 446 -61.07 -3.98 -22.31
C VAL G 446 -60.69 -3.00 -21.18
N THR G 447 -59.41 -2.68 -21.04
CA THR G 447 -59.05 -1.70 -20.06
C THR G 447 -59.80 -0.41 -20.32
N PRO G 448 -60.28 0.28 -19.28
CA PRO G 448 -61.11 1.45 -19.52
C PRO G 448 -60.39 2.63 -20.18
N PRO G 449 -61.13 3.47 -20.88
CA PRO G 449 -60.55 4.62 -21.53
C PRO G 449 -59.97 5.64 -20.56
N GLU G 450 -58.80 6.19 -20.91
CA GLU G 450 -58.13 7.22 -20.12
C GLU G 450 -57.89 8.51 -20.92
N GLY G 451 -58.33 8.55 -22.18
CA GLY G 451 -58.18 9.76 -22.97
C GLY G 451 -56.84 9.80 -23.68
N ASN G 452 -56.83 10.47 -24.82
CA ASN G 452 -55.60 10.71 -25.57
C ASN G 452 -54.88 11.91 -24.98
N THR G 453 -53.57 11.95 -25.17
CA THR G 453 -52.75 13.05 -24.71
CA THR G 453 -52.77 13.08 -24.71
C THR G 453 -51.98 13.63 -25.87
N PRO G 454 -52.36 14.81 -26.34
CA PRO G 454 -53.50 15.63 -25.97
C PRO G 454 -54.83 15.07 -26.49
N ALA G 455 -55.92 15.67 -26.04
CA ALA G 455 -57.27 15.26 -26.51
C ALA G 455 -57.31 15.48 -28.01
N ALA G 456 -57.78 14.47 -28.76
CA ALA G 456 -57.66 14.49 -30.23
C ALA G 456 -58.64 13.58 -31.00
N GLY G 457 -59.35 12.70 -30.31
CA GLY G 457 -60.09 11.65 -30.98
C GLY G 457 -61.42 12.09 -31.48
N GLY G 458 -61.98 11.27 -32.37
CA GLY G 458 -63.37 11.42 -32.79
C GLY G 458 -63.79 10.31 -33.75
N ALA G 459 -65.05 10.42 -34.22
CA ALA G 459 -65.64 9.38 -35.04
C ALA G 459 -66.76 9.95 -35.89
N LEU G 460 -66.89 9.36 -37.07
CA LEU G 460 -68.00 9.64 -38.00
C LEU G 460 -68.72 8.34 -38.31
N ILE G 461 -70.05 8.39 -38.34
CA ILE G 461 -70.89 7.26 -38.72
C ILE G 461 -72.01 7.73 -39.63
N ALA G 462 -72.23 6.98 -40.72
CA ALA G 462 -73.37 7.23 -41.61
C ALA G 462 -74.18 5.95 -41.75
N GLN G 463 -75.50 6.06 -41.78
CA GLN G 463 -76.35 4.85 -41.91
C GLN G 463 -76.56 4.55 -43.38
N LEU G 464 -76.22 3.34 -43.78
CA LEU G 464 -76.44 2.91 -45.16
C LEU G 464 -77.74 2.14 -45.31
N ASP G 465 -78.14 1.42 -44.27
CA ASP G 465 -79.38 0.62 -44.26
C ASP G 465 -79.71 0.31 -42.83
N ASP G 466 -80.79 -0.43 -42.58
CA ASP G 466 -81.22 -0.70 -41.22
C ASP G 466 -80.11 -1.28 -40.32
N ASN G 467 -79.28 -2.12 -40.90
CA ASN G 467 -78.26 -2.84 -40.14
C ASN G 467 -76.85 -2.57 -40.61
N GLU G 468 -76.67 -1.52 -41.40
CA GLU G 468 -75.39 -1.29 -42.06
C GLU G 468 -74.96 0.16 -42.01
N TYR G 469 -73.69 0.36 -41.63
CA TYR G 469 -73.15 1.69 -41.33
C TYR G 469 -71.80 1.87 -41.96
N LEU G 470 -71.53 3.11 -42.37
CA LEU G 470 -70.22 3.53 -42.78
C LEU G 470 -69.55 4.20 -41.57
N VAL G 471 -68.31 3.80 -41.27
CA VAL G 471 -67.63 4.22 -40.05
C VAL G 471 -66.18 4.57 -40.32
N THR G 472 -65.77 5.73 -39.84
CA THR G 472 -64.35 6.03 -39.79
C THR G 472 -64.10 6.82 -38.51
N ALA G 473 -62.94 6.59 -37.89
CA ALA G 473 -62.65 7.26 -36.63
C ALA G 473 -61.16 7.44 -36.43
N TYR G 474 -60.80 8.08 -35.33
CA TYR G 474 -59.47 8.60 -35.15
C TYR G 474 -59.16 8.58 -33.63
N LYS G 475 -58.13 7.82 -33.25
CA LYS G 475 -57.71 7.68 -31.87
C LYS G 475 -58.86 7.38 -30.95
N ALA G 476 -59.58 6.32 -31.28
CA ALA G 476 -60.81 6.01 -30.64
C ALA G 476 -61.19 4.56 -30.92
N ARG G 477 -62.07 4.04 -30.06
CA ARG G 477 -62.73 2.73 -30.28
C ARG G 477 -64.24 2.95 -30.46
N VAL G 478 -64.80 2.25 -31.44
CA VAL G 478 -66.22 2.31 -31.74
C VAL G 478 -66.75 0.89 -31.58
N GLU G 479 -67.74 0.70 -30.71
CA GLU G 479 -68.39 -0.60 -30.50
CA GLU G 479 -68.40 -0.61 -30.50
C GLU G 479 -69.87 -0.54 -30.84
N PHE G 480 -70.40 -1.60 -31.41
CA PHE G 480 -71.83 -1.67 -31.75
C PHE G 480 -72.57 -2.66 -30.87
N LYS G 481 -73.80 -2.33 -30.54
CA LYS G 481 -74.66 -3.23 -29.78
C LYS G 481 -76.12 -2.95 -30.18
N PRO G 482 -77.03 -3.86 -29.81
CA PRO G 482 -78.43 -3.63 -30.07
C PRO G 482 -78.96 -2.40 -29.35
N SER G 483 -79.81 -1.63 -30.02
CA SER G 483 -80.38 -0.44 -29.41
C SER G 483 -81.50 -0.79 -28.42
N GLN G 484 -82.12 -1.95 -28.61
CA GLN G 484 -83.15 -2.38 -27.66
C GLN G 484 -83.02 -3.88 -27.38
N GLU G 485 -83.66 -4.30 -26.28
CA GLU G 485 -83.59 -5.70 -25.83
C GLU G 485 -83.99 -6.63 -26.99
N LEU G 486 -83.23 -7.70 -27.17
CA LEU G 486 -83.50 -8.67 -28.21
C LEU G 486 -84.35 -9.78 -27.55
N ALA G 487 -85.42 -10.18 -28.21
CA ALA G 487 -86.40 -11.06 -27.55
C ALA G 487 -85.86 -12.48 -27.67
N GLY G 488 -84.95 -12.84 -26.79
CA GLY G 488 -84.28 -14.16 -26.84
C GLY G 488 -83.32 -14.41 -28.01
N LYS G 489 -82.96 -13.38 -28.75
CA LYS G 489 -82.02 -13.53 -29.85
C LYS G 489 -80.63 -13.15 -29.34
N LYS G 490 -79.60 -13.48 -30.10
CA LYS G 490 -78.26 -12.97 -29.85
CA LYS G 490 -78.26 -12.97 -29.85
C LYS G 490 -77.88 -12.00 -30.96
N PHE G 491 -76.70 -11.36 -30.85
CA PHE G 491 -76.23 -10.52 -31.93
C PHE G 491 -74.75 -10.65 -32.14
N MET G 492 -74.34 -10.29 -33.34
CA MET G 492 -72.93 -10.17 -33.63
CA MET G 492 -72.93 -10.18 -33.64
C MET G 492 -72.72 -9.21 -34.79
N ILE G 493 -71.46 -8.85 -34.98
CA ILE G 493 -71.04 -8.24 -36.22
C ILE G 493 -71.22 -9.31 -37.32
N GLU G 494 -71.95 -9.01 -38.39
CA GLU G 494 -72.00 -9.91 -39.49
C GLU G 494 -70.74 -9.80 -40.33
N ARG G 495 -70.38 -8.57 -40.68
CA ARG G 495 -69.20 -8.33 -41.50
C ARG G 495 -68.73 -6.90 -41.36
N VAL G 496 -67.41 -6.73 -41.27
CA VAL G 496 -66.75 -5.41 -41.38
C VAL G 496 -65.80 -5.44 -42.57
N GLU G 497 -65.98 -4.52 -43.51
CA GLU G 497 -65.10 -4.40 -44.64
C GLU G 497 -64.40 -3.06 -44.57
N GLU G 498 -63.10 -3.07 -44.80
CA GLU G 498 -62.37 -1.85 -45.04
C GLU G 498 -62.31 -1.65 -46.57
N GLY G 499 -62.52 -0.41 -47.03
CA GLY G 499 -62.40 -0.15 -48.44
C GLY G 499 -62.43 1.30 -48.81
N ARG G 500 -62.86 1.55 -50.05
CA ARG G 500 -62.91 2.88 -50.58
C ARG G 500 -63.98 2.97 -51.66
N PHE G 501 -64.27 4.20 -52.06
CA PHE G 501 -65.19 4.45 -53.16
C PHE G 501 -64.39 4.76 -54.41
N GLU G 502 -64.72 4.07 -55.50
CA GLU G 502 -64.14 4.36 -56.81
C GLU G 502 -65.29 4.57 -57.80
N LYS G 503 -65.38 5.77 -58.39
CA LYS G 503 -66.50 6.12 -59.26
C LYS G 503 -67.81 5.89 -58.54
N GLY G 504 -67.87 6.26 -57.26
CA GLY G 504 -69.07 6.05 -56.44
C GLY G 504 -69.40 4.61 -56.04
N LYS G 505 -68.60 3.64 -56.49
CA LYS G 505 -68.79 2.23 -56.15
C LYS G 505 -67.84 1.81 -55.03
N TRP G 506 -68.36 1.08 -54.06
CA TRP G 506 -67.55 0.54 -52.97
C TRP G 506 -66.63 -0.54 -53.46
N VAL G 507 -65.35 -0.42 -53.15
CA VAL G 507 -64.36 -1.45 -53.45
C VAL G 507 -63.82 -1.96 -52.13
N MET G 508 -63.98 -3.26 -51.85
CA MET G 508 -63.43 -3.78 -50.59
CA MET G 508 -63.47 -3.80 -50.59
C MET G 508 -61.95 -4.07 -50.72
N GLU G 509 -61.20 -3.68 -49.68
CA GLU G 509 -59.80 -3.97 -49.61
C GLU G 509 -59.53 -5.20 -48.71
N ARG G 510 -60.20 -5.28 -47.58
CA ARG G 510 -60.06 -6.41 -46.69
C ARG G 510 -61.23 -6.49 -45.73
N VAL G 511 -61.37 -7.64 -45.10
CA VAL G 511 -62.32 -7.84 -44.05
C VAL G 511 -61.63 -7.71 -42.70
N TRP G 512 -62.16 -6.86 -41.82
CA TRP G 512 -61.72 -6.84 -40.43
C TRP G 512 -62.44 -7.95 -39.71
N ASN G 513 -61.67 -8.77 -39.02
CA ASN G 513 -62.26 -9.84 -38.23
C ASN G 513 -61.29 -10.22 -37.11
N GLY G 514 -61.66 -11.18 -36.30
CA GLY G 514 -60.76 -11.66 -35.25
C GLY G 514 -60.41 -10.56 -34.27
N ASP G 515 -59.12 -10.40 -33.98
CA ASP G 515 -58.65 -9.35 -33.05
C ASP G 515 -59.19 -7.98 -33.43
N GLN G 516 -59.33 -7.73 -34.74
CA GLN G 516 -59.73 -6.40 -35.24
C GLN G 516 -61.19 -6.07 -34.97
N THR G 517 -62.00 -7.05 -34.65
CA THR G 517 -63.41 -6.79 -34.29
C THR G 517 -63.83 -7.38 -32.95
N ASP G 518 -62.94 -8.06 -32.24
CA ASP G 518 -63.25 -8.64 -30.94
C ASP G 518 -63.43 -7.57 -29.85
N TRP G 519 -62.69 -6.45 -29.95
CA TRP G 519 -62.63 -5.46 -28.89
C TRP G 519 -63.06 -4.11 -29.46
N GLY G 520 -64.18 -4.15 -30.16
CA GLY G 520 -64.64 -3.00 -30.92
C GLY G 520 -63.81 -2.76 -32.15
N LEU G 521 -64.00 -1.58 -32.72
CA LEU G 521 -63.27 -1.18 -33.92
C LEU G 521 -62.31 -0.08 -33.47
N ASN G 522 -61.02 -0.39 -33.50
CA ASN G 522 -60.01 0.49 -32.96
C ASN G 522 -59.23 1.23 -34.02
N PHE G 523 -59.17 2.55 -33.86
CA PHE G 523 -58.54 3.44 -34.83
C PHE G 523 -57.42 4.20 -34.14
N THR G 524 -56.34 4.39 -34.88
CA THR G 524 -55.20 5.14 -34.42
C THR G 524 -55.21 6.47 -35.17
N ASP G 525 -54.06 6.94 -35.61
CA ASP G 525 -54.01 8.13 -36.43
C ASP G 525 -54.16 7.87 -37.95
N ARG G 526 -54.14 6.62 -38.35
CA ARG G 526 -54.21 6.29 -39.76
C ARG G 526 -55.64 6.13 -40.26
N PRO G 527 -55.89 6.45 -41.53
CA PRO G 527 -57.22 6.42 -42.09
C PRO G 527 -57.67 5.02 -42.45
N HIS G 528 -58.88 4.66 -42.02
CA HIS G 528 -59.56 3.46 -42.47
C HIS G 528 -61.03 3.77 -42.57
N LEU G 529 -61.64 3.40 -43.71
CA LEU G 529 -63.06 3.56 -43.91
C LEU G 529 -63.71 2.19 -43.91
N LEU G 530 -64.68 1.99 -43.02
CA LEU G 530 -65.31 0.70 -42.82
C LEU G 530 -66.78 0.70 -43.15
N ARG G 531 -67.25 -0.41 -43.71
CA ARG G 531 -68.68 -0.71 -43.77
C ARG G 531 -68.95 -1.82 -42.78
N VAL G 532 -69.82 -1.52 -41.83
CA VAL G 532 -70.13 -2.39 -40.72
C VAL G 532 -71.57 -2.91 -40.87
N LYS G 533 -71.72 -4.21 -40.96
CA LYS G 533 -73.04 -4.84 -41.02
C LYS G 533 -73.26 -5.64 -39.72
N MET G 534 -74.32 -5.32 -39.01
CA MET G 534 -74.69 -5.99 -37.79
C MET G 534 -75.82 -6.98 -38.03
N ALA G 535 -75.92 -8.01 -37.19
CA ALA G 535 -77.03 -8.98 -37.26
C ALA G 535 -77.48 -9.47 -35.91
N SER G 536 -78.79 -9.54 -35.71
CA SER G 536 -79.38 -10.32 -34.62
C SER G 536 -79.74 -11.68 -35.21
N TYR G 537 -79.62 -12.72 -34.40
CA TYR G 537 -79.87 -14.06 -34.89
C TYR G 537 -80.54 -14.91 -33.80
N SER G 538 -81.42 -15.81 -34.25
CA SER G 538 -82.09 -16.72 -33.35
C SER G 538 -81.20 -17.84 -32.87
N VAL G 539 -81.41 -18.19 -31.61
CA VAL G 539 -80.83 -19.40 -31.04
C VAL G 539 -81.87 -20.38 -30.44
N GLN G 540 -83.17 -20.15 -30.66
CA GLN G 540 -84.22 -20.86 -29.87
C GLN G 540 -85.22 -21.58 -30.79
N ALA H 2 46.55 26.90 3.87
CA ALA H 2 45.60 27.06 5.03
C ALA H 2 46.08 28.20 5.92
N PRO H 3 45.13 29.00 6.45
CA PRO H 3 45.54 30.07 7.32
C PRO H 3 46.10 29.54 8.65
N LEU H 4 47.01 30.30 9.26
CA LEU H 4 47.57 29.93 10.53
C LEU H 4 46.48 29.83 11.57
N PRO H 5 46.59 28.85 12.49
CA PRO H 5 45.75 28.90 13.67
C PRO H 5 45.97 30.21 14.44
N GLU H 6 44.94 30.70 15.11
CA GLU H 6 45.06 31.90 15.90
C GLU H 6 43.98 31.99 16.96
N LEU H 7 44.27 32.67 18.04
CA LEU H 7 43.32 32.86 19.12
C LEU H 7 42.70 34.24 18.95
N LEU H 8 41.39 34.27 18.72
CA LEU H 8 40.66 35.52 18.60
C LEU H 8 39.96 35.83 19.90
N SER H 9 39.92 37.12 20.25
CA SER H 9 39.23 37.61 21.43
C SER H 9 38.41 38.84 21.04
N ASN H 10 37.10 38.80 21.30
CA ASN H 10 36.21 39.92 20.97
C ASN H 10 34.95 39.87 21.80
N ASN H 11 34.53 41.03 22.29
CA ASN H 11 33.33 41.18 23.12
C ASN H 11 33.34 40.28 24.34
N GLY H 12 34.52 40.17 24.95
CA GLY H 12 34.74 39.30 26.09
C GLY H 12 34.66 37.80 25.82
N LYS H 13 34.61 37.40 24.56
CA LYS H 13 34.55 35.98 24.18
C LYS H 13 35.78 35.60 23.36
N HIS H 14 35.98 34.30 23.10
CA HIS H 14 37.19 33.85 22.46
C HIS H 14 36.92 32.69 21.54
N ALA H 15 37.79 32.53 20.55
CA ALA H 15 37.75 31.36 19.68
C ALA H 15 39.16 30.96 19.31
N LEU H 16 39.43 29.65 19.31
CA LEU H 16 40.64 29.14 18.68
C LEU H 16 40.28 28.88 17.21
N MET H 17 40.89 29.65 16.32
CA MET H 17 40.66 29.46 14.89
C MET H 17 41.63 28.42 14.37
N VAL H 18 41.09 27.42 13.72
CA VAL H 18 41.89 26.40 13.04
C VAL H 18 41.35 26.22 11.64
N ASP H 19 42.25 26.33 10.66
CA ASP H 19 41.88 26.31 9.23
C ASP H 19 40.76 27.30 8.93
N GLY H 20 40.84 28.46 9.56
CA GLY H 20 39.96 29.57 9.25
C GLY H 20 38.59 29.58 9.90
N ALA H 21 38.36 28.74 10.91
CA ALA H 21 37.08 28.73 11.61
C ALA H 21 37.26 28.27 13.06
N PRO H 22 36.33 28.62 13.95
CA PRO H 22 36.50 28.21 15.33
C PRO H 22 36.57 26.70 15.47
N TYR H 23 37.33 26.26 16.47
CA TYR H 23 37.65 24.84 16.67
C TYR H 23 37.63 24.56 18.17
N ILE H 24 37.20 23.35 18.54
CA ILE H 24 37.27 22.88 19.93
C ILE H 24 38.27 21.75 20.02
N ILE H 25 39.22 21.89 20.93
CA ILE H 25 40.12 20.80 21.24
C ILE H 25 39.40 19.80 22.14
N LEU H 26 39.05 18.65 21.55
CA LEU H 26 38.60 17.50 22.30
C LEU H 26 39.84 16.65 22.41
N GLY H 27 40.57 16.88 23.50
CA GLY H 27 41.95 16.51 23.54
C GLY H 27 42.27 15.25 24.31
N SER H 28 43.53 14.87 24.22
CA SER H 28 44.10 13.87 25.12
C SER H 28 45.55 14.22 25.26
N GLN H 29 46.11 14.01 26.44
CA GLN H 29 47.53 14.22 26.64
C GLN H 29 48.18 12.90 27.05
N THR H 30 49.36 12.66 26.50
CA THR H 30 50.14 11.50 26.85
C THR H 30 50.68 11.58 28.28
N ASN H 31 51.10 10.43 28.80
CA ASN H 31 52.00 10.46 29.95
C ASN H 31 53.33 11.13 29.59
N ASN H 32 54.09 11.48 30.62
CA ASN H 32 55.28 12.34 30.51
C ASN H 32 56.50 11.70 29.80
N SER H 33 56.52 10.38 29.63
CA SER H 33 57.63 9.68 29.01
C SER H 33 57.25 8.98 27.70
N SER H 34 56.25 9.54 27.00
CA SER H 34 55.75 8.97 25.76
C SER H 34 56.21 9.74 24.53
N ASN H 35 57.12 10.67 24.72
CA ASN H 35 57.59 11.54 23.66
C ASN H 35 58.75 10.93 22.84
N TYR H 36 58.59 9.65 22.44
CA TYR H 36 59.59 8.94 21.63
C TYR H 36 58.87 8.09 20.59
N PRO H 37 59.50 7.88 19.42
CA PRO H 37 58.83 7.14 18.34
C PRO H 37 58.27 5.80 18.79
N ASP H 38 59.04 5.07 19.58
CA ASP H 38 58.65 3.72 20.01
C ASP H 38 57.41 3.70 20.92
N ALA H 39 57.16 4.83 21.61
CA ALA H 39 56.01 4.95 22.52
C ALA H 39 54.71 5.26 21.80
N LEU H 40 54.77 5.75 20.57
CA LEU H 40 53.56 6.22 19.92
C LEU H 40 52.54 5.14 19.62
N LYS H 41 53.01 3.91 19.43
CA LYS H 41 52.06 2.79 19.20
C LYS H 41 51.17 2.55 20.43
N ASP H 42 51.61 2.99 21.60
CA ASP H 42 50.82 2.91 22.83
C ASP H 42 49.98 4.15 23.11
N VAL H 43 50.04 5.12 22.20
CA VAL H 43 49.29 6.36 22.31
C VAL H 43 48.10 6.38 21.34
N TRP H 44 48.34 6.06 20.06
CA TRP H 44 47.29 6.25 19.07
C TRP H 44 46.03 5.45 19.36
N PRO H 45 46.17 4.18 19.81
CA PRO H 45 44.89 3.44 20.02
C PRO H 45 43.94 4.12 21.05
N SER H 46 44.50 4.69 22.12
CA SER H 46 43.70 5.41 23.11
C SER H 46 43.01 6.60 22.52
N MET H 47 43.76 7.34 21.72
CA MET H 47 43.20 8.48 21.06
C MET H 47 42.03 8.11 20.16
N GLU H 48 42.18 7.01 19.40
CA GLU H 48 41.11 6.50 18.50
C GLU H 48 39.90 6.09 19.30
N LYS H 49 40.12 5.35 20.37
CA LYS H 49 38.99 4.93 21.25
C LYS H 49 38.30 6.11 21.90
N MET H 50 39.05 7.13 22.23
CA MET H 50 38.52 8.30 22.89
C MET H 50 37.74 9.19 21.94
N GLY H 51 38.09 9.15 20.66
CA GLY H 51 37.48 10.06 19.68
C GLY H 51 38.07 11.46 19.78
N ALA H 52 39.26 11.57 20.35
CA ALA H 52 39.92 12.84 20.47
C ALA H 52 40.33 13.37 19.08
N ASN H 53 40.28 14.67 18.92
CA ASN H 53 40.73 15.34 17.68
C ASN H 53 42.12 15.97 17.77
N THR H 54 42.69 16.09 18.97
CA THR H 54 43.96 16.77 19.19
C THR H 54 44.76 16.05 20.26
N LEU H 55 46.03 15.77 20.00
CA LEU H 55 46.92 15.15 20.97
C LEU H 55 47.91 16.16 21.51
N SER H 56 47.97 16.25 22.82
CA SER H 56 48.98 17.03 23.50
C SER H 56 50.12 16.11 23.92
N ILE H 57 51.35 16.46 23.54
CA ILE H 57 52.49 15.56 23.77
C ILE H 57 53.75 16.40 23.96
N PRO H 58 54.67 15.95 24.83
CA PRO H 58 55.86 16.75 25.04
C PRO H 58 56.84 16.73 23.86
N VAL H 59 57.54 17.82 23.70
CA VAL H 59 58.79 17.84 22.95
C VAL H 59 59.80 18.44 23.92
N ALA H 60 60.83 17.66 24.26
CA ALA H 60 61.71 18.01 25.32
C ALA H 60 62.97 18.68 24.77
N TRP H 61 63.44 19.68 25.47
CA TRP H 61 64.70 20.33 25.13
C TRP H 61 65.85 19.31 25.13
N GLU H 62 65.88 18.42 26.11
CA GLU H 62 66.92 17.35 26.14
C GLU H 62 66.96 16.49 24.89
N GLN H 63 65.81 16.25 24.24
CA GLN H 63 65.81 15.37 23.10
C GLN H 63 66.12 16.13 21.80
N ILE H 64 65.78 17.40 21.72
CA ILE H 64 66.06 18.15 20.48
C ILE H 64 67.43 18.81 20.48
N GLU H 65 68.04 19.01 21.65
CA GLU H 65 69.40 19.55 21.71
C GLU H 65 70.24 18.81 22.74
N PRO H 66 70.50 17.52 22.49
CA PRO H 66 71.16 16.68 23.49
C PRO H 66 72.60 17.09 23.76
N VAL H 67 73.23 17.67 22.74
CA VAL H 67 74.56 18.28 22.85
C VAL H 67 74.40 19.68 22.31
N GLU H 68 74.99 20.66 22.97
CA GLU H 68 74.75 22.04 22.60
C GLU H 68 75.07 22.26 21.12
N GLY H 69 74.12 22.89 20.43
CA GLY H 69 74.27 23.16 19.00
C GLY H 69 74.02 22.01 18.07
N GLN H 70 73.71 20.82 18.58
CA GLN H 70 73.47 19.64 17.74
C GLN H 70 72.03 19.21 17.84
N PHE H 71 71.21 19.70 16.93
CA PHE H 71 69.78 19.51 17.01
C PHE H 71 69.32 18.21 16.40
N ASP H 72 68.25 17.66 16.97
CA ASP H 72 67.69 16.38 16.53
C ASP H 72 66.16 16.48 16.56
N PHE H 73 65.54 16.53 15.39
CA PHE H 73 64.09 16.60 15.26
C PHE H 73 63.49 15.29 14.78
N SER H 74 64.24 14.18 14.96
CA SER H 74 63.75 12.90 14.46
C SER H 74 62.41 12.51 15.10
N PHE H 75 62.20 12.86 16.38
CA PHE H 75 60.91 12.55 17.02
C PHE H 75 59.79 13.38 16.40
N VAL H 76 60.04 14.66 16.21
CA VAL H 76 59.02 15.56 15.69
C VAL H 76 58.60 15.14 14.29
N ASP H 77 59.58 14.70 13.50
CA ASP H 77 59.28 14.17 12.18
C ASP H 77 58.30 13.00 12.21
N VAL H 78 58.62 11.97 12.99
CA VAL H 78 57.76 10.79 13.12
C VAL H 78 56.38 11.18 13.64
N LEU H 79 56.38 12.04 14.64
CA LEU H 79 55.14 12.45 15.29
C LEU H 79 54.19 13.14 14.29
N LEU H 80 54.73 14.10 13.54
CA LEU H 80 53.93 14.80 12.53
C LEU H 80 53.34 13.82 11.54
N LYS H 81 54.16 12.91 11.04
CA LYS H 81 53.71 11.97 10.02
C LYS H 81 52.64 11.03 10.53
N GLU H 82 52.82 10.53 11.74
CA GLU H 82 51.83 9.65 12.31
C GLU H 82 50.53 10.35 12.66
N ALA H 83 50.61 11.57 13.20
CA ALA H 83 49.42 12.36 13.46
C ALA H 83 48.59 12.60 12.20
N ARG H 84 49.27 12.96 11.12
CA ARG H 84 48.61 13.20 9.85
C ARG H 84 47.94 11.97 9.31
N GLN H 85 48.61 10.83 9.43
CA GLN H 85 48.02 9.60 9.00
C GLN H 85 46.74 9.26 9.76
N ARG H 86 46.69 9.67 11.03
CA ARG H 86 45.51 9.41 11.84
CA ARG H 86 45.56 9.44 11.92
C ARG H 86 44.53 10.57 11.80
N LYS H 87 44.85 11.60 11.04
CA LYS H 87 43.99 12.77 10.84
C LYS H 87 43.63 13.47 12.17
N VAL H 88 44.62 13.68 13.00
CA VAL H 88 44.46 14.45 14.24
C VAL H 88 45.48 15.59 14.25
N ARG H 89 45.21 16.56 15.13
CA ARG H 89 46.07 17.70 15.29
C ARG H 89 46.88 17.56 16.56
N LEU H 90 47.85 18.45 16.73
CA LEU H 90 48.81 18.36 17.78
C LEU H 90 48.94 19.65 18.54
N VAL H 91 49.13 19.52 19.84
CA VAL H 91 49.62 20.60 20.68
C VAL H 91 50.94 20.11 21.23
N LEU H 92 52.03 20.81 20.93
CA LEU H 92 53.34 20.41 21.43
C LEU H 92 53.60 21.09 22.74
N LEU H 93 54.13 20.36 23.70
CA LEU H 93 54.44 20.89 25.02
C LEU H 93 55.94 21.03 25.17
N TRP H 94 56.42 22.25 25.16
CA TRP H 94 57.85 22.54 25.23
C TRP H 94 58.32 22.39 26.69
N PHE H 95 58.91 21.25 27.00
CA PHE H 95 59.43 20.92 28.31
C PHE H 95 60.90 21.35 28.31
N ALA H 96 61.20 22.42 29.05
CA ALA H 96 62.49 23.09 28.89
C ALA H 96 63.02 23.65 30.23
N THR H 97 63.10 24.98 30.38
CA THR H 97 63.55 25.56 31.62
C THR H 97 62.76 25.07 32.86
N TRP H 98 61.43 25.02 32.74
CA TRP H 98 60.59 24.46 33.80
C TRP H 98 59.71 23.35 33.23
N LYS H 99 59.72 22.23 33.95
CA LYS H 99 58.66 21.23 33.90
C LYS H 99 58.36 20.91 35.37
N ASN H 100 57.16 21.27 35.82
CA ASN H 100 56.75 21.11 37.22
C ASN H 100 57.80 21.74 38.15
N ASN H 101 58.15 22.97 37.84
CA ASN H 101 59.11 23.79 38.60
C ASN H 101 60.60 23.52 38.40
N ALA H 102 60.92 22.41 37.73
CA ALA H 102 62.29 21.88 37.71
C ALA H 102 62.84 21.71 36.29
N PRO H 103 64.17 21.59 36.18
CA PRO H 103 64.84 21.48 34.88
C PRO H 103 65.15 20.05 34.39
N HIS H 104 64.37 19.04 34.78
CA HIS H 104 64.71 17.67 34.44
C HIS H 104 64.70 17.34 32.96
N TYR H 105 63.91 18.08 32.19
CA TYR H 105 63.87 17.89 30.76
C TYR H 105 64.83 18.81 30.00
N ALA H 106 65.58 19.65 30.69
CA ALA H 106 66.63 20.40 30.01
C ALA H 106 67.79 19.45 29.74
N PRO H 107 68.62 19.73 28.72
CA PRO H 107 69.75 18.85 28.44
C PRO H 107 70.72 18.78 29.61
N ALA H 108 71.51 17.72 29.66
CA ALA H 108 72.46 17.53 30.74
C ALA H 108 73.40 18.72 30.86
N TRP H 109 73.80 19.26 29.71
CA TRP H 109 74.73 20.41 29.66
C TRP H 109 74.10 21.68 30.21
N VAL H 110 72.77 21.68 30.34
CA VAL H 110 72.08 22.76 31.03
C VAL H 110 71.88 22.44 32.50
N LYS H 111 71.16 21.34 32.78
CA LYS H 111 70.72 21.08 34.17
C LYS H 111 71.86 20.71 35.13
N LEU H 112 73.00 20.31 34.61
CA LEU H 112 74.13 19.97 35.46
C LEU H 112 75.19 21.08 35.50
N ASP H 113 74.89 22.24 34.93
CA ASP H 113 75.84 23.40 34.97
C ASP H 113 75.21 24.61 35.67
N ASN H 114 75.22 24.59 37.00
CA ASN H 114 74.57 25.61 37.77
C ASN H 114 75.25 26.96 37.60
N ALA H 115 76.56 26.94 37.37
CA ALA H 115 77.30 28.19 37.26
C ALA H 115 76.80 29.00 36.08
N ARG H 116 76.59 28.32 34.96
CA ARG H 116 76.10 28.97 33.75
C ARG H 116 74.59 29.20 33.79
N PHE H 117 73.88 28.24 34.39
CA PHE H 117 72.41 28.23 34.41
C PHE H 117 71.92 28.10 35.85
N PRO H 118 71.80 29.24 36.54
CA PRO H 118 71.64 29.20 38.01
C PRO H 118 70.25 28.89 38.54
N ARG H 119 70.24 28.20 39.68
CA ARG H 119 69.03 27.87 40.43
C ARG H 119 68.62 28.94 41.40
N VAL H 120 67.32 28.93 41.72
CA VAL H 120 66.74 29.71 42.79
C VAL H 120 67.43 29.33 44.14
N VAL H 121 67.79 30.39 44.86
CA VAL H 121 68.44 30.26 46.15
C VAL H 121 67.46 30.73 47.19
N LYS H 122 67.31 29.93 48.25
CA LYS H 122 66.40 30.29 49.34
C LYS H 122 66.95 31.43 50.17
N GLU H 123 66.09 32.03 50.96
CA GLU H 123 66.51 33.10 51.87
C GLU H 123 67.58 32.60 52.85
N ASP H 124 67.53 31.32 53.23
CA ASP H 124 68.55 30.74 54.11
C ASP H 124 69.84 30.30 53.41
N GLY H 125 69.97 30.59 52.12
CA GLY H 125 71.17 30.23 51.36
C GLY H 125 71.19 28.86 50.72
N ASP H 126 70.26 27.97 51.06
CA ASP H 126 70.22 26.65 50.40
C ASP H 126 69.64 26.85 48.98
N THR H 127 69.97 25.91 48.10
CA THR H 127 69.59 25.97 46.69
C THR H 127 68.48 24.96 46.40
N LEU H 128 67.51 25.37 45.59
CA LEU H 128 66.42 24.49 45.13
C LEU H 128 66.61 24.09 43.67
N ASN H 129 66.07 22.94 43.28
CA ASN H 129 66.24 22.49 41.89
C ASN H 129 65.16 23.12 40.98
N SER H 130 65.25 24.42 40.79
CA SER H 130 64.30 25.23 40.05
C SER H 130 65.14 26.36 39.50
N LEU H 131 65.18 26.50 38.18
CA LEU H 131 66.08 27.48 37.56
C LEU H 131 65.56 28.88 37.72
N SER H 132 66.45 29.81 38.04
CA SER H 132 66.03 31.18 38.27
C SER H 132 65.64 31.85 36.96
N PRO H 133 64.49 32.57 36.95
CA PRO H 133 64.09 33.31 35.77
C PRO H 133 64.98 34.51 35.48
N LEU H 134 65.88 34.85 36.39
CA LEU H 134 66.84 35.93 36.16
C LEU H 134 68.13 35.44 35.52
N GLY H 135 68.24 34.14 35.29
CA GLY H 135 69.39 33.59 34.57
C GLY H 135 69.37 33.95 33.09
N GLN H 136 70.21 34.91 32.68
CA GLN H 136 70.20 35.36 31.30
C GLN H 136 70.74 34.31 30.32
N ASN H 137 71.69 33.49 30.74
CA ASN H 137 72.21 32.46 29.85
C ASN H 137 71.11 31.42 29.61
N THR H 138 70.36 31.11 30.65
CA THR H 138 69.30 30.09 30.60
C THR H 138 68.22 30.54 29.60
N LEU H 139 67.79 31.78 29.73
CA LEU H 139 66.86 32.38 28.79
C LEU H 139 67.35 32.34 27.34
N ALA H 140 68.60 32.76 27.10
CA ALA H 140 69.13 32.76 25.77
C ALA H 140 69.16 31.35 25.17
N ALA H 141 69.50 30.39 26.00
CA ALA H 141 69.67 29.01 25.54
C ALA H 141 68.28 28.39 25.24
N ASP H 142 67.33 28.60 26.14
CA ASP H 142 65.96 28.06 25.96
C ASP H 142 65.42 28.64 24.67
N LYS H 143 65.47 29.96 24.58
CA LYS H 143 65.01 30.68 23.42
C LYS H 143 65.62 30.16 22.11
N LYS H 144 66.95 29.93 22.09
CA LYS H 144 67.61 29.44 20.87
C LYS H 144 67.10 28.08 20.44
N ALA H 145 66.90 27.17 21.40
CA ALA H 145 66.37 25.85 21.06
C ALA H 145 64.91 25.91 20.62
N PHE H 146 64.11 26.75 21.28
CA PHE H 146 62.70 26.88 20.96
C PHE H 146 62.58 27.42 19.54
N VAL H 147 63.42 28.41 19.22
CA VAL H 147 63.44 28.96 17.87
C VAL H 147 63.74 27.89 16.84
N GLU H 148 64.68 26.98 17.13
CA GLU H 148 64.95 25.89 16.19
C GLU H 148 63.76 24.97 16.01
N LEU H 149 63.04 24.69 17.10
CA LEU H 149 61.84 23.85 17.01
C LEU H 149 60.83 24.55 16.09
N MET H 150 60.63 25.85 16.29
CA MET H 150 59.65 26.59 15.48
C MET H 150 60.10 26.65 14.01
N LYS H 151 61.40 26.71 13.76
CA LYS H 151 61.91 26.67 12.39
C LYS H 151 61.61 25.33 11.73
N TYR H 152 61.71 24.25 12.51
CA TYR H 152 61.36 22.93 12.00
C TYR H 152 59.91 22.88 11.59
N LEU H 153 59.02 23.43 12.42
CA LEU H 153 57.60 23.50 12.07
C LEU H 153 57.34 24.42 10.87
N ALA H 154 58.03 25.55 10.82
CA ALA H 154 57.86 26.50 9.74
C ALA H 154 58.19 25.81 8.42
N LYS H 155 59.25 25.00 8.40
CA LYS H 155 59.68 24.32 7.18
C LYS H 155 58.98 23.01 6.88
N ARG H 156 58.51 22.32 7.93
CA ARG H 156 57.97 20.96 7.75
C ARG H 156 56.52 20.74 8.14
N ASP H 157 55.81 21.79 8.52
CA ASP H 157 54.39 21.67 8.93
C ASP H 157 53.53 22.79 8.36
N LYS H 158 53.59 22.92 7.06
CA LYS H 158 52.89 23.95 6.30
C LYS H 158 51.39 23.94 6.40
N ASP H 159 50.79 22.77 6.64
CA ASP H 159 49.34 22.65 6.87
C ASP H 159 48.95 22.73 8.38
N HIS H 160 49.91 22.99 9.24
CA HIS H 160 49.66 23.31 10.65
C HIS H 160 49.03 22.14 11.37
N THR H 161 49.62 20.96 11.20
CA THR H 161 49.24 19.80 12.00
C THR H 161 49.35 20.17 13.49
N VAL H 162 50.43 20.87 13.84
CA VAL H 162 50.58 21.48 15.14
C VAL H 162 49.83 22.79 15.16
N ILE H 163 48.84 22.89 16.05
CA ILE H 163 47.94 24.07 16.11
C ILE H 163 48.23 25.03 17.25
N MET H 164 48.99 24.59 18.25
CA MET H 164 49.30 25.39 19.41
C MET H 164 50.55 24.85 20.04
N VAL H 165 51.27 25.71 20.76
CA VAL H 165 52.43 25.26 21.51
C VAL H 165 52.33 25.75 22.95
N GLN H 166 52.58 24.85 23.90
CA GLN H 166 52.67 25.22 25.30
C GLN H 166 54.10 25.53 25.58
N VAL H 167 54.33 26.72 26.13
CA VAL H 167 55.70 27.17 26.45
C VAL H 167 56.02 26.86 27.91
N GLN H 168 56.96 25.94 28.14
CA GLN H 168 57.25 25.37 29.45
C GLN H 168 56.09 24.51 29.94
N ASN H 169 56.24 23.95 31.13
CA ASN H 169 55.17 23.17 31.76
C ASN H 169 55.17 23.40 33.26
N GLU H 170 54.08 23.98 33.75
CA GLU H 170 53.90 24.30 35.17
C GLU H 170 55.15 24.96 35.75
N VAL H 171 55.37 26.19 35.28
CA VAL H 171 56.47 27.01 35.77
C VAL H 171 56.25 27.34 37.25
N GLY H 172 57.34 27.76 37.88
CA GLY H 172 57.30 28.26 39.26
C GLY H 172 58.28 27.55 40.11
N THR H 173 58.11 27.71 41.43
CA THR H 173 59.01 27.11 42.41
C THR H 173 58.27 26.58 43.64
N TYR H 174 58.57 25.35 44.01
CA TYR H 174 58.18 24.79 45.29
C TYR H 174 59.32 24.98 46.29
N GLY H 175 58.95 25.33 47.53
CA GLY H 175 59.91 25.36 48.65
C GLY H 175 60.47 26.74 48.94
N ALA H 176 60.13 27.71 48.11
CA ALA H 176 60.48 29.12 48.30
C ALA H 176 59.56 29.95 47.47
N VAL H 177 59.44 31.23 47.81
CA VAL H 177 58.54 32.13 47.10
C VAL H 177 59.16 32.73 45.86
N ARG H 178 60.47 32.95 45.91
CA ARG H 178 61.22 33.57 44.81
C ARG H 178 62.67 33.20 44.93
N ASP H 179 63.47 33.65 43.97
CA ASP H 179 64.93 33.57 44.03
C ASP H 179 65.40 34.68 45.00
N TYR H 180 66.21 34.28 45.97
CA TYR H 180 66.79 35.23 46.93
C TYR H 180 68.29 35.35 46.73
N SER H 181 68.77 34.91 45.57
CA SER H 181 70.19 35.02 45.27
C SER H 181 70.57 36.50 45.21
N PRO H 182 71.87 36.82 45.30
CA PRO H 182 72.33 38.20 45.16
C PRO H 182 71.87 38.83 43.85
N MET H 183 72.00 38.08 42.76
CA MET H 183 71.50 38.50 41.45
C MET H 183 70.04 38.92 41.50
N ALA H 184 69.21 38.09 42.13
CA ALA H 184 67.76 38.38 42.19
C ALA H 184 67.46 39.51 43.17
N GLN H 185 68.12 39.46 44.32
CA GLN H 185 67.97 40.47 45.36
C GLN H 185 68.25 41.89 44.82
N ALA H 186 69.24 42.01 43.96
CA ALA H 186 69.55 43.29 43.30
C ALA H 186 68.39 43.83 42.47
N VAL H 187 67.69 42.94 41.77
CA VAL H 187 66.56 43.37 40.94
C VAL H 187 65.35 43.66 41.82
N PHE H 188 65.16 42.84 42.85
CA PHE H 188 64.08 43.02 43.82
C PHE H 188 64.20 44.37 44.55
N ASN H 189 65.42 44.73 44.92
CA ASN H 189 65.68 45.99 45.63
C ASN H 189 65.50 47.21 44.75
N ALA H 190 65.60 47.03 43.44
CA ALA H 190 65.45 48.12 42.48
C ALA H 190 63.99 48.48 42.21
N ALA H 191 63.79 49.47 41.37
CA ALA H 191 62.46 49.95 41.02
C ALA H 191 61.69 48.90 40.24
N VAL H 192 60.40 48.80 40.52
CA VAL H 192 59.49 48.00 39.73
C VAL H 192 59.48 48.60 38.35
N PRO H 193 59.63 47.78 37.30
CA PRO H 193 59.64 48.32 35.93
C PRO H 193 58.44 49.20 35.61
N ASP H 194 58.69 50.25 34.82
CA ASP H 194 57.71 51.28 34.48
C ASP H 194 56.45 50.68 33.84
N ASP H 195 56.66 49.79 32.87
CA ASP H 195 55.54 49.21 32.11
C ASP H 195 54.55 48.49 33.04
N LEU H 196 55.07 47.78 34.04
CA LEU H 196 54.21 47.11 35.00
C LEU H 196 53.45 48.13 35.89
N ILE H 197 54.16 49.13 36.38
CA ILE H 197 53.52 50.19 37.14
C ILE H 197 52.39 50.86 36.35
N GLN H 198 52.67 51.21 35.09
CA GLN H 198 51.66 51.82 34.22
C GLN H 198 50.45 50.90 34.04
N LYS H 199 50.72 49.64 33.67
CA LYS H 199 49.65 48.68 33.38
C LYS H 199 48.75 48.38 34.57
N LEU H 200 49.32 48.32 35.77
CA LEU H 200 48.50 48.13 36.96
C LEU H 200 48.01 49.42 37.62
N GLN H 201 48.36 50.58 37.05
CA GLN H 201 47.91 51.87 37.58
C GLN H 201 48.31 52.00 39.04
N LEU H 202 49.60 51.88 39.31
CA LEU H 202 50.12 51.95 40.66
C LEU H 202 51.07 53.14 40.82
N LYS H 203 51.44 53.44 42.07
CA LYS H 203 52.46 54.45 42.38
C LYS H 203 53.86 53.80 42.27
N PRO H 204 54.81 54.47 41.58
CA PRO H 204 56.16 53.90 41.40
C PRO H 204 56.87 53.57 42.71
N GLY H 205 57.90 52.74 42.64
CA GLY H 205 58.60 52.30 43.84
C GLY H 205 59.38 51.02 43.64
N THR H 206 60.04 50.56 44.71
CA THR H 206 60.72 49.28 44.69
C THR H 206 59.67 48.21 44.92
N TRP H 207 60.05 46.95 44.69
CA TRP H 207 59.11 45.84 44.81
C TRP H 207 58.44 45.82 46.18
N SER H 208 59.23 45.92 47.25
CA SER H 208 58.69 45.88 48.61
C SER H 208 57.79 47.08 48.91
N GLN H 209 58.16 48.24 48.37
CA GLN H 209 57.34 49.42 48.58
C GLN H 209 56.02 49.32 47.92
N VAL H 210 56.00 48.93 46.65
CA VAL H 210 54.75 49.00 45.90
C VAL H 210 53.87 47.79 46.21
N PHE H 211 54.43 46.62 46.51
CA PHE H 211 53.60 45.41 46.70
C PHE H 211 53.50 44.88 48.12
N GLY H 212 54.35 45.34 49.03
CA GLY H 212 54.28 44.94 50.43
C GLY H 212 54.37 43.45 50.68
N ARG H 213 53.34 42.90 51.33
CA ARG H 213 53.29 41.48 51.69
C ARG H 213 53.29 40.53 50.44
N ASP H 214 52.92 41.06 49.28
CA ASP H 214 52.90 40.29 48.01
C ASP H 214 54.15 40.44 47.15
N ALA H 215 55.14 41.18 47.64
CA ALA H 215 56.28 41.54 46.79
C ALA H 215 57.07 40.33 46.31
N ASP H 216 57.35 39.40 47.21
CA ASP H 216 58.17 38.25 46.89
C ASP H 216 57.49 37.43 45.78
N GLU H 217 56.21 37.12 45.99
CA GLU H 217 55.45 36.28 45.05
C GLU H 217 55.20 36.99 43.73
N PHE H 218 54.80 38.26 43.78
CA PHE H 218 54.56 39.00 42.55
C PHE H 218 55.83 39.19 41.73
N PHE H 219 56.96 39.33 42.42
CA PHE H 219 58.26 39.42 41.77
C PHE H 219 58.60 38.13 41.00
N HIS H 220 58.45 36.98 41.65
CA HIS H 220 58.75 35.70 40.98
C HIS H 220 57.81 35.53 39.79
N ALA H 221 56.53 35.82 39.99
CA ALA H 221 55.56 35.73 38.90
C ALA H 221 55.93 36.63 37.73
N TYR H 222 56.28 37.87 38.06
CA TYR H 222 56.69 38.80 37.03
C TYR H 222 57.91 38.32 36.26
N GLN H 223 58.95 37.89 36.95
CA GLN H 223 60.18 37.50 36.28
C GLN H 223 60.00 36.26 35.41
N ILE H 224 59.21 35.28 35.93
CA ILE H 224 58.91 34.09 35.11
C ILE H 224 58.09 34.47 33.89
N ALA H 225 57.07 35.30 34.10
CA ALA H 225 56.23 35.74 33.02
C ALA H 225 57.03 36.45 31.90
N ARG H 226 57.94 37.35 32.27
CA ARG H 226 58.86 37.97 31.29
C ARG H 226 59.71 36.97 30.53
N TYR H 227 60.29 35.99 31.25
CA TYR H 227 61.08 34.92 30.62
C TYR H 227 60.24 34.15 29.61
N CYS H 228 59.06 33.69 30.03
CA CYS H 228 58.19 32.95 29.10
C CYS H 228 57.74 33.81 27.93
N ASP H 229 57.45 35.09 28.20
CA ASP H 229 57.06 35.99 27.13
C ASP H 229 58.17 36.14 26.09
N GLU H 230 59.41 36.26 26.53
CA GLU H 230 60.53 36.39 25.60
C GLU H 230 60.75 35.15 24.75
N VAL H 231 60.64 33.97 25.36
CA VAL H 231 60.70 32.72 24.60
C VAL H 231 59.57 32.68 23.55
N THR H 232 58.36 33.05 23.99
CA THR H 232 57.17 33.02 23.16
C THR H 232 57.34 33.95 21.95
N VAL H 233 57.76 35.18 22.20
CA VAL H 233 58.00 36.14 21.11
C VAL H 233 58.99 35.66 20.05
N ALA H 234 60.09 35.07 20.51
CA ALA H 234 61.14 34.60 19.63
C ALA H 234 60.63 33.49 18.76
N GLY H 235 59.87 32.57 19.35
CA GLY H 235 59.27 31.49 18.58
C GLY H 235 58.25 31.97 17.60
N LYS H 236 57.37 32.88 18.04
CA LYS H 236 56.32 33.40 17.17
C LYS H 236 56.86 34.21 15.98
N ALA H 237 58.01 34.85 16.18
CA ALA H 237 58.70 35.52 15.07
C ALA H 237 59.06 34.54 13.94
N ILE H 238 59.26 33.27 14.28
CA ILE H 238 59.50 32.23 13.27
C ILE H 238 58.21 31.70 12.67
N LYS H 239 57.27 31.29 13.53
CA LYS H 239 55.94 30.89 13.06
C LYS H 239 54.96 31.27 14.14
N ASN H 240 54.00 32.11 13.76
CA ASN H 240 53.12 32.75 14.73
C ASN H 240 51.93 31.87 15.14
N LEU H 241 52.22 30.69 15.73
CA LEU H 241 51.18 29.84 16.31
C LEU H 241 50.68 30.38 17.66
N PRO H 242 49.43 30.10 18.01
CA PRO H 242 49.02 30.37 19.37
C PRO H 242 49.91 29.63 20.37
N MET H 243 50.20 30.31 21.48
CA MET H 243 51.04 29.73 22.53
C MET H 243 50.49 30.08 23.89
N TYR H 244 50.67 29.17 24.83
CA TYR H 244 50.05 29.34 26.14
C TYR H 244 50.92 28.72 27.21
N VAL H 245 50.58 29.04 28.46
CA VAL H 245 51.22 28.41 29.60
C VAL H 245 50.16 27.73 30.47
N ASN H 246 50.57 26.67 31.16
CA ASN H 246 49.67 25.88 31.99
C ASN H 246 50.04 25.99 33.46
N VAL H 247 49.03 26.01 34.32
CA VAL H 247 49.21 26.38 35.72
C VAL H 247 49.05 25.21 36.70
N ALA H 248 50.07 25.02 37.54
CA ALA H 248 49.93 24.19 38.73
C ALA H 248 49.11 25.00 39.72
N LEU H 249 47.84 24.63 39.84
CA LEU H 249 46.87 25.48 40.54
C LEU H 249 47.06 25.49 42.03
N ARG H 250 46.77 26.63 42.66
CA ARG H 250 46.54 26.63 44.11
C ARG H 250 45.06 26.43 44.33
N ASN H 251 44.70 25.87 45.49
CA ASN H 251 43.31 25.74 45.83
C ASN H 251 42.72 27.15 45.96
N PRO H 252 41.67 27.44 45.18
CA PRO H 252 41.16 28.79 45.16
C PRO H 252 40.44 29.20 46.46
N PHE H 253 39.99 28.24 47.26
CA PHE H 253 39.28 28.53 48.51
C PHE H 253 40.19 28.55 49.74
N ASN H 254 41.32 27.87 49.67
CA ASN H 254 42.16 27.58 50.81
C ASN H 254 43.56 27.26 50.27
N PRO H 255 44.25 28.29 49.71
CA PRO H 255 45.45 28.05 48.92
C PRO H 255 46.66 27.58 49.69
N GLY H 256 46.76 27.94 50.96
CA GLY H 256 48.05 27.83 51.62
C GLY H 256 49.02 28.88 51.06
N LEU H 257 50.31 28.68 51.30
CA LEU H 257 51.30 29.72 51.03
C LEU H 257 52.04 29.45 49.74
N PRO H 258 52.46 30.51 49.04
CA PRO H 258 53.33 30.30 47.88
C PRO H 258 54.60 29.59 48.29
N GLY H 259 55.02 28.63 47.48
CA GLY H 259 56.09 27.71 47.86
C GLY H 259 55.57 26.37 48.30
N GLN H 260 54.42 26.35 48.97
CA GLN H 260 53.69 25.10 49.16
C GLN H 260 53.01 24.73 47.85
N TYR H 261 52.24 25.68 47.34
CA TYR H 261 51.88 25.66 45.94
C TYR H 261 53.04 26.24 45.11
N SER H 262 52.98 26.06 43.79
CA SER H 262 54.06 26.46 42.92
C SER H 262 54.08 27.96 42.73
N SER H 263 55.00 28.64 43.42
CA SER H 263 55.01 30.10 43.41
C SER H 263 55.52 30.62 42.08
N GLY H 264 54.83 31.62 41.55
CA GLY H 264 55.29 32.30 40.34
C GLY H 264 54.55 31.88 39.11
N GLY H 265 53.88 30.72 39.16
CA GLY H 265 53.00 30.32 38.06
C GLY H 265 51.78 31.20 38.05
N GLY H 266 50.95 31.02 37.01
CA GLY H 266 49.73 31.80 36.80
C GLY H 266 48.58 31.46 37.73
N THR H 267 48.86 31.41 39.03
CA THR H 267 47.81 31.17 40.05
C THR H 267 46.85 32.34 40.09
N ASP H 268 45.68 32.12 40.67
CA ASP H 268 44.58 33.06 40.48
C ASP H 268 44.91 34.46 41.02
N ASN H 269 45.76 34.49 42.05
CA ASN H 269 46.13 35.76 42.67
C ASN H 269 47.19 36.55 41.89
N VAL H 270 47.80 35.96 40.86
CA VAL H 270 48.79 36.67 40.05
C VAL H 270 48.46 36.76 38.59
N LEU H 271 47.22 36.50 38.22
CA LEU H 271 46.85 36.58 36.82
C LEU H 271 47.04 37.98 36.29
N HIS H 272 46.79 38.99 37.13
CA HIS H 272 46.99 40.38 36.69
C HIS H 272 48.45 40.68 36.37
N ILE H 273 49.36 40.10 37.13
CA ILE H 273 50.79 40.24 36.90
C ILE H 273 51.17 39.58 35.58
N TRP H 274 50.72 38.34 35.41
CA TRP H 274 51.00 37.59 34.17
C TRP H 274 50.45 38.26 32.91
N LYS H 275 49.25 38.83 32.97
CA LYS H 275 48.66 39.49 31.83
C LYS H 275 49.39 40.78 31.47
N ALA H 276 49.82 41.51 32.49
CA ALA H 276 50.63 42.71 32.28
C ALA H 276 52.04 42.39 31.74
N ALA H 277 52.68 41.38 32.32
CA ALA H 277 54.07 41.06 32.00
C ALA H 277 54.25 40.32 30.67
N ALA H 278 53.24 39.55 30.26
CA ALA H 278 53.41 38.65 29.13
C ALA H 278 52.32 38.80 28.10
N PRO H 279 52.31 39.95 27.41
CA PRO H 279 51.22 40.23 26.47
C PRO H 279 51.29 39.37 25.22
N ASN H 280 52.42 38.72 24.96
CA ASN H 280 52.52 37.82 23.81
C ASN H 280 52.07 36.37 24.03
N ILE H 281 51.87 36.00 25.29
CA ILE H 281 51.29 34.69 25.63
C ILE H 281 49.76 34.78 25.45
N ASP H 282 49.20 33.90 24.63
CA ASP H 282 47.79 34.00 24.27
C ASP H 282 46.80 33.72 25.43
N LEU H 283 47.08 32.73 26.28
CA LEU H 283 46.20 32.41 27.38
C LEU H 283 46.95 31.69 28.46
N ILE H 284 46.35 31.67 29.63
CA ILE H 284 46.84 30.99 30.81
C ILE H 284 45.83 29.91 31.17
N ALA H 285 46.28 28.67 31.15
CA ALA H 285 45.42 27.50 31.16
C ALA H 285 45.53 26.75 32.49
N PRO H 286 44.37 26.49 33.14
CA PRO H 286 44.40 25.70 34.38
C PRO H 286 44.62 24.18 34.14
N ASP H 287 45.40 23.56 35.02
CA ASP H 287 45.56 22.13 35.08
C ASP H 287 44.73 21.62 36.23
N ILE H 288 43.65 20.91 35.93
CA ILE H 288 42.62 20.64 36.95
C ILE H 288 42.66 19.22 37.48
N TYR H 289 43.06 19.07 38.74
CA TYR H 289 43.07 17.76 39.40
C TYR H 289 42.27 17.74 40.69
N PHE H 290 41.58 18.83 41.03
CA PHE H 290 40.60 18.82 42.13
C PHE H 290 39.41 18.02 41.62
N ARG H 291 38.90 17.08 42.42
CA ARG H 291 37.81 16.17 41.95
C ARG H 291 36.42 16.75 42.14
N ASP H 292 36.30 17.62 43.15
CA ASP H 292 35.01 18.06 43.65
C ASP H 292 34.46 19.23 42.87
N TYR H 293 33.15 19.12 42.62
CA TYR H 293 32.43 20.02 41.79
C TYR H 293 32.62 21.50 42.17
N LYS H 294 32.48 21.84 43.45
CA LYS H 294 32.53 23.26 43.85
C LYS H 294 33.90 23.89 43.53
N THR H 295 34.96 23.17 43.79
CA THR H 295 36.29 23.69 43.55
C THR H 295 36.59 23.77 42.05
N VAL H 296 36.21 22.74 41.29
CA VAL H 296 36.40 22.77 39.86
C VAL H 296 35.63 23.92 39.27
N SER H 297 34.38 24.12 39.69
CA SER H 297 33.57 25.20 39.18
C SER H 297 34.22 26.56 39.42
N LYS H 298 34.80 26.70 40.60
CA LYS H 298 35.47 27.96 40.98
C LYS H 298 36.70 28.23 40.10
N VAL H 299 37.48 27.19 39.83
CA VAL H 299 38.63 27.31 38.92
C VAL H 299 38.18 27.72 37.54
N LEU H 300 37.14 27.10 37.02
CA LEU H 300 36.64 27.46 35.70
C LEU H 300 36.22 28.93 35.68
N GLU H 301 35.56 29.36 36.74
CA GLU H 301 35.13 30.74 36.85
C GLU H 301 36.35 31.70 36.87
N LEU H 302 37.35 31.39 37.67
CA LEU H 302 38.54 32.26 37.79
C LEU H 302 39.37 32.38 36.49
N TYR H 303 39.45 31.30 35.72
CA TYR H 303 40.27 31.30 34.51
C TYR H 303 39.53 31.72 33.25
N THR H 304 38.22 31.86 33.33
CA THR H 304 37.43 32.36 32.19
C THR H 304 37.25 33.86 32.41
N ARG H 305 37.90 34.65 31.56
CA ARG H 305 37.89 36.11 31.71
C ARG H 305 37.79 36.78 30.38
N PRO H 306 37.35 38.06 30.37
CA PRO H 306 37.37 38.75 29.10
C PRO H 306 38.76 38.78 28.46
N ASP H 307 39.81 38.78 29.27
CA ASP H 307 41.19 38.75 28.77
C ASP H 307 41.85 37.35 28.75
N ASN H 308 41.06 36.30 28.96
CA ASN H 308 41.63 34.95 29.04
C ASN H 308 40.65 33.89 28.57
N ALA H 309 40.92 33.36 27.37
CA ALA H 309 40.23 32.19 26.87
C ALA H 309 40.43 31.03 27.83
N LEU H 310 39.36 30.28 28.05
CA LEU H 310 39.43 29.07 28.86
C LEU H 310 39.90 27.86 28.05
N PHE H 311 41.01 27.30 28.47
CA PHE H 311 41.50 26.02 27.90
C PHE H 311 41.89 25.13 29.07
N VAL H 312 41.16 24.02 29.25
CA VAL H 312 41.51 23.06 30.29
C VAL H 312 42.61 22.19 29.71
N ALA H 313 43.86 22.64 29.91
CA ALA H 313 45.03 22.07 29.25
C ALA H 313 45.32 20.68 29.77
N GLU H 314 44.96 20.44 31.03
CA GLU H 314 45.06 19.12 31.66
C GLU H 314 43.89 18.95 32.60
N ILE H 315 43.35 17.74 32.67
CA ILE H 315 42.42 17.39 33.72
C ILE H 315 42.65 15.93 34.06
N GLY H 316 42.34 15.53 35.27
CA GLY H 316 42.54 14.14 35.67
C GLY H 316 41.75 13.18 34.78
N ASN H 317 42.22 11.95 34.67
CA ASN H 317 41.55 10.98 33.80
C ASN H 317 40.66 9.95 34.49
N ASP H 318 40.41 10.14 35.78
CA ASP H 318 39.44 9.30 36.49
C ASP H 318 38.05 9.70 36.07
N GLN H 319 37.12 8.78 36.23
CA GLN H 319 35.74 8.97 35.84
C GLN H 319 35.02 10.28 36.22
N PRO H 320 35.20 10.78 37.47
CA PRO H 320 34.48 12.01 37.84
C PRO H 320 34.81 13.25 37.02
N PHE H 321 35.97 13.26 36.39
CA PHE H 321 36.40 14.43 35.62
C PHE H 321 35.71 14.60 34.28
N ALA H 322 35.17 13.53 33.71
CA ALA H 322 34.62 13.58 32.36
C ALA H 322 33.52 14.63 32.22
N ARG H 323 32.64 14.73 33.22
CA ARG H 323 31.51 15.63 33.13
C ARG H 323 31.89 17.11 33.11
N TYR H 324 33.11 17.45 33.50
CA TYR H 324 33.53 18.85 33.49
C TYR H 324 33.76 19.37 32.09
N LEU H 325 33.70 18.48 31.10
CA LEU H 325 33.63 18.95 29.72
C LEU H 325 32.46 19.91 29.48
N PHE H 326 31.31 19.61 30.08
CA PHE H 326 30.12 20.40 29.82
C PHE H 326 30.22 21.86 30.29
N PRO H 327 30.57 22.10 31.55
CA PRO H 327 30.74 23.51 31.96
C PRO H 327 31.93 24.20 31.30
N THR H 328 32.99 23.45 31.00
CA THR H 328 34.12 24.01 30.24
C THR H 328 33.62 24.59 28.92
N LEU H 329 32.87 23.81 28.14
CA LEU H 329 32.35 24.29 26.86
C LEU H 329 31.29 25.37 27.09
N GLY H 330 30.49 25.23 28.14
CA GLY H 330 29.44 26.20 28.46
C GLY H 330 29.97 27.57 28.81
N LYS H 331 31.19 27.63 29.33
CA LYS H 331 31.85 28.91 29.54
C LYS H 331 32.51 29.49 28.30
N GLY H 332 32.34 28.84 27.16
CA GLY H 332 33.03 29.29 25.93
C GLY H 332 34.46 28.77 25.80
N GLY H 333 34.78 27.71 26.55
CA GLY H 333 36.08 27.11 26.51
C GLY H 333 36.46 26.66 25.11
N ILE H 334 37.74 26.74 24.81
CA ILE H 334 38.25 26.33 23.47
C ILE H 334 38.73 24.90 23.48
N GLY H 335 38.79 24.27 24.66
CA GLY H 335 39.27 22.90 24.71
C GLY H 335 39.38 22.28 26.07
N PHE H 336 39.71 20.96 26.08
CA PHE H 336 39.66 20.13 27.27
C PHE H 336 40.56 18.97 26.97
N SER H 337 41.48 18.65 27.87
CA SER H 337 42.47 17.64 27.58
C SER H 337 42.84 16.75 28.80
N PRO H 338 42.19 15.59 28.92
CA PRO H 338 42.52 14.63 29.99
C PRO H 338 43.95 14.12 29.89
N PHE H 339 44.59 14.03 31.05
CA PHE H 339 45.97 13.67 31.16
C PHE H 339 46.20 12.18 31.36
N GLY H 340 47.20 11.66 30.68
CA GLY H 340 47.67 10.29 30.86
C GLY H 340 46.91 9.28 30.04
N MET H 341 46.47 9.69 28.85
CA MET H 341 45.66 8.83 27.99
C MET H 341 46.55 8.01 27.05
N ASP H 342 47.32 7.11 27.64
CA ASP H 342 48.10 6.16 26.83
C ASP H 342 48.35 4.91 27.64
N ASP H 343 48.79 3.88 26.94
CA ASP H 343 49.00 2.56 27.56
C ASP H 343 50.47 2.26 27.81
N THR H 344 51.22 3.25 28.27
CA THR H 344 52.65 3.07 28.54
C THR H 344 52.92 2.62 29.98
N ASP H 345 51.94 1.96 30.60
CA ASP H 345 52.14 1.29 31.90
C ASP H 345 52.39 2.33 33.00
N TYR H 346 51.50 3.31 33.09
CA TYR H 346 51.59 4.32 34.15
C TYR H 346 50.22 4.87 34.48
N THR H 347 50.00 5.10 35.76
CA THR H 347 48.83 5.81 36.25
CA THR H 347 48.83 5.82 36.24
C THR H 347 49.27 6.80 37.31
N ASN H 348 48.70 8.01 37.26
CA ASN H 348 49.03 9.03 38.28
C ASN H 348 48.02 9.03 39.42
N TYR H 349 47.23 7.96 39.53
CA TYR H 349 46.48 7.69 40.75
C TYR H 349 47.40 7.94 41.97
N PRO H 350 46.90 8.68 42.96
CA PRO H 350 45.53 9.14 43.23
C PRO H 350 44.98 10.34 42.46
N LEU H 351 45.77 11.01 41.63
CA LEU H 351 45.20 12.10 40.82
C LEU H 351 44.23 11.61 39.74
N GLY H 352 44.60 10.56 39.03
CA GLY H 352 43.80 9.97 37.95
C GLY H 352 43.25 8.61 38.29
N ALA H 353 42.91 7.86 37.25
CA ALA H 353 42.27 6.58 37.39
C ALA H 353 43.23 5.55 38.02
N LYS H 354 42.72 4.69 38.90
CA LYS H 354 43.56 3.64 39.52
C LYS H 354 44.05 2.65 38.47
N VAL H 355 43.22 2.34 37.48
CA VAL H 355 43.58 1.42 36.43
C VAL H 355 43.31 2.08 35.07
N TYR H 356 44.24 1.92 34.14
CA TYR H 356 44.07 2.40 32.75
C TYR H 356 43.62 1.27 31.87
N ASN H 357 42.37 1.34 31.46
CA ASN H 357 41.81 0.32 30.59
C ASN H 357 40.73 0.93 29.70
N ASP H 358 40.06 0.11 28.91
CA ASP H 358 39.05 0.60 27.98
C ASP H 358 37.94 1.36 28.69
N GLU H 359 37.56 0.91 29.88
CA GLU H 359 36.53 1.59 30.66
C GLU H 359 36.96 3.01 31.04
N THR H 360 38.21 3.19 31.46
CA THR H 360 38.74 4.53 31.71
C THR H 360 38.53 5.44 30.51
N ILE H 361 38.89 4.94 29.32
CA ILE H 361 38.82 5.73 28.12
C ILE H 361 37.39 6.02 27.78
N GLU H 362 36.54 5.02 27.92
CA GLU H 362 35.15 5.12 27.53
C GLU H 362 34.42 6.25 28.25
N GLN H 363 34.82 6.59 29.48
CA GLN H 363 34.11 7.68 30.20
C GLN H 363 34.25 8.98 29.43
N PHE H 364 35.41 9.22 28.86
CA PHE H 364 35.61 10.41 28.03
C PHE H 364 35.04 10.23 26.61
N ALA H 365 35.18 9.04 26.04
CA ALA H 365 34.63 8.79 24.69
C ALA H 365 33.16 9.10 24.65
N GLN H 366 32.43 8.73 25.70
CA GLN H 366 31.02 8.95 25.73
C GLN H 366 30.59 10.41 25.73
N VAL H 367 31.38 11.28 26.35
CA VAL H 367 31.04 12.71 26.32
C VAL H 367 31.59 13.36 25.04
N TYR H 368 32.75 12.93 24.55
CA TYR H 368 33.24 13.45 23.25
C TYR H 368 32.28 13.17 22.11
N ARG H 369 31.58 12.04 22.15
CA ARG H 369 30.61 11.64 21.12
C ARG H 369 29.48 12.61 20.99
N LEU H 370 29.23 13.39 22.03
CA LEU H 370 28.18 14.40 22.00
C LEU H 370 28.61 15.63 21.21
N VAL H 371 29.89 15.93 21.24
CA VAL H 371 30.41 17.17 20.70
C VAL H 371 31.01 17.00 19.28
N ASN H 372 31.69 15.88 19.05
CA ASN H 372 32.31 15.59 17.74
C ASN H 372 31.40 15.82 16.56
N PRO H 373 30.13 15.35 16.61
CA PRO H 373 29.25 15.52 15.46
C PRO H 373 28.86 16.96 15.15
N MET H 374 28.99 17.86 16.13
CA MET H 374 28.70 19.27 15.91
C MET H 374 29.90 20.16 16.24
N MET H 375 31.12 19.63 16.18
CA MET H 375 32.25 20.38 16.75
C MET H 375 32.39 21.80 16.14
N ARG H 376 32.42 21.91 14.82
CA ARG H 376 32.57 23.24 14.20
C ARG H 376 31.39 24.17 14.46
N GLU H 377 30.19 23.63 14.46
CA GLU H 377 28.98 24.43 14.69
C GLU H 377 28.93 24.94 16.11
N TRP H 378 29.21 24.05 17.07
CA TRP H 378 29.33 24.44 18.43
C TRP H 378 30.41 25.51 18.60
N ALA H 379 31.55 25.32 17.98
CA ALA H 379 32.67 26.23 18.17
C ALA H 379 32.30 27.65 17.72
N ARG H 380 31.61 27.75 16.61
CA ARG H 380 31.12 29.04 16.12
CA ARG H 380 31.15 29.06 16.14
C ARG H 380 30.11 29.68 17.08
N LEU H 381 29.14 28.89 17.54
CA LEU H 381 28.14 29.42 18.49
C LEU H 381 28.75 29.87 19.80
N SER H 382 29.78 29.14 20.22
CA SER H 382 30.50 29.42 21.44
C SER H 382 31.38 30.68 21.35
N TYR H 383 31.63 31.16 20.14
CA TYR H 383 32.35 32.42 19.97
C TYR H 383 31.38 33.57 19.71
N GLN H 384 30.51 33.35 18.73
CA GLN H 384 29.66 34.39 18.16
C GLN H 384 28.31 34.50 18.84
N GLY H 385 27.92 33.50 19.61
CA GLY H 385 26.55 33.40 20.12
C GLY H 385 26.48 33.15 21.60
N GLN H 386 25.41 32.48 22.02
CA GLN H 386 25.17 32.25 23.42
C GLN H 386 25.14 30.74 23.62
N VAL H 387 25.98 30.29 24.54
CA VAL H 387 26.04 28.87 24.92
C VAL H 387 25.97 28.75 26.41
N TRP H 388 25.56 27.56 26.86
CA TRP H 388 25.51 27.22 28.28
C TRP H 388 25.94 25.78 28.41
N GLY H 389 26.47 25.46 29.58
CA GLY H 389 26.87 24.10 29.85
C GLY H 389 26.91 23.86 31.34
N VAL H 390 26.39 22.71 31.77
CA VAL H 390 26.36 22.35 33.18
C VAL H 390 26.75 20.90 33.39
N ALA H 391 27.28 20.63 34.59
CA ALA H 391 27.57 19.28 35.05
C ALA H 391 26.84 18.96 36.36
N GLU H 392 26.67 17.67 36.59
CA GLU H 392 25.96 17.15 37.76
C GLU H 392 26.68 17.66 39.03
N PRO H 393 25.97 18.45 39.83
CA PRO H 393 26.64 19.24 40.87
C PRO H 393 26.86 18.59 42.22
N LEU H 394 26.39 17.37 42.43
CA LEU H 394 26.77 16.62 43.61
C LEU H 394 27.76 15.56 43.18
N ASP H 395 28.86 15.48 43.91
CA ASP H 395 29.82 14.42 43.70
C ASP H 395 29.23 13.09 44.14
N SER H 396 29.85 11.99 43.76
CA SER H 396 29.33 10.69 44.12
C SER H 396 29.31 10.58 45.65
N THR H 397 28.29 9.90 46.18
CA THR H 397 28.12 9.78 47.63
C THR H 397 29.29 9.05 48.28
N THR H 398 29.82 9.61 49.36
CA THR H 398 30.96 9.01 50.09
C THR H 398 30.51 7.83 50.98
N GLU H 399 31.46 7.03 51.44
CA GLU H 399 31.20 5.98 52.47
C GLU H 399 30.69 6.63 53.77
N THR H 400 31.36 7.70 54.22
CA THR H 400 30.92 8.51 55.38
C THR H 400 29.45 8.96 55.25
N GLN H 401 29.05 9.42 54.05
CA GLN H 401 27.67 9.84 53.79
C GLN H 401 26.70 8.64 53.66
N LYS H 402 27.19 7.52 53.12
CA LYS H 402 26.41 6.27 53.06
C LYS H 402 26.13 5.69 54.46
N ILE H 403 27.03 5.93 55.43
CA ILE H 403 26.80 5.58 56.84
C ILE H 403 25.82 6.55 57.52
N TRP H 404 26.08 7.86 57.41
CA TRP H 404 25.17 8.91 57.91
C TRP H 404 23.74 8.78 57.36
N ASN H 405 23.61 8.34 56.11
CA ASN H 405 22.31 8.03 55.51
C ASN H 405 21.64 6.81 56.16
N ALA H 406 22.42 5.75 56.38
CA ALA H 406 21.92 4.51 57.00
C ALA H 406 21.40 4.65 58.45
N GLU H 407 21.90 5.64 59.20
CA GLU H 407 21.52 5.86 60.61
C GLU H 407 20.85 7.22 60.74
N ALA H 408 19.61 7.35 60.25
CA ALA H 408 19.05 8.69 59.98
C ALA H 408 17.77 9.14 60.69
N THR H 409 16.77 8.27 60.77
CA THR H 409 15.39 8.64 61.18
C THR H 409 14.63 8.87 59.91
N PRO H 410 13.54 8.12 59.70
CA PRO H 410 12.75 8.24 58.46
C PRO H 410 12.40 9.68 58.04
N GLU H 411 12.24 10.59 58.99
CA GLU H 411 12.02 12.00 58.70
C GLU H 411 13.28 12.69 58.15
N GLU H 412 14.45 12.30 58.68
CA GLU H 412 15.74 12.83 58.23
C GLU H 412 16.11 12.30 56.81
N LYS H 413 15.79 11.03 56.53
CA LYS H 413 15.96 10.45 55.19
C LYS H 413 15.11 11.19 54.13
N GLU H 414 13.80 11.34 54.38
CA GLU H 414 12.93 12.11 53.47
C GLU H 414 13.45 13.52 53.25
N GLN H 415 13.97 14.16 54.30
CA GLN H 415 14.46 15.53 54.18
C GLN H 415 15.76 15.61 53.38
N HIS H 416 16.64 14.64 53.61
CA HIS H 416 17.89 14.55 52.87
C HIS H 416 17.63 14.32 51.37
N LYS H 417 16.67 13.43 51.06
CA LYS H 417 16.26 13.21 49.68
C LYS H 417 15.73 14.48 49.01
N LYS H 418 14.94 15.27 49.74
CA LYS H 418 14.45 16.55 49.21
C LYS H 418 15.58 17.53 48.95
N ASP H 419 16.56 17.55 49.86
CA ASP H 419 17.70 18.45 49.73
C ASP H 419 18.54 18.08 48.51
N ARG H 420 18.79 16.78 48.36
CA ARG H 420 19.53 16.27 47.20
C ARG H 420 18.82 16.59 45.90
N ALA H 421 17.51 16.37 45.85
CA ALA H 421 16.72 16.65 44.66
C ALA H 421 16.86 18.11 44.26
N SER H 422 16.76 18.98 45.25
CA SER H 422 16.89 20.38 45.01
C SER H 422 18.31 20.77 44.53
N ALA H 423 19.33 20.18 45.14
CA ALA H 423 20.72 20.45 44.73
C ALA H 423 21.00 19.93 43.31
N LEU H 424 20.33 18.84 42.93
CA LEU H 424 20.45 18.22 41.61
C LEU H 424 19.53 18.83 40.55
N THR H 425 19.06 20.06 40.78
CA THR H 425 18.17 20.76 39.88
C THR H 425 18.85 22.09 39.55
N GLN H 426 19.18 22.33 38.28
CA GLN H 426 19.85 23.57 37.90
C GLN H 426 18.97 24.35 36.97
N GLN H 427 18.95 25.68 37.15
CA GLN H 427 18.14 26.53 36.29
C GLN H 427 19.08 27.37 35.43
N LEU H 428 18.70 27.53 34.17
CA LEU H 428 19.45 28.35 33.23
C LEU H 428 18.54 29.33 32.54
N ASP H 429 18.98 30.58 32.47
CA ASP H 429 18.22 31.65 31.85
C ASP H 429 18.64 31.78 30.40
N LEU H 430 17.76 31.39 29.49
CA LEU H 430 18.10 31.37 28.07
C LEU H 430 17.45 32.50 27.28
N GLY H 431 17.05 33.57 27.99
CA GLY H 431 16.38 34.71 27.36
C GLY H 431 14.89 34.69 27.59
N LEU H 432 14.13 34.40 26.53
CA LEU H 432 12.68 34.22 26.65
C LEU H 432 12.28 32.92 27.36
N TRP H 433 13.22 31.97 27.40
CA TRP H 433 12.95 30.62 27.90
C TRP H 433 14.01 30.30 28.91
N ASP H 434 13.63 29.48 29.89
CA ASP H 434 14.56 28.92 30.84
C ASP H 434 14.61 27.40 30.64
N ALA H 435 15.73 26.82 30.99
CA ALA H 435 15.83 25.37 31.08
C ALA H 435 16.06 24.96 32.53
N GLU H 436 15.54 23.80 32.88
CA GLU H 436 15.85 23.19 34.11
C GLU H 436 16.50 21.84 33.83
N VAL H 437 17.68 21.62 34.38
CA VAL H 437 18.42 20.39 34.20
C VAL H 437 18.40 19.59 35.51
N THR H 438 18.01 18.33 35.43
CA THR H 438 18.01 17.45 36.59
C THR H 438 18.72 16.15 36.27
N TYR H 439 19.20 15.49 37.32
CA TYR H 439 20.07 14.34 37.17
C TYR H 439 19.60 13.10 37.93
N GLY H 440 19.53 11.98 37.24
CA GLY H 440 19.34 10.66 37.87
C GLY H 440 17.89 10.39 38.19
N ARG H 441 17.11 10.22 37.13
CA ARG H 441 15.69 9.96 37.27
C ARG H 441 15.24 9.19 36.04
N PRO H 442 14.10 8.54 36.11
CA PRO H 442 13.63 7.80 34.95
C PRO H 442 13.35 8.72 33.77
N MET H 443 13.11 8.13 32.62
CA MET H 443 12.85 8.88 31.39
C MET H 443 11.36 9.18 31.23
N PHE H 444 10.59 8.73 32.21
CA PHE H 444 9.14 8.81 32.19
C PHE H 444 8.66 9.25 33.57
N TRP H 445 7.58 10.04 33.61
CA TRP H 445 6.97 10.53 34.84
C TRP H 445 7.90 11.52 35.58
N VAL H 446 7.62 11.78 36.84
CA VAL H 446 8.18 12.95 37.49
C VAL H 446 8.82 12.64 38.84
N THR H 447 9.23 11.40 39.10
CA THR H 447 9.83 11.13 40.40
C THR H 447 11.09 11.99 40.50
N PRO H 448 11.34 12.56 41.67
CA PRO H 448 12.42 13.54 41.78
C PRO H 448 13.82 12.96 41.53
N PRO H 449 14.74 13.81 41.10
CA PRO H 449 16.10 13.37 40.83
C PRO H 449 16.84 12.88 42.08
N GLU H 450 17.58 11.79 41.93
CA GLU H 450 18.41 11.23 42.98
C GLU H 450 19.88 11.19 42.63
N GLY H 451 20.25 11.65 41.44
CA GLY H 451 21.64 11.64 41.04
C GLY H 451 22.01 10.33 40.36
N ASN H 452 23.04 10.40 39.51
CA ASN H 452 23.62 9.22 38.91
C ASN H 452 24.64 8.64 39.83
N THR H 453 24.89 7.35 39.70
CA THR H 453 25.88 6.65 40.48
C THR H 453 26.87 5.95 39.57
N PRO H 454 28.10 6.47 39.45
CA PRO H 454 28.64 7.69 40.04
C PRO H 454 28.10 8.95 39.37
N ALA H 455 28.40 10.11 39.96
CA ALA H 455 28.02 11.38 39.36
C ALA H 455 28.67 11.46 37.98
N ALA H 456 27.90 11.86 36.99
CA ALA H 456 28.36 11.79 35.58
C ALA H 456 27.63 12.67 34.54
N GLY H 457 26.51 13.27 34.92
CA GLY H 457 25.66 13.92 33.97
C GLY H 457 26.07 15.33 33.62
N GLY H 458 25.49 15.81 32.54
CA GLY H 458 25.62 17.19 32.14
C GLY H 458 24.84 17.52 30.90
N ALA H 459 24.94 18.78 30.46
CA ALA H 459 24.15 19.27 29.37
C ALA H 459 24.81 20.45 28.71
N LEU H 460 24.64 20.52 27.39
CA LEU H 460 25.03 21.67 26.58
C LEU H 460 23.82 22.25 25.88
N ILE H 461 23.74 23.58 25.86
CA ILE H 461 22.71 24.28 25.14
C ILE H 461 23.31 25.48 24.38
N ALA H 462 22.91 25.64 23.13
CA ALA H 462 23.28 26.83 22.34
C ALA H 462 22.03 27.49 21.84
N GLN H 463 22.00 28.81 21.83
CA GLN H 463 20.83 29.50 21.28
C GLN H 463 20.97 29.69 19.76
N LEU H 464 19.99 29.24 19.00
CA LEU H 464 19.96 29.43 17.56
C LEU H 464 19.12 30.63 17.15
N ASP H 465 18.09 30.94 17.94
CA ASP H 465 17.22 32.09 17.68
C ASP H 465 16.46 32.37 18.97
N ASP H 466 15.58 33.36 18.95
CA ASP H 466 14.85 33.75 20.15
C ASP H 466 14.16 32.58 20.85
N ASN H 467 13.60 31.67 20.07
CA ASN H 467 12.80 30.59 20.59
C ASN H 467 13.34 29.21 20.22
N GLU H 468 14.60 29.15 19.80
CA GLU H 468 15.16 27.90 19.30
C GLU H 468 16.56 27.64 19.83
N TYR H 469 16.78 26.40 20.27
CA TYR H 469 18.00 26.00 20.94
C TYR H 469 18.50 24.67 20.42
N LEU H 470 19.82 24.54 20.42
CA LEU H 470 20.50 23.29 20.15
C LEU H 470 20.85 22.68 21.49
N VAL H 471 20.51 21.41 21.67
CA VAL H 471 20.62 20.76 22.95
C VAL H 471 21.20 19.38 22.81
N THR H 472 22.16 19.06 23.65
CA THR H 472 22.56 17.67 23.84
C THR H 472 22.98 17.49 25.30
N ALA H 473 22.70 16.32 25.85
CA ALA H 473 22.97 16.09 27.26
C ALA H 473 23.26 14.64 27.51
N TYR H 474 23.54 14.32 28.76
CA TYR H 474 24.10 13.05 29.11
C TYR H 474 23.68 12.68 30.54
N LYS H 475 22.96 11.56 30.66
CA LYS H 475 22.46 11.10 31.96
C LYS H 475 21.77 12.23 32.72
N ALA H 476 20.81 12.86 32.05
CA ALA H 476 20.14 14.04 32.58
C ALA H 476 18.83 14.27 31.86
N ARG H 477 17.96 15.05 32.51
CA ARG H 477 16.74 15.55 31.92
C ARG H 477 16.87 17.07 31.77
N VAL H 478 16.43 17.57 30.62
CA VAL H 478 16.39 18.99 30.35
C VAL H 478 14.94 19.37 30.06
N GLU H 479 14.40 20.34 30.80
CA GLU H 479 13.04 20.82 30.62
C GLU H 479 13.03 22.31 30.33
N PHE H 480 12.15 22.74 29.43
CA PHE H 480 12.05 24.17 29.07
C PHE H 480 10.78 24.79 29.60
N LYS H 481 10.85 26.06 29.96
CA LYS H 481 9.68 26.80 30.40
C LYS H 481 9.90 28.28 30.08
N PRO H 482 8.82 29.09 30.12
CA PRO H 482 8.98 30.51 29.89
C PRO H 482 9.88 31.14 30.95
N SER H 483 10.73 32.07 30.55
CA SER H 483 11.61 32.76 31.49
C SER H 483 10.85 33.80 32.32
N GLN H 484 9.75 34.31 31.77
CA GLN H 484 8.95 35.25 32.52
C GLN H 484 7.46 34.97 32.32
N GLU H 485 6.65 35.49 33.24
CA GLU H 485 5.19 35.23 33.25
C GLU H 485 4.59 35.58 31.89
N LEU H 486 3.72 34.72 31.38
CA LEU H 486 3.04 34.96 30.12
C LEU H 486 1.75 35.71 30.44
N ALA H 487 1.44 36.75 29.68
CA ALA H 487 0.28 37.57 29.97
C ALA H 487 -0.96 36.86 29.44
N GLY H 488 -1.47 35.89 30.20
CA GLY H 488 -2.61 35.09 29.76
C GLY H 488 -2.38 34.11 28.60
N LYS H 489 -1.13 33.89 28.21
CA LYS H 489 -0.82 32.94 27.12
C LYS H 489 -0.46 31.60 27.74
N LYS H 490 -0.44 30.56 26.92
CA LYS H 490 0.12 29.26 27.33
C LYS H 490 1.43 29.02 26.56
N PHE H 491 2.13 27.93 26.89
CA PHE H 491 3.29 27.57 26.12
C PHE H 491 3.36 26.07 25.89
N MET H 492 4.12 25.71 24.86
CA MET H 492 4.48 24.32 24.64
C MET H 492 5.78 24.24 23.84
N ILE H 493 6.33 23.03 23.80
CA ILE H 493 7.31 22.69 22.79
C ILE H 493 6.62 22.75 21.44
N GLU H 494 7.16 23.52 20.51
CA GLU H 494 6.61 23.51 19.17
C GLU H 494 7.10 22.30 18.41
N ARG H 495 8.40 22.07 18.46
CA ARG H 495 9.01 20.95 17.77
CA ARG H 495 9.01 20.95 17.78
C ARG H 495 10.39 20.65 18.32
N VAL H 496 10.66 19.35 18.46
CA VAL H 496 12.01 18.87 18.78
C VAL H 496 12.43 17.96 17.63
N GLU H 497 13.58 18.27 17.01
CA GLU H 497 14.13 17.41 15.97
C GLU H 497 15.45 16.85 16.47
N GLU H 498 15.64 15.54 16.30
CA GLU H 498 16.96 14.95 16.45
C GLU H 498 17.64 14.94 15.06
N GLY H 499 18.91 15.27 14.99
CA GLY H 499 19.58 15.27 13.72
C GLY H 499 21.07 15.47 13.79
N ARG H 500 21.62 15.94 12.67
CA ARG H 500 23.05 16.15 12.55
C ARG H 500 23.33 17.24 11.53
N PHE H 501 24.58 17.68 11.53
CA PHE H 501 25.05 18.65 10.56
C PHE H 501 25.84 17.94 9.50
N GLU H 502 25.48 18.22 8.24
CA GLU H 502 26.24 17.71 7.10
C GLU H 502 26.61 18.89 6.23
N LYS H 503 27.91 19.12 6.03
CA LYS H 503 28.40 20.29 5.29
C LYS H 503 27.80 21.57 5.90
N GLY H 504 27.75 21.64 7.22
CA GLY H 504 27.17 22.79 7.94
C GLY H 504 25.65 22.94 7.88
N LYS H 505 24.96 22.05 7.16
CA LYS H 505 23.50 22.10 7.04
C LYS H 505 22.87 21.08 8.01
N TRP H 506 21.82 21.50 8.70
CA TRP H 506 21.05 20.59 9.56
C TRP H 506 20.27 19.56 8.75
N VAL H 507 20.44 18.29 9.08
CA VAL H 507 19.67 17.20 8.51
C VAL H 507 18.84 16.58 9.63
N MET H 508 17.53 16.59 9.49
CA MET H 508 16.68 15.98 10.49
C MET H 508 16.66 14.47 10.33
N GLU H 509 16.79 13.75 11.44
CA GLU H 509 16.63 12.29 11.45
C GLU H 509 15.23 11.89 11.90
N ARG H 510 14.75 12.54 12.96
CA ARG H 510 13.40 12.24 13.47
C ARG H 510 12.91 13.35 14.37
N VAL H 511 11.62 13.36 14.60
CA VAL H 511 11.01 14.29 15.53
C VAL H 511 10.82 13.54 16.87
N TRP H 512 11.30 14.13 17.96
CA TRP H 512 10.94 13.67 19.31
C TRP H 512 9.58 14.25 19.65
N ASN H 513 8.66 13.38 20.09
CA ASN H 513 7.36 13.83 20.49
C ASN H 513 6.79 12.82 21.46
N GLY H 514 5.57 13.04 21.93
CA GLY H 514 4.92 12.07 22.78
C GLY H 514 5.72 11.83 24.04
N ASP H 515 5.91 10.55 24.39
CA ASP H 515 6.67 10.18 25.58
C ASP H 515 8.02 10.88 25.64
N GLN H 516 8.62 11.11 24.47
CA GLN H 516 9.98 11.62 24.40
C GLN H 516 10.06 13.12 24.73
N THR H 517 8.93 13.83 24.69
CA THR H 517 8.91 15.22 25.12
C THR H 517 7.88 15.54 26.22
N ASP H 518 7.13 14.55 26.72
CA ASP H 518 6.16 14.79 27.78
C ASP H 518 6.81 15.08 29.11
N TRP H 519 7.99 14.50 29.35
CA TRP H 519 8.62 14.52 30.67
C TRP H 519 9.99 15.09 30.54
N GLY H 520 10.03 16.21 29.85
CA GLY H 520 11.29 16.84 29.51
C GLY H 520 12.01 16.07 28.41
N LEU H 521 13.27 16.42 28.22
CA LEU H 521 14.11 15.74 27.23
C LEU H 521 15.12 14.90 28.02
N ASN H 522 14.98 13.57 27.93
CA ASN H 522 15.75 12.64 28.73
C ASN H 522 16.85 11.94 27.95
N PHE H 523 18.05 12.02 28.50
CA PHE H 523 19.27 11.53 27.85
C PHE H 523 19.89 10.49 28.73
N THR H 524 20.41 9.44 28.10
CA THR H 524 21.13 8.39 28.78
C THR H 524 22.61 8.56 28.47
N ASP H 525 23.30 7.46 28.20
CA ASP H 525 24.69 7.55 27.80
C ASP H 525 24.86 7.70 26.29
N ARG H 526 23.79 7.56 25.52
CA ARG H 526 23.88 7.61 24.05
C ARG H 526 23.73 9.04 23.53
N PRO H 527 24.40 9.35 22.41
CA PRO H 527 24.40 10.68 21.85
C PRO H 527 23.15 11.01 21.04
N HIS H 528 22.54 12.16 21.33
CA HIS H 528 21.47 12.72 20.54
C HIS H 528 21.66 14.20 20.52
N LEU H 529 21.59 14.77 19.32
CA LEU H 529 21.67 16.22 19.16
C LEU H 529 20.30 16.72 18.72
N LEU H 530 19.73 17.65 19.48
CA LEU H 530 18.38 18.13 19.26
C LEU H 530 18.31 19.61 18.96
N ARG H 531 17.38 19.96 18.08
CA ARG H 531 16.97 21.33 17.92
C ARG H 531 15.59 21.46 18.52
N VAL H 532 15.49 22.37 19.49
CA VAL H 532 14.28 22.54 20.29
C VAL H 532 13.68 23.92 20.00
N LYS H 533 12.45 23.92 19.51
CA LYS H 533 11.74 25.16 19.22
C LYS H 533 10.56 25.27 20.18
N MET H 534 10.55 26.36 20.96
CA MET H 534 9.50 26.61 21.94
C MET H 534 8.51 27.63 21.37
N ALA H 535 7.28 27.60 21.86
CA ALA H 535 6.28 28.60 21.47
C ALA H 535 5.35 28.96 22.62
N SER H 536 5.10 30.27 22.77
CA SER H 536 3.96 30.72 23.55
C SER H 536 2.81 30.93 22.58
N TYR H 537 1.60 30.70 23.05
CA TYR H 537 0.45 30.84 22.18
C TYR H 537 -0.75 31.39 22.96
N SER H 538 -1.57 32.15 22.24
CA SER H 538 -2.76 32.75 22.81
C SER H 538 -3.90 31.74 22.97
N VAL H 539 -4.61 31.86 24.11
CA VAL H 539 -5.82 31.11 24.42
C VAL H 539 -7.06 32.03 24.60
N GLN H 540 -6.92 33.35 24.40
CA GLN H 540 -8.00 34.32 24.66
C GLN H 540 -9.11 34.27 23.63
#